data_8SAJ
#
_entry.id   8SAJ
#
loop_
_entity.id
_entity.type
_entity.pdbx_description
1 polymer 'Major capsid protein'
2 polymer 'gp_16 (Minor Capsid Protein)'
3 polymer 'HNH endonuclease'
#
loop_
_entity_poly.entity_id
_entity_poly.type
_entity_poly.pdbx_seq_one_letter_code
_entity_poly.pdbx_strand_id
1 'polypeptide(L)'
;MKTATEGRVMRESFLEIIAVVGLSGHDNQGGYNTAGDIKYKTADGVSYDSLWNLFSNVTDEWNKHKSKMVQLMTFPVTNQ
TEKVPRIGQFGFEKASEFGVPESKRTELSFYQLAYDFEDYDLAFRYTWKFLRDAPSSQIKAYHNQALQADAKLIHRKVME
AIFDNREREADIEGLPYKVYPLYNGDNMIPPEYNGTTFSTGHNHYLVSGGTKIDSADVEMAADHIREHGYTEENGTQLIA
FAHKAEIQEVRRFRFGQTNNNSAVANYDFVQSQGESPLYLPNADGLLGKQPQSMWKGLRVKGSYDDVLWIEEPTMPAGYV
LFLATGGTLAQQNLVGLREHEDAAWRGLRQIPGNQTRYPLIDSFYQRSFGTGIRQRGGAVVLQIKASGTYDIPTKWTNGG
GFE
;
A,B,C,D,E,F,G
2 'polypeptide(L)'
;MARYDKYNPYGGGFRAPLAADWTDADAGKLYAVGINNVGAVVKGAGQSGVAGVLVLTKGAKAGSIVDVMKFGEVVEFGPT
SGTPGTDFGAAGTAYYADTSTGAINSTSGEAKVKVGHTVGAQRLIVAVADGVVDPSPAA
;
3,2,1,6,5,4,7
3 'polypeptide(L)' MAKGVKKLPKRKGTNPIPRDKWNSDDIARRQLEQDQKLHLTTKGPHTGTNDSFK Y,Z
#
# COMPACT_ATOMS: atom_id res chain seq x y z
N ASN A 28 36.64 -24.07 -7.38
CA ASN A 28 37.67 -23.55 -6.45
C ASN A 28 39.07 -23.66 -7.04
N GLN A 29 40.07 -23.19 -6.30
CA GLN A 29 41.50 -23.46 -6.52
C GLN A 29 42.08 -24.20 -5.31
N GLY A 30 43.08 -25.05 -5.51
CA GLY A 30 43.53 -25.96 -4.47
C GLY A 30 44.97 -26.44 -4.57
N GLY A 31 45.35 -27.31 -3.65
CA GLY A 31 46.70 -27.85 -3.54
C GLY A 31 47.61 -27.05 -2.62
N TYR A 32 48.88 -27.43 -2.57
CA TYR A 32 49.90 -26.72 -1.79
C TYR A 32 50.09 -25.31 -2.33
N ASN A 33 50.25 -24.33 -1.46
CA ASN A 33 50.82 -23.04 -1.80
C ASN A 33 52.35 -23.16 -1.89
N THR A 34 52.92 -22.64 -2.96
CA THR A 34 54.30 -22.85 -3.39
C THR A 34 54.99 -21.51 -3.61
N ALA A 35 56.29 -21.41 -3.47
CA ALA A 35 56.99 -20.31 -4.16
C ALA A 35 56.75 -20.45 -5.67
N GLY A 36 56.49 -19.34 -6.36
CA GLY A 36 55.84 -19.35 -7.68
C GLY A 36 54.38 -18.91 -7.63
N ASP A 37 53.67 -19.15 -6.53
CA ASP A 37 52.38 -18.49 -6.25
C ASP A 37 52.54 -17.10 -5.65
N ILE A 38 53.71 -16.78 -5.09
CA ILE A 38 53.97 -15.48 -4.51
C ILE A 38 54.20 -14.46 -5.61
N LYS A 39 53.48 -13.35 -5.54
CA LYS A 39 53.66 -12.13 -6.33
C LYS A 39 54.21 -11.08 -5.37
N TYR A 40 55.23 -10.32 -5.76
CA TYR A 40 55.85 -9.34 -4.85
C TYR A 40 55.29 -7.94 -5.08
N LYS A 41 55.35 -7.48 -6.32
CA LYS A 41 54.84 -6.17 -6.78
C LYS A 41 54.15 -6.29 -8.13
N THR A 42 53.19 -5.41 -8.38
CA THR A 42 52.55 -5.23 -9.69
C THR A 42 53.50 -4.59 -10.70
N ALA A 43 53.16 -4.59 -11.99
CA ALA A 43 54.00 -3.96 -13.03
C ALA A 43 54.22 -2.45 -12.81
N ASP A 44 53.30 -1.76 -12.15
CA ASP A 44 53.41 -0.36 -11.72
C ASP A 44 53.95 -0.18 -10.29
N GLY A 45 54.44 -1.24 -9.65
CA GLY A 45 55.21 -1.17 -8.40
C GLY A 45 54.40 -1.12 -7.09
N VAL A 46 53.10 -1.46 -7.09
CA VAL A 46 52.30 -1.63 -5.86
C VAL A 46 52.61 -2.98 -5.22
N SER A 47 52.85 -3.05 -3.92
CA SER A 47 53.14 -4.33 -3.25
C SER A 47 51.88 -5.19 -3.07
N TYR A 48 51.96 -6.48 -3.37
CA TYR A 48 50.83 -7.38 -3.12
C TYR A 48 50.52 -7.53 -1.63
N ASP A 49 51.47 -7.33 -0.73
CA ASP A 49 51.17 -7.27 0.69
C ASP A 49 50.09 -6.22 1.00
N SER A 50 50.19 -5.03 0.41
CA SER A 50 49.17 -4.00 0.59
C SER A 50 47.80 -4.40 0.01
N LEU A 51 47.76 -5.15 -1.09
CA LEU A 51 46.51 -5.63 -1.68
C LEU A 51 45.88 -6.71 -0.81
N TRP A 52 46.62 -7.72 -0.37
CA TRP A 52 46.11 -8.73 0.56
C TRP A 52 45.64 -8.12 1.87
N ASN A 53 46.27 -7.05 2.34
CA ASN A 53 45.86 -6.37 3.56
C ASN A 53 44.48 -5.70 3.48
N LEU A 54 43.86 -5.59 2.30
CA LEU A 54 42.46 -5.20 2.19
C LEU A 54 41.52 -6.33 2.60
N PHE A 55 41.90 -7.59 2.35
CA PHE A 55 41.08 -8.78 2.58
C PHE A 55 41.35 -9.48 3.92
N SER A 56 42.42 -9.13 4.63
CA SER A 56 42.86 -9.85 5.82
C SER A 56 41.91 -9.73 7.02
N ASN A 57 41.15 -8.65 7.14
CA ASN A 57 40.36 -8.35 8.34
C ASN A 57 38.91 -7.94 8.09
N VAL A 58 38.51 -7.64 6.85
CA VAL A 58 37.16 -7.15 6.56
C VAL A 58 36.11 -8.25 6.73
N THR A 59 35.01 -7.91 7.38
CA THR A 59 33.78 -8.69 7.29
C THR A 59 33.15 -8.51 5.90
N ASP A 60 32.39 -9.51 5.43
CA ASP A 60 31.75 -9.49 4.13
C ASP A 60 30.24 -9.28 4.29
N GLU A 61 29.70 -8.22 3.67
CA GLU A 61 28.29 -7.83 3.82
C GLU A 61 27.33 -8.93 3.38
N TRP A 62 27.68 -9.69 2.34
CA TRP A 62 26.83 -10.77 1.87
C TRP A 62 26.80 -11.95 2.85
N ASN A 63 27.93 -12.28 3.45
CA ASN A 63 27.97 -13.32 4.46
C ASN A 63 27.46 -12.87 5.83
N LYS A 64 27.43 -11.57 6.14
CA LYS A 64 26.60 -11.05 7.23
C LYS A 64 25.13 -11.25 6.96
N HIS A 65 24.63 -10.96 5.76
CA HIS A 65 23.22 -11.23 5.43
C HIS A 65 22.87 -12.71 5.56
N LYS A 66 23.67 -13.62 4.98
CA LYS A 66 23.46 -15.06 5.16
C LYS A 66 23.49 -15.49 6.62
N SER A 67 24.36 -14.93 7.43
CA SER A 67 24.40 -15.20 8.86
C SER A 67 23.15 -14.71 9.60
N LYS A 68 22.59 -13.57 9.20
CA LYS A 68 21.32 -13.07 9.74
C LYS A 68 20.15 -13.95 9.37
N MET A 69 20.09 -14.45 8.14
CA MET A 69 19.07 -15.41 7.73
C MET A 69 19.12 -16.70 8.54
N VAL A 70 20.30 -17.20 8.88
CA VAL A 70 20.42 -18.33 9.83
C VAL A 70 19.93 -17.94 11.21
N GLN A 71 20.35 -16.79 11.73
CA GLN A 71 19.98 -16.35 13.07
C GLN A 71 18.47 -16.25 13.27
N LEU A 72 17.72 -15.70 12.32
CA LEU A 72 16.27 -15.58 12.45
C LEU A 72 15.48 -16.81 12.00
N MET A 73 16.09 -17.74 11.29
CA MET A 73 15.41 -18.95 10.81
C MET A 73 15.73 -20.23 11.60
N THR A 74 16.57 -20.17 12.63
CA THR A 74 16.97 -21.33 13.42
C THR A 74 16.85 -21.15 14.93
N PHE A 75 16.75 -22.26 15.66
CA PHE A 75 16.87 -22.32 17.12
C PHE A 75 17.91 -23.37 17.53
N PRO A 76 18.64 -23.18 18.64
CA PRO A 76 19.51 -24.22 19.17
C PRO A 76 18.66 -25.34 19.77
N VAL A 77 18.86 -26.58 19.32
CA VAL A 77 18.01 -27.72 19.71
C VAL A 77 18.04 -27.95 21.22
N THR A 78 16.85 -28.16 21.78
CA THR A 78 16.62 -28.64 23.16
C THR A 78 15.56 -29.73 23.12
N ASN A 79 15.55 -30.61 24.12
CA ASN A 79 14.78 -31.85 24.07
C ASN A 79 13.42 -31.68 24.73
N GLN A 80 12.35 -31.91 23.97
CA GLN A 80 10.98 -31.88 24.46
C GLN A 80 10.12 -32.92 23.76
N THR A 81 9.06 -33.35 24.44
CA THR A 81 7.93 -34.01 23.80
C THR A 81 7.25 -33.06 22.83
N GLU A 82 6.55 -33.58 21.84
CA GLU A 82 5.50 -32.82 21.17
C GLU A 82 4.32 -32.59 22.14
N LYS A 83 3.32 -31.82 21.71
CA LYS A 83 2.17 -31.46 22.56
C LYS A 83 1.41 -32.72 22.97
N VAL A 84 1.28 -32.95 24.26
CA VAL A 84 0.65 -34.15 24.83
C VAL A 84 -0.86 -34.11 24.58
N PRO A 85 -1.48 -35.09 23.91
CA PRO A 85 -2.91 -35.09 23.62
C PRO A 85 -3.75 -35.16 24.90
N ARG A 86 -4.82 -34.37 24.97
CA ARG A 86 -5.64 -34.19 26.18
C ARG A 86 -6.42 -35.45 26.57
N ILE A 87 -6.57 -35.69 27.88
CA ILE A 87 -7.35 -36.82 28.41
C ILE A 87 -8.86 -36.69 28.15
N GLY A 88 -9.57 -37.82 28.19
CA GLY A 88 -11.03 -37.88 28.18
C GLY A 88 -11.68 -37.20 29.39
N GLN A 89 -12.96 -36.86 29.27
CA GLN A 89 -13.69 -36.14 30.30
C GLN A 89 -14.84 -37.00 30.84
N PHE A 90 -15.05 -36.97 32.16
CA PHE A 90 -16.20 -37.61 32.81
C PHE A 90 -17.65 -37.07 32.72
N GLY A 91 -18.59 -37.85 33.23
CA GLY A 91 -20.01 -37.48 33.36
C GLY A 91 -20.68 -38.24 34.50
N PHE A 92 -21.52 -37.56 35.28
CA PHE A 92 -22.28 -38.15 36.37
C PHE A 92 -23.39 -39.09 35.88
N GLU A 93 -23.95 -39.85 36.79
CA GLU A 93 -25.06 -40.78 36.61
C GLU A 93 -26.17 -40.41 37.59
N LYS A 94 -27.44 -40.64 37.25
CA LYS A 94 -28.55 -40.38 38.16
C LYS A 94 -28.54 -41.38 39.31
N ALA A 95 -28.52 -40.92 40.56
CA ALA A 95 -28.34 -41.76 41.73
C ALA A 95 -29.55 -42.65 42.03
N SER A 96 -29.32 -43.64 42.89
CA SER A 96 -30.33 -44.47 43.52
C SER A 96 -30.21 -44.70 45.03
N GLU A 97 -31.27 -45.12 45.71
CA GLU A 97 -31.17 -45.38 47.14
C GLU A 97 -30.63 -46.77 47.47
N PHE A 98 -30.73 -47.74 46.56
CA PHE A 98 -30.17 -49.09 46.75
C PHE A 98 -28.86 -49.35 46.01
N GLY A 99 -28.71 -48.92 44.75
CA GLY A 99 -27.57 -49.26 43.90
C GLY A 99 -26.30 -48.45 44.18
N VAL A 100 -25.26 -48.70 43.37
CA VAL A 100 -24.00 -47.94 43.32
C VAL A 100 -23.64 -47.57 41.88
N PRO A 101 -22.95 -46.43 41.63
CA PRO A 101 -22.69 -45.97 40.27
C PRO A 101 -21.63 -46.77 39.52
N GLU A 102 -21.56 -46.57 38.20
CA GLU A 102 -20.52 -47.13 37.33
C GLU A 102 -19.19 -46.36 37.41
N SER A 103 -18.09 -47.06 37.20
CA SER A 103 -16.72 -46.55 37.35
C SER A 103 -16.20 -45.84 36.10
N LYS A 104 -15.29 -44.87 36.27
CA LYS A 104 -14.68 -44.03 35.22
C LYS A 104 -13.15 -44.17 35.13
N ARG A 105 -12.62 -44.10 33.91
CA ARG A 105 -11.16 -44.06 33.56
C ARG A 105 -10.62 -43.34 32.31
N THR A 106 -9.33 -43.02 32.30
CA THR A 106 -8.63 -42.39 31.16
C THR A 106 -7.19 -42.88 31.01
N GLU A 107 -6.53 -42.53 29.90
CA GLU A 107 -5.14 -42.90 29.60
C GLU A 107 -4.39 -41.79 28.85
N LEU A 108 -3.05 -41.80 28.93
CA LEU A 108 -2.16 -40.84 28.25
C LEU A 108 -1.36 -41.45 27.09
N SER A 109 -0.71 -40.57 26.34
CA SER A 109 0.18 -40.87 25.23
C SER A 109 1.10 -39.66 24.99
N PHE A 110 2.24 -39.83 24.34
CA PHE A 110 3.14 -38.74 23.95
C PHE A 110 4.05 -39.20 22.81
N TYR A 111 4.78 -38.28 22.17
CA TYR A 111 5.83 -38.59 21.19
C TYR A 111 6.90 -37.50 21.10
N GLN A 112 7.97 -37.79 20.37
CA GLN A 112 9.15 -36.94 20.18
C GLN A 112 9.58 -36.90 18.71
N LEU A 113 10.44 -35.95 18.35
CA LEU A 113 11.08 -35.82 17.04
C LEU A 113 12.59 -35.59 17.19
N ALA A 114 13.38 -35.95 16.17
CA ALA A 114 14.84 -35.93 16.19
C ALA A 114 15.47 -34.96 15.15
N TYR A 115 16.79 -34.80 15.19
CA TYR A 115 17.56 -33.88 14.33
C TYR A 115 18.85 -34.53 13.82
N ASP A 116 19.21 -34.23 12.57
CA ASP A 116 20.39 -34.76 11.88
C ASP A 116 21.71 -34.26 12.50
N PHE A 117 22.85 -34.86 12.12
CA PHE A 117 24.19 -34.37 12.46
C PHE A 117 25.23 -34.86 11.46
N GLU A 118 26.22 -34.03 11.11
CA GLU A 118 27.27 -34.35 10.16
C GLU A 118 28.55 -33.56 10.43
N ASP A 119 29.69 -34.06 9.94
CA ASP A 119 31.01 -33.45 10.03
C ASP A 119 31.55 -32.98 8.69
N TYR A 120 32.15 -31.79 8.70
CA TYR A 120 32.71 -31.11 7.54
C TYR A 120 34.11 -30.59 7.85
N ASP A 121 35.08 -30.63 6.92
CA ASP A 121 36.42 -30.02 7.16
C ASP A 121 37.11 -29.53 5.89
N LEU A 122 38.01 -28.55 6.00
CA LEU A 122 38.75 -27.91 4.89
C LEU A 122 40.23 -28.14 5.21
N ALA A 123 41.17 -27.92 4.29
CA ALA A 123 42.63 -28.01 4.55
C ALA A 123 43.34 -26.74 4.11
N PHE A 124 44.55 -26.46 4.62
CA PHE A 124 45.43 -25.35 4.14
C PHE A 124 46.84 -25.94 4.12
N ARG A 125 47.34 -26.36 2.96
CA ARG A 125 48.65 -27.04 2.82
C ARG A 125 49.61 -26.03 2.23
N TYR A 126 50.87 -25.92 2.66
CA TYR A 126 51.88 -24.92 2.20
C TYR A 126 53.23 -25.61 2.00
N THR A 127 54.24 -24.98 1.42
CA THR A 127 55.62 -25.53 1.35
C THR A 127 56.46 -24.61 2.24
N TRP A 128 57.62 -25.04 2.72
CA TRP A 128 58.48 -24.24 3.64
C TRP A 128 58.91 -22.94 2.96
N LYS A 129 59.12 -22.92 1.64
CA LYS A 129 59.46 -21.72 0.88
C LYS A 129 58.32 -20.72 0.87
N PHE A 130 57.09 -21.18 0.67
CA PHE A 130 55.94 -20.29 0.71
C PHE A 130 55.81 -19.58 2.06
N LEU A 131 55.92 -20.27 3.19
CA LEU A 131 55.81 -19.60 4.50
C LEU A 131 56.99 -18.69 4.84
N ARG A 132 58.16 -18.91 4.24
CA ARG A 132 59.31 -18.01 4.36
C ARG A 132 59.07 -16.71 3.60
N ASP A 133 58.56 -16.80 2.38
CA ASP A 133 58.56 -15.71 1.41
C ASP A 133 57.21 -14.98 1.26
N ALA A 134 56.06 -15.61 1.50
CA ALA A 134 54.75 -15.00 1.33
C ALA A 134 54.44 -13.90 2.36
N PRO A 135 53.63 -12.88 2.03
CA PRO A 135 53.26 -11.83 2.96
C PRO A 135 52.27 -12.35 4.01
N SER A 136 52.41 -11.91 5.27
CA SER A 136 51.52 -12.35 6.36
C SER A 136 50.06 -12.02 6.09
N SER A 137 49.79 -10.94 5.37
CA SER A 137 48.45 -10.55 4.91
C SER A 137 47.76 -11.65 4.10
N GLN A 138 48.48 -12.46 3.33
CA GLN A 138 47.87 -13.55 2.57
C GLN A 138 47.40 -14.68 3.49
N ILE A 139 48.18 -15.03 4.51
CA ILE A 139 47.80 -16.03 5.50
C ILE A 139 46.54 -15.57 6.25
N LYS A 140 46.53 -14.32 6.72
CA LYS A 140 45.36 -13.74 7.40
C LYS A 140 44.14 -13.67 6.49
N ALA A 141 44.31 -13.35 5.21
CA ALA A 141 43.21 -13.41 4.25
C ALA A 141 42.65 -14.82 4.12
N TYR A 142 43.50 -15.86 4.09
CA TYR A 142 43.06 -17.28 3.99
C TYR A 142 42.25 -17.66 5.23
N HIS A 143 42.66 -17.23 6.44
CA HIS A 143 41.91 -17.44 7.68
C HIS A 143 40.55 -16.74 7.63
N ASN A 144 40.50 -15.46 7.24
CA ASN A 144 39.23 -14.74 7.10
C ASN A 144 38.30 -15.42 6.08
N GLN A 145 38.83 -15.99 5.00
CA GLN A 145 38.04 -16.74 4.04
C GLN A 145 37.53 -18.07 4.59
N ALA A 146 38.23 -18.75 5.52
CA ALA A 146 37.70 -19.95 6.16
C ALA A 146 36.47 -19.65 7.01
N LEU A 147 36.48 -18.57 7.77
CA LEU A 147 35.31 -18.11 8.53
C LEU A 147 34.11 -17.80 7.61
N GLN A 148 34.35 -17.29 6.41
CA GLN A 148 33.28 -17.07 5.45
C GLN A 148 32.85 -18.34 4.74
N ALA A 149 33.71 -19.35 4.60
CA ALA A 149 33.33 -20.67 4.11
C ALA A 149 32.39 -21.39 5.09
N ASP A 150 32.56 -21.15 6.38
CA ASP A 150 31.69 -21.67 7.42
C ASP A 150 30.28 -21.05 7.34
N ALA A 151 30.20 -19.72 7.21
CA ALA A 151 28.93 -19.03 7.07
C ALA A 151 28.11 -19.52 5.87
N LYS A 152 28.75 -19.73 4.71
CA LYS A 152 28.11 -20.31 3.53
C LYS A 152 27.60 -21.74 3.75
N LEU A 153 28.36 -22.57 4.45
CA LEU A 153 27.96 -23.95 4.76
C LEU A 153 26.73 -23.99 5.65
N ILE A 154 26.74 -23.27 6.77
CA ILE A 154 25.62 -23.29 7.71
C ILE A 154 24.36 -22.76 7.05
N HIS A 155 24.45 -21.67 6.30
CA HIS A 155 23.33 -21.14 5.55
C HIS A 155 22.75 -22.16 4.57
N ARG A 156 23.56 -22.80 3.73
CA ARG A 156 23.07 -23.82 2.80
C ARG A 156 22.33 -24.93 3.52
N LYS A 157 22.91 -25.44 4.61
CA LYS A 157 22.34 -26.58 5.35
C LYS A 157 21.04 -26.25 6.05
N VAL A 158 20.86 -25.03 6.55
CA VAL A 158 19.57 -24.56 7.03
C VAL A 158 18.56 -24.46 5.90
N MET A 159 18.89 -23.84 4.78
CA MET A 159 17.93 -23.66 3.70
C MET A 159 17.50 -24.96 3.05
N GLU A 160 18.41 -25.93 2.85
CA GLU A 160 17.98 -27.22 2.33
C GLU A 160 17.21 -28.07 3.35
N ALA A 161 17.26 -27.77 4.64
CA ALA A 161 16.35 -28.39 5.60
C ALA A 161 14.89 -28.00 5.33
N ILE A 162 14.66 -26.78 4.83
CA ILE A 162 13.34 -26.25 4.48
C ILE A 162 12.97 -26.65 3.06
N PHE A 163 13.83 -26.42 2.08
CA PHE A 163 13.47 -26.55 0.67
C PHE A 163 13.58 -27.96 0.10
N ASP A 164 14.37 -28.86 0.69
CA ASP A 164 14.40 -30.24 0.24
C ASP A 164 13.26 -31.03 0.89
N ASN A 165 12.25 -31.41 0.11
CA ASN A 165 11.00 -31.97 0.61
C ASN A 165 11.08 -33.46 0.97
N ARG A 166 12.28 -34.03 1.11
CA ARG A 166 12.50 -35.45 1.39
C ARG A 166 12.80 -35.71 2.86
N GLU A 167 12.20 -36.75 3.41
CA GLU A 167 12.55 -37.29 4.72
C GLU A 167 13.98 -37.86 4.72
N ARG A 168 14.71 -37.64 5.82
CA ARG A 168 16.07 -38.16 6.01
C ARG A 168 16.11 -39.17 7.14
N GLU A 169 16.83 -40.25 6.97
CA GLU A 169 17.28 -41.08 8.08
C GLU A 169 18.46 -40.43 8.80
N ALA A 170 18.57 -40.65 10.10
CA ALA A 170 19.75 -40.33 10.90
C ALA A 170 20.03 -41.47 11.88
N ASP A 171 21.29 -41.74 12.21
CA ASP A 171 21.63 -42.64 13.31
C ASP A 171 22.10 -41.81 14.50
N ILE A 172 21.51 -42.01 15.67
CA ILE A 172 21.88 -41.32 16.89
C ILE A 172 22.13 -42.38 17.96
N GLU A 173 23.33 -42.39 18.55
CA GLU A 173 23.76 -43.43 19.49
C GLU A 173 23.51 -44.86 18.97
N GLY A 174 23.71 -45.06 17.67
CA GLY A 174 23.57 -46.35 16.99
C GLY A 174 22.14 -46.77 16.64
N LEU A 175 21.10 -46.05 17.09
CA LEU A 175 19.71 -46.30 16.69
C LEU A 175 19.29 -45.44 15.50
N PRO A 176 18.47 -45.95 14.56
CA PRO A 176 17.90 -45.16 13.48
C PRO A 176 16.77 -44.25 13.96
N TYR A 177 16.65 -43.09 13.32
CA TYR A 177 15.60 -42.09 13.49
C TYR A 177 15.21 -41.51 12.13
N LYS A 178 14.02 -40.92 12.03
CA LYS A 178 13.54 -40.19 10.86
C LYS A 178 13.46 -38.72 11.19
N VAL A 179 14.01 -37.86 10.35
CA VAL A 179 14.00 -36.40 10.52
C VAL A 179 13.38 -35.75 9.30
N TYR A 180 12.64 -34.67 9.52
CA TYR A 180 11.54 -34.30 8.64
C TYR A 180 11.70 -32.92 7.98
N PRO A 181 11.19 -32.77 6.74
CA PRO A 181 10.88 -31.49 6.13
C PRO A 181 9.53 -30.95 6.67
N LEU A 182 8.96 -29.93 6.04
CA LEU A 182 7.56 -29.56 6.20
C LEU A 182 6.64 -30.74 5.80
N TYR A 183 5.33 -30.68 6.05
CA TYR A 183 4.43 -31.76 5.61
C TYR A 183 4.61 -32.01 4.11
N ASN A 184 4.85 -33.26 3.67
CA ASN A 184 5.33 -33.52 2.31
C ASN A 184 4.53 -34.60 1.56
N GLY A 185 3.27 -34.82 1.93
CA GLY A 185 2.44 -35.87 1.32
C GLY A 185 2.64 -37.24 1.97
N ASP A 186 3.29 -37.26 3.12
CA ASP A 186 3.61 -38.46 3.89
C ASP A 186 2.46 -38.89 4.82
N ASN A 187 2.68 -39.93 5.60
CA ASN A 187 1.68 -40.54 6.46
C ASN A 187 1.55 -39.93 7.86
N MET A 188 2.29 -38.87 8.23
CA MET A 188 1.87 -38.05 9.39
C MET A 188 0.53 -37.39 9.09
N ILE A 189 -0.34 -37.35 10.09
CA ILE A 189 -1.60 -36.60 10.05
C ILE A 189 -1.40 -35.38 10.96
N PRO A 190 -1.57 -34.15 10.48
CA PRO A 190 -1.51 -32.98 11.34
C PRO A 190 -2.58 -33.06 12.44
N PRO A 191 -2.33 -32.56 13.66
CA PRO A 191 -3.32 -32.57 14.72
C PRO A 191 -4.55 -31.73 14.35
N GLU A 192 -5.74 -32.12 14.81
CA GLU A 192 -6.96 -31.33 14.63
C GLU A 192 -6.84 -29.97 15.30
N TYR A 193 -7.39 -28.94 14.66
CA TYR A 193 -7.48 -27.58 15.19
C TYR A 193 -8.89 -27.06 14.99
N ASN A 194 -9.51 -26.47 16.02
CA ASN A 194 -10.87 -25.91 16.00
C ASN A 194 -11.90 -26.78 15.23
N GLY A 195 -11.83 -28.10 15.41
CA GLY A 195 -12.73 -29.06 14.79
C GLY A 195 -12.47 -29.38 13.32
N THR A 196 -11.45 -28.81 12.66
CA THR A 196 -11.00 -29.29 11.35
C THR A 196 -9.94 -30.39 11.50
N THR A 197 -10.22 -31.54 10.89
CA THR A 197 -9.39 -32.76 10.93
C THR A 197 -8.74 -32.99 9.59
N PHE A 198 -7.43 -33.18 9.58
CA PHE A 198 -6.64 -33.42 8.37
C PHE A 198 -6.52 -34.90 8.06
N SER A 199 -6.18 -35.26 6.82
CA SER A 199 -5.92 -36.63 6.38
C SER A 199 -4.42 -36.95 6.39
N THR A 200 -4.04 -38.19 6.11
CA THR A 200 -2.70 -38.48 5.58
C THR A 200 -2.54 -37.80 4.22
N GLY A 201 -1.30 -37.60 3.76
CA GLY A 201 -1.05 -36.95 2.48
C GLY A 201 -1.11 -35.42 2.53
N HIS A 202 -1.11 -34.82 3.72
CA HIS A 202 -1.05 -33.37 3.86
C HIS A 202 0.31 -32.83 3.37
N ASN A 203 0.32 -31.68 2.70
CA ASN A 203 1.48 -31.21 1.96
C ASN A 203 1.65 -29.68 2.05
N HIS A 204 2.89 -29.20 2.09
CA HIS A 204 3.29 -27.80 2.16
C HIS A 204 4.29 -27.42 1.07
N TYR A 205 4.56 -28.30 0.13
CA TYR A 205 5.35 -28.07 -1.08
C TYR A 205 4.39 -27.95 -2.26
N LEU A 206 3.94 -26.73 -2.52
CA LEU A 206 2.79 -26.44 -3.40
C LEU A 206 3.26 -25.98 -4.78
N VAL A 207 2.58 -26.40 -5.85
CA VAL A 207 2.80 -25.89 -7.21
C VAL A 207 1.65 -24.98 -7.61
N SER A 208 1.98 -23.79 -8.12
CA SER A 208 1.03 -22.72 -8.41
C SER A 208 0.06 -23.02 -9.55
N GLY A 209 0.44 -23.89 -10.49
CA GLY A 209 -0.41 -24.22 -11.64
C GLY A 209 -0.53 -23.09 -12.67
N GLY A 210 0.50 -22.24 -12.76
CA GLY A 210 0.53 -21.08 -13.64
C GLY A 210 1.91 -20.46 -13.71
N THR A 211 2.26 -19.87 -14.85
CA THR A 211 3.62 -19.38 -15.16
C THR A 211 4.03 -18.16 -14.32
N LYS A 212 3.06 -17.44 -13.75
CA LYS A 212 3.25 -16.23 -12.93
C LYS A 212 2.37 -16.32 -11.68
N ILE A 213 2.85 -15.86 -10.54
CA ILE A 213 2.07 -15.90 -9.29
C ILE A 213 0.77 -15.09 -9.40
N ASP A 214 -0.28 -15.50 -8.71
CA ASP A 214 -1.52 -14.74 -8.57
C ASP A 214 -2.04 -14.73 -7.13
N SER A 215 -3.04 -13.89 -6.85
CA SER A 215 -3.56 -13.74 -5.49
C SER A 215 -4.19 -15.01 -4.95
N ALA A 216 -4.72 -15.91 -5.80
CA ALA A 216 -5.29 -17.15 -5.31
C ALA A 216 -4.18 -18.07 -4.81
N ASP A 217 -3.01 -18.06 -5.44
CA ASP A 217 -1.84 -18.79 -4.95
C ASP A 217 -1.39 -18.27 -3.58
N VAL A 218 -1.31 -16.96 -3.42
CA VAL A 218 -0.92 -16.34 -2.16
C VAL A 218 -1.93 -16.61 -1.05
N GLU A 219 -3.22 -16.49 -1.35
CA GLU A 219 -4.26 -16.75 -0.36
C GLU A 219 -4.35 -18.23 0.00
N MET A 220 -4.24 -19.13 -0.97
CA MET A 220 -4.14 -20.57 -0.74
C MET A 220 -2.97 -20.91 0.19
N ALA A 221 -1.77 -20.44 -0.14
CA ALA A 221 -0.59 -20.74 0.65
C ALA A 221 -0.69 -20.21 2.08
N ALA A 222 -1.11 -18.96 2.28
CA ALA A 222 -1.27 -18.43 3.63
C ALA A 222 -2.36 -19.18 4.42
N ASP A 223 -3.43 -19.64 3.78
CA ASP A 223 -4.45 -20.43 4.45
C ASP A 223 -3.98 -21.84 4.79
N HIS A 224 -3.13 -22.45 3.97
CA HIS A 224 -2.48 -23.72 4.30
C HIS A 224 -1.66 -23.65 5.59
N ILE A 225 -1.07 -22.50 5.92
CA ILE A 225 -0.44 -22.30 7.22
C ILE A 225 -1.54 -22.11 8.27
N ARG A 226 -2.44 -21.15 8.06
CA ARG A 226 -3.40 -20.71 9.07
C ARG A 226 -4.47 -21.75 9.45
N GLU A 227 -4.65 -22.81 8.67
CA GLU A 227 -5.51 -23.91 9.08
C GLU A 227 -4.94 -24.73 10.24
N HIS A 228 -3.63 -24.67 10.52
CA HIS A 228 -2.98 -25.40 11.62
C HIS A 228 -2.90 -24.60 12.93
N GLY A 229 -3.62 -23.49 13.06
CA GLY A 229 -3.36 -22.48 14.07
C GLY A 229 -2.60 -21.35 13.41
N TYR A 230 -1.59 -20.78 14.05
CA TYR A 230 -0.71 -19.78 13.40
C TYR A 230 -1.42 -18.53 12.87
N THR A 231 -2.63 -18.23 13.32
CA THR A 231 -3.42 -17.11 12.80
C THR A 231 -3.11 -15.80 13.50
N GLU A 232 -3.50 -14.70 12.87
CA GLU A 232 -3.31 -13.35 13.37
C GLU A 232 -4.04 -13.11 14.69
N GLU A 233 -5.14 -13.82 14.95
CA GLU A 233 -5.86 -13.78 16.24
C GLU A 233 -5.08 -14.47 17.36
N ASN A 234 -4.28 -15.49 17.03
CA ASN A 234 -3.32 -16.12 17.94
C ASN A 234 -2.05 -15.27 18.12
N GLY A 235 -1.97 -14.09 17.50
CA GLY A 235 -0.88 -13.13 17.65
C GLY A 235 0.31 -13.35 16.73
N THR A 236 0.22 -14.23 15.74
CA THR A 236 1.32 -14.42 14.79
C THR A 236 1.46 -13.27 13.81
N GLN A 237 2.62 -13.18 13.18
CA GLN A 237 2.79 -12.53 11.89
C GLN A 237 3.20 -13.60 10.87
N LEU A 238 2.59 -13.63 9.68
CA LEU A 238 3.15 -14.35 8.55
C LEU A 238 4.12 -13.45 7.79
N ILE A 239 5.22 -14.01 7.31
CA ILE A 239 6.18 -13.38 6.42
C ILE A 239 6.27 -14.20 5.13
N ALA A 240 6.39 -13.55 3.99
CA ALA A 240 6.75 -14.17 2.72
C ALA A 240 8.10 -13.63 2.27
N PHE A 241 9.04 -14.52 1.98
CA PHE A 241 10.33 -14.19 1.40
C PHE A 241 10.29 -14.58 -0.07
N ALA A 242 10.55 -13.64 -0.97
CA ALA A 242 10.39 -13.86 -2.40
C ALA A 242 11.44 -13.14 -3.22
N HIS A 243 11.67 -13.62 -4.43
CA HIS A 243 12.51 -12.98 -5.43
C HIS A 243 11.79 -11.83 -6.14
N LYS A 244 12.54 -10.85 -6.66
CA LYS A 244 12.00 -9.64 -7.31
C LYS A 244 10.98 -9.94 -8.40
N ALA A 245 11.19 -11.01 -9.16
CA ALA A 245 10.31 -11.40 -10.26
C ALA A 245 8.90 -11.77 -9.80
N GLU A 246 8.72 -12.22 -8.57
CA GLU A 246 7.41 -12.53 -7.99
C GLU A 246 6.88 -11.36 -7.17
N ILE A 247 7.71 -10.61 -6.46
CA ILE A 247 7.25 -9.41 -5.77
C ILE A 247 6.67 -8.39 -6.74
N GLN A 248 7.28 -8.17 -7.90
CA GLN A 248 6.73 -7.26 -8.90
C GLN A 248 5.39 -7.69 -9.48
N GLU A 249 4.96 -8.93 -9.31
CA GLU A 249 3.58 -9.34 -9.60
C GLU A 249 2.67 -9.03 -8.42
N VAL A 250 3.08 -9.44 -7.23
CA VAL A 250 2.29 -9.32 -6.00
C VAL A 250 1.94 -7.87 -5.69
N ARG A 251 2.87 -6.93 -5.88
CA ARG A 251 2.59 -5.51 -5.58
C ARG A 251 1.59 -4.85 -6.53
N ARG A 252 1.19 -5.53 -7.60
CA ARG A 252 0.13 -5.11 -8.52
C ARG A 252 -1.25 -5.66 -8.18
N PHE A 253 -1.42 -6.46 -7.13
CA PHE A 253 -2.73 -6.94 -6.70
C PHE A 253 -3.56 -5.80 -6.11
N ARG A 254 -4.78 -5.60 -6.63
CA ARG A 254 -5.75 -4.58 -6.20
C ARG A 254 -7.14 -5.17 -6.12
N PHE A 255 -7.90 -4.80 -5.10
CA PHE A 255 -9.13 -5.47 -4.72
C PHE A 255 -10.16 -5.51 -5.86
N GLY A 256 -10.68 -6.69 -6.15
CA GLY A 256 -11.66 -6.90 -7.22
C GLY A 256 -11.11 -6.86 -8.64
N GLN A 257 -9.82 -6.54 -8.85
CA GLN A 257 -9.20 -6.56 -10.18
C GLN A 257 -8.64 -7.94 -10.53
N THR A 258 -8.60 -8.25 -11.83
CA THR A 258 -7.99 -9.48 -12.34
C THR A 258 -6.46 -9.40 -12.30
N ASN A 259 -5.79 -10.51 -11.92
CA ASN A 259 -4.34 -10.68 -11.92
C ASN A 259 -3.88 -11.57 -13.09
N ASN A 260 -2.73 -12.22 -12.94
CA ASN A 260 -2.35 -13.38 -13.74
C ASN A 260 -3.35 -14.55 -13.59
N ASN A 261 -3.36 -15.44 -14.57
CA ASN A 261 -4.12 -16.70 -14.58
C ASN A 261 -5.64 -16.53 -14.34
N SER A 262 -6.19 -15.34 -14.60
CA SER A 262 -7.58 -14.93 -14.35
C SER A 262 -8.04 -14.96 -12.89
N ALA A 263 -7.13 -15.01 -11.91
CA ALA A 263 -7.49 -14.81 -10.50
C ALA A 263 -7.99 -13.38 -10.25
N VAL A 264 -8.84 -13.18 -9.25
CA VAL A 264 -9.31 -11.85 -8.80
C VAL A 264 -8.90 -11.63 -7.36
N ALA A 265 -8.24 -10.50 -7.05
CA ALA A 265 -7.71 -10.27 -5.71
C ALA A 265 -8.81 -9.96 -4.69
N ASN A 266 -8.74 -10.58 -3.51
CA ASN A 266 -9.68 -10.33 -2.41
C ASN A 266 -9.21 -9.25 -1.44
N TYR A 267 -7.98 -8.79 -1.57
CA TYR A 267 -7.39 -7.71 -0.80
C TYR A 267 -6.64 -6.78 -1.75
N ASP A 268 -5.84 -5.85 -1.24
CA ASP A 268 -4.91 -5.10 -2.07
C ASP A 268 -3.54 -4.94 -1.41
N PHE A 269 -2.50 -4.86 -2.22
CA PHE A 269 -1.15 -4.73 -1.70
C PHE A 269 -0.93 -3.33 -1.14
N VAL A 270 -0.55 -3.22 0.13
CA VAL A 270 -0.22 -1.95 0.76
C VAL A 270 1.29 -1.83 0.91
N GLN A 271 1.89 -0.81 0.30
CA GLN A 271 3.31 -0.53 0.44
C GLN A 271 3.72 -0.28 1.89
N SER A 272 4.92 -0.68 2.26
CA SER A 272 5.51 -0.24 3.52
C SER A 272 5.73 1.28 3.53
N GLN A 273 5.72 1.90 4.70
CA GLN A 273 5.87 3.36 4.85
C GLN A 273 7.16 3.94 4.22
N GLY A 274 8.19 3.12 4.00
CA GLY A 274 9.48 3.54 3.45
C GLY A 274 9.63 3.41 1.93
N GLU A 275 8.63 2.90 1.21
CA GLU A 275 8.69 2.75 -0.26
C GLU A 275 8.53 4.06 -1.04
N SER A 276 8.79 4.01 -2.35
CA SER A 276 8.56 5.13 -3.27
C SER A 276 7.09 5.58 -3.23
N PRO A 277 6.79 6.88 -3.31
CA PRO A 277 5.43 7.38 -3.19
C PRO A 277 4.47 6.84 -4.26
N LEU A 278 3.19 6.74 -3.91
CA LEU A 278 2.14 6.15 -4.74
C LEU A 278 0.83 6.93 -4.55
N TYR A 279 0.08 7.23 -5.60
CA TYR A 279 -1.26 7.80 -5.42
C TYR A 279 -2.26 6.72 -5.01
N LEU A 280 -3.07 7.00 -3.99
CA LEU A 280 -4.20 6.15 -3.62
C LEU A 280 -5.26 6.17 -4.73
N PRO A 281 -5.75 5.02 -5.20
CA PRO A 281 -6.44 4.93 -6.49
C PRO A 281 -7.89 5.42 -6.47
N ASN A 282 -8.49 5.55 -5.29
CA ASN A 282 -9.92 5.68 -5.10
C ASN A 282 -10.21 6.39 -3.77
N ALA A 283 -11.35 7.05 -3.61
CA ALA A 283 -11.81 7.52 -2.30
C ALA A 283 -12.11 6.35 -1.36
N ASP A 284 -12.52 5.22 -1.92
CA ASP A 284 -12.65 3.92 -1.29
C ASP A 284 -11.25 3.32 -0.99
N GLY A 285 -10.61 3.75 0.10
CA GLY A 285 -9.17 3.50 0.34
C GLY A 285 -8.76 2.03 0.48
N LEU A 286 -7.46 1.75 0.38
CA LEU A 286 -6.84 0.43 0.38
C LEU A 286 -7.29 -0.49 1.53
N LEU A 287 -7.69 -1.71 1.18
CA LEU A 287 -8.08 -2.79 2.10
C LEU A 287 -6.86 -3.51 2.68
N GLY A 288 -6.23 -2.90 3.66
CA GLY A 288 -5.08 -3.43 4.38
C GLY A 288 -4.46 -2.33 5.24
N LYS A 289 -3.79 -2.71 6.33
CA LYS A 289 -3.03 -1.77 7.15
C LYS A 289 -1.65 -1.55 6.54
N GLN A 290 -1.10 -0.34 6.63
CA GLN A 290 0.25 -0.06 6.14
C GLN A 290 1.33 -0.71 7.02
N PRO A 291 2.23 -1.55 6.47
CA PRO A 291 3.34 -2.10 7.24
C PRO A 291 4.34 -1.05 7.67
N GLN A 292 5.01 -1.29 8.79
CA GLN A 292 6.19 -0.54 9.18
C GLN A 292 7.36 -0.77 8.19
N SER A 293 8.43 0.02 8.30
CA SER A 293 9.58 -0.04 7.39
C SER A 293 10.29 -1.41 7.42
N MET A 294 10.55 -1.96 8.60
CA MET A 294 11.37 -3.16 8.77
C MET A 294 10.73 -4.20 9.69
N TRP A 295 10.96 -5.47 9.39
CA TRP A 295 10.68 -6.60 10.29
C TRP A 295 11.99 -7.31 10.60
N LYS A 296 12.31 -7.49 11.88
CA LYS A 296 13.50 -8.24 12.32
C LYS A 296 14.83 -7.70 11.75
N GLY A 297 14.88 -6.41 11.44
CA GLY A 297 16.02 -5.77 10.79
C GLY A 297 16.11 -5.96 9.26
N LEU A 298 15.15 -6.60 8.64
CA LEU A 298 15.00 -6.71 7.18
C LEU A 298 13.96 -5.71 6.67
N ARG A 299 14.20 -5.07 5.52
CA ARG A 299 13.25 -4.11 4.93
C ARG A 299 12.04 -4.81 4.29
N VAL A 300 10.84 -4.30 4.54
CA VAL A 300 9.57 -4.89 4.08
C VAL A 300 9.09 -4.12 2.86
N LYS A 301 8.69 -4.81 1.80
CA LYS A 301 8.11 -4.20 0.60
C LYS A 301 6.69 -3.69 0.84
N GLY A 302 5.86 -4.52 1.45
CA GLY A 302 4.47 -4.22 1.74
C GLY A 302 3.73 -5.42 2.26
N SER A 303 2.41 -5.40 2.25
CA SER A 303 1.59 -6.51 2.70
C SER A 303 0.41 -6.75 1.79
N TYR A 304 0.09 -8.00 1.54
CA TYR A 304 -1.14 -8.47 0.88
C TYR A 304 -1.76 -9.52 1.78
N ASP A 305 -3.08 -9.63 1.84
CA ASP A 305 -3.75 -10.28 2.98
C ASP A 305 -3.15 -9.62 4.25
N ASP A 306 -2.78 -10.34 5.29
CA ASP A 306 -2.03 -9.81 6.44
C ASP A 306 -0.54 -10.20 6.44
N VAL A 307 -0.07 -10.96 5.45
CA VAL A 307 1.33 -11.38 5.34
C VAL A 307 2.23 -10.23 4.88
N LEU A 308 3.42 -10.09 5.46
CA LEU A 308 4.43 -9.12 5.05
C LEU A 308 5.32 -9.71 3.97
N TRP A 309 5.62 -8.96 2.92
CA TRP A 309 6.46 -9.42 1.82
C TRP A 309 7.84 -8.79 1.91
N ILE A 310 8.87 -9.62 1.85
CA ILE A 310 10.28 -9.23 1.96
C ILE A 310 11.00 -9.67 0.69
N GLU A 311 11.64 -8.70 0.04
CA GLU A 311 12.56 -8.92 -1.08
C GLU A 311 13.80 -9.64 -0.55
N GLU A 312 13.95 -10.91 -0.87
CA GLU A 312 15.00 -11.73 -0.31
C GLU A 312 16.02 -12.11 -1.39
N PRO A 313 17.22 -11.52 -1.40
CA PRO A 313 18.19 -11.77 -2.45
C PRO A 313 18.70 -13.20 -2.52
N THR A 314 18.66 -13.96 -1.42
CA THR A 314 19.09 -15.37 -1.42
C THR A 314 18.09 -16.30 -2.11
N MET A 315 16.83 -15.89 -2.27
CA MET A 315 15.75 -16.73 -2.77
C MET A 315 15.89 -17.08 -4.26
N PRO A 316 15.76 -18.34 -4.69
CA PRO A 316 15.74 -18.71 -6.10
C PRO A 316 14.49 -18.16 -6.81
N ALA A 317 14.52 -18.07 -8.14
CA ALA A 317 13.59 -17.24 -8.89
C ALA A 317 12.12 -17.68 -8.78
N GLY A 318 11.83 -18.96 -9.04
CA GLY A 318 10.46 -19.47 -9.11
C GLY A 318 9.80 -19.81 -7.77
N TYR A 319 10.30 -19.36 -6.62
CA TYR A 319 9.89 -19.87 -5.32
C TYR A 319 9.53 -18.76 -4.33
N VAL A 320 8.60 -19.05 -3.44
CA VAL A 320 8.25 -18.22 -2.28
C VAL A 320 8.26 -19.10 -1.03
N LEU A 321 8.86 -18.60 0.04
CA LEU A 321 8.73 -19.20 1.37
C LEU A 321 7.78 -18.36 2.19
N PHE A 322 6.66 -18.94 2.61
CA PHE A 322 5.77 -18.37 3.61
C PHE A 322 6.15 -18.94 4.97
N LEU A 323 6.21 -18.12 6.01
CA LEU A 323 6.67 -18.50 7.34
C LEU A 323 5.80 -17.85 8.42
N ALA A 324 5.35 -18.60 9.42
CA ALA A 324 4.72 -18.05 10.60
C ALA A 324 5.74 -17.58 11.63
N THR A 325 5.40 -16.61 12.48
CA THR A 325 6.29 -16.09 13.52
C THR A 325 5.49 -15.56 14.69
N GLY A 326 6.01 -15.65 15.92
CA GLY A 326 5.44 -15.02 17.10
C GLY A 326 4.11 -15.63 17.55
N GLY A 327 3.32 -14.86 18.30
CA GLY A 327 2.05 -15.33 18.84
C GLY A 327 2.21 -16.48 19.84
N THR A 328 1.16 -17.26 20.06
CA THR A 328 1.21 -18.40 20.99
C THR A 328 2.04 -19.56 20.46
N LEU A 329 1.89 -19.87 19.17
CA LEU A 329 2.28 -21.16 18.60
C LEU A 329 3.66 -21.16 17.91
N ALA A 330 4.21 -19.99 17.59
CA ALA A 330 5.45 -19.83 16.82
C ALA A 330 6.49 -18.95 17.56
N GLN A 331 6.60 -19.09 18.88
CA GLN A 331 7.68 -18.48 19.66
C GLN A 331 9.08 -19.03 19.32
N GLN A 332 9.14 -20.22 18.72
CA GLN A 332 10.36 -20.93 18.34
C GLN A 332 10.55 -20.93 16.82
N ASN A 333 11.75 -20.64 16.33
CA ASN A 333 12.05 -20.53 14.91
C ASN A 333 11.92 -21.89 14.20
N LEU A 334 11.87 -21.92 12.86
CA LEU A 334 11.45 -23.11 12.10
C LEU A 334 12.43 -24.31 12.18
N VAL A 335 13.73 -24.07 12.05
CA VAL A 335 14.73 -25.14 11.89
C VAL A 335 15.58 -25.30 13.14
N GLY A 336 15.67 -26.51 13.69
CA GLY A 336 16.51 -26.78 14.84
C GLY A 336 17.95 -27.05 14.41
N LEU A 337 18.92 -26.39 15.03
CA LEU A 337 20.34 -26.68 14.87
C LEU A 337 20.83 -27.57 16.00
N ARG A 338 21.35 -28.73 15.64
CA ARG A 338 21.98 -29.67 16.57
C ARG A 338 23.49 -29.58 16.40
N GLU A 339 24.18 -29.22 17.46
CA GLU A 339 25.64 -29.31 17.56
C GLU A 339 26.07 -30.50 18.43
N HIS A 340 27.36 -30.82 18.47
CA HIS A 340 27.85 -31.98 19.21
C HIS A 340 27.58 -31.83 20.71
N GLU A 341 27.33 -32.94 21.38
CA GLU A 341 26.91 -32.97 22.77
C GLU A 341 28.00 -32.51 23.75
N ASP A 342 29.28 -32.51 23.36
CA ASP A 342 30.43 -32.06 24.17
C ASP A 342 30.98 -30.70 23.70
N ALA A 343 31.13 -29.74 24.61
CA ALA A 343 31.58 -28.39 24.30
C ALA A 343 32.94 -28.32 23.59
N ALA A 344 33.83 -29.27 23.84
CA ALA A 344 35.12 -29.37 23.16
C ALA A 344 35.01 -29.65 21.65
N TRP A 345 33.85 -30.08 21.16
CA TRP A 345 33.56 -30.36 19.76
C TRP A 345 32.52 -29.43 19.14
N ARG A 346 31.99 -28.46 19.89
CA ARG A 346 31.12 -27.41 19.34
C ARG A 346 31.91 -26.26 18.71
N GLY A 347 31.26 -25.54 17.80
CA GLY A 347 31.85 -24.44 17.05
C GLY A 347 32.77 -24.88 15.91
N LEU A 348 33.22 -23.91 15.12
CA LEU A 348 34.31 -24.07 14.17
C LEU A 348 35.64 -24.20 14.92
N ARG A 349 36.46 -25.20 14.58
CA ARG A 349 37.72 -25.50 15.27
C ARG A 349 38.86 -25.63 14.28
N GLN A 350 40.07 -25.27 14.72
CA GLN A 350 41.30 -25.52 14.01
C GLN A 350 42.02 -26.74 14.59
N ILE A 351 42.37 -27.69 13.73
CA ILE A 351 43.10 -28.91 14.10
C ILE A 351 44.54 -28.78 13.59
N PRO A 352 45.59 -29.03 14.40
CA PRO A 352 46.96 -28.67 14.06
C PRO A 352 47.57 -29.28 12.79
N GLY A 353 47.04 -30.38 12.25
CA GLY A 353 47.52 -30.96 10.99
C GLY A 353 48.84 -31.73 11.13
N ASN A 354 49.12 -32.62 10.18
CA ASN A 354 50.08 -33.71 10.36
C ASN A 354 51.16 -33.82 9.27
N GLN A 355 51.37 -32.75 8.52
CA GLN A 355 52.66 -32.41 7.91
C GLN A 355 53.10 -31.13 8.60
N THR A 356 54.35 -31.02 9.07
CA THR A 356 54.76 -29.85 9.86
C THR A 356 56.18 -29.41 9.60
N ARG A 357 56.42 -28.11 9.80
CA ARG A 357 57.66 -27.32 9.69
C ARG A 357 58.43 -27.40 8.38
N TYR A 358 58.84 -28.57 7.90
CA TYR A 358 59.69 -28.74 6.73
C TYR A 358 59.59 -30.17 6.19
N PRO A 359 59.52 -30.40 4.88
CA PRO A 359 59.37 -29.43 3.81
C PRO A 359 57.95 -28.92 3.61
N LEU A 360 56.95 -29.59 4.17
CA LEU A 360 55.53 -29.32 3.94
C LEU A 360 54.81 -29.07 5.25
N ILE A 361 53.82 -28.19 5.22
CA ILE A 361 53.01 -27.75 6.36
C ILE A 361 51.55 -27.94 6.00
N ASP A 362 50.74 -28.41 6.94
CA ASP A 362 49.32 -28.67 6.76
C ASP A 362 48.54 -28.23 8.00
N SER A 363 47.28 -27.86 7.83
CA SER A 363 46.40 -27.41 8.92
C SER A 363 44.95 -27.58 8.51
N PHE A 364 44.06 -27.88 9.46
CA PHE A 364 42.66 -28.16 9.16
C PHE A 364 41.70 -27.26 9.90
N TYR A 365 40.56 -26.96 9.28
CA TYR A 365 39.38 -26.43 9.93
C TYR A 365 38.31 -27.52 9.91
N GLN A 366 37.59 -27.69 11.01
CA GLN A 366 36.54 -28.68 11.16
C GLN A 366 35.32 -28.05 11.81
N ARG A 367 34.13 -28.35 11.30
CA ARG A 367 32.87 -28.04 11.98
C ARG A 367 31.89 -29.19 11.82
N SER A 368 31.08 -29.44 12.82
CA SER A 368 30.03 -30.44 12.74
C SER A 368 28.77 -30.04 13.45
N PHE A 369 27.66 -30.25 12.78
CA PHE A 369 26.30 -29.85 13.16
C PHE A 369 25.29 -30.56 12.25
N GLY A 370 24.01 -30.48 12.57
CA GLY A 370 22.95 -30.85 11.63
C GLY A 370 21.63 -30.22 11.99
N THR A 371 20.59 -30.58 11.23
CA THR A 371 19.32 -29.85 11.20
C THR A 371 18.10 -30.73 11.07
N GLY A 372 16.95 -30.25 11.55
CA GLY A 372 15.63 -30.86 11.34
C GLY A 372 14.50 -29.90 11.70
N ILE A 373 13.30 -30.12 11.19
CA ILE A 373 12.13 -29.28 11.46
C ILE A 373 11.23 -29.98 12.47
N ARG A 374 10.86 -29.25 13.54
CA ARG A 374 9.89 -29.69 14.54
C ARG A 374 8.45 -29.32 14.16
N GLN A 375 8.22 -28.04 13.87
CA GLN A 375 6.93 -27.47 13.48
C GLN A 375 6.62 -27.72 12.00
N ARG A 376 6.28 -28.94 11.58
CA ARG A 376 6.13 -29.30 10.17
C ARG A 376 5.09 -28.49 9.38
N GLY A 377 4.20 -27.76 10.05
CA GLY A 377 3.19 -26.90 9.46
C GLY A 377 3.45 -25.38 9.56
N GLY A 378 4.57 -24.96 10.15
CA GLY A 378 4.86 -23.56 10.45
C GLY A 378 5.30 -22.71 9.25
N ALA A 379 5.42 -23.29 8.07
CA ALA A 379 5.84 -22.63 6.85
C ALA A 379 5.33 -23.37 5.62
N VAL A 380 5.27 -22.73 4.46
CA VAL A 380 4.87 -23.30 3.17
C VAL A 380 5.87 -22.87 2.11
N VAL A 381 6.23 -23.77 1.21
CA VAL A 381 7.04 -23.45 0.04
C VAL A 381 6.16 -23.53 -1.20
N LEU A 382 6.03 -22.43 -1.92
CA LEU A 382 5.24 -22.35 -3.15
C LEU A 382 6.19 -22.23 -4.33
N GLN A 383 6.01 -23.07 -5.35
CA GLN A 383 6.75 -22.99 -6.60
C GLN A 383 5.85 -22.52 -7.74
N ILE A 384 6.30 -21.51 -8.47
CA ILE A 384 5.62 -20.94 -9.62
C ILE A 384 6.07 -21.73 -10.86
N LYS A 385 5.24 -22.68 -11.29
CA LYS A 385 5.38 -23.43 -12.55
C LYS A 385 3.99 -23.83 -13.03
N ALA A 386 3.86 -24.09 -14.33
CA ALA A 386 2.58 -24.30 -14.99
C ALA A 386 1.87 -25.60 -14.60
N SER A 387 2.61 -26.69 -14.43
CA SER A 387 2.05 -28.03 -14.18
C SER A 387 3.11 -29.00 -13.64
N GLY A 388 2.67 -30.14 -13.10
CA GLY A 388 3.54 -31.19 -12.55
C GLY A 388 3.87 -31.01 -11.07
N THR A 389 4.75 -31.88 -10.56
CA THR A 389 5.18 -31.94 -9.15
C THR A 389 6.20 -30.87 -8.78
N TYR A 390 6.39 -30.63 -7.49
CA TYR A 390 7.41 -29.74 -6.95
C TYR A 390 8.83 -30.17 -7.33
N ASP A 391 9.69 -29.21 -7.66
CA ASP A 391 11.13 -29.39 -7.85
C ASP A 391 11.92 -28.72 -6.72
N ILE A 392 12.86 -29.43 -6.10
CA ILE A 392 13.76 -28.84 -5.11
C ILE A 392 14.69 -27.84 -5.84
N PRO A 393 14.92 -26.61 -5.32
CA PRO A 393 15.88 -25.69 -5.92
C PRO A 393 17.28 -26.31 -6.00
N THR A 394 17.94 -26.25 -7.15
CA THR A 394 19.22 -26.98 -7.35
C THR A 394 20.27 -26.61 -6.32
N LYS A 395 20.41 -25.32 -6.02
CA LYS A 395 21.29 -24.76 -4.99
C LYS A 395 21.06 -25.26 -3.56
N TRP A 396 19.94 -25.92 -3.30
CA TRP A 396 19.54 -26.47 -2.00
C TRP A 396 19.06 -27.92 -2.08
N THR A 397 19.45 -28.67 -3.12
CA THR A 397 19.31 -30.14 -3.10
C THR A 397 20.29 -30.72 -2.08
N ASN A 398 19.85 -31.62 -1.20
CA ASN A 398 20.61 -32.06 -0.03
C ASN A 398 21.99 -32.68 -0.33
N GLY A 399 22.13 -33.42 -1.42
CA GLY A 399 23.41 -34.02 -1.83
C GLY A 399 24.34 -33.11 -2.63
N GLY A 400 23.90 -31.89 -2.99
CA GLY A 400 24.46 -31.16 -4.13
C GLY A 400 25.81 -30.47 -3.92
N GLY A 401 26.19 -30.13 -2.68
CA GLY A 401 27.43 -29.38 -2.41
C GLY A 401 27.44 -28.69 -1.06
N PHE A 402 28.40 -27.79 -0.86
CA PHE A 402 28.69 -27.14 0.43
C PHE A 402 28.91 -25.63 0.35
N GLU A 403 28.87 -25.07 -0.87
CA GLU A 403 29.05 -23.64 -1.18
C GLU A 403 30.26 -23.01 -0.48
N ASN B 28 34.12 29.36 -36.87
CA ASN B 28 34.61 30.56 -36.14
C ASN B 28 35.22 31.57 -37.11
N GLN B 29 35.47 32.80 -36.63
CA GLN B 29 36.25 33.81 -37.34
C GLN B 29 37.69 33.84 -36.83
N GLY B 30 38.66 34.08 -37.71
CA GLY B 30 40.08 33.95 -37.38
C GLY B 30 40.99 34.90 -38.14
N GLY B 31 42.30 34.67 -38.05
CA GLY B 31 43.32 35.54 -38.61
C GLY B 31 43.67 36.75 -37.75
N TYR B 32 44.61 37.57 -38.21
CA TYR B 32 44.99 38.80 -37.53
C TYR B 32 43.84 39.79 -37.49
N ASN B 33 43.72 40.51 -36.39
CA ASN B 33 42.93 41.73 -36.32
C ASN B 33 43.67 42.90 -36.98
N THR B 34 43.01 43.62 -37.87
CA THR B 34 43.57 44.63 -38.77
C THR B 34 42.84 45.95 -38.62
N ALA B 35 43.50 47.09 -38.85
CA ALA B 35 42.75 48.29 -39.18
C ALA B 35 41.97 48.02 -40.48
N GLY B 36 40.66 48.25 -40.48
CA GLY B 36 39.73 47.68 -41.45
C GLY B 36 38.73 46.72 -40.81
N ASP B 37 39.07 46.09 -39.69
CA ASP B 37 38.12 45.41 -38.81
C ASP B 37 37.47 46.34 -37.78
N ILE B 38 38.12 47.44 -37.44
CA ILE B 38 37.63 48.37 -36.43
C ILE B 38 36.36 49.07 -36.93
N LYS B 39 35.37 49.21 -36.05
CA LYS B 39 34.20 50.07 -36.23
C LYS B 39 34.15 51.07 -35.09
N TYR B 40 33.72 52.30 -35.37
CA TYR B 40 33.80 53.40 -34.42
C TYR B 40 32.41 53.84 -33.92
N LYS B 41 31.48 54.10 -34.84
CA LYS B 41 30.11 54.58 -34.56
C LYS B 41 29.09 53.73 -35.30
N THR B 42 27.94 53.45 -34.68
CA THR B 42 26.76 52.93 -35.38
C THR B 42 26.16 54.00 -36.29
N ALA B 43 25.26 53.63 -37.20
CA ALA B 43 24.62 54.58 -38.11
C ALA B 43 23.84 55.69 -37.40
N ASP B 44 23.33 55.43 -36.19
CA ASP B 44 22.69 56.39 -35.31
C ASP B 44 23.63 56.99 -34.24
N GLY B 45 24.95 56.79 -34.36
CA GLY B 45 25.96 57.52 -33.60
C GLY B 45 26.30 56.99 -32.20
N VAL B 46 25.96 55.75 -31.86
CA VAL B 46 26.45 55.09 -30.63
C VAL B 46 27.88 54.61 -30.84
N SER B 47 28.79 54.82 -29.89
CA SER B 47 30.16 54.33 -30.03
C SER B 47 30.23 52.81 -29.85
N TYR B 48 30.86 52.10 -30.79
CA TYR B 48 31.11 50.66 -30.64
C TYR B 48 31.96 50.39 -29.41
N ASP B 49 32.85 51.29 -29.04
CA ASP B 49 33.57 51.30 -27.77
C ASP B 49 32.65 51.01 -26.58
N SER B 50 31.53 51.72 -26.45
CA SER B 50 30.58 51.50 -25.36
C SER B 50 29.83 50.17 -25.47
N LEU B 51 29.58 49.67 -26.68
CA LEU B 51 28.94 48.36 -26.89
C LEU B 51 29.88 47.22 -26.49
N TRP B 52 31.14 47.24 -26.92
CA TRP B 52 32.15 46.29 -26.46
C TRP B 52 32.29 46.33 -24.94
N ASN B 53 32.11 47.48 -24.32
CA ASN B 53 32.20 47.59 -22.87
C ASN B 53 31.11 46.82 -22.10
N LEU B 54 30.03 46.38 -22.74
CA LEU B 54 29.05 45.48 -22.11
C LEU B 54 29.65 44.08 -21.95
N PHE B 55 30.09 43.50 -23.06
CA PHE B 55 30.70 42.16 -23.11
C PHE B 55 32.09 42.08 -22.47
N SER B 56 32.68 43.20 -22.09
CA SER B 56 34.00 43.29 -21.47
C SER B 56 34.14 42.49 -20.18
N ASN B 57 33.13 42.48 -19.32
CA ASN B 57 33.25 41.91 -17.96
C ASN B 57 32.13 40.96 -17.55
N VAL B 58 30.98 40.94 -18.23
CA VAL B 58 29.86 40.10 -17.82
C VAL B 58 30.13 38.62 -18.05
N THR B 59 29.74 37.78 -17.10
CA THR B 59 29.57 36.35 -17.32
C THR B 59 28.26 36.06 -18.06
N ASP B 60 28.17 34.92 -18.75
CA ASP B 60 27.01 34.49 -19.51
C ASP B 60 26.28 33.39 -18.75
N GLU B 61 24.98 33.55 -18.50
CA GLU B 61 24.20 32.61 -17.69
C GLU B 61 24.22 31.18 -18.24
N TRP B 62 24.28 31.00 -19.55
CA TRP B 62 24.35 29.67 -20.15
C TRP B 62 25.70 28.99 -19.88
N ASN B 63 26.79 29.74 -19.94
CA ASN B 63 28.10 29.23 -19.57
C ASN B 63 28.26 29.05 -18.06
N LYS B 64 27.54 29.83 -17.25
CA LYS B 64 27.42 29.60 -15.80
C LYS B 64 26.68 28.30 -15.49
N HIS B 65 25.60 27.99 -16.21
CA HIS B 65 24.90 26.70 -16.11
C HIS B 65 25.80 25.54 -16.52
N LYS B 66 26.47 25.62 -17.67
CA LYS B 66 27.42 24.58 -18.10
C LYS B 66 28.50 24.34 -17.06
N SER B 67 29.03 25.40 -16.46
CA SER B 67 30.03 25.28 -15.38
C SER B 67 29.46 24.62 -14.14
N LYS B 68 28.21 24.89 -13.76
CA LYS B 68 27.54 24.18 -12.65
C LYS B 68 27.40 22.69 -12.94
N MET B 69 26.96 22.31 -14.13
CA MET B 69 26.88 20.90 -14.51
C MET B 69 28.24 20.22 -14.37
N VAL B 70 29.32 20.80 -14.87
CA VAL B 70 30.67 20.26 -14.66
C VAL B 70 30.98 20.09 -13.18
N GLN B 71 30.67 21.08 -12.35
CA GLN B 71 30.98 21.06 -10.93
C GLN B 71 30.22 19.98 -10.15
N LEU B 72 29.04 19.53 -10.58
CA LEU B 72 28.34 18.39 -9.96
C LEU B 72 28.54 17.06 -10.68
N MET B 73 29.06 17.04 -11.90
CA MET B 73 29.47 15.80 -12.56
C MET B 73 30.87 15.33 -12.22
N THR B 74 31.74 16.18 -11.66
CA THR B 74 33.19 15.90 -11.59
C THR B 74 33.81 16.05 -10.22
N PHE B 75 34.95 15.38 -10.03
CA PHE B 75 35.87 15.55 -8.91
C PHE B 75 37.31 15.76 -9.40
N PRO B 76 38.17 16.47 -8.66
CA PRO B 76 39.56 16.67 -9.04
C PRO B 76 40.40 15.42 -8.75
N VAL B 77 41.05 14.86 -9.77
CA VAL B 77 41.83 13.63 -9.63
C VAL B 77 43.12 13.90 -8.87
N THR B 78 43.22 13.31 -7.68
CA THR B 78 44.44 13.27 -6.85
C THR B 78 45.31 12.04 -7.14
N ASN B 79 44.74 10.95 -7.65
CA ASN B 79 45.41 9.66 -7.81
C ASN B 79 45.38 9.27 -9.29
N GLN B 80 46.49 9.38 -10.01
CA GLN B 80 46.49 9.28 -11.48
C GLN B 80 46.08 7.91 -12.04
N THR B 81 46.03 6.87 -11.21
CA THR B 81 45.41 5.58 -11.52
C THR B 81 44.83 5.01 -10.24
N GLU B 82 43.73 4.26 -10.32
CA GLU B 82 43.26 3.45 -9.21
C GLU B 82 42.90 2.03 -9.66
N LYS B 83 42.97 1.12 -8.69
CA LYS B 83 43.09 -0.32 -8.89
C LYS B 83 42.07 -1.02 -8.00
N VAL B 84 41.28 -1.93 -8.57
CA VAL B 84 40.14 -2.56 -7.89
C VAL B 84 40.35 -4.07 -7.76
N PRO B 85 40.82 -4.54 -6.60
CA PRO B 85 41.18 -5.93 -6.41
C PRO B 85 40.00 -6.82 -6.06
N ARG B 86 40.18 -8.12 -6.28
CA ARG B 86 39.26 -9.22 -5.96
C ARG B 86 40.04 -10.47 -5.60
N ILE B 87 39.44 -11.36 -4.82
CA ILE B 87 39.96 -12.70 -4.53
C ILE B 87 38.89 -13.74 -4.81
N GLY B 88 39.29 -14.93 -5.24
CA GLY B 88 38.40 -16.09 -5.31
C GLY B 88 38.03 -16.62 -3.92
N GLN B 89 37.15 -17.62 -3.88
CA GLN B 89 36.63 -18.20 -2.63
C GLN B 89 36.44 -19.72 -2.73
N PHE B 90 36.26 -20.36 -1.58
CA PHE B 90 36.21 -21.82 -1.43
C PHE B 90 35.22 -22.27 -0.35
N GLY B 91 34.86 -23.55 -0.36
CA GLY B 91 33.94 -24.16 0.61
C GLY B 91 34.54 -25.35 1.38
N PHE B 92 33.80 -25.84 2.37
CA PHE B 92 34.10 -27.09 3.07
C PHE B 92 33.87 -28.32 2.20
N GLU B 93 34.29 -29.50 2.67
CA GLU B 93 33.87 -30.80 2.17
C GLU B 93 33.42 -31.69 3.33
N LYS B 94 32.66 -32.74 3.05
CA LYS B 94 32.17 -33.68 4.06
C LYS B 94 33.32 -34.56 4.56
N ALA B 95 33.47 -34.70 5.87
CA ALA B 95 34.61 -35.35 6.50
C ALA B 95 34.58 -36.89 6.41
N SER B 96 35.62 -37.57 6.92
CA SER B 96 35.75 -39.03 6.98
C SER B 96 36.52 -39.49 8.21
N GLU B 97 36.47 -40.79 8.56
CA GLU B 97 37.25 -41.36 9.66
C GLU B 97 38.76 -41.31 9.39
N PHE B 98 39.22 -41.82 8.24
CA PHE B 98 40.65 -41.98 7.99
C PHE B 98 41.30 -40.81 7.24
N GLY B 99 40.80 -40.45 6.07
CA GLY B 99 41.45 -39.53 5.14
C GLY B 99 41.32 -38.04 5.49
N VAL B 100 42.08 -37.20 4.79
CA VAL B 100 42.19 -35.74 5.02
C VAL B 100 41.72 -34.93 3.81
N PRO B 101 41.15 -33.74 3.97
CA PRO B 101 40.50 -33.02 2.89
C PRO B 101 41.44 -32.53 1.79
N GLU B 102 40.88 -32.18 0.63
CA GLU B 102 41.58 -31.39 -0.38
C GLU B 102 41.93 -30.01 0.17
N SER B 103 43.11 -29.48 -0.17
CA SER B 103 43.51 -28.16 0.27
C SER B 103 43.04 -27.04 -0.64
N LYS B 104 42.77 -25.88 -0.06
CA LYS B 104 42.16 -24.72 -0.71
C LYS B 104 43.15 -23.56 -0.85
N ARG B 105 43.07 -22.83 -1.95
CA ARG B 105 43.86 -21.63 -2.28
C ARG B 105 42.95 -20.53 -2.79
N THR B 106 43.45 -19.30 -2.83
CA THR B 106 42.83 -18.21 -3.58
C THR B 106 43.90 -17.30 -4.14
N GLU B 107 43.64 -16.66 -5.28
CA GLU B 107 44.57 -15.78 -5.98
C GLU B 107 43.98 -14.38 -6.11
N LEU B 108 44.73 -13.36 -5.71
CA LEU B 108 44.32 -11.97 -5.87
C LEU B 108 44.48 -11.53 -7.33
N SER B 109 43.48 -10.84 -7.85
CA SER B 109 43.47 -10.24 -9.19
C SER B 109 42.92 -8.82 -9.11
N PHE B 110 43.14 -7.98 -10.11
CA PHE B 110 42.59 -6.63 -10.14
C PHE B 110 42.34 -6.14 -11.57
N TYR B 111 41.43 -5.18 -11.69
CA TYR B 111 41.40 -4.24 -12.82
C TYR B 111 42.05 -2.93 -12.39
N GLN B 112 42.50 -2.12 -13.34
CA GLN B 112 42.93 -0.75 -13.05
C GLN B 112 42.48 0.23 -14.12
N LEU B 113 42.18 1.44 -13.67
CA LEU B 113 41.52 2.48 -14.44
C LEU B 113 42.29 3.78 -14.24
N ALA B 114 42.61 4.48 -15.33
CA ALA B 114 43.33 5.75 -15.29
C ALA B 114 42.47 6.91 -15.81
N TYR B 115 43.05 8.10 -15.89
CA TYR B 115 42.40 9.30 -16.38
C TYR B 115 43.22 9.91 -17.51
N ASP B 116 42.55 10.34 -18.57
CA ASP B 116 43.17 10.92 -19.75
C ASP B 116 43.83 12.28 -19.47
N PHE B 117 44.59 12.81 -20.41
CA PHE B 117 45.16 14.15 -20.35
C PHE B 117 45.52 14.68 -21.73
N GLU B 118 45.11 15.89 -22.06
CA GLU B 118 45.43 16.57 -23.31
C GLU B 118 45.69 18.06 -23.08
N ASP B 119 46.34 18.69 -24.06
CA ASP B 119 46.65 20.12 -24.08
C ASP B 119 45.85 20.83 -25.16
N TYR B 120 45.31 22.01 -24.82
CA TYR B 120 44.48 22.83 -25.70
C TYR B 120 44.97 24.27 -25.74
N ASP B 121 44.77 24.90 -26.88
CA ASP B 121 45.42 26.12 -27.33
C ASP B 121 44.43 27.08 -27.97
N LEU B 122 44.68 28.38 -27.84
CA LEU B 122 43.98 29.44 -28.54
C LEU B 122 44.91 30.63 -28.71
N ALA B 123 44.79 31.41 -29.79
CA ALA B 123 45.63 32.57 -30.04
C ALA B 123 44.84 33.83 -30.40
N PHE B 124 45.22 34.96 -29.82
CA PHE B 124 44.82 36.27 -30.33
C PHE B 124 46.03 36.95 -30.96
N ARG B 125 45.91 37.42 -32.18
CA ARG B 125 46.99 38.15 -32.84
C ARG B 125 46.51 39.35 -33.63
N TYR B 126 47.36 40.36 -33.68
CA TYR B 126 47.03 41.72 -34.07
C TYR B 126 48.11 42.32 -34.96
N THR B 127 47.70 43.24 -35.82
CA THR B 127 48.62 44.19 -36.45
C THR B 127 48.88 45.36 -35.54
N TRP B 128 50.03 46.02 -35.67
CA TRP B 128 50.40 47.17 -34.85
C TRP B 128 49.42 48.33 -34.99
N LYS B 129 48.82 48.51 -36.19
CA LYS B 129 47.77 49.49 -36.46
C LYS B 129 46.50 49.19 -35.69
N PHE B 130 46.10 47.92 -35.62
CA PHE B 130 44.91 47.54 -34.86
C PHE B 130 45.07 47.89 -33.39
N LEU B 131 46.20 47.58 -32.75
CA LEU B 131 46.39 47.93 -31.34
C LEU B 131 46.49 49.43 -31.09
N ARG B 132 46.93 50.22 -32.08
CA ARG B 132 46.94 51.68 -31.99
C ARG B 132 45.54 52.26 -32.00
N ASP B 133 44.68 51.72 -32.86
CA ASP B 133 43.41 52.33 -33.26
C ASP B 133 42.15 51.71 -32.61
N ALA B 134 42.15 50.42 -32.27
CA ALA B 134 41.00 49.74 -31.66
C ALA B 134 40.72 50.20 -30.22
N PRO B 135 39.45 50.18 -29.75
CA PRO B 135 39.11 50.49 -28.38
C PRO B 135 39.57 49.39 -27.42
N SER B 136 40.07 49.74 -26.24
CA SER B 136 40.58 48.74 -25.28
C SER B 136 39.49 47.76 -24.82
N SER B 137 38.22 48.16 -24.81
CA SER B 137 37.11 47.29 -24.51
C SER B 137 36.91 46.16 -25.52
N GLN B 138 37.34 46.29 -26.78
CA GLN B 138 37.33 45.15 -27.70
C GLN B 138 38.35 44.09 -27.27
N ILE B 139 39.50 44.51 -26.76
CA ILE B 139 40.52 43.60 -26.24
C ILE B 139 40.02 42.90 -24.98
N LYS B 140 39.42 43.62 -24.02
CA LYS B 140 38.84 43.01 -22.82
C LYS B 140 37.67 42.08 -23.14
N ALA B 141 36.83 42.42 -24.11
CA ALA B 141 35.80 41.51 -24.58
C ALA B 141 36.39 40.23 -25.17
N TYR B 142 37.50 40.31 -25.92
CA TYR B 142 38.19 39.10 -26.47
C TYR B 142 38.69 38.25 -25.31
N HIS B 143 39.33 38.83 -24.28
CA HIS B 143 39.79 38.11 -23.09
C HIS B 143 38.64 37.40 -22.38
N ASN B 144 37.52 38.07 -22.14
CA ASN B 144 36.34 37.45 -21.55
C ASN B 144 35.79 36.30 -22.42
N GLN B 145 35.83 36.41 -23.74
CA GLN B 145 35.41 35.31 -24.60
C GLN B 145 36.37 34.11 -24.54
N ALA B 146 37.66 34.28 -24.24
CA ALA B 146 38.55 33.14 -23.98
C ALA B 146 38.16 32.39 -22.71
N LEU B 147 37.77 33.08 -21.64
CA LEU B 147 37.23 32.44 -20.44
C LEU B 147 35.94 31.67 -20.75
N GLN B 148 35.04 32.21 -21.57
CA GLN B 148 33.86 31.45 -22.01
C GLN B 148 34.26 30.22 -22.83
N ALA B 149 35.23 30.33 -23.74
CA ALA B 149 35.69 29.21 -24.55
C ALA B 149 36.29 28.08 -23.70
N ASP B 150 36.92 28.41 -22.57
CA ASP B 150 37.43 27.42 -21.63
C ASP B 150 36.30 26.64 -20.95
N ALA B 151 35.30 27.33 -20.42
CA ALA B 151 34.14 26.69 -19.80
C ALA B 151 33.41 25.75 -20.78
N LYS B 152 33.28 26.15 -22.05
CA LYS B 152 32.70 25.32 -23.11
C LYS B 152 33.52 24.08 -23.40
N LEU B 153 34.84 24.20 -23.44
CA LEU B 153 35.75 23.09 -23.69
C LEU B 153 35.69 22.05 -22.57
N ILE B 154 35.80 22.47 -21.31
CA ILE B 154 35.73 21.55 -20.17
C ILE B 154 34.39 20.83 -20.18
N HIS B 155 33.28 21.55 -20.31
CA HIS B 155 31.96 20.96 -20.37
C HIS B 155 31.83 19.90 -21.45
N ARG B 156 32.26 20.17 -22.69
CA ARG B 156 32.22 19.18 -23.77
C ARG B 156 33.01 17.94 -23.41
N LYS B 157 34.23 18.12 -22.90
CA LYS B 157 35.16 17.02 -22.59
C LYS B 157 34.71 16.18 -21.39
N VAL B 158 33.96 16.75 -20.46
CA VAL B 158 33.28 15.99 -19.41
C VAL B 158 32.11 15.22 -19.97
N MET B 159 31.23 15.84 -20.75
CA MET B 159 30.06 15.13 -21.27
C MET B 159 30.42 14.03 -22.24
N GLU B 160 31.41 14.20 -23.11
CA GLU B 160 31.81 13.12 -24.00
C GLU B 160 32.59 12.02 -23.27
N ALA B 161 33.12 12.25 -22.07
CA ALA B 161 33.65 11.16 -21.24
C ALA B 161 32.56 10.18 -20.81
N ILE B 162 31.32 10.64 -20.72
CA ILE B 162 30.16 9.85 -20.35
C ILE B 162 29.46 9.30 -21.59
N PHE B 163 29.11 10.16 -22.54
CA PHE B 163 28.26 9.77 -23.66
C PHE B 163 29.00 9.04 -24.78
N ASP B 164 30.32 9.17 -24.90
CA ASP B 164 31.10 8.42 -25.88
C ASP B 164 31.47 7.04 -25.32
N ASN B 165 30.89 5.98 -25.89
CA ASN B 165 31.00 4.63 -25.36
C ASN B 165 32.28 3.89 -25.78
N ARG B 166 33.33 4.59 -26.24
CA ARG B 166 34.59 4.02 -26.72
C ARG B 166 35.71 4.17 -25.69
N GLU B 167 36.47 3.10 -25.49
CA GLU B 167 37.66 3.05 -24.63
C GLU B 167 38.83 3.85 -25.21
N ARG B 168 39.66 4.45 -24.36
CA ARG B 168 40.81 5.29 -24.73
C ARG B 168 42.08 4.86 -24.00
N GLU B 169 43.23 5.02 -24.62
CA GLU B 169 44.53 4.87 -23.95
C GLU B 169 44.96 6.17 -23.26
N ALA B 170 45.79 6.08 -22.23
CA ALA B 170 46.50 7.20 -21.63
C ALA B 170 47.90 6.76 -21.17
N ASP B 171 48.87 7.68 -21.10
CA ASP B 171 50.19 7.40 -20.56
C ASP B 171 50.39 8.13 -19.22
N ILE B 172 50.84 7.41 -18.19
CA ILE B 172 51.20 8.00 -16.90
C ILE B 172 52.64 7.56 -16.58
N GLU B 173 53.53 8.53 -16.40
CA GLU B 173 54.98 8.30 -16.25
C GLU B 173 55.55 7.38 -17.34
N GLY B 174 55.03 7.50 -18.56
CA GLY B 174 55.43 6.71 -19.72
C GLY B 174 54.90 5.28 -19.77
N LEU B 175 54.23 4.78 -18.72
CA LEU B 175 53.50 3.51 -18.76
C LEU B 175 52.11 3.72 -19.40
N PRO B 176 51.68 2.86 -20.33
CA PRO B 176 50.35 2.93 -20.91
C PRO B 176 49.29 2.34 -19.98
N TYR B 177 48.10 2.94 -20.00
CA TYR B 177 46.90 2.53 -19.27
C TYR B 177 45.66 2.70 -20.14
N LYS B 178 44.55 2.09 -19.73
CA LYS B 178 43.23 2.27 -20.34
C LYS B 178 42.36 3.17 -19.47
N VAL B 179 41.59 4.05 -20.12
CA VAL B 179 40.58 4.91 -19.51
C VAL B 179 39.25 4.55 -20.12
N TYR B 180 38.21 4.51 -19.29
CA TYR B 180 36.97 3.82 -19.61
C TYR B 180 35.74 4.73 -19.61
N PRO B 181 34.73 4.42 -20.43
CA PRO B 181 33.38 4.90 -20.26
C PRO B 181 32.67 4.15 -19.12
N LEU B 182 31.35 4.27 -19.04
CA LEU B 182 30.49 3.30 -18.38
C LEU B 182 30.68 1.89 -18.98
N TYR B 183 30.07 0.86 -18.39
CA TYR B 183 30.10 -0.48 -19.01
C TYR B 183 29.59 -0.43 -20.45
N ASN B 184 30.25 -1.08 -21.39
CA ASN B 184 29.95 -0.90 -22.81
C ASN B 184 30.08 -2.15 -23.67
N GLY B 185 29.90 -3.33 -23.08
CA GLY B 185 30.05 -4.60 -23.79
C GLY B 185 31.49 -5.09 -23.86
N ASP B 186 32.41 -4.47 -23.12
CA ASP B 186 33.79 -4.88 -22.97
C ASP B 186 33.95 -6.07 -22.01
N ASN B 187 35.19 -6.45 -21.72
CA ASN B 187 35.51 -7.63 -20.91
C ASN B 187 35.65 -7.39 -19.40
N MET B 188 35.56 -6.16 -18.87
CA MET B 188 35.45 -6.03 -17.41
C MET B 188 34.16 -6.70 -16.95
N ILE B 189 34.28 -7.52 -15.92
CA ILE B 189 33.14 -8.13 -15.24
C ILE B 189 32.84 -7.26 -14.02
N PRO B 190 31.61 -6.75 -13.86
CA PRO B 190 31.25 -6.06 -12.63
C PRO B 190 31.38 -7.00 -11.43
N PRO B 191 31.83 -6.53 -10.26
CA PRO B 191 31.93 -7.37 -9.07
C PRO B 191 30.56 -7.92 -8.66
N GLU B 192 30.52 -9.08 -8.02
CA GLU B 192 29.26 -9.64 -7.51
C GLU B 192 28.60 -8.73 -6.48
N TYR B 193 27.28 -8.64 -6.49
CA TYR B 193 26.53 -7.89 -5.48
C TYR B 193 25.24 -8.60 -5.10
N ASN B 194 24.94 -8.75 -3.81
CA ASN B 194 23.81 -9.55 -3.32
C ASN B 194 23.75 -10.92 -4.02
N GLY B 195 24.89 -11.59 -4.16
CA GLY B 195 25.02 -12.88 -4.83
C GLY B 195 24.80 -12.88 -6.34
N THR B 196 24.39 -11.75 -6.93
CA THR B 196 24.24 -11.59 -8.38
C THR B 196 25.61 -11.70 -9.03
N THR B 197 25.72 -12.49 -10.09
CA THR B 197 26.96 -12.70 -10.84
C THR B 197 26.77 -12.20 -12.28
N PHE B 198 27.72 -11.40 -12.77
CA PHE B 198 27.65 -10.73 -14.06
C PHE B 198 28.60 -11.36 -15.06
N SER B 199 28.19 -11.55 -16.31
CA SER B 199 29.08 -12.01 -17.38
C SER B 199 29.96 -10.88 -17.91
N THR B 200 30.90 -11.21 -18.81
CA THR B 200 31.42 -10.22 -19.77
C THR B 200 30.32 -9.72 -20.69
N GLY B 201 30.55 -8.64 -21.41
CA GLY B 201 29.55 -8.09 -22.33
C GLY B 201 28.46 -7.26 -21.64
N HIS B 202 28.63 -6.94 -20.35
CA HIS B 202 27.72 -6.08 -19.61
C HIS B 202 27.74 -4.65 -20.15
N ASN B 203 26.61 -3.95 -20.18
CA ASN B 203 26.45 -2.71 -20.93
C ASN B 203 25.57 -1.68 -20.21
N HIS B 204 25.86 -0.39 -20.37
CA HIS B 204 25.12 0.74 -19.81
C HIS B 204 24.78 1.82 -20.86
N TYR B 205 24.98 1.53 -22.14
CA TYR B 205 24.53 2.33 -23.27
C TYR B 205 23.36 1.63 -23.94
N LEU B 206 22.14 1.98 -23.54
CA LEU B 206 20.93 1.22 -23.82
C LEU B 206 20.10 1.86 -24.92
N VAL B 207 19.49 1.04 -25.77
CA VAL B 207 18.53 1.46 -26.80
C VAL B 207 17.12 1.01 -26.40
N SER B 208 16.16 1.94 -26.47
CA SER B 208 14.80 1.74 -25.99
C SER B 208 13.97 0.73 -26.79
N GLY B 209 14.19 0.62 -28.10
CA GLY B 209 13.40 -0.28 -28.94
C GLY B 209 12.00 0.25 -29.27
N GLY B 210 11.79 1.56 -29.16
CA GLY B 210 10.52 2.23 -29.45
C GLY B 210 10.72 3.73 -29.66
N THR B 211 9.84 4.35 -30.44
CA THR B 211 10.00 5.74 -30.92
C THR B 211 9.77 6.80 -29.83
N LYS B 212 8.98 6.49 -28.80
CA LYS B 212 8.73 7.32 -27.62
C LYS B 212 9.09 6.54 -26.36
N ILE B 213 9.58 7.21 -25.32
CA ILE B 213 9.93 6.56 -24.05
C ILE B 213 8.71 5.90 -23.43
N ASP B 214 8.90 4.80 -22.73
CA ASP B 214 7.88 4.20 -21.89
C ASP B 214 8.46 3.70 -20.57
N SER B 215 7.63 3.40 -19.58
CA SER B 215 8.15 3.09 -18.25
C SER B 215 8.95 1.79 -18.20
N ALA B 216 8.77 0.83 -19.10
CA ALA B 216 9.62 -0.35 -19.09
C ALA B 216 11.08 0.02 -19.37
N ASP B 217 11.33 1.05 -20.17
CA ASP B 217 12.67 1.58 -20.40
C ASP B 217 13.23 2.26 -19.17
N VAL B 218 12.44 3.12 -18.54
CA VAL B 218 12.82 3.79 -17.29
C VAL B 218 13.10 2.79 -16.18
N GLU B 219 12.24 1.79 -16.03
CA GLU B 219 12.35 0.75 -15.02
C GLU B 219 13.61 -0.10 -15.26
N MET B 220 13.88 -0.53 -16.50
CA MET B 220 15.09 -1.30 -16.76
C MET B 220 16.35 -0.47 -16.52
N ALA B 221 16.40 0.78 -16.95
CA ALA B 221 17.60 1.61 -16.79
C ALA B 221 17.93 1.85 -15.32
N ALA B 222 16.94 2.16 -14.47
CA ALA B 222 17.18 2.36 -13.06
C ALA B 222 17.66 1.08 -12.36
N ASP B 223 17.10 -0.07 -12.72
CA ASP B 223 17.54 -1.33 -12.14
C ASP B 223 18.89 -1.79 -12.66
N HIS B 224 19.26 -1.47 -13.89
CA HIS B 224 20.59 -1.72 -14.42
C HIS B 224 21.67 -0.95 -13.66
N ILE B 225 21.34 0.18 -13.03
CA ILE B 225 22.26 0.81 -12.06
C ILE B 225 22.20 0.04 -10.76
N ARG B 226 21.00 -0.09 -10.16
CA ARG B 226 20.83 -0.58 -8.79
C ARG B 226 21.25 -2.03 -8.56
N GLU B 227 21.40 -2.84 -9.59
CA GLU B 227 21.98 -4.17 -9.44
C GLU B 227 23.46 -4.14 -9.01
N HIS B 228 24.17 -3.03 -9.17
CA HIS B 228 25.59 -2.90 -8.81
C HIS B 228 25.83 -2.39 -7.39
N GLY B 229 24.79 -2.34 -6.56
CA GLY B 229 24.79 -1.48 -5.38
C GLY B 229 24.13 -0.17 -5.77
N TYR B 230 24.60 0.97 -5.25
CA TYR B 230 23.99 2.27 -5.57
C TYR B 230 22.49 2.36 -5.25
N THR B 231 21.97 1.57 -4.32
CA THR B 231 20.54 1.53 -4.03
C THR B 231 20.16 2.43 -2.87
N GLU B 232 18.87 2.71 -2.75
CA GLU B 232 18.33 3.60 -1.72
C GLU B 232 18.56 3.06 -0.30
N GLU B 233 18.67 1.74 -0.14
CA GLU B 233 19.09 1.08 1.09
C GLU B 233 20.52 1.45 1.49
N ASN B 234 21.39 1.69 0.52
CA ASN B 234 22.75 2.19 0.74
C ASN B 234 22.80 3.73 0.79
N GLY B 235 21.65 4.38 0.84
CA GLY B 235 21.55 5.83 1.03
C GLY B 235 21.78 6.66 -0.24
N THR B 236 21.82 6.06 -1.42
CA THR B 236 21.90 6.85 -2.66
C THR B 236 20.58 7.52 -3.00
N GLN B 237 20.66 8.48 -3.91
CA GLN B 237 19.56 8.94 -4.73
C GLN B 237 19.91 8.66 -6.19
N LEU B 238 18.95 8.28 -7.03
CA LEU B 238 19.11 8.27 -8.49
C LEU B 238 18.50 9.53 -9.06
N ILE B 239 19.18 10.15 -10.02
CA ILE B 239 18.74 11.32 -10.76
C ILE B 239 18.62 10.92 -12.23
N ALA B 240 17.63 11.44 -12.94
CA ALA B 240 17.51 11.34 -14.38
C ALA B 240 17.52 12.73 -14.99
N PHE B 241 18.50 13.01 -15.84
CA PHE B 241 18.59 14.24 -16.60
C PHE B 241 18.05 13.96 -17.99
N ALA B 242 17.04 14.71 -18.42
CA ALA B 242 16.32 14.47 -19.64
C ALA B 242 15.93 15.77 -20.34
N HIS B 243 15.67 15.68 -21.64
CA HIS B 243 15.10 16.77 -22.44
C HIS B 243 13.57 16.79 -22.31
N LYS B 244 12.94 17.96 -22.39
CA LYS B 244 11.49 18.09 -22.13
C LYS B 244 10.60 17.22 -23.00
N ALA B 245 11.02 16.85 -24.21
CA ALA B 245 10.24 15.91 -25.03
C ALA B 245 10.01 14.56 -24.34
N GLU B 246 10.97 14.07 -23.55
CA GLU B 246 10.81 12.84 -22.78
C GLU B 246 10.13 13.10 -21.44
N ILE B 247 10.43 14.20 -20.76
CA ILE B 247 9.75 14.51 -19.49
C ILE B 247 8.24 14.68 -19.68
N GLN B 248 7.80 15.29 -20.78
CA GLN B 248 6.38 15.41 -21.08
C GLN B 248 5.68 14.07 -21.30
N GLU B 249 6.40 12.99 -21.62
CA GLU B 249 5.88 11.63 -21.57
C GLU B 249 5.92 11.07 -20.16
N VAL B 250 7.06 11.15 -19.49
CA VAL B 250 7.29 10.52 -18.19
C VAL B 250 6.33 11.02 -17.13
N ARG B 251 6.02 12.32 -17.09
CA ARG B 251 5.09 12.84 -16.07
C ARG B 251 3.66 12.34 -16.21
N ARG B 252 3.29 11.72 -17.33
CA ARG B 252 1.97 11.11 -17.57
C ARG B 252 1.88 9.64 -17.15
N PHE B 253 2.96 9.00 -16.71
CA PHE B 253 2.92 7.60 -16.29
C PHE B 253 2.09 7.44 -15.00
N ARG B 254 1.15 6.49 -14.97
CA ARG B 254 0.27 6.19 -13.83
C ARG B 254 0.16 4.70 -13.60
N PHE B 255 0.15 4.28 -12.34
CA PHE B 255 0.22 2.88 -11.93
C PHE B 255 -0.85 2.01 -12.60
N GLY B 256 -0.44 0.91 -13.22
CA GLY B 256 -1.36 0.00 -13.89
C GLY B 256 -1.96 0.51 -15.21
N GLN B 257 -1.64 1.73 -15.64
CA GLN B 257 -2.10 2.31 -16.91
C GLN B 257 -1.07 2.15 -18.02
N THR B 258 -1.49 2.30 -19.27
CA THR B 258 -0.68 1.94 -20.45
C THR B 258 -0.02 3.15 -21.10
N ASN B 259 1.27 3.02 -21.39
CA ASN B 259 2.13 4.04 -21.99
C ASN B 259 2.31 3.79 -23.51
N ASN B 260 3.35 4.38 -24.10
CA ASN B 260 3.49 4.50 -25.54
C ASN B 260 3.65 3.20 -26.33
N ASN B 261 4.43 2.24 -25.84
CA ASN B 261 4.73 1.01 -26.58
C ASN B 261 3.99 -0.21 -26.01
N SER B 262 2.75 -0.01 -25.56
CA SER B 262 1.88 -0.98 -24.87
C SER B 262 2.37 -1.46 -23.50
N ALA B 263 3.42 -0.85 -22.95
CA ALA B 263 3.92 -1.11 -21.60
C ALA B 263 2.96 -0.57 -20.54
N VAL B 264 2.79 -1.29 -19.43
CA VAL B 264 1.99 -0.86 -18.28
C VAL B 264 2.90 -0.35 -17.17
N ALA B 265 2.57 0.78 -16.56
CA ALA B 265 3.44 1.41 -15.59
C ALA B 265 3.45 0.68 -14.25
N ASN B 266 4.61 0.25 -13.75
CA ASN B 266 4.72 -0.42 -12.46
C ASN B 266 4.78 0.55 -11.26
N TYR B 267 4.80 1.84 -11.55
CA TYR B 267 4.79 2.96 -10.61
C TYR B 267 4.02 4.11 -11.26
N ASP B 268 3.56 5.09 -10.50
CA ASP B 268 3.12 6.37 -11.03
C ASP B 268 4.22 7.45 -10.91
N PHE B 269 4.17 8.46 -11.77
CA PHE B 269 4.98 9.65 -11.59
C PHE B 269 4.36 10.53 -10.51
N VAL B 270 5.11 10.91 -9.47
CA VAL B 270 4.65 11.83 -8.44
C VAL B 270 5.38 13.14 -8.57
N GLN B 271 4.65 14.23 -8.79
CA GLN B 271 5.25 15.54 -8.98
C GLN B 271 5.77 16.13 -7.67
N SER B 272 6.80 16.97 -7.74
CA SER B 272 7.36 17.66 -6.58
C SER B 272 6.46 18.77 -6.04
N GLN B 273 6.72 19.20 -4.80
CA GLN B 273 6.21 20.49 -4.34
C GLN B 273 6.66 21.63 -5.27
N GLY B 274 5.82 22.63 -5.44
CA GLY B 274 6.08 23.76 -6.34
C GLY B 274 5.78 23.50 -7.83
N GLU B 275 5.43 22.28 -8.22
CA GLU B 275 4.79 22.03 -9.51
C GLU B 275 3.33 22.54 -9.51
N SER B 276 2.68 22.69 -10.68
CA SER B 276 1.28 23.11 -10.77
C SER B 276 0.35 22.10 -10.05
N PRO B 277 -0.65 22.51 -9.24
CA PRO B 277 -1.42 21.59 -8.42
C PRO B 277 -2.21 20.53 -9.21
N LEU B 278 -2.55 19.42 -8.55
CA LEU B 278 -3.21 18.26 -9.15
C LEU B 278 -4.34 17.72 -8.26
N TYR B 279 -5.50 17.37 -8.82
CA TYR B 279 -6.57 16.72 -8.07
C TYR B 279 -6.30 15.24 -7.86
N LEU B 280 -6.53 14.74 -6.63
CA LEU B 280 -6.33 13.36 -6.23
C LEU B 280 -7.66 12.68 -5.84
N PRO B 281 -7.82 11.37 -6.11
CA PRO B 281 -9.08 10.66 -5.84
C PRO B 281 -9.43 10.52 -4.35
N ASN B 282 -8.49 10.71 -3.44
CA ASN B 282 -8.64 10.38 -2.02
C ASN B 282 -8.19 11.54 -1.12
N ALA B 283 -8.84 11.76 0.01
CA ALA B 283 -8.49 12.82 0.96
C ALA B 283 -7.08 12.70 1.53
N ASP B 284 -6.58 11.49 1.77
CA ASP B 284 -5.17 11.27 2.12
C ASP B 284 -4.28 11.35 0.87
N GLY B 285 -4.80 10.91 -0.27
CA GLY B 285 -4.27 11.15 -1.61
C GLY B 285 -3.01 10.38 -1.97
N LEU B 286 -1.96 10.51 -1.16
CA LEU B 286 -0.62 10.01 -1.42
C LEU B 286 -0.17 9.08 -0.31
N LEU B 287 0.33 7.91 -0.68
CA LEU B 287 0.93 6.94 0.22
C LEU B 287 2.45 7.00 0.05
N GLY B 288 3.21 7.23 1.12
CA GLY B 288 4.62 7.64 1.03
C GLY B 288 4.81 9.15 0.94
N LYS B 289 6.05 9.61 0.76
CA LYS B 289 6.45 11.03 0.84
C LYS B 289 6.65 11.67 -0.55
N GLN B 290 6.11 12.87 -0.76
CA GLN B 290 6.23 13.61 -2.02
C GLN B 290 7.70 14.05 -2.31
N PRO B 291 8.19 13.98 -3.57
CA PRO B 291 9.56 14.34 -3.90
C PRO B 291 9.94 15.79 -3.58
N GLN B 292 11.20 16.01 -3.26
CA GLN B 292 11.77 17.35 -3.06
C GLN B 292 11.63 18.23 -4.31
N SER B 293 11.50 19.54 -4.11
CA SER B 293 11.35 20.52 -5.20
C SER B 293 12.67 20.82 -5.91
N MET B 294 13.78 20.73 -5.21
CA MET B 294 15.09 21.14 -5.67
C MET B 294 16.17 20.16 -5.22
N TRP B 295 17.11 19.83 -6.10
CA TRP B 295 18.26 18.97 -5.83
C TRP B 295 19.54 19.65 -6.29
N LYS B 296 20.53 19.82 -5.41
CA LYS B 296 21.84 20.41 -5.75
C LYS B 296 21.77 21.80 -6.41
N GLY B 297 20.68 22.53 -6.19
CA GLY B 297 20.35 23.81 -6.82
C GLY B 297 19.64 23.72 -8.18
N LEU B 298 19.42 22.53 -8.73
CA LEU B 298 18.59 22.28 -9.90
C LEU B 298 17.13 22.03 -9.50
N ARG B 299 16.18 22.20 -10.42
CA ARG B 299 14.75 22.04 -10.14
C ARG B 299 14.22 20.69 -10.60
N VAL B 300 13.52 20.02 -9.71
CA VAL B 300 13.04 18.65 -9.85
C VAL B 300 11.59 18.68 -10.30
N LYS B 301 11.26 17.94 -11.35
CA LYS B 301 9.88 17.82 -11.84
C LYS B 301 9.03 16.94 -10.93
N GLY B 302 9.60 15.82 -10.51
CA GLY B 302 8.97 14.82 -9.68
C GLY B 302 9.81 13.57 -9.63
N SER B 303 9.20 12.45 -9.31
CA SER B 303 9.87 11.16 -9.23
C SER B 303 9.08 10.04 -9.84
N TYR B 304 9.79 9.04 -10.40
CA TYR B 304 9.20 7.79 -10.93
C TYR B 304 10.12 6.65 -10.47
N ASP B 305 9.64 5.62 -9.77
CA ASP B 305 10.47 4.53 -9.21
C ASP B 305 11.57 5.03 -8.27
N ASP B 306 11.25 6.07 -7.50
CA ASP B 306 12.14 6.84 -6.62
C ASP B 306 13.31 7.57 -7.30
N VAL B 307 13.47 7.52 -8.62
CA VAL B 307 14.39 8.36 -9.40
C VAL B 307 13.86 9.78 -9.45
N LEU B 308 14.64 10.81 -9.14
CA LEU B 308 14.24 12.20 -9.38
C LEU B 308 14.44 12.56 -10.84
N TRP B 309 13.47 13.22 -11.46
CA TRP B 309 13.57 13.67 -12.85
C TRP B 309 13.82 15.17 -12.93
N ILE B 310 14.80 15.56 -13.73
CA ILE B 310 15.25 16.93 -13.91
C ILE B 310 15.24 17.26 -15.39
N GLU B 311 14.54 18.32 -15.76
CA GLU B 311 14.65 18.95 -17.07
C GLU B 311 16.04 19.56 -17.19
N GLU B 312 16.83 19.08 -18.14
CA GLU B 312 18.20 19.49 -18.31
C GLU B 312 18.41 20.06 -19.72
N PRO B 313 18.48 21.39 -19.89
CA PRO B 313 18.54 22.00 -21.20
C PRO B 313 19.78 21.64 -22.02
N THR B 314 20.87 21.18 -21.41
CA THR B 314 22.05 20.72 -22.16
C THR B 314 21.84 19.36 -22.83
N MET B 315 20.85 18.58 -22.39
CA MET B 315 20.64 17.21 -22.85
C MET B 315 20.13 17.16 -24.30
N PRO B 316 20.71 16.35 -25.20
CA PRO B 316 20.21 16.17 -26.56
C PRO B 316 18.85 15.47 -26.58
N ALA B 317 18.13 15.55 -27.69
CA ALA B 317 16.70 15.28 -27.72
C ALA B 317 16.32 13.86 -27.31
N GLY B 318 16.87 12.84 -27.96
CA GLY B 318 16.48 11.45 -27.77
C GLY B 318 17.20 10.71 -26.64
N TYR B 319 17.77 11.39 -25.65
CA TYR B 319 18.66 10.79 -24.66
C TYR B 319 18.23 11.11 -23.23
N VAL B 320 18.44 10.15 -22.33
CA VAL B 320 18.31 10.33 -20.88
C VAL B 320 19.58 9.82 -20.22
N LEU B 321 20.10 10.56 -19.24
CA LEU B 321 21.19 10.12 -18.37
C LEU B 321 20.62 9.80 -17.00
N PHE B 322 20.74 8.57 -16.56
CA PHE B 322 20.43 8.13 -15.21
C PHE B 322 21.73 8.08 -14.42
N LEU B 323 21.77 8.64 -13.22
CA LEU B 323 22.99 8.83 -12.46
C LEU B 323 22.79 8.60 -10.97
N ALA B 324 23.62 7.78 -10.35
CA ALA B 324 23.63 7.61 -8.90
C ALA B 324 24.38 8.74 -8.20
N THR B 325 23.92 9.16 -7.03
CA THR B 325 24.57 10.17 -6.22
C THR B 325 24.35 9.94 -4.73
N GLY B 326 25.29 10.34 -3.88
CA GLY B 326 25.26 10.11 -2.43
C GLY B 326 25.34 8.64 -2.04
N GLY B 327 25.24 8.34 -0.73
CA GLY B 327 25.20 6.98 -0.20
C GLY B 327 26.54 6.45 0.28
N THR B 328 26.73 5.13 0.35
CA THR B 328 28.01 4.52 0.74
C THR B 328 28.99 4.47 -0.43
N LEU B 329 28.59 3.86 -1.55
CA LEU B 329 29.16 4.15 -2.87
C LEU B 329 28.80 5.59 -3.26
N ALA B 330 29.34 6.13 -4.36
CA ALA B 330 28.88 7.39 -4.95
C ALA B 330 28.89 8.65 -4.06
N GLN B 331 29.72 8.69 -3.01
CA GLN B 331 30.13 9.94 -2.36
C GLN B 331 31.01 10.82 -3.26
N GLN B 332 31.69 10.21 -4.23
CA GLN B 332 32.55 10.83 -5.21
C GLN B 332 31.84 10.87 -6.57
N ASN B 333 31.87 12.01 -7.26
CA ASN B 333 31.13 12.25 -8.50
C ASN B 333 31.61 11.35 -9.65
N LEU B 334 30.87 11.31 -10.76
CA LEU B 334 31.07 10.28 -11.77
C LEU B 334 32.39 10.36 -12.53
N VAL B 335 32.80 11.56 -12.95
CA VAL B 335 33.95 11.77 -13.86
C VAL B 335 35.11 12.44 -13.12
N GLY B 336 36.32 11.92 -13.25
CA GLY B 336 37.50 12.57 -12.69
C GLY B 336 38.10 13.56 -13.66
N LEU B 337 38.39 14.79 -13.23
CA LEU B 337 39.22 15.75 -13.97
C LEU B 337 40.67 15.64 -13.54
N ARG B 338 41.52 15.11 -14.42
CA ARG B 338 42.96 15.12 -14.26
C ARG B 338 43.51 16.46 -14.72
N GLU B 339 44.40 17.04 -13.94
CA GLU B 339 45.17 18.24 -14.29
C GLU B 339 46.64 18.00 -13.96
N HIS B 340 47.55 18.81 -14.50
CA HIS B 340 48.98 18.58 -14.34
C HIS B 340 49.43 18.63 -12.88
N GLU B 341 50.39 17.80 -12.50
CA GLU B 341 50.83 17.67 -11.11
C GLU B 341 51.44 18.94 -10.50
N ASP B 342 51.97 19.83 -11.32
CA ASP B 342 52.63 21.07 -10.88
C ASP B 342 51.69 22.27 -11.02
N ALA B 343 51.46 23.01 -9.94
CA ALA B 343 50.52 24.12 -9.90
C ALA B 343 50.81 25.21 -10.93
N ALA B 344 52.06 25.37 -11.36
CA ALA B 344 52.45 26.28 -12.42
C ALA B 344 51.83 25.93 -13.79
N TRP B 345 51.34 24.71 -13.98
CA TRP B 345 50.75 24.22 -15.23
C TRP B 345 49.25 23.90 -15.12
N ARG B 346 48.63 24.12 -13.96
CA ARG B 346 47.18 24.02 -13.77
C ARG B 346 46.45 25.31 -14.11
N GLY B 347 45.16 25.21 -14.40
CA GLY B 347 44.29 26.33 -14.74
C GLY B 347 44.50 26.86 -16.16
N LEU B 348 43.65 27.82 -16.55
CA LEU B 348 43.79 28.57 -17.80
C LEU B 348 44.93 29.57 -17.68
N ARG B 349 45.90 29.51 -18.59
CA ARG B 349 47.14 30.30 -18.53
C ARG B 349 47.35 31.10 -19.81
N GLN B 350 47.93 32.30 -19.67
CA GLN B 350 48.30 33.15 -20.79
C GLN B 350 49.81 33.05 -21.04
N ILE B 351 50.20 32.86 -22.29
CA ILE B 351 51.60 32.67 -22.70
C ILE B 351 51.96 33.81 -23.69
N PRO B 352 53.08 34.54 -23.51
CA PRO B 352 53.31 35.83 -24.17
C PRO B 352 53.41 35.91 -25.70
N GLY B 353 53.55 34.82 -26.44
CA GLY B 353 53.55 34.85 -27.91
C GLY B 353 54.85 35.33 -28.57
N ASN B 354 55.17 34.78 -29.74
CA ASN B 354 56.50 34.96 -30.37
C ASN B 354 56.65 36.27 -31.15
N GLN B 355 55.55 36.90 -31.54
CA GLN B 355 55.53 38.16 -32.27
C GLN B 355 55.19 39.26 -31.28
N THR B 356 56.04 40.27 -31.14
CA THR B 356 56.14 40.98 -29.85
C THR B 356 55.61 42.42 -29.84
N ARG B 357 55.80 43.21 -30.89
CA ARG B 357 55.52 44.67 -30.83
C ARG B 357 55.23 45.34 -32.15
N TYR B 358 55.96 45.02 -33.20
CA TYR B 358 55.84 45.64 -34.52
C TYR B 358 56.49 44.72 -35.55
N PRO B 359 55.89 44.48 -36.72
CA PRO B 359 54.57 44.94 -37.14
C PRO B 359 53.42 44.10 -36.59
N LEU B 360 53.68 42.93 -36.03
CA LEU B 360 52.67 41.95 -35.63
C LEU B 360 52.85 41.57 -34.18
N ILE B 361 51.74 41.24 -33.51
CA ILE B 361 51.68 40.92 -32.10
C ILE B 361 50.88 39.63 -31.91
N ASP B 362 51.37 38.70 -31.10
CA ASP B 362 50.72 37.45 -30.71
C ASP B 362 50.49 37.37 -29.21
N SER B 363 49.49 36.61 -28.80
CA SER B 363 49.34 36.11 -27.43
C SER B 363 48.59 34.77 -27.46
N PHE B 364 48.86 33.88 -26.51
CA PHE B 364 48.27 32.55 -26.45
C PHE B 364 47.54 32.29 -25.14
N TYR B 365 46.48 31.51 -25.18
CA TYR B 365 45.84 30.91 -24.02
C TYR B 365 45.99 29.40 -24.09
N GLN B 366 46.36 28.77 -22.99
CA GLN B 366 46.47 27.33 -22.91
C GLN B 366 45.75 26.78 -21.67
N ARG B 367 45.07 25.65 -21.84
CA ARG B 367 44.65 24.81 -20.72
C ARG B 367 44.90 23.35 -21.06
N SER B 368 45.29 22.55 -20.07
CA SER B 368 45.47 21.12 -20.24
C SER B 368 44.88 20.34 -19.08
N PHE B 369 44.12 19.31 -19.42
CA PHE B 369 43.34 18.49 -18.50
C PHE B 369 42.88 17.22 -19.23
N GLY B 370 42.33 16.25 -18.52
CA GLY B 370 41.58 15.18 -19.17
C GLY B 370 40.66 14.44 -18.23
N THR B 371 39.92 13.49 -18.79
CA THR B 371 38.72 12.92 -18.15
C THR B 371 38.68 11.41 -18.27
N GLY B 372 38.21 10.75 -17.21
CA GLY B 372 37.91 9.31 -17.20
C GLY B 372 36.98 8.94 -16.05
N ILE B 373 36.34 7.77 -16.13
CA ILE B 373 35.37 7.26 -15.15
C ILE B 373 35.98 6.11 -14.34
N ARG B 374 35.84 6.14 -13.01
CA ARG B 374 36.11 4.98 -12.14
C ARG B 374 34.89 4.10 -11.93
N GLN B 375 33.77 4.70 -11.52
CA GLN B 375 32.52 4.03 -11.19
C GLN B 375 31.73 3.67 -12.45
N ARG B 376 32.17 2.65 -13.19
CA ARG B 376 31.60 2.30 -14.50
C ARG B 376 30.14 1.89 -14.49
N GLY B 377 29.62 1.51 -13.32
CA GLY B 377 28.22 1.18 -13.08
C GLY B 377 27.40 2.30 -12.45
N GLY B 378 27.98 3.48 -12.22
CA GLY B 378 27.35 4.58 -11.48
C GLY B 378 26.35 5.42 -12.28
N ALA B 379 26.17 5.14 -13.56
CA ALA B 379 25.22 5.83 -14.43
C ALA B 379 24.85 4.95 -15.63
N VAL B 380 23.75 5.27 -16.31
CA VAL B 380 23.27 4.61 -17.53
C VAL B 380 22.83 5.68 -18.50
N VAL B 381 23.10 5.48 -19.79
CA VAL B 381 22.59 6.33 -20.86
C VAL B 381 21.55 5.55 -21.64
N LEU B 382 20.35 6.09 -21.74
CA LEU B 382 19.26 5.51 -22.50
C LEU B 382 19.00 6.37 -23.73
N GLN B 383 19.02 5.76 -24.91
CA GLN B 383 18.67 6.39 -26.16
C GLN B 383 17.30 5.91 -26.62
N ILE B 384 16.41 6.84 -26.94
CA ILE B 384 15.09 6.58 -27.47
C ILE B 384 15.21 6.50 -29.00
N LYS B 385 15.33 5.28 -29.51
CA LYS B 385 15.26 4.94 -30.94
C LYS B 385 14.57 3.59 -31.08
N ALA B 386 14.01 3.32 -32.25
CA ALA B 386 13.16 2.17 -32.49
C ALA B 386 13.90 0.82 -32.62
N SER B 387 15.17 0.82 -33.04
CA SER B 387 15.93 -0.39 -33.38
C SER B 387 17.44 -0.13 -33.46
N GLY B 388 18.24 -1.20 -33.52
CA GLY B 388 19.68 -1.12 -33.76
C GLY B 388 20.53 -0.70 -32.55
N THR B 389 21.78 -0.36 -32.81
CA THR B 389 22.80 -0.02 -31.81
C THR B 389 22.72 1.43 -31.34
N TYR B 390 23.35 1.72 -30.20
CA TYR B 390 23.48 3.06 -29.64
C TYR B 390 24.31 3.99 -30.53
N ASP B 391 23.86 5.23 -30.71
CA ASP B 391 24.58 6.31 -31.41
C ASP B 391 25.08 7.33 -30.40
N ILE B 392 26.34 7.71 -30.46
CA ILE B 392 26.86 8.80 -29.64
C ILE B 392 26.23 10.12 -30.12
N PRO B 393 25.77 11.02 -29.23
CA PRO B 393 25.32 12.35 -29.62
C PRO B 393 26.37 13.13 -30.40
N THR B 394 26.05 13.69 -31.56
CA THR B 394 27.03 14.36 -32.44
C THR B 394 27.74 15.53 -31.76
N LYS B 395 27.03 16.25 -30.89
CA LYS B 395 27.60 17.33 -30.06
C LYS B 395 28.70 16.88 -29.09
N TRP B 396 28.87 15.59 -28.88
CA TRP B 396 29.76 14.98 -27.88
C TRP B 396 30.48 13.73 -28.41
N THR B 397 30.68 13.55 -29.72
CA THR B 397 31.65 12.56 -30.20
C THR B 397 33.06 13.04 -29.91
N ASN B 398 33.90 12.20 -29.32
CA ASN B 398 35.30 12.54 -29.12
C ASN B 398 36.02 12.70 -30.47
N GLY B 399 36.77 13.79 -30.63
CA GLY B 399 37.41 14.18 -31.89
C GLY B 399 36.50 14.91 -32.87
N GLY B 400 35.23 15.16 -32.54
CA GLY B 400 34.31 15.90 -33.41
C GLY B 400 34.48 17.42 -33.39
N GLY B 401 35.05 17.99 -32.34
CA GLY B 401 35.22 19.43 -32.16
C GLY B 401 35.59 19.80 -30.73
N PHE B 402 35.63 21.09 -30.42
CA PHE B 402 36.11 21.64 -29.13
C PHE B 402 35.09 22.59 -28.49
N GLU B 403 33.83 22.43 -28.85
CA GLU B 403 32.72 23.34 -28.56
C GLU B 403 31.38 22.60 -28.48
N ASN C 28 -23.00 59.48 -32.73
CA ASN C 28 -22.72 60.80 -32.11
C ASN C 28 -23.53 61.89 -32.79
N GLN C 29 -23.81 63.00 -32.09
CA GLN C 29 -24.70 64.06 -32.60
C GLN C 29 -23.97 65.15 -33.40
N GLY C 30 -22.89 65.71 -32.86
CA GLY C 30 -22.01 66.67 -33.56
C GLY C 30 -22.63 68.00 -34.00
N GLY C 31 -21.90 68.79 -34.79
CA GLY C 31 -22.30 70.13 -35.24
C GLY C 31 -22.11 71.25 -34.21
N TYR C 32 -22.49 72.48 -34.55
CA TYR C 32 -22.51 73.62 -33.63
C TYR C 32 -23.62 73.47 -32.60
N ASN C 33 -23.38 73.97 -31.40
CA ASN C 33 -24.42 74.19 -30.40
C ASN C 33 -25.13 75.52 -30.68
N THR C 34 -26.44 75.47 -30.82
CA THR C 34 -27.30 76.56 -31.29
C THR C 34 -28.43 76.84 -30.32
N ALA C 35 -28.95 78.07 -30.27
CA ALA C 35 -30.26 78.28 -29.68
C ALA C 35 -31.29 77.42 -30.43
N GLY C 36 -32.18 76.74 -29.72
CA GLY C 36 -32.96 75.63 -30.27
C GLY C 36 -32.45 74.26 -29.83
N ASP C 37 -31.17 74.12 -29.49
CA ASP C 37 -30.66 72.98 -28.72
C ASP C 37 -30.91 73.13 -27.21
N ILE C 38 -31.24 74.35 -26.77
CA ILE C 38 -31.69 74.63 -25.40
C ILE C 38 -33.19 74.33 -25.35
N LYS C 39 -33.57 73.20 -24.76
CA LYS C 39 -34.91 72.60 -24.93
C LYS C 39 -36.00 73.36 -24.17
N TYR C 40 -35.66 73.85 -22.99
CA TYR C 40 -36.51 74.68 -22.12
C TYR C 40 -35.65 75.33 -21.03
N LYS C 41 -36.16 76.35 -20.33
CA LYS C 41 -35.59 76.80 -19.04
C LYS C 41 -36.04 75.87 -17.90
N THR C 42 -37.32 75.51 -17.87
CA THR C 42 -37.90 74.50 -16.99
C THR C 42 -39.00 73.69 -17.70
N ALA C 43 -39.22 72.46 -17.26
CA ALA C 43 -40.41 71.68 -17.60
C ALA C 43 -41.02 71.14 -16.30
N ASP C 44 -42.32 71.32 -16.08
CA ASP C 44 -43.05 70.88 -14.89
C ASP C 44 -42.29 71.16 -13.57
N GLY C 45 -41.70 72.34 -13.47
CA GLY C 45 -40.98 72.83 -12.30
C GLY C 45 -39.53 72.37 -12.16
N VAL C 46 -39.00 71.57 -13.09
CA VAL C 46 -37.61 71.06 -13.07
C VAL C 46 -36.77 71.87 -14.04
N SER C 47 -35.65 72.45 -13.59
CA SER C 47 -34.79 73.27 -14.45
C SER C 47 -33.84 72.45 -15.29
N TYR C 48 -33.61 72.87 -16.54
CA TYR C 48 -32.67 72.23 -17.45
C TYR C 48 -31.24 72.31 -16.89
N ASP C 49 -30.92 73.41 -16.21
CA ASP C 49 -29.66 73.57 -15.48
C ASP C 49 -29.44 72.46 -14.44
N SER C 50 -30.44 72.13 -13.62
CA SER C 50 -30.29 71.10 -12.59
C SER C 50 -30.13 69.69 -13.16
N LEU C 51 -30.67 69.42 -14.35
CA LEU C 51 -30.43 68.17 -15.06
C LEU C 51 -28.97 68.08 -15.51
N TRP C 52 -28.45 69.09 -16.18
CA TRP C 52 -27.04 69.10 -16.58
C TRP C 52 -26.09 69.07 -15.39
N ASN C 53 -26.48 69.63 -14.25
CA ASN C 53 -25.67 69.58 -13.05
C ASN C 53 -25.42 68.15 -12.56
N LEU C 54 -26.28 67.17 -12.84
CA LEU C 54 -26.04 65.77 -12.47
C LEU C 54 -24.77 65.24 -13.13
N PHE C 55 -24.58 65.50 -14.42
CA PHE C 55 -23.51 64.98 -15.25
C PHE C 55 -22.18 65.74 -15.12
N SER C 56 -22.12 66.76 -14.28
CA SER C 56 -20.95 67.62 -14.12
C SER C 56 -19.69 66.91 -13.60
N ASN C 57 -19.83 65.81 -12.84
CA ASN C 57 -18.71 65.07 -12.25
C ASN C 57 -18.79 63.54 -12.42
N VAL C 58 -19.76 62.99 -13.15
CA VAL C 58 -19.89 61.54 -13.32
C VAL C 58 -18.70 60.94 -14.06
N THR C 59 -18.37 59.68 -13.77
CA THR C 59 -17.36 58.91 -14.49
C THR C 59 -17.89 57.50 -14.79
N ASP C 60 -17.72 57.01 -16.01
CA ASP C 60 -18.25 55.70 -16.39
C ASP C 60 -17.45 54.60 -15.70
N GLU C 61 -18.11 53.63 -15.09
CA GLU C 61 -17.43 52.53 -14.42
C GLU C 61 -16.62 51.67 -15.39
N TRP C 62 -17.01 51.59 -16.65
CA TRP C 62 -16.17 50.97 -17.68
C TRP C 62 -14.92 51.80 -17.97
N ASN C 63 -14.99 53.12 -17.95
CA ASN C 63 -13.80 53.94 -18.17
C ASN C 63 -12.83 53.84 -17.00
N LYS C 64 -13.31 53.63 -15.77
CA LYS C 64 -12.46 53.30 -14.62
C LYS C 64 -11.74 51.98 -14.81
N HIS C 65 -12.43 50.94 -15.29
CA HIS C 65 -11.79 49.67 -15.65
C HIS C 65 -10.76 49.84 -16.77
N LYS C 66 -11.11 50.49 -17.88
CA LYS C 66 -10.18 50.74 -19.00
C LYS C 66 -8.92 51.46 -18.53
N SER C 67 -9.06 52.45 -17.67
CA SER C 67 -7.91 53.15 -17.06
C SER C 67 -7.04 52.22 -16.24
N LYS C 68 -7.63 51.34 -15.42
CA LYS C 68 -6.91 50.32 -14.64
C LYS C 68 -6.15 49.35 -15.54
N MET C 69 -6.75 48.86 -16.61
CA MET C 69 -6.08 47.99 -17.58
C MET C 69 -4.89 48.69 -18.24
N VAL C 70 -5.03 49.93 -18.67
CA VAL C 70 -3.89 50.71 -19.17
C VAL C 70 -2.79 50.79 -18.11
N GLN C 71 -3.13 51.06 -16.86
CA GLN C 71 -2.15 51.21 -15.79
C GLN C 71 -1.37 49.91 -15.53
N LEU C 72 -2.02 48.74 -15.51
CA LEU C 72 -1.32 47.46 -15.31
C LEU C 72 -0.66 46.90 -16.58
N MET C 73 -0.78 47.56 -17.72
CA MET C 73 -0.29 47.05 -19.00
C MET C 73 0.70 47.97 -19.73
N THR C 74 1.06 49.10 -19.14
CA THR C 74 1.97 50.07 -19.77
C THR C 74 3.05 50.60 -18.85
N PHE C 75 4.14 51.10 -19.42
CA PHE C 75 5.18 51.86 -18.71
C PHE C 75 5.46 53.20 -19.41
N PRO C 76 5.82 54.26 -18.67
CA PRO C 76 6.20 55.54 -19.26
C PRO C 76 7.57 55.42 -19.94
N VAL C 77 7.62 55.64 -21.25
CA VAL C 77 8.87 55.55 -22.02
C VAL C 77 9.77 56.73 -21.71
N THR C 78 10.95 56.47 -21.16
CA THR C 78 12.03 57.45 -20.95
C THR C 78 13.04 57.50 -22.10
N ASN C 79 13.32 56.38 -22.75
CA ASN C 79 14.23 56.29 -23.90
C ASN C 79 13.44 56.04 -25.18
N GLN C 80 13.50 56.93 -26.16
CA GLN C 80 12.69 56.82 -27.39
C GLN C 80 13.16 55.69 -28.33
N THR C 81 14.32 55.08 -28.08
CA THR C 81 14.83 53.95 -28.87
C THR C 81 15.64 52.99 -28.00
N GLU C 82 15.57 51.71 -28.31
CA GLU C 82 16.23 50.60 -27.62
C GLU C 82 17.16 49.90 -28.59
N LYS C 83 18.39 49.57 -28.18
CA LYS C 83 19.36 48.80 -28.97
C LYS C 83 19.78 47.56 -28.19
N VAL C 84 19.71 46.38 -28.81
CA VAL C 84 20.01 45.09 -28.16
C VAL C 84 21.18 44.40 -28.87
N PRO C 85 22.41 44.53 -28.36
CA PRO C 85 23.59 43.97 -29.00
C PRO C 85 23.86 42.51 -28.63
N ARG C 86 24.62 41.83 -29.46
CA ARG C 86 25.16 40.49 -29.26
C ARG C 86 26.58 40.39 -29.79
N ILE C 87 27.32 39.40 -29.32
CA ILE C 87 28.72 39.12 -29.65
C ILE C 87 28.85 37.70 -30.17
N GLY C 88 29.63 37.48 -31.23
CA GLY C 88 29.95 36.12 -31.69
C GLY C 88 30.86 35.38 -30.70
N GLN C 89 31.12 34.10 -30.93
CA GLN C 89 31.96 33.30 -30.03
C GLN C 89 32.80 32.25 -30.76
N PHE C 90 33.85 31.76 -30.10
CA PHE C 90 34.85 30.84 -30.64
C PHE C 90 35.25 29.75 -29.63
N GLY C 91 35.98 28.73 -30.09
CA GLY C 91 36.48 27.62 -29.27
C GLY C 91 37.99 27.41 -29.32
N PHE C 92 38.50 26.57 -28.43
CA PHE C 92 39.90 26.14 -28.40
C PHE C 92 40.28 25.20 -29.57
N GLU C 93 41.57 24.89 -29.67
CA GLU C 93 42.19 23.96 -30.62
C GLU C 93 43.04 22.95 -29.84
N LYS C 94 43.24 21.72 -30.32
CA LYS C 94 44.19 20.79 -29.68
C LYS C 94 45.63 21.25 -29.91
N ALA C 95 46.43 21.38 -28.85
CA ALA C 95 47.79 21.87 -28.92
C ALA C 95 48.77 20.86 -29.57
N SER C 96 49.98 21.30 -29.86
CA SER C 96 51.04 20.51 -30.50
C SER C 96 52.42 20.89 -29.96
N GLU C 97 53.43 20.06 -30.22
CA GLU C 97 54.74 20.22 -29.64
C GLU C 97 55.56 21.36 -30.25
N PHE C 98 55.54 21.58 -31.57
CA PHE C 98 56.34 22.63 -32.21
C PHE C 98 55.51 23.85 -32.65
N GLY C 99 54.38 23.63 -33.31
CA GLY C 99 53.62 24.70 -33.98
C GLY C 99 52.83 25.61 -33.05
N VAL C 100 52.06 26.52 -33.62
CA VAL C 100 51.27 27.55 -32.91
C VAL C 100 49.80 27.56 -33.37
N PRO C 101 48.85 28.08 -32.58
CA PRO C 101 47.41 27.96 -32.87
C PRO C 101 46.93 28.83 -34.04
N GLU C 102 45.79 28.50 -34.62
CA GLU C 102 45.01 29.45 -35.40
C GLU C 102 44.51 30.60 -34.53
N SER C 103 44.40 31.78 -35.12
CA SER C 103 43.95 32.99 -34.42
C SER C 103 42.44 33.01 -34.30
N LYS C 104 41.88 33.67 -33.28
CA LYS C 104 40.44 33.86 -33.12
C LYS C 104 40.06 35.34 -33.12
N ARG C 105 38.90 35.65 -33.71
CA ARG C 105 38.26 36.97 -33.75
C ARG C 105 36.80 36.84 -33.33
N THR C 106 36.17 37.94 -32.97
CA THR C 106 34.71 38.01 -32.88
C THR C 106 34.21 39.39 -33.26
N GLU C 107 32.91 39.51 -33.55
CA GLU C 107 32.25 40.70 -34.08
C GLU C 107 30.96 40.98 -33.31
N LEU C 108 30.60 42.26 -33.20
CA LEU C 108 29.34 42.74 -32.65
C LEU C 108 28.25 42.86 -33.73
N SER C 109 27.00 42.74 -33.32
CA SER C 109 25.82 43.12 -34.10
C SER C 109 24.65 43.42 -33.17
N PHE C 110 23.61 44.09 -33.64
CA PHE C 110 22.46 44.48 -32.81
C PHE C 110 21.15 44.55 -33.61
N TYR C 111 20.02 44.40 -32.91
CA TYR C 111 18.72 44.91 -33.35
C TYR C 111 18.42 46.22 -32.64
N GLN C 112 17.42 46.96 -33.13
CA GLN C 112 16.88 48.11 -32.42
C GLN C 112 15.39 48.34 -32.68
N LEU C 113 14.72 48.94 -31.70
CA LEU C 113 13.27 49.10 -31.62
C LEU C 113 12.96 50.52 -31.17
N ALA C 114 11.85 51.08 -31.64
CA ALA C 114 11.39 52.39 -31.21
C ALA C 114 9.92 52.39 -30.79
N TYR C 115 9.47 53.50 -30.22
CA TYR C 115 8.09 53.72 -29.83
C TYR C 115 7.43 54.76 -30.73
N ASP C 116 6.24 54.46 -31.23
CA ASP C 116 5.44 55.37 -32.09
C ASP C 116 4.99 56.63 -31.35
N PHE C 117 4.55 57.66 -32.07
CA PHE C 117 3.96 58.87 -31.49
C PHE C 117 2.92 59.47 -32.44
N GLU C 118 1.79 59.92 -31.93
CA GLU C 118 0.68 60.47 -32.69
C GLU C 118 -0.11 61.51 -31.90
N ASP C 119 -0.82 62.38 -32.61
CA ASP C 119 -1.61 63.49 -32.06
C ASP C 119 -3.10 63.32 -32.34
N TYR C 120 -3.95 63.64 -31.37
CA TYR C 120 -5.40 63.48 -31.44
C TYR C 120 -6.13 64.72 -30.94
N ASP C 121 -7.20 65.12 -31.63
CA ASP C 121 -7.96 66.35 -31.44
C ASP C 121 -9.45 66.10 -31.22
N LEU C 122 -10.12 67.04 -30.57
CA LEU C 122 -11.57 67.09 -30.36
C LEU C 122 -12.01 68.58 -30.28
N ALA C 123 -13.24 68.93 -30.64
CA ALA C 123 -13.73 70.31 -30.55
C ALA C 123 -15.14 70.47 -29.98
N PHE C 124 -15.36 71.58 -29.29
CA PHE C 124 -16.69 72.14 -29.03
C PHE C 124 -16.86 73.45 -29.78
N ARG C 125 -17.98 73.61 -30.49
CA ARG C 125 -18.30 74.85 -31.20
C ARG C 125 -19.65 75.39 -30.77
N TYR C 126 -19.78 76.70 -30.63
CA TYR C 126 -20.99 77.37 -30.17
C TYR C 126 -21.37 78.53 -31.07
N THR C 127 -22.64 78.85 -31.13
CA THR C 127 -23.12 80.15 -31.62
C THR C 127 -23.18 81.15 -30.47
N TRP C 128 -23.13 82.44 -30.76
CA TRP C 128 -23.22 83.49 -29.74
C TRP C 128 -24.54 83.44 -28.96
N LYS C 129 -25.66 83.16 -29.65
CA LYS C 129 -26.97 82.96 -29.01
C LYS C 129 -26.97 81.80 -28.03
N PHE C 130 -26.36 80.68 -28.39
CA PHE C 130 -26.23 79.56 -27.46
C PHE C 130 -25.47 79.96 -26.20
N LEU C 131 -24.27 80.55 -26.29
CA LEU C 131 -23.53 80.92 -25.07
C LEU C 131 -24.22 81.98 -24.23
N ARG C 132 -25.05 82.83 -24.83
CA ARG C 132 -25.89 83.78 -24.10
C ARG C 132 -26.98 83.08 -23.28
N ASP C 133 -27.60 82.04 -23.84
CA ASP C 133 -28.86 81.48 -23.35
C ASP C 133 -28.74 80.11 -22.65
N ALA C 134 -27.67 79.36 -22.87
CA ALA C 134 -27.46 78.02 -22.33
C ALA C 134 -27.08 78.00 -20.83
N PRO C 135 -27.40 76.94 -20.08
CA PRO C 135 -26.99 76.79 -18.69
C PRO C 135 -25.50 76.46 -18.57
N SER C 136 -24.79 77.09 -17.63
CA SER C 136 -23.34 76.86 -17.45
C SER C 136 -23.00 75.41 -17.09
N SER C 137 -23.94 74.69 -16.46
CA SER C 137 -23.81 73.27 -16.18
C SER C 137 -23.66 72.41 -17.42
N GLN C 138 -24.19 72.81 -18.58
CA GLN C 138 -23.98 72.04 -19.81
C GLN C 138 -22.53 72.12 -20.27
N ILE C 139 -21.86 73.26 -20.09
CA ILE C 139 -20.46 73.41 -20.46
C ILE C 139 -19.57 72.54 -19.58
N LYS C 140 -19.81 72.51 -18.26
CA LYS C 140 -19.09 71.62 -17.35
C LYS C 140 -19.34 70.15 -17.66
N ALA C 141 -20.57 69.77 -18.02
CA ALA C 141 -20.86 68.41 -18.46
C ALA C 141 -20.11 68.05 -19.74
N TYR C 142 -19.99 68.98 -20.69
CA TYR C 142 -19.23 68.76 -21.95
C TYR C 142 -17.76 68.54 -21.64
N HIS C 143 -17.13 69.37 -20.81
CA HIS C 143 -15.73 69.23 -20.41
C HIS C 143 -15.47 67.86 -19.78
N ASN C 144 -16.33 67.44 -18.87
CA ASN C 144 -16.24 66.13 -18.25
C ASN C 144 -16.31 64.99 -19.30
N GLN C 145 -17.18 65.07 -20.29
CA GLN C 145 -17.26 64.05 -21.34
C GLN C 145 -16.04 64.03 -22.27
N ALA C 146 -15.37 65.15 -22.52
CA ALA C 146 -14.08 65.13 -23.23
C ALA C 146 -13.00 64.42 -22.41
N LEU C 147 -12.92 64.73 -21.13
CA LEU C 147 -12.01 64.08 -20.20
C LEU C 147 -12.29 62.57 -20.03
N GLN C 148 -13.52 62.10 -20.29
CA GLN C 148 -13.82 60.67 -20.43
C GLN C 148 -13.34 60.11 -21.77
N ALA C 149 -13.55 60.80 -22.88
CA ALA C 149 -13.17 60.34 -24.22
C ALA C 149 -11.65 60.16 -24.38
N ASP C 150 -10.87 60.87 -23.57
CA ASP C 150 -9.43 60.71 -23.43
C ASP C 150 -9.04 59.31 -22.90
N ALA C 151 -9.62 58.88 -21.77
CA ALA C 151 -9.34 57.58 -21.20
C ALA C 151 -9.73 56.41 -22.12
N LYS C 152 -10.81 56.59 -22.91
CA LYS C 152 -11.19 55.62 -23.94
C LYS C 152 -10.16 55.52 -25.05
N LEU C 153 -9.62 56.65 -25.50
CA LEU C 153 -8.61 56.72 -26.57
C LEU C 153 -7.34 55.97 -26.18
N ILE C 154 -6.78 56.26 -25.01
CA ILE C 154 -5.52 55.63 -24.57
C ILE C 154 -5.68 54.12 -24.49
N HIS C 155 -6.77 53.62 -23.91
CA HIS C 155 -7.03 52.18 -23.87
C HIS C 155 -7.08 51.54 -25.26
N ARG C 156 -7.77 52.14 -26.24
CA ARG C 156 -7.81 51.57 -27.59
C ARG C 156 -6.44 51.48 -28.21
N LYS C 157 -5.61 52.50 -28.05
CA LYS C 157 -4.26 52.55 -28.63
C LYS C 157 -3.27 51.66 -27.93
N VAL C 158 -3.43 51.40 -26.63
CA VAL C 158 -2.69 50.34 -25.94
C VAL C 158 -3.11 48.96 -26.44
N MET C 159 -4.39 48.67 -26.58
CA MET C 159 -4.82 47.36 -27.09
C MET C 159 -4.48 47.17 -28.56
N GLU C 160 -4.56 48.20 -29.40
CA GLU C 160 -4.06 48.14 -30.77
C GLU C 160 -2.57 47.77 -30.81
N ALA C 161 -1.75 48.26 -29.88
CA ALA C 161 -0.33 47.93 -29.87
C ALA C 161 -0.08 46.42 -29.70
N ILE C 162 -0.95 45.74 -28.97
CA ILE C 162 -0.85 44.31 -28.69
C ILE C 162 -1.51 43.48 -29.78
N PHE C 163 -2.74 43.80 -30.16
CA PHE C 163 -3.53 42.94 -31.04
C PHE C 163 -3.30 43.18 -32.53
N ASP C 164 -2.86 44.36 -32.94
CA ASP C 164 -2.59 44.64 -34.36
C ASP C 164 -1.21 44.10 -34.73
N ASN C 165 -1.16 42.99 -35.47
CA ASN C 165 0.06 42.21 -35.71
C ASN C 165 0.94 42.77 -36.85
N ARG C 166 0.95 44.10 -37.06
CA ARG C 166 1.66 44.76 -38.15
C ARG C 166 2.70 45.73 -37.63
N GLU C 167 3.85 45.80 -38.30
CA GLU C 167 4.89 46.78 -38.01
C GLU C 167 4.44 48.19 -38.39
N ARG C 168 5.06 49.18 -37.75
CA ARG C 168 4.88 50.61 -38.02
C ARG C 168 6.25 51.27 -38.11
N GLU C 169 6.33 52.49 -38.62
CA GLU C 169 7.55 53.29 -38.60
C GLU C 169 7.38 54.50 -37.70
N ALA C 170 8.46 54.88 -37.04
CA ALA C 170 8.60 56.15 -36.33
C ALA C 170 9.86 56.87 -36.79
N ASP C 171 9.86 58.19 -36.82
CA ASP C 171 11.08 58.98 -37.00
C ASP C 171 11.53 59.52 -35.65
N ILE C 172 12.77 59.27 -35.26
CA ILE C 172 13.38 59.85 -34.07
C ILE C 172 14.65 60.56 -34.52
N GLU C 173 14.77 61.87 -34.27
CA GLU C 173 15.84 62.71 -34.82
C GLU C 173 15.96 62.61 -36.35
N GLY C 174 14.83 62.41 -37.04
CA GLY C 174 14.74 62.26 -38.49
C GLY C 174 15.25 60.92 -39.03
N LEU C 175 15.85 60.06 -38.21
CA LEU C 175 16.16 58.68 -38.59
C LEU C 175 14.89 57.81 -38.47
N PRO C 176 14.55 57.01 -39.47
CA PRO C 176 13.42 56.09 -39.39
C PRO C 176 13.78 54.84 -38.59
N TYR C 177 12.87 54.39 -37.74
CA TYR C 177 12.97 53.17 -36.93
C TYR C 177 11.73 52.32 -37.10
N LYS C 178 11.89 51.01 -37.04
CA LYS C 178 10.78 50.06 -36.99
C LYS C 178 10.17 50.02 -35.58
N VAL C 179 8.85 50.08 -35.50
CA VAL C 179 8.05 49.91 -34.30
C VAL C 179 7.33 48.58 -34.39
N TYR C 180 7.42 47.77 -33.34
CA TYR C 180 7.05 46.37 -33.40
C TYR C 180 5.87 45.99 -32.50
N PRO C 181 5.02 45.05 -32.93
CA PRO C 181 4.11 44.30 -32.09
C PRO C 181 4.86 43.10 -31.46
N LEU C 182 4.18 42.05 -31.03
CA LEU C 182 4.82 40.78 -30.63
C LEU C 182 5.55 40.14 -31.83
N TYR C 183 6.26 39.03 -31.67
CA TYR C 183 6.82 38.31 -32.82
C TYR C 183 5.70 37.96 -33.80
N ASN C 184 5.85 38.30 -35.08
CA ASN C 184 4.75 38.29 -36.04
C ASN C 184 5.05 37.58 -37.36
N GLY C 185 6.01 36.66 -37.38
CA GLY C 185 6.43 35.96 -38.60
C GLY C 185 7.46 36.73 -39.42
N ASP C 186 8.01 37.80 -38.87
CA ASP C 186 9.02 38.64 -39.50
C ASP C 186 10.44 38.07 -39.36
N ASN C 187 11.42 38.75 -39.95
CA ASN C 187 12.81 38.30 -39.98
C ASN C 187 13.64 38.66 -38.73
N MET C 188 13.08 39.31 -37.70
CA MET C 188 13.77 39.49 -36.44
C MET C 188 13.86 38.15 -35.70
N ILE C 189 15.05 37.58 -35.59
CA ILE C 189 15.27 36.28 -34.93
C ILE C 189 15.28 36.48 -33.41
N PRO C 190 14.47 35.76 -32.62
CA PRO C 190 14.52 35.87 -31.18
C PRO C 190 15.90 35.51 -30.60
N PRO C 191 16.33 36.10 -29.48
CA PRO C 191 17.59 35.73 -28.85
C PRO C 191 17.63 34.24 -28.47
N GLU C 192 18.81 33.63 -28.49
CA GLU C 192 18.97 32.25 -27.99
C GLU C 192 18.68 32.18 -26.50
N TYR C 193 18.05 31.11 -26.04
CA TYR C 193 17.78 30.91 -24.61
C TYR C 193 17.94 29.46 -24.21
N ASN C 194 18.72 29.17 -23.16
CA ASN C 194 19.01 27.80 -22.71
C ASN C 194 19.44 26.89 -23.89
N GLY C 195 20.30 27.39 -24.76
CA GLY C 195 20.77 26.69 -25.96
C GLY C 195 19.74 26.56 -27.09
N THR C 196 18.47 26.87 -26.86
CA THR C 196 17.44 26.95 -27.91
C THR C 196 17.83 28.04 -28.89
N THR C 197 17.85 27.72 -30.17
CA THR C 197 18.11 28.69 -31.25
C THR C 197 16.89 28.78 -32.13
N PHE C 198 16.32 29.98 -32.24
CA PHE C 198 15.14 30.25 -33.05
C PHE C 198 15.51 30.63 -34.48
N SER C 199 14.56 30.47 -35.40
CA SER C 199 14.68 30.90 -36.79
C SER C 199 14.08 32.30 -37.02
N THR C 200 14.17 32.81 -38.24
CA THR C 200 13.22 33.82 -38.74
C THR C 200 11.82 33.22 -38.78
N GLY C 201 10.79 34.06 -38.88
CA GLY C 201 9.41 33.57 -39.00
C GLY C 201 8.78 33.12 -37.69
N HIS C 202 9.40 33.43 -36.55
CA HIS C 202 8.83 33.18 -35.24
C HIS C 202 7.59 34.04 -35.03
N ASN C 203 6.50 33.49 -34.48
CA ASN C 203 5.20 34.13 -34.47
C ASN C 203 4.40 33.84 -33.19
N HIS C 204 3.87 34.88 -32.56
CA HIS C 204 3.07 34.84 -31.34
C HIS C 204 1.59 35.19 -31.57
N TYR C 205 1.17 35.37 -32.82
CA TYR C 205 -0.24 35.52 -33.20
C TYR C 205 -0.73 34.18 -33.74
N LEU C 206 -1.41 33.41 -32.89
CA LEU C 206 -1.69 32.00 -33.08
C LEU C 206 -3.16 31.75 -33.39
N VAL C 207 -3.45 30.86 -34.33
CA VAL C 207 -4.80 30.37 -34.62
C VAL C 207 -4.96 28.95 -34.08
N SER C 208 -6.02 28.73 -33.31
CA SER C 208 -6.25 27.47 -32.59
C SER C 208 -6.44 26.26 -33.50
N GLY C 209 -6.95 26.44 -34.71
CA GLY C 209 -7.22 25.31 -35.62
C GLY C 209 -8.43 24.46 -35.20
N GLY C 210 -9.37 25.05 -34.47
CA GLY C 210 -10.59 24.42 -34.00
C GLY C 210 -11.58 25.45 -33.46
N THR C 211 -12.87 25.12 -33.49
CA THR C 211 -13.97 26.07 -33.21
C THR C 211 -14.12 26.42 -31.72
N LYS C 212 -13.64 25.53 -30.84
CA LYS C 212 -13.62 25.69 -29.37
C LYS C 212 -12.20 25.48 -28.86
N ILE C 213 -11.82 26.11 -27.75
CA ILE C 213 -10.45 26.06 -27.23
C ILE C 213 -10.07 24.66 -26.69
N ASP C 214 -8.89 24.15 -27.05
CA ASP C 214 -8.31 22.95 -26.47
C ASP C 214 -7.38 23.25 -25.31
N SER C 215 -7.18 22.27 -24.44
CA SER C 215 -6.00 22.25 -23.57
C SER C 215 -4.71 22.28 -24.39
N ALA C 216 -4.66 21.60 -25.53
CA ALA C 216 -3.49 21.61 -26.40
C ALA C 216 -3.11 23.03 -26.84
N ASP C 217 -4.10 23.87 -27.12
CA ASP C 217 -3.89 25.24 -27.53
C ASP C 217 -3.37 26.09 -26.37
N VAL C 218 -3.97 25.95 -25.20
CA VAL C 218 -3.51 26.65 -23.99
C VAL C 218 -2.07 26.27 -23.64
N GLU C 219 -1.76 24.99 -23.69
CA GLU C 219 -0.41 24.48 -23.42
C GLU C 219 0.59 25.04 -24.43
N MET C 220 0.28 24.99 -25.73
CA MET C 220 1.10 25.56 -26.79
C MET C 220 1.36 27.04 -26.56
N ALA C 221 0.32 27.83 -26.29
CA ALA C 221 0.45 29.26 -26.12
C ALA C 221 1.30 29.62 -24.91
N ALA C 222 1.13 28.97 -23.77
CA ALA C 222 1.96 29.24 -22.59
C ALA C 222 3.44 28.87 -22.84
N ASP C 223 3.71 27.76 -23.52
CA ASP C 223 5.07 27.37 -23.83
C ASP C 223 5.75 28.28 -24.84
N HIS C 224 5.02 28.84 -25.80
CA HIS C 224 5.55 29.88 -26.69
C HIS C 224 6.05 31.10 -25.93
N ILE C 225 5.49 31.43 -24.77
CA ILE C 225 6.06 32.47 -23.93
C ILE C 225 7.29 31.91 -23.24
N ARG C 226 7.16 30.81 -22.51
CA ARG C 226 8.20 30.28 -21.61
C ARG C 226 9.48 29.84 -22.31
N GLU C 227 9.47 29.62 -23.62
CA GLU C 227 10.69 29.30 -24.35
C GLU C 227 11.64 30.49 -24.48
N HIS C 228 11.21 31.72 -24.19
CA HIS C 228 12.03 32.95 -24.32
C HIS C 228 12.62 33.43 -22.99
N GLY C 229 12.73 32.58 -21.98
CA GLY C 229 12.77 33.02 -20.60
C GLY C 229 11.33 33.18 -20.12
N TYR C 230 11.04 34.19 -19.32
CA TYR C 230 9.69 34.39 -18.78
C TYR C 230 9.15 33.14 -18.08
N THR C 231 10.00 32.45 -17.33
CA THR C 231 9.62 31.23 -16.61
C THR C 231 9.34 31.47 -15.15
N GLU C 232 8.78 30.44 -14.51
CA GLU C 232 8.56 30.37 -13.08
C GLU C 232 9.90 30.32 -12.33
N GLU C 233 10.98 29.81 -12.95
CA GLU C 233 12.34 29.91 -12.41
C GLU C 233 12.88 31.35 -12.46
N ASN C 234 12.56 32.10 -13.52
CA ASN C 234 12.84 33.54 -13.58
C ASN C 234 11.96 34.35 -12.61
N GLY C 235 11.01 33.71 -11.91
CA GLY C 235 10.11 34.34 -10.97
C GLY C 235 8.86 34.96 -11.58
N THR C 236 8.56 34.71 -12.85
CA THR C 236 7.36 35.27 -13.49
C THR C 236 6.08 34.53 -13.12
N GLN C 237 4.96 35.22 -13.24
CA GLN C 237 3.61 34.66 -13.31
C GLN C 237 3.07 34.86 -14.72
N LEU C 238 2.49 33.84 -15.35
CA LEU C 238 1.69 34.02 -16.56
C LEU C 238 0.23 34.27 -16.21
N ILE C 239 -0.42 35.17 -16.94
CA ILE C 239 -1.85 35.47 -16.83
C ILE C 239 -2.49 35.21 -18.19
N ALA C 240 -3.69 34.67 -18.24
CA ALA C 240 -4.50 34.61 -19.44
C ALA C 240 -5.75 35.46 -19.25
N PHE C 241 -5.94 36.46 -20.10
CA PHE C 241 -7.14 37.27 -20.14
C PHE C 241 -8.03 36.76 -21.26
N ALA C 242 -9.26 36.42 -20.94
CA ALA C 242 -10.18 35.80 -21.89
C ALA C 242 -11.61 36.31 -21.70
N HIS C 243 -12.41 36.17 -22.75
CA HIS C 243 -13.85 36.31 -22.65
C HIS C 243 -14.48 35.11 -21.95
N LYS C 244 -15.58 35.28 -21.21
CA LYS C 244 -16.16 34.18 -20.41
C LYS C 244 -16.55 32.95 -21.23
N ALA C 245 -16.88 33.10 -22.51
CA ALA C 245 -17.17 31.95 -23.37
C ALA C 245 -16.02 30.94 -23.47
N GLU C 246 -14.77 31.40 -23.38
CA GLU C 246 -13.60 30.51 -23.37
C GLU C 246 -13.32 29.98 -21.97
N ILE C 247 -13.47 30.80 -20.92
CA ILE C 247 -13.31 30.32 -19.54
C ILE C 247 -14.30 29.19 -19.23
N GLN C 248 -15.53 29.24 -19.73
CA GLN C 248 -16.50 28.17 -19.55
C GLN C 248 -16.11 26.84 -20.23
N GLU C 249 -15.14 26.83 -21.14
CA GLU C 249 -14.47 25.61 -21.61
C GLU C 249 -13.29 25.25 -20.71
N VAL C 250 -12.39 26.19 -20.46
CA VAL C 250 -11.16 25.93 -19.73
C VAL C 250 -11.41 25.42 -18.32
N ARG C 251 -12.45 25.87 -17.63
CA ARG C 251 -12.76 25.37 -16.27
C ARG C 251 -13.03 23.86 -16.22
N ARG C 252 -13.33 23.22 -17.36
CA ARG C 252 -13.69 21.81 -17.46
C ARG C 252 -12.52 20.87 -17.80
N PHE C 253 -11.31 21.38 -17.99
CA PHE C 253 -10.15 20.55 -18.34
C PHE C 253 -9.66 19.72 -17.13
N ARG C 254 -9.72 18.38 -17.24
CA ARG C 254 -9.29 17.41 -16.21
C ARG C 254 -8.17 16.51 -16.71
N PHE C 255 -7.23 16.14 -15.85
CA PHE C 255 -5.97 15.51 -16.25
C PHE C 255 -6.21 14.18 -16.96
N GLY C 256 -5.63 14.01 -18.15
CA GLY C 256 -5.76 12.79 -18.94
C GLY C 256 -7.14 12.55 -19.53
N GLN C 257 -8.11 13.45 -19.34
CA GLN C 257 -9.43 13.38 -19.98
C GLN C 257 -9.45 14.14 -21.30
N THR C 258 -10.28 13.68 -22.23
CA THR C 258 -10.49 14.32 -23.54
C THR C 258 -11.30 15.61 -23.42
N ASN C 259 -11.00 16.61 -24.24
CA ASN C 259 -11.67 17.91 -24.30
C ASN C 259 -12.27 18.12 -25.71
N ASN C 260 -12.32 19.37 -26.15
CA ASN C 260 -12.63 19.76 -27.53
C ASN C 260 -11.61 19.21 -28.52
N ASN C 261 -12.02 19.04 -29.79
CA ASN C 261 -11.18 18.65 -30.92
C ASN C 261 -10.28 17.41 -30.67
N SER C 262 -10.74 16.49 -29.82
CA SER C 262 -10.02 15.29 -29.34
C SER C 262 -8.70 15.53 -28.57
N ALA C 263 -8.40 16.75 -28.14
CA ALA C 263 -7.25 17.02 -27.27
C ALA C 263 -7.38 16.35 -25.90
N VAL C 264 -6.28 15.97 -25.26
CA VAL C 264 -6.25 15.39 -23.90
C VAL C 264 -5.45 16.28 -22.97
N ALA C 265 -6.02 16.67 -21.84
CA ALA C 265 -5.44 17.70 -20.98
C ALA C 265 -4.24 17.19 -20.17
N ASN C 266 -3.07 17.80 -20.31
CA ASN C 266 -1.85 17.33 -19.63
C ASN C 266 -1.69 17.88 -18.20
N TYR C 267 -2.58 18.76 -17.79
CA TYR C 267 -2.73 19.37 -16.47
C TYR C 267 -4.24 19.46 -16.18
N ASP C 268 -4.67 19.89 -15.00
CA ASP C 268 -6.09 20.23 -14.80
C ASP C 268 -6.37 21.58 -14.18
N PHE C 269 -7.55 22.14 -14.50
CA PHE C 269 -7.94 23.45 -14.04
C PHE C 269 -8.28 23.40 -12.56
N VAL C 270 -7.57 24.16 -11.75
CA VAL C 270 -7.80 24.24 -10.31
C VAL C 270 -8.43 25.59 -10.01
N GLN C 271 -9.66 25.60 -9.50
CA GLN C 271 -10.35 26.84 -9.18
C GLN C 271 -9.69 27.57 -8.03
N SER C 272 -9.74 28.89 -8.03
CA SER C 272 -9.07 29.72 -7.02
C SER C 272 -9.74 29.59 -5.66
N GLN C 273 -9.07 30.08 -4.61
CA GLN C 273 -9.51 29.90 -3.22
C GLN C 273 -10.93 30.41 -2.92
N GLY C 274 -11.44 31.40 -3.66
CA GLY C 274 -12.75 32.01 -3.43
C GLY C 274 -13.90 31.42 -4.25
N GLU C 275 -13.65 30.62 -5.27
CA GLU C 275 -14.72 30.01 -6.08
C GLU C 275 -15.51 28.98 -5.24
N SER C 276 -16.83 28.86 -5.42
CA SER C 276 -17.68 28.07 -4.51
C SER C 276 -17.36 26.56 -4.53
N PRO C 277 -17.44 25.85 -3.39
CA PRO C 277 -17.13 24.43 -3.32
C PRO C 277 -17.91 23.54 -4.29
N LEU C 278 -19.16 23.86 -4.60
CA LEU C 278 -19.98 23.01 -5.49
C LEU C 278 -19.49 22.97 -6.94
N TYR C 279 -18.54 23.82 -7.34
CA TYR C 279 -17.86 23.74 -8.63
C TYR C 279 -16.67 22.76 -8.65
N LEU C 280 -16.16 22.29 -7.51
CA LEU C 280 -15.06 21.34 -7.47
C LEU C 280 -15.44 20.03 -8.19
N PRO C 281 -14.48 19.36 -8.85
CA PRO C 281 -14.74 18.12 -9.56
C PRO C 281 -14.97 16.94 -8.60
N ASN C 282 -15.26 15.76 -9.15
CA ASN C 282 -15.33 14.51 -8.39
C ASN C 282 -13.93 14.01 -7.96
N ALA C 283 -13.31 14.74 -7.05
CA ALA C 283 -12.03 14.47 -6.40
C ALA C 283 -12.16 14.69 -4.89
N ASP C 284 -11.14 14.37 -4.10
CA ASP C 284 -11.26 14.35 -2.64
C ASP C 284 -10.09 15.05 -1.93
N GLY C 285 -8.94 15.16 -2.60
CA GLY C 285 -7.80 15.94 -2.13
C GLY C 285 -7.15 16.70 -3.27
N LEU C 286 -6.43 17.77 -2.97
CA LEU C 286 -5.62 18.51 -3.91
C LEU C 286 -4.16 18.42 -3.49
N LEU C 287 -3.30 17.95 -4.39
CA LEU C 287 -1.86 17.99 -4.21
C LEU C 287 -1.36 19.39 -4.56
N GLY C 288 -0.84 20.12 -3.58
CA GLY C 288 -0.46 21.52 -3.75
C GLY C 288 -1.39 22.49 -3.03
N LYS C 289 -1.60 23.68 -3.60
CA LYS C 289 -2.33 24.81 -3.00
C LYS C 289 -3.21 25.49 -4.04
N GLN C 290 -4.43 25.91 -3.71
CA GLN C 290 -5.32 26.59 -4.68
C GLN C 290 -4.81 27.99 -5.04
N PRO C 291 -5.00 28.46 -6.28
CA PRO C 291 -4.59 29.80 -6.71
C PRO C 291 -5.20 30.91 -5.88
N GLN C 292 -4.51 32.04 -5.80
CA GLN C 292 -5.05 33.28 -5.23
C GLN C 292 -6.40 33.64 -5.84
N SER C 293 -7.30 34.17 -5.03
CA SER C 293 -8.65 34.57 -5.46
C SER C 293 -8.64 35.85 -6.31
N MET C 294 -7.66 36.71 -6.12
CA MET C 294 -7.61 38.03 -6.74
C MET C 294 -6.19 38.42 -7.14
N TRP C 295 -6.00 38.99 -8.33
CA TRP C 295 -4.72 39.47 -8.84
C TRP C 295 -4.87 40.90 -9.33
N LYS C 296 -4.05 41.84 -8.86
CA LYS C 296 -4.13 43.28 -9.18
C LYS C 296 -5.55 43.87 -9.02
N GLY C 297 -6.35 43.33 -8.12
CA GLY C 297 -7.75 43.73 -7.92
C GLY C 297 -8.77 43.15 -8.90
N LEU C 298 -8.36 42.32 -9.87
CA LEU C 298 -9.25 41.54 -10.73
C LEU C 298 -9.50 40.16 -10.10
N ARG C 299 -10.72 39.65 -10.17
CA ARG C 299 -11.06 38.29 -9.73
C ARG C 299 -10.38 37.26 -10.64
N VAL C 300 -9.80 36.23 -10.04
CA VAL C 300 -9.13 35.11 -10.75
C VAL C 300 -10.01 33.88 -10.67
N LYS C 301 -10.35 33.25 -11.80
CA LYS C 301 -11.20 32.05 -11.79
C LYS C 301 -10.48 30.81 -11.25
N GLY C 302 -9.23 30.64 -11.62
CA GLY C 302 -8.40 29.51 -11.25
C GLY C 302 -7.11 29.52 -12.04
N SER C 303 -6.48 28.37 -12.18
CA SER C 303 -5.29 28.24 -13.02
C SER C 303 -5.28 26.94 -13.80
N TYR C 304 -4.59 26.95 -14.92
CA TYR C 304 -4.25 25.76 -15.70
C TYR C 304 -2.78 25.86 -16.07
N ASP C 305 -1.97 24.81 -15.92
CA ASP C 305 -0.54 24.86 -16.29
C ASP C 305 0.21 26.03 -15.62
N ASP C 306 -0.18 26.32 -14.37
CA ASP C 306 0.26 27.47 -13.56
C ASP C 306 -0.01 28.88 -14.13
N VAL C 307 -0.74 29.00 -15.24
CA VAL C 307 -1.28 30.26 -15.78
C VAL C 307 -2.52 30.66 -14.99
N LEU C 308 -2.60 31.87 -14.43
CA LEU C 308 -3.86 32.34 -13.84
C LEU C 308 -4.85 32.75 -14.93
N TRP C 309 -6.10 32.33 -14.85
CA TRP C 309 -7.13 32.71 -15.82
C TRP C 309 -8.06 33.77 -15.25
N ILE C 310 -8.23 34.86 -16.00
CA ILE C 310 -8.97 36.05 -15.59
C ILE C 310 -9.99 36.39 -16.67
N GLU C 311 -11.25 36.57 -16.28
CA GLU C 311 -12.26 37.10 -17.18
C GLU C 311 -12.00 38.58 -17.41
N GLU C 312 -11.73 38.98 -18.64
CA GLU C 312 -11.46 40.38 -18.95
C GLU C 312 -12.69 41.01 -19.61
N PRO C 313 -13.36 41.99 -18.99
CA PRO C 313 -14.60 42.56 -19.49
C PRO C 313 -14.50 43.11 -20.91
N THR C 314 -13.35 43.67 -21.28
CA THR C 314 -13.16 44.29 -22.60
C THR C 314 -12.82 43.30 -23.71
N MET C 315 -12.43 42.06 -23.39
CA MET C 315 -11.90 41.10 -24.35
C MET C 315 -12.96 40.66 -25.39
N PRO C 316 -12.70 40.76 -26.70
CA PRO C 316 -13.60 40.24 -27.74
C PRO C 316 -13.72 38.72 -27.68
N ALA C 317 -14.81 38.16 -28.21
CA ALA C 317 -15.23 36.80 -27.88
C ALA C 317 -14.21 35.70 -28.20
N GLY C 318 -13.70 35.66 -29.43
CA GLY C 318 -12.86 34.57 -29.93
C GLY C 318 -11.38 34.63 -29.60
N TYR C 319 -10.94 35.40 -28.60
CA TYR C 319 -9.52 35.71 -28.37
C TYR C 319 -9.11 35.48 -26.93
N VAL C 320 -7.85 35.07 -26.72
CA VAL C 320 -7.18 35.02 -25.42
C VAL C 320 -5.85 35.75 -25.54
N LEU C 321 -5.51 36.58 -24.56
CA LEU C 321 -4.18 37.16 -24.43
C LEU C 321 -3.46 36.50 -23.27
N PHE C 322 -2.30 35.91 -23.51
CA PHE C 322 -1.42 35.38 -22.48
C PHE C 322 -0.30 36.37 -22.24
N LEU C 323 -0.01 36.73 -20.99
CA LEU C 323 0.94 37.77 -20.64
C LEU C 323 1.85 37.32 -19.50
N ALA C 324 3.16 37.48 -19.64
CA ALA C 324 4.10 37.29 -18.55
C ALA C 324 4.14 38.49 -17.60
N THR C 325 4.48 38.30 -16.33
CA THR C 325 4.55 39.38 -15.33
C THR C 325 5.60 39.09 -14.25
N GLY C 326 6.31 40.11 -13.77
CA GLY C 326 6.90 40.14 -12.43
C GLY C 326 8.20 39.38 -12.18
N GLY C 327 8.85 38.84 -13.20
CA GLY C 327 10.11 38.09 -13.03
C GLY C 327 11.34 38.96 -12.93
N THR C 328 12.50 38.41 -13.30
CA THR C 328 13.68 39.18 -13.71
C THR C 328 13.42 39.85 -15.07
N LEU C 329 13.07 39.07 -16.08
CA LEU C 329 12.38 39.53 -17.29
C LEU C 329 10.93 39.91 -16.92
N ALA C 330 10.28 40.72 -17.74
CA ALA C 330 8.89 41.17 -17.55
C ALA C 330 8.63 41.88 -16.21
N GLN C 331 9.67 42.45 -15.58
CA GLN C 331 9.51 43.26 -14.37
C GLN C 331 8.89 44.64 -14.64
N GLN C 332 8.94 45.11 -15.88
CA GLN C 332 8.17 46.25 -16.39
C GLN C 332 7.18 45.79 -17.45
N ASN C 333 6.04 46.49 -17.55
CA ASN C 333 4.85 46.05 -18.28
C ASN C 333 5.08 45.98 -19.80
N LEU C 334 4.16 45.35 -20.54
CA LEU C 334 4.38 44.99 -21.93
C LEU C 334 4.57 46.17 -22.90
N VAL C 335 3.72 47.21 -22.80
CA VAL C 335 3.62 48.27 -23.81
C VAL C 335 4.22 49.58 -23.31
N GLY C 336 5.09 50.23 -24.08
CA GLY C 336 5.60 51.56 -23.74
C GLY C 336 4.61 52.65 -24.16
N LEU C 337 4.36 53.63 -23.30
CA LEU C 337 3.68 54.89 -23.66
C LEU C 337 4.71 55.99 -23.88
N ARG C 338 4.95 56.36 -25.14
CA ARG C 338 5.75 57.51 -25.52
C ARG C 338 4.94 58.77 -25.39
N GLU C 339 5.54 59.80 -24.83
CA GLU C 339 4.99 61.15 -24.73
C GLU C 339 6.05 62.16 -25.16
N HIS C 340 5.63 63.39 -25.47
CA HIS C 340 6.55 64.41 -25.96
C HIS C 340 7.63 64.74 -24.91
N GLU C 341 8.83 65.08 -25.36
CA GLU C 341 9.95 65.40 -24.48
C GLU C 341 9.72 66.66 -23.62
N ASP C 342 8.95 67.63 -24.11
CA ASP C 342 8.63 68.88 -23.43
C ASP C 342 7.30 68.77 -22.67
N ALA C 343 7.30 69.10 -21.39
CA ALA C 343 6.11 69.07 -20.54
C ALA C 343 4.96 69.94 -21.06
N ALA C 344 5.26 71.00 -21.81
CA ALA C 344 4.24 71.84 -22.42
C ALA C 344 3.39 71.12 -23.48
N TRP C 345 3.82 69.95 -23.96
CA TRP C 345 3.13 69.14 -24.96
C TRP C 345 2.64 67.79 -24.43
N ARG C 346 2.76 67.54 -23.12
CA ARG C 346 2.24 66.35 -22.45
C ARG C 346 0.88 66.59 -21.78
N GLY C 347 0.16 65.52 -21.49
CA GLY C 347 -1.18 65.57 -20.90
C GLY C 347 -2.27 65.92 -21.91
N LEU C 348 -3.52 65.94 -21.43
CA LEU C 348 -4.66 66.50 -22.16
C LEU C 348 -4.64 68.03 -22.06
N ARG C 349 -4.68 68.73 -23.19
CA ARG C 349 -4.49 70.18 -23.27
C ARG C 349 -5.65 70.85 -23.96
N GLN C 350 -6.03 72.05 -23.52
CA GLN C 350 -7.02 72.89 -24.19
C GLN C 350 -6.35 73.97 -25.01
N ILE C 351 -6.74 74.09 -26.27
CA ILE C 351 -6.22 75.08 -27.22
C ILE C 351 -7.31 76.14 -27.45
N PRO C 352 -7.05 77.45 -27.36
CA PRO C 352 -8.06 78.50 -27.37
C PRO C 352 -8.99 78.65 -28.58
N GLY C 353 -8.83 77.87 -29.65
CA GLY C 353 -9.72 77.97 -30.81
C GLY C 353 -9.50 79.23 -31.66
N ASN C 354 -10.13 79.30 -32.83
CA ASN C 354 -9.90 80.37 -33.80
C ASN C 354 -11.17 80.95 -34.43
N GLN C 355 -12.33 80.67 -33.84
CA GLN C 355 -13.51 81.52 -33.88
C GLN C 355 -13.76 82.00 -32.46
N THR C 356 -13.85 83.31 -32.24
CA THR C 356 -13.48 83.89 -30.92
C THR C 356 -14.65 84.24 -30.01
N ARG C 357 -15.57 85.13 -30.43
CA ARG C 357 -16.69 85.56 -29.54
C ARG C 357 -17.99 85.94 -30.20
N TYR C 358 -18.00 86.25 -31.50
CA TYR C 358 -19.21 86.59 -32.24
C TYR C 358 -18.92 86.45 -33.74
N PRO C 359 -19.79 85.84 -34.56
CA PRO C 359 -21.03 85.16 -34.21
C PRO C 359 -20.82 83.72 -33.72
N LEU C 360 -19.63 83.16 -33.92
CA LEU C 360 -19.29 81.76 -33.64
C LEU C 360 -18.10 81.68 -32.69
N ILE C 361 -18.05 80.63 -31.88
CA ILE C 361 -17.00 80.38 -30.90
C ILE C 361 -16.54 78.95 -31.03
N ASP C 362 -15.25 78.66 -30.97
CA ASP C 362 -14.77 77.29 -30.81
C ASP C 362 -13.58 77.14 -29.85
N SER C 363 -13.35 75.90 -29.42
CA SER C 363 -12.26 75.49 -28.54
C SER C 363 -11.88 74.05 -28.88
N PHE C 364 -10.61 73.69 -28.69
CA PHE C 364 -10.10 72.36 -28.99
C PHE C 364 -9.47 71.71 -27.79
N TYR C 365 -9.58 70.39 -27.71
CA TYR C 365 -8.81 69.55 -26.80
C TYR C 365 -7.80 68.75 -27.63
N GLN C 366 -6.58 68.61 -27.15
CA GLN C 366 -5.56 67.79 -27.78
C GLN C 366 -4.88 66.86 -26.79
N ARG C 367 -4.60 65.64 -27.24
CA ARG C 367 -3.87 64.60 -26.53
C ARG C 367 -2.85 64.02 -27.49
N SER C 368 -1.60 63.88 -27.06
CA SER C 368 -0.54 63.30 -27.89
C SER C 368 0.21 62.22 -27.14
N PHE C 369 0.44 61.09 -27.77
CA PHE C 369 1.17 59.94 -27.23
C PHE C 369 1.37 58.89 -28.33
N GLY C 370 2.18 57.87 -28.09
CA GLY C 370 2.11 56.65 -28.91
C GLY C 370 2.68 55.43 -28.22
N THR C 371 2.59 54.30 -28.89
CA THR C 371 2.78 52.98 -28.28
C THR C 371 3.67 52.06 -29.11
N GLY C 372 4.51 51.26 -28.46
CA GLY C 372 5.30 50.18 -29.06
C GLY C 372 5.73 49.15 -28.03
N ILE C 373 6.08 47.93 -28.45
CA ILE C 373 6.45 46.82 -27.57
C ILE C 373 7.95 46.54 -27.66
N ARG C 374 8.64 46.50 -26.51
CA ARG C 374 10.05 46.07 -26.43
C ARG C 374 10.20 44.55 -26.27
N GLN C 375 9.49 43.97 -25.30
CA GLN C 375 9.50 42.54 -24.97
C GLN C 375 8.67 41.72 -25.96
N ARG C 376 9.08 41.60 -27.22
CA ARG C 376 8.27 40.98 -28.28
C ARG C 376 7.82 39.55 -28.01
N GLY C 377 8.48 38.84 -27.09
CA GLY C 377 8.15 37.46 -26.69
C GLY C 377 7.36 37.34 -25.39
N GLY C 378 7.12 38.44 -24.66
CA GLY C 378 6.52 38.44 -23.33
C GLY C 378 5.00 38.22 -23.28
N ALA C 379 4.35 38.02 -24.41
CA ALA C 379 2.92 37.75 -24.51
C ALA C 379 2.61 36.97 -25.79
N VAL C 380 1.44 36.33 -25.84
CA VAL C 380 0.92 35.58 -27.00
C VAL C 380 -0.54 35.94 -27.18
N VAL C 381 -1.00 36.11 -28.42
CA VAL C 381 -2.42 36.26 -28.71
C VAL C 381 -2.90 35.00 -29.41
N LEU C 382 -3.88 34.32 -28.83
CA LEU C 382 -4.50 33.12 -29.38
C LEU C 382 -5.91 33.46 -29.86
N GLN C 383 -6.21 33.16 -31.12
CA GLN C 383 -7.53 33.31 -31.70
C GLN C 383 -8.16 31.94 -31.90
N ILE C 384 -9.40 31.75 -31.46
CA ILE C 384 -10.16 30.51 -31.60
C ILE C 384 -10.95 30.59 -32.90
N LYS C 385 -10.44 29.94 -33.94
CA LYS C 385 -11.11 29.73 -35.24
C LYS C 385 -10.60 28.45 -35.88
N ALA C 386 -11.40 27.86 -36.76
CA ALA C 386 -11.14 26.53 -37.30
C ALA C 386 -9.96 26.46 -38.29
N SER C 387 -9.73 27.50 -39.09
CA SER C 387 -8.73 27.49 -40.17
C SER C 387 -8.40 28.90 -40.67
N GLY C 388 -7.31 29.03 -41.42
CA GLY C 388 -6.83 30.31 -41.98
C GLY C 388 -5.96 31.11 -41.01
N THR C 389 -5.51 32.29 -41.44
CA THR C 389 -4.59 33.16 -40.70
C THR C 389 -5.27 33.96 -39.59
N TYR C 390 -4.48 34.57 -38.71
CA TYR C 390 -4.94 35.44 -37.64
C TYR C 390 -5.72 36.64 -38.18
N ASP C 391 -6.81 37.03 -37.52
CA ASP C 391 -7.53 38.29 -37.75
C ASP C 391 -7.33 39.24 -36.59
N ILE C 392 -7.08 40.52 -36.86
CA ILE C 392 -7.07 41.52 -35.80
C ILE C 392 -8.53 41.73 -35.34
N PRO C 393 -8.86 41.80 -34.03
CA PRO C 393 -10.20 42.12 -33.59
C PRO C 393 -10.63 43.47 -34.15
N THR C 394 -11.83 43.57 -34.73
CA THR C 394 -12.28 44.78 -35.43
C THR C 394 -12.13 46.04 -34.56
N LYS C 395 -12.56 45.95 -33.29
CA LYS C 395 -12.46 46.99 -32.27
C LYS C 395 -11.05 47.47 -31.93
N TRP C 396 -10.00 46.77 -32.36
CA TRP C 396 -8.60 47.06 -32.07
C TRP C 396 -7.73 47.00 -33.33
N THR C 397 -8.29 47.24 -34.52
CA THR C 397 -7.51 47.54 -35.73
C THR C 397 -7.05 49.00 -35.74
N ASN C 398 -5.83 49.29 -36.19
CA ASN C 398 -5.44 50.65 -36.56
C ASN C 398 -6.33 51.20 -37.67
N GLY C 399 -6.65 52.49 -37.61
CA GLY C 399 -7.50 53.19 -38.57
C GLY C 399 -8.99 52.88 -38.49
N GLY C 400 -9.41 51.80 -37.82
CA GLY C 400 -10.81 51.41 -37.72
C GLY C 400 -11.69 52.39 -36.93
N GLY C 401 -11.08 53.20 -36.06
CA GLY C 401 -11.78 54.23 -35.30
C GLY C 401 -10.99 54.70 -34.08
N PHE C 402 -11.66 55.48 -33.25
CA PHE C 402 -11.21 55.92 -31.93
C PHE C 402 -12.41 55.79 -31.00
N GLU C 403 -12.25 55.27 -29.79
CA GLU C 403 -13.41 54.94 -28.96
C GLU C 403 -14.09 56.20 -28.43
N ASN D 28 -73.98 42.30 2.72
CA ASN D 28 -74.13 43.09 3.96
C ASN D 28 -75.60 43.30 4.30
N GLN D 29 -75.90 43.55 5.58
CA GLN D 29 -77.21 44.05 6.02
C GLN D 29 -77.22 45.58 6.06
N GLY D 30 -78.37 46.21 5.82
CA GLY D 30 -78.47 47.66 5.69
C GLY D 30 -79.82 48.26 6.07
N GLY D 31 -79.92 49.57 5.89
CA GLY D 31 -81.09 50.35 6.23
C GLY D 31 -81.11 50.86 7.66
N TYR D 32 -82.14 51.61 8.03
CA TYR D 32 -82.31 52.13 9.38
C TYR D 32 -82.39 50.99 10.39
N ASN D 33 -81.71 51.15 11.52
CA ASN D 33 -81.94 50.35 12.72
C ASN D 33 -83.24 50.81 13.37
N THR D 34 -84.09 49.88 13.80
CA THR D 34 -85.46 50.11 14.24
C THR D 34 -85.73 49.41 15.56
N ALA D 35 -86.64 49.90 16.39
CA ALA D 35 -87.27 49.02 17.36
C ALA D 35 -87.98 47.90 16.59
N GLY D 36 -87.70 46.64 16.93
CA GLY D 36 -87.92 45.50 16.05
C GLY D 36 -86.62 44.78 15.68
N ASP D 37 -85.49 45.49 15.65
CA ASP D 37 -84.15 44.90 15.59
C ASP D 37 -83.55 44.64 16.97
N ILE D 38 -84.06 45.29 18.01
CA ILE D 38 -83.55 45.15 19.37
C ILE D 38 -83.92 43.78 19.95
N LYS D 39 -82.96 43.12 20.58
CA LYS D 39 -83.13 41.94 21.42
C LYS D 39 -82.77 42.34 22.85
N TYR D 40 -83.54 41.89 23.84
CA TYR D 40 -83.42 42.36 25.22
C TYR D 40 -82.70 41.35 26.11
N LYS D 41 -83.30 40.17 26.29
CA LYS D 41 -82.75 39.07 27.09
C LYS D 41 -82.96 37.73 26.41
N THR D 42 -82.06 36.80 26.64
CA THR D 42 -82.19 35.40 26.24
C THR D 42 -83.30 34.71 27.03
N ALA D 43 -83.76 33.53 26.61
CA ALA D 43 -84.77 32.77 27.34
C ALA D 43 -84.34 32.41 28.78
N ASP D 44 -83.03 32.29 29.01
CA ASP D 44 -82.40 32.11 30.33
C ASP D 44 -81.86 33.42 30.95
N GLY D 45 -82.39 34.57 30.53
CA GLY D 45 -82.29 35.82 31.28
C GLY D 45 -80.96 36.58 31.16
N VAL D 46 -80.07 36.20 30.25
CA VAL D 46 -78.84 36.95 29.96
C VAL D 46 -79.18 38.17 29.11
N SER D 47 -78.71 39.35 29.48
CA SER D 47 -78.94 40.58 28.69
C SER D 47 -78.12 40.56 27.41
N TYR D 48 -78.74 40.89 26.27
CA TYR D 48 -78.01 41.02 25.01
C TYR D 48 -76.99 42.15 25.04
N ASP D 49 -77.15 43.16 25.89
CA ASP D 49 -76.11 44.15 26.12
C ASP D 49 -74.79 43.51 26.54
N SER D 50 -74.82 42.48 27.40
CA SER D 50 -73.60 41.79 27.82
C SER D 50 -72.94 41.01 26.68
N LEU D 51 -73.71 40.54 25.69
CA LEU D 51 -73.17 39.88 24.50
C LEU D 51 -72.56 40.91 23.54
N TRP D 52 -73.27 42.00 23.23
CA TRP D 52 -72.71 43.08 22.43
C TRP D 52 -71.47 43.71 23.09
N ASN D 53 -71.40 43.71 24.42
CA ASN D 53 -70.25 44.26 25.12
C ASN D 53 -68.95 43.53 24.78
N LEU D 54 -68.99 42.27 24.35
CA LEU D 54 -67.81 41.55 23.85
C LEU D 54 -67.25 42.23 22.59
N PHE D 55 -68.07 42.35 21.54
CA PHE D 55 -67.68 42.92 20.26
C PHE D 55 -67.41 44.43 20.30
N SER D 56 -67.83 45.10 21.37
CA SER D 56 -67.79 46.56 21.46
C SER D 56 -66.39 47.18 21.36
N ASN D 57 -65.33 46.44 21.67
CA ASN D 57 -63.98 47.01 21.79
C ASN D 57 -62.84 46.11 21.30
N VAL D 58 -63.10 44.86 20.94
CA VAL D 58 -62.06 43.90 20.55
C VAL D 58 -61.38 44.27 19.23
N THR D 59 -60.07 44.09 19.17
CA THR D 59 -59.30 44.09 17.91
C THR D 59 -59.40 42.72 17.24
N ASP D 60 -59.33 42.66 15.92
CA ASP D 60 -59.45 41.43 15.14
C ASP D 60 -58.11 41.07 14.49
N GLU D 61 -57.53 39.93 14.85
CA GLU D 61 -56.24 39.50 14.32
C GLU D 61 -56.24 39.30 12.79
N TRP D 62 -57.37 38.98 12.17
CA TRP D 62 -57.44 38.89 10.72
C TRP D 62 -57.30 40.26 10.05
N ASN D 63 -57.93 41.29 10.60
CA ASN D 63 -57.77 42.65 10.11
C ASN D 63 -56.44 43.29 10.53
N LYS D 64 -55.83 42.86 11.62
CA LYS D 64 -54.43 43.18 11.92
C LYS D 64 -53.49 42.61 10.86
N HIS D 65 -53.66 41.35 10.47
CA HIS D 65 -52.85 40.77 9.39
C HIS D 65 -52.98 41.57 8.09
N LYS D 66 -54.21 41.89 7.65
CA LYS D 66 -54.42 42.75 6.49
C LYS D 66 -53.72 44.11 6.61
N SER D 67 -53.75 44.72 7.78
CA SER D 67 -53.05 45.99 8.03
C SER D 67 -51.53 45.84 7.97
N LYS D 68 -50.97 44.73 8.44
CA LYS D 68 -49.53 44.45 8.31
C LYS D 68 -49.11 44.24 6.86
N MET D 69 -49.90 43.52 6.08
CA MET D 69 -49.66 43.40 4.65
C MET D 69 -49.60 44.78 3.99
N VAL D 70 -50.54 45.68 4.26
CA VAL D 70 -50.49 47.04 3.74
C VAL D 70 -49.20 47.75 4.12
N GLN D 71 -48.73 47.67 5.37
CA GLN D 71 -47.49 48.33 5.77
C GLN D 71 -46.28 47.86 4.97
N LEU D 72 -46.07 46.55 4.84
CA LEU D 72 -44.91 46.06 4.09
C LEU D 72 -45.07 46.21 2.57
N MET D 73 -46.28 46.45 2.07
CA MET D 73 -46.57 46.57 0.64
C MET D 73 -46.54 48.02 0.12
N THR D 74 -46.58 49.03 0.98
CA THR D 74 -46.82 50.42 0.60
C THR D 74 -45.81 51.41 1.14
N PHE D 75 -45.73 52.58 0.49
CA PHE D 75 -44.98 53.74 0.94
C PHE D 75 -45.81 55.02 0.78
N PRO D 76 -45.61 56.06 1.59
CA PRO D 76 -46.24 57.36 1.37
C PRO D 76 -45.65 58.05 0.13
N VAL D 77 -46.51 58.50 -0.79
CA VAL D 77 -46.08 59.14 -2.05
C VAL D 77 -45.21 60.36 -1.81
N THR D 78 -44.14 60.49 -2.59
CA THR D 78 -43.23 61.65 -2.64
C THR D 78 -42.85 61.95 -4.09
N ASN D 79 -42.43 63.18 -4.37
CA ASN D 79 -42.27 63.67 -5.74
C ASN D 79 -40.81 63.59 -6.20
N GLN D 80 -40.55 62.72 -7.18
CA GLN D 80 -39.23 62.50 -7.74
C GLN D 80 -39.36 62.05 -9.19
N THR D 81 -38.42 62.46 -10.05
CA THR D 81 -38.36 61.96 -11.44
C THR D 81 -38.13 60.45 -11.48
N GLU D 82 -38.36 59.83 -12.62
CA GLU D 82 -37.69 58.55 -12.90
C GLU D 82 -36.19 58.76 -13.06
N LYS D 83 -35.39 57.69 -13.12
CA LYS D 83 -33.95 57.79 -13.35
C LYS D 83 -33.71 58.46 -14.70
N VAL D 84 -32.98 59.57 -14.74
CA VAL D 84 -32.73 60.27 -16.00
C VAL D 84 -31.68 59.49 -16.83
N PRO D 85 -31.93 59.23 -18.11
CA PRO D 85 -31.02 58.43 -18.93
C PRO D 85 -29.68 59.12 -19.14
N ARG D 86 -28.62 58.33 -19.25
CA ARG D 86 -27.22 58.76 -19.37
C ARG D 86 -26.99 59.57 -20.67
N ILE D 87 -26.18 60.63 -20.62
CA ILE D 87 -26.05 61.60 -21.73
C ILE D 87 -25.24 61.16 -22.94
N GLY D 88 -24.66 59.96 -22.96
CA GLY D 88 -23.85 59.51 -24.11
C GLY D 88 -22.51 60.24 -24.23
N GLN D 89 -21.64 59.72 -25.09
CA GLN D 89 -20.19 59.93 -24.99
C GLN D 89 -19.55 60.38 -26.31
N PHE D 90 -18.45 61.11 -26.20
CA PHE D 90 -17.66 61.63 -27.32
C PHE D 90 -16.50 60.70 -27.70
N GLY D 91 -15.83 60.99 -28.82
CA GLY D 91 -14.56 60.40 -29.22
C GLY D 91 -13.65 61.41 -29.90
N PHE D 92 -12.35 61.29 -29.69
CA PHE D 92 -11.31 62.05 -30.39
C PHE D 92 -11.21 61.65 -31.87
N GLU D 93 -10.43 62.38 -32.64
CA GLU D 93 -9.98 62.00 -33.97
C GLU D 93 -8.49 62.25 -34.12
N LYS D 94 -7.84 61.60 -35.08
CA LYS D 94 -6.43 61.85 -35.39
C LYS D 94 -6.26 63.27 -35.92
N ALA D 95 -5.34 64.03 -35.34
CA ALA D 95 -5.05 65.40 -35.73
C ALA D 95 -4.43 65.52 -37.14
N SER D 96 -4.11 66.74 -37.55
CA SER D 96 -3.44 67.10 -38.80
C SER D 96 -2.69 68.41 -38.62
N GLU D 97 -1.75 68.74 -39.50
CA GLU D 97 -0.97 69.97 -39.38
C GLU D 97 -1.63 71.19 -40.03
N PHE D 98 -2.58 70.99 -40.94
CA PHE D 98 -3.37 72.07 -41.54
C PHE D 98 -4.80 72.17 -41.01
N GLY D 99 -5.57 71.08 -41.02
CA GLY D 99 -7.01 71.08 -40.73
C GLY D 99 -7.40 71.29 -39.27
N VAL D 100 -8.71 71.32 -39.02
CA VAL D 100 -9.35 71.38 -37.70
C VAL D 100 -10.34 70.23 -37.47
N PRO D 101 -10.52 69.77 -36.23
CA PRO D 101 -11.37 68.63 -35.90
C PRO D 101 -12.86 68.90 -36.06
N GLU D 102 -13.65 67.83 -36.09
CA GLU D 102 -15.08 67.90 -35.86
C GLU D 102 -15.68 68.23 -34.47
N SER D 103 -16.84 68.90 -34.50
CA SER D 103 -17.51 69.38 -33.30
C SER D 103 -18.29 68.29 -32.60
N LYS D 104 -18.35 68.31 -31.26
CA LYS D 104 -19.06 67.34 -30.42
C LYS D 104 -20.18 68.02 -29.63
N ARG D 105 -21.30 67.32 -29.48
CA ARG D 105 -22.56 67.79 -28.88
C ARG D 105 -23.32 66.63 -28.25
N THR D 106 -24.14 66.87 -27.23
CA THR D 106 -25.11 65.87 -26.73
C THR D 106 -26.32 66.51 -26.04
N GLU D 107 -27.35 65.74 -25.74
CA GLU D 107 -28.62 66.20 -25.18
C GLU D 107 -29.16 65.32 -24.04
N LEU D 108 -30.21 65.80 -23.37
CA LEU D 108 -30.70 65.28 -22.09
C LEU D 108 -32.24 65.37 -22.02
N SER D 109 -32.87 64.53 -21.19
CA SER D 109 -34.34 64.47 -20.98
C SER D 109 -34.69 63.77 -19.67
N PHE D 110 -35.95 63.84 -19.25
CA PHE D 110 -36.46 63.19 -18.04
C PHE D 110 -37.97 62.94 -18.12
N TYR D 111 -38.53 62.17 -17.19
CA TYR D 111 -39.97 61.99 -17.07
C TYR D 111 -40.41 61.68 -15.63
N GLN D 112 -41.71 61.68 -15.39
CA GLN D 112 -42.37 61.43 -14.12
C GLN D 112 -43.57 60.50 -14.26
N LEU D 113 -44.04 59.95 -13.14
CA LEU D 113 -45.26 59.16 -13.02
C LEU D 113 -46.12 59.68 -11.85
N ALA D 114 -47.44 59.49 -11.91
CA ALA D 114 -48.41 59.99 -10.94
C ALA D 114 -49.17 58.88 -10.20
N TYR D 115 -50.01 59.25 -9.23
CA TYR D 115 -50.78 58.33 -8.38
C TYR D 115 -52.24 58.74 -8.27
N ASP D 116 -53.14 57.78 -8.18
CA ASP D 116 -54.59 57.96 -8.10
C ASP D 116 -55.07 58.55 -6.77
N PHE D 117 -56.32 59.02 -6.69
CA PHE D 117 -57.00 59.42 -5.46
C PHE D 117 -58.52 59.27 -5.59
N GLU D 118 -59.19 58.80 -4.54
CA GLU D 118 -60.63 58.53 -4.55
C GLU D 118 -61.24 58.64 -3.15
N ASP D 119 -62.54 58.92 -3.06
CA ASP D 119 -63.30 59.08 -1.81
C ASP D 119 -64.32 57.98 -1.56
N TYR D 120 -64.45 57.54 -0.31
CA TYR D 120 -65.34 56.47 0.12
C TYR D 120 -66.08 56.83 1.41
N ASP D 121 -67.36 56.48 1.48
CA ASP D 121 -68.27 56.74 2.61
C ASP D 121 -68.91 55.48 3.18
N LEU D 122 -69.42 55.53 4.41
CA LEU D 122 -70.55 54.70 4.85
C LEU D 122 -71.45 55.48 5.81
N ALA D 123 -72.68 55.02 6.01
CA ALA D 123 -73.65 55.66 6.92
C ALA D 123 -74.19 54.70 7.98
N PHE D 124 -74.41 55.18 9.19
CA PHE D 124 -75.28 54.53 10.18
C PHE D 124 -76.55 55.34 10.37
N ARG D 125 -77.72 54.69 10.35
CA ARG D 125 -79.01 55.36 10.55
C ARG D 125 -79.84 54.66 11.60
N TYR D 126 -80.58 55.42 12.39
CA TYR D 126 -81.39 54.92 13.50
C TYR D 126 -82.74 55.62 13.54
N THR D 127 -83.79 54.95 13.99
CA THR D 127 -84.98 55.65 14.45
C THR D 127 -84.82 56.07 15.91
N TRP D 128 -85.60 57.03 16.37
CA TRP D 128 -85.54 57.53 17.73
C TRP D 128 -85.88 56.45 18.76
N LYS D 129 -86.82 55.56 18.43
CA LYS D 129 -87.16 54.39 19.25
C LYS D 129 -85.97 53.46 19.41
N PHE D 130 -85.20 53.22 18.34
CA PHE D 130 -84.00 52.43 18.43
C PHE D 130 -82.98 53.07 19.38
N LEU D 131 -82.65 54.34 19.23
CA LEU D 131 -81.70 54.98 20.14
C LEU D 131 -82.22 55.08 21.59
N ARG D 132 -83.53 55.07 21.82
CA ARG D 132 -84.13 55.02 23.15
C ARG D 132 -83.93 53.66 23.81
N ASP D 133 -84.19 52.58 23.08
CA ASP D 133 -84.34 51.24 23.64
C ASP D 133 -83.13 50.32 23.42
N ALA D 134 -82.27 50.56 22.43
CA ALA D 134 -81.15 49.68 22.09
C ALA D 134 -80.04 49.66 23.16
N PRO D 135 -79.35 48.53 23.37
CA PRO D 135 -78.23 48.44 24.29
C PRO D 135 -77.03 49.23 23.79
N SER D 136 -76.42 50.06 24.64
CA SER D 136 -75.35 50.99 24.21
C SER D 136 -74.13 50.28 23.63
N SER D 137 -73.86 49.05 24.05
CA SER D 137 -72.80 48.23 23.48
C SER D 137 -72.98 47.93 22.00
N GLN D 138 -74.21 47.91 21.46
CA GLN D 138 -74.43 47.71 20.04
C GLN D 138 -73.92 48.89 19.22
N ILE D 139 -74.05 50.11 19.73
CA ILE D 139 -73.53 51.30 19.08
C ILE D 139 -72.00 51.27 19.08
N LYS D 140 -71.37 50.95 20.21
CA LYS D 140 -69.90 50.81 20.26
C LYS D 140 -69.39 49.69 19.36
N ALA D 141 -70.11 48.58 19.24
CA ALA D 141 -69.80 47.54 18.28
C ALA D 141 -69.88 48.03 16.84
N TYR D 142 -70.89 48.83 16.47
CA TYR D 142 -71.01 49.43 15.13
C TYR D 142 -69.84 50.36 14.85
N HIS D 143 -69.39 51.16 15.81
CA HIS D 143 -68.23 52.02 15.67
C HIS D 143 -66.95 51.20 15.45
N ASN D 144 -66.72 50.16 16.24
CA ASN D 144 -65.61 49.24 16.04
C ASN D 144 -65.66 48.58 14.65
N GLN D 145 -66.83 48.19 14.17
CA GLN D 145 -66.95 47.60 12.84
C GLN D 145 -66.67 48.60 11.72
N ALA D 146 -66.94 49.89 11.87
CA ALA D 146 -66.51 50.90 10.89
C ALA D 146 -64.98 50.96 10.77
N LEU D 147 -64.26 50.91 11.89
CA LEU D 147 -62.80 50.86 11.88
C LEU D 147 -62.27 49.60 11.17
N GLN D 148 -62.94 48.46 11.31
CA GLN D 148 -62.58 47.27 10.52
C GLN D 148 -62.86 47.46 9.04
N ALA D 149 -63.97 48.08 8.65
CA ALA D 149 -64.28 48.34 7.25
C ALA D 149 -63.22 49.21 6.57
N ASP D 150 -62.64 50.18 7.28
CA ASP D 150 -61.52 51.00 6.81
C ASP D 150 -60.27 50.16 6.52
N ALA D 151 -59.88 49.25 7.41
CA ALA D 151 -58.74 48.36 7.18
C ALA D 151 -58.99 47.45 5.98
N LYS D 152 -60.18 46.87 5.85
CA LYS D 152 -60.58 46.04 4.70
C LYS D 152 -60.52 46.83 3.39
N LEU D 153 -60.94 48.09 3.39
CA LEU D 153 -60.95 48.96 2.23
C LEU D 153 -59.54 49.21 1.72
N ILE D 154 -58.64 49.66 2.58
CA ILE D 154 -57.28 49.98 2.19
C ILE D 154 -56.56 48.72 1.69
N HIS D 155 -56.68 47.60 2.39
CA HIS D 155 -56.11 46.33 1.92
C HIS D 155 -56.61 45.96 0.53
N ARG D 156 -57.91 46.02 0.27
CA ARG D 156 -58.41 45.72 -1.08
C ARG D 156 -57.84 46.65 -2.13
N LYS D 157 -57.83 47.95 -1.88
CA LYS D 157 -57.40 48.97 -2.85
C LYS D 157 -55.91 48.94 -3.11
N VAL D 158 -55.10 48.50 -2.16
CA VAL D 158 -53.68 48.20 -2.39
C VAL D 158 -53.52 46.92 -3.20
N MET D 159 -54.18 45.83 -2.86
CA MET D 159 -54.02 44.58 -3.60
C MET D 159 -54.51 44.68 -5.03
N GLU D 160 -55.60 45.37 -5.32
CA GLU D 160 -56.03 45.54 -6.70
C GLU D 160 -55.13 46.50 -7.49
N ALA D 161 -54.33 47.36 -6.85
CA ALA D 161 -53.31 48.12 -7.57
C ALA D 161 -52.21 47.22 -8.15
N ILE D 162 -51.91 46.11 -7.48
CA ILE D 162 -50.93 45.12 -7.90
C ILE D 162 -51.56 44.13 -8.87
N PHE D 163 -52.72 43.56 -8.54
CA PHE D 163 -53.31 42.46 -9.30
C PHE D 163 -54.19 42.87 -10.47
N ASP D 164 -54.75 44.07 -10.51
CA ASP D 164 -55.52 44.55 -11.67
C ASP D 164 -54.57 45.11 -12.72
N ASN D 165 -54.43 44.42 -13.85
CA ASN D 165 -53.41 44.71 -14.85
C ASN D 165 -53.77 45.83 -15.83
N ARG D 166 -54.75 46.69 -15.52
CA ARG D 166 -55.25 47.74 -16.40
C ARG D 166 -54.70 49.12 -16.03
N GLU D 167 -54.31 49.90 -17.03
CA GLU D 167 -53.90 51.30 -16.89
C GLU D 167 -55.10 52.16 -16.47
N ARG D 168 -54.91 53.08 -15.52
CA ARG D 168 -55.97 53.97 -15.01
C ARG D 168 -55.67 55.43 -15.33
N GLU D 169 -56.68 56.17 -15.75
CA GLU D 169 -56.63 57.63 -15.82
C GLU D 169 -56.90 58.26 -14.44
N ALA D 170 -56.25 59.37 -14.14
CA ALA D 170 -56.53 60.19 -12.96
C ALA D 170 -56.52 61.67 -13.36
N ASP D 171 -57.39 62.50 -12.81
CA ASP D 171 -57.31 63.94 -13.01
C ASP D 171 -56.78 64.61 -11.75
N ILE D 172 -55.73 65.41 -11.88
CA ILE D 172 -55.10 66.10 -10.77
C ILE D 172 -55.00 67.58 -11.13
N GLU D 173 -55.57 68.46 -10.32
CA GLU D 173 -55.70 69.88 -10.62
C GLU D 173 -56.29 70.16 -12.01
N GLY D 174 -57.23 69.32 -12.44
CA GLY D 174 -57.94 69.44 -13.72
C GLY D 174 -57.21 68.91 -14.95
N LEU D 175 -55.96 68.46 -14.81
CA LEU D 175 -55.16 67.85 -15.88
C LEU D 175 -55.25 66.33 -15.83
N PRO D 176 -55.34 65.62 -16.97
CA PRO D 176 -55.30 64.16 -16.99
C PRO D 176 -53.88 63.61 -16.83
N TYR D 177 -53.78 62.46 -16.17
CA TYR D 177 -52.57 61.67 -15.94
C TYR D 177 -52.90 60.20 -16.12
N LYS D 178 -51.88 59.36 -16.39
CA LYS D 178 -52.07 57.89 -16.59
C LYS D 178 -51.13 57.14 -15.63
N VAL D 179 -51.67 56.60 -14.53
CA VAL D 179 -50.88 55.78 -13.55
C VAL D 179 -50.81 54.37 -14.17
N TYR D 180 -49.93 53.48 -13.69
CA TYR D 180 -49.75 52.13 -14.27
C TYR D 180 -49.63 51.07 -13.16
N PRO D 181 -49.87 49.76 -13.41
CA PRO D 181 -49.64 48.70 -12.42
C PRO D 181 -48.23 48.16 -12.70
N LEU D 182 -47.99 46.84 -12.84
CA LEU D 182 -46.71 46.30 -13.31
C LEU D 182 -46.63 46.32 -14.83
N TYR D 183 -45.50 45.97 -15.47
CA TYR D 183 -45.46 45.90 -16.93
C TYR D 183 -46.55 44.96 -17.47
N ASN D 184 -47.29 45.35 -18.50
CA ASN D 184 -48.57 44.71 -18.82
C ASN D 184 -48.88 44.62 -20.32
N GLY D 185 -47.85 44.59 -21.18
CA GLY D 185 -48.05 44.47 -22.62
C GLY D 185 -48.30 45.80 -23.34
N ASP D 186 -48.04 46.92 -22.68
CA ASP D 186 -48.13 48.26 -23.22
C ASP D 186 -46.82 48.70 -23.92
N ASN D 187 -46.80 49.92 -24.45
CA ASN D 187 -45.66 50.47 -25.19
C ASN D 187 -44.56 51.09 -24.31
N MET D 188 -44.66 51.01 -22.99
CA MET D 188 -43.63 51.55 -22.09
C MET D 188 -42.43 50.60 -22.03
N ILE D 189 -41.34 50.93 -22.72
CA ILE D 189 -40.14 50.08 -22.82
C ILE D 189 -39.36 50.10 -21.49
N PRO D 190 -39.07 48.95 -20.86
CA PRO D 190 -38.22 48.89 -19.69
C PRO D 190 -36.79 49.38 -19.98
N PRO D 191 -36.08 49.99 -19.01
CA PRO D 191 -34.70 50.41 -19.22
C PRO D 191 -33.76 49.24 -19.53
N GLU D 192 -32.73 49.46 -20.34
CA GLU D 192 -31.61 48.51 -20.50
C GLU D 192 -30.91 48.24 -19.16
N TYR D 193 -30.50 47.01 -18.92
CA TYR D 193 -29.66 46.64 -17.78
C TYR D 193 -28.60 45.62 -18.19
N ASN D 194 -27.36 45.80 -17.78
CA ASN D 194 -26.26 44.84 -17.97
C ASN D 194 -26.16 44.30 -19.42
N GLY D 195 -26.43 45.15 -20.41
CA GLY D 195 -26.47 44.82 -21.82
C GLY D 195 -27.78 44.21 -22.32
N THR D 196 -28.61 43.59 -21.47
CA THR D 196 -29.94 43.12 -21.91
C THR D 196 -30.91 44.28 -22.08
N THR D 197 -31.67 44.25 -23.18
CA THR D 197 -32.44 45.38 -23.71
C THR D 197 -33.82 44.90 -24.13
N PHE D 198 -34.86 45.71 -23.90
CA PHE D 198 -36.25 45.25 -23.88
C PHE D 198 -37.08 45.91 -24.98
N SER D 199 -38.07 45.20 -25.50
CA SER D 199 -39.02 45.70 -26.50
C SER D 199 -40.22 46.39 -25.86
N THR D 200 -41.11 46.95 -26.67
CA THR D 200 -42.50 47.16 -26.29
C THR D 200 -43.20 45.82 -26.02
N GLY D 201 -44.37 45.84 -25.37
CA GLY D 201 -45.15 44.64 -25.11
C GLY D 201 -44.60 43.77 -23.99
N HIS D 202 -43.63 44.27 -23.22
CA HIS D 202 -43.07 43.58 -22.06
C HIS D 202 -44.12 43.46 -20.95
N ASN D 203 -44.10 42.37 -20.19
CA ASN D 203 -45.24 41.93 -19.38
C ASN D 203 -44.79 41.25 -18.07
N HIS D 204 -45.58 41.39 -17.02
CA HIS D 204 -45.37 40.82 -15.68
C HIS D 204 -46.60 40.12 -15.13
N TYR D 205 -47.64 39.94 -15.95
CA TYR D 205 -48.84 39.17 -15.63
C TYR D 205 -48.81 37.89 -16.46
N LEU D 206 -48.31 36.82 -15.84
CA LEU D 206 -47.89 35.60 -16.54
C LEU D 206 -48.89 34.47 -16.33
N VAL D 207 -49.18 33.70 -17.37
CA VAL D 207 -49.96 32.47 -17.28
C VAL D 207 -49.03 31.27 -17.38
N SER D 208 -49.19 30.32 -16.47
CA SER D 208 -48.27 29.19 -16.30
C SER D 208 -48.27 28.17 -17.44
N GLY D 209 -49.38 28.02 -18.17
CA GLY D 209 -49.49 27.03 -19.25
C GLY D 209 -49.68 25.59 -18.76
N GLY D 210 -50.19 25.43 -17.54
CA GLY D 210 -50.42 24.13 -16.90
C GLY D 210 -51.29 24.28 -15.66
N THR D 211 -51.95 23.21 -15.26
CA THR D 211 -53.00 23.23 -14.21
C THR D 211 -52.43 23.30 -12.78
N LYS D 212 -51.15 22.96 -12.60
CA LYS D 212 -50.42 22.88 -11.34
C LYS D 212 -49.05 23.51 -11.53
N ILE D 213 -48.49 24.19 -10.52
CA ILE D 213 -47.24 24.94 -10.65
C ILE D 213 -46.01 24.03 -10.92
N ASP D 214 -45.11 24.46 -11.80
CA ASP D 214 -43.81 23.83 -12.05
C ASP D 214 -42.65 24.59 -11.39
N SER D 215 -41.52 23.90 -11.20
CA SER D 215 -40.25 24.59 -11.03
C SER D 215 -39.92 25.48 -12.22
N ALA D 216 -40.29 25.09 -13.44
CA ALA D 216 -40.12 25.91 -14.62
C ALA D 216 -40.85 27.26 -14.50
N ASP D 217 -42.06 27.28 -13.96
CA ASP D 217 -42.83 28.49 -13.78
C ASP D 217 -42.23 29.39 -12.72
N VAL D 218 -41.79 28.81 -11.61
CA VAL D 218 -41.13 29.53 -10.52
C VAL D 218 -39.82 30.15 -10.98
N GLU D 219 -39.02 29.43 -11.76
CA GLU D 219 -37.76 29.92 -12.29
C GLU D 219 -38.00 31.01 -13.34
N MET D 220 -38.95 30.82 -14.26
CA MET D 220 -39.38 31.84 -15.21
C MET D 220 -39.76 33.14 -14.49
N ALA D 221 -40.69 33.08 -13.54
CA ALA D 221 -41.21 34.27 -12.88
C ALA D 221 -40.13 35.02 -12.10
N ALA D 222 -39.27 34.33 -11.35
CA ALA D 222 -38.19 34.99 -10.63
C ALA D 222 -37.14 35.63 -11.57
N ASP D 223 -36.84 34.99 -12.69
CA ASP D 223 -35.93 35.58 -13.68
C ASP D 223 -36.55 36.75 -14.43
N HIS D 224 -37.86 36.75 -14.66
CA HIS D 224 -38.57 37.89 -15.24
C HIS D 224 -38.48 39.13 -14.35
N ILE D 225 -38.38 38.98 -13.03
CA ILE D 225 -37.98 40.09 -12.16
C ILE D 225 -36.51 40.40 -12.39
N ARG D 226 -35.63 39.42 -12.13
CA ARG D 226 -34.18 39.62 -12.00
C ARG D 226 -33.47 40.12 -13.26
N GLU D 227 -34.08 40.00 -14.44
CA GLU D 227 -33.54 40.62 -15.65
C GLU D 227 -33.49 42.16 -15.57
N HIS D 228 -34.26 42.79 -14.69
CA HIS D 228 -34.31 44.25 -14.52
C HIS D 228 -33.32 44.78 -13.47
N GLY D 229 -32.35 43.98 -13.05
CA GLY D 229 -31.66 44.21 -11.79
C GLY D 229 -32.44 43.50 -10.69
N TYR D 230 -32.61 44.10 -9.52
CA TYR D 230 -33.32 43.42 -8.41
C TYR D 230 -32.73 42.06 -8.02
N THR D 231 -31.43 41.84 -8.26
CA THR D 231 -30.79 40.54 -8.03
C THR D 231 -30.09 40.46 -6.69
N GLU D 232 -29.74 39.25 -6.29
CA GLU D 232 -29.12 38.94 -5.02
C GLU D 232 -27.71 39.54 -4.89
N GLU D 233 -26.99 39.74 -6.00
CA GLU D 233 -25.69 40.42 -6.00
C GLU D 233 -25.86 41.94 -5.80
N ASN D 234 -26.96 42.49 -6.32
CA ASN D 234 -27.42 43.84 -6.01
C ASN D 234 -28.05 43.95 -4.62
N GLY D 235 -28.11 42.87 -3.86
CA GLY D 235 -28.51 42.86 -2.45
C GLY D 235 -30.00 42.67 -2.19
N THR D 236 -30.82 42.32 -3.17
CA THR D 236 -32.24 42.07 -2.91
C THR D 236 -32.47 40.74 -2.20
N GLN D 237 -33.64 40.61 -1.58
CA GLN D 237 -34.31 39.35 -1.33
C GLN D 237 -35.58 39.29 -2.18
N LEU D 238 -35.77 38.27 -3.01
CA LEU D 238 -37.08 38.01 -3.61
C LEU D 238 -37.96 37.26 -2.62
N ILE D 239 -39.25 37.56 -2.63
CA ILE D 239 -40.29 36.93 -1.81
C ILE D 239 -41.41 36.46 -2.73
N ALA D 240 -41.95 35.27 -2.50
CA ALA D 240 -43.15 34.78 -3.15
C ALA D 240 -44.26 34.60 -2.11
N PHE D 241 -45.42 35.21 -2.33
CA PHE D 241 -46.60 35.02 -1.51
C PHE D 241 -47.59 34.14 -2.27
N ALA D 242 -48.02 33.04 -1.66
CA ALA D 242 -48.81 32.02 -2.32
C ALA D 242 -49.91 31.47 -1.42
N HIS D 243 -50.95 30.89 -2.01
CA HIS D 243 -51.95 30.10 -1.29
C HIS D 243 -51.44 28.69 -1.00
N LYS D 244 -51.93 28.02 0.05
CA LYS D 244 -51.40 26.70 0.45
C LYS D 244 -51.47 25.64 -0.64
N ALA D 245 -52.47 25.66 -1.51
CA ALA D 245 -52.55 24.70 -2.60
C ALA D 245 -51.35 24.75 -3.56
N GLU D 246 -50.63 25.88 -3.64
CA GLU D 246 -49.40 26.01 -4.42
C GLU D 246 -48.16 25.76 -3.56
N ILE D 247 -48.13 26.21 -2.30
CA ILE D 247 -47.05 25.85 -1.36
C ILE D 247 -46.89 24.33 -1.27
N GLN D 248 -47.98 23.57 -1.23
CA GLN D 248 -47.93 22.11 -1.17
C GLN D 248 -47.30 21.47 -2.41
N GLU D 249 -47.36 22.09 -3.58
CA GLU D 249 -46.60 21.63 -4.74
C GLU D 249 -45.13 22.03 -4.62
N VAL D 250 -44.88 23.29 -4.30
CA VAL D 250 -43.53 23.86 -4.34
C VAL D 250 -42.61 23.17 -3.34
N ARG D 251 -43.10 22.81 -2.16
CA ARG D 251 -42.27 22.09 -1.17
C ARG D 251 -41.85 20.69 -1.59
N ARG D 252 -42.43 20.11 -2.65
CA ARG D 252 -42.02 18.83 -3.23
C ARG D 252 -40.89 18.90 -4.25
N PHE D 253 -40.42 20.09 -4.64
CA PHE D 253 -39.36 20.22 -5.65
C PHE D 253 -38.00 19.77 -5.10
N ARG D 254 -37.34 18.84 -5.80
CA ARG D 254 -36.00 18.30 -5.48
C ARG D 254 -35.15 18.20 -6.73
N PHE D 255 -33.86 18.50 -6.62
CA PHE D 255 -32.98 18.68 -7.76
C PHE D 255 -32.90 17.44 -8.66
N GLY D 256 -33.12 17.62 -9.96
CA GLY D 256 -33.10 16.54 -10.95
C GLY D 256 -34.36 15.68 -10.99
N GLN D 257 -35.33 15.90 -10.09
CA GLN D 257 -36.58 15.14 -10.06
C GLN D 257 -37.68 15.84 -10.84
N THR D 258 -38.54 15.06 -11.49
CA THR D 258 -39.68 15.58 -12.26
C THR D 258 -40.78 16.10 -11.35
N ASN D 259 -41.44 17.18 -11.74
CA ASN D 259 -42.53 17.82 -11.03
C ASN D 259 -43.85 17.64 -11.81
N ASN D 260 -44.74 18.63 -11.72
CA ASN D 260 -45.88 18.75 -12.61
C ASN D 260 -45.46 19.02 -14.05
N ASN D 261 -46.37 18.77 -15.00
CA ASN D 261 -46.25 19.09 -16.43
C ASN D 261 -44.92 18.68 -17.09
N SER D 262 -44.28 17.61 -16.62
CA SER D 262 -42.96 17.10 -17.03
C SER D 262 -41.77 18.07 -16.86
N ALA D 263 -41.91 19.13 -16.07
CA ALA D 263 -40.77 19.97 -15.68
C ALA D 263 -39.81 19.20 -14.75
N VAL D 264 -38.54 19.60 -14.72
CA VAL D 264 -37.51 19.04 -13.81
C VAL D 264 -36.90 20.16 -12.97
N ALA D 265 -36.83 19.98 -11.66
CA ALA D 265 -36.34 21.02 -10.77
C ALA D 265 -34.82 21.18 -10.83
N ASN D 266 -34.35 22.42 -10.95
CA ASN D 266 -32.94 22.78 -10.99
C ASN D 266 -32.36 23.12 -9.61
N TYR D 267 -33.16 23.10 -8.56
CA TYR D 267 -32.79 23.37 -7.18
C TYR D 267 -33.56 22.44 -6.24
N ASP D 268 -33.27 22.46 -4.95
CA ASP D 268 -34.09 21.82 -3.93
C ASP D 268 -34.91 22.87 -3.19
N PHE D 269 -36.18 22.60 -2.92
CA PHE D 269 -36.89 23.39 -1.92
C PHE D 269 -36.30 23.10 -0.54
N VAL D 270 -35.81 24.11 0.16
CA VAL D 270 -35.30 23.95 1.53
C VAL D 270 -36.25 24.63 2.50
N GLN D 271 -36.85 23.86 3.40
CA GLN D 271 -37.75 24.41 4.41
C GLN D 271 -37.01 25.28 5.42
N SER D 272 -37.68 26.27 5.99
CA SER D 272 -37.06 27.18 6.95
C SER D 272 -36.74 26.49 8.27
N GLN D 273 -35.86 27.10 9.05
CA GLN D 273 -35.58 26.64 10.40
C GLN D 273 -36.84 26.72 11.26
N GLY D 274 -37.12 25.71 12.09
CA GLY D 274 -38.33 25.67 12.91
C GLY D 274 -39.62 25.32 12.15
N GLU D 275 -39.51 24.71 10.98
CA GLU D 275 -40.60 23.97 10.33
C GLU D 275 -40.59 22.49 10.78
N SER D 276 -41.61 21.68 10.44
CA SER D 276 -41.68 20.28 10.87
C SER D 276 -40.47 19.47 10.38
N PRO D 277 -39.85 18.59 11.18
CA PRO D 277 -38.59 17.93 10.82
C PRO D 277 -38.65 17.09 9.55
N LEU D 278 -37.53 16.95 8.85
CA LEU D 278 -37.40 16.24 7.58
C LEU D 278 -36.06 15.49 7.50
N TYR D 279 -36.01 14.25 7.01
CA TYR D 279 -34.72 13.59 6.75
C TYR D 279 -34.10 14.10 5.45
N LEU D 280 -32.79 14.35 5.45
CA LEU D 280 -32.05 14.67 4.23
C LEU D 280 -31.98 13.42 3.33
N PRO D 281 -32.33 13.50 2.04
CA PRO D 281 -32.61 12.31 1.21
C PRO D 281 -31.38 11.62 0.63
N ASN D 282 -30.21 12.26 0.66
CA ASN D 282 -29.00 11.88 -0.06
C ASN D 282 -27.74 12.24 0.71
N ALA D 283 -26.61 11.60 0.38
CA ALA D 283 -25.30 11.94 0.96
C ALA D 283 -24.83 13.33 0.54
N ASP D 284 -24.99 13.70 -0.73
CA ASP D 284 -24.97 15.09 -1.18
C ASP D 284 -26.24 15.78 -0.70
N GLY D 285 -26.10 16.84 0.08
CA GLY D 285 -27.25 17.57 0.65
C GLY D 285 -28.14 18.29 -0.36
N LEU D 286 -29.10 19.06 0.13
CA LEU D 286 -29.94 19.94 -0.68
C LEU D 286 -29.13 21.17 -1.13
N LEU D 287 -29.34 21.66 -2.36
CA LEU D 287 -28.79 22.96 -2.78
C LEU D 287 -29.85 24.07 -2.75
N GLY D 288 -29.46 25.16 -2.10
CA GLY D 288 -30.31 26.09 -1.39
C GLY D 288 -29.84 26.16 0.06
N LYS D 289 -29.68 27.36 0.60
CA LYS D 289 -29.40 27.59 2.03
C LYS D 289 -30.72 27.61 2.80
N GLN D 290 -30.75 27.13 4.03
CA GLN D 290 -31.98 27.12 4.83
C GLN D 290 -32.39 28.55 5.25
N PRO D 291 -33.63 28.99 4.98
CA PRO D 291 -34.11 30.28 5.44
C PRO D 291 -34.23 30.37 6.95
N GLN D 292 -34.08 31.57 7.49
CA GLN D 292 -34.58 31.90 8.80
C GLN D 292 -36.10 31.70 8.87
N SER D 293 -36.65 31.48 10.07
CA SER D 293 -38.06 31.14 10.27
C SER D 293 -39.03 32.21 9.79
N MET D 294 -38.61 33.47 9.82
CA MET D 294 -39.52 34.60 9.79
C MET D 294 -38.91 35.82 9.09
N TRP D 295 -39.57 36.33 8.06
CA TRP D 295 -39.18 37.51 7.30
C TRP D 295 -40.16 38.63 7.56
N LYS D 296 -39.70 39.81 7.95
CA LYS D 296 -40.53 41.00 8.21
C LYS D 296 -41.69 40.79 9.20
N GLY D 297 -41.62 39.73 10.02
CA GLY D 297 -42.68 39.30 10.94
C GLY D 297 -43.68 38.28 10.39
N LEU D 298 -43.51 37.77 9.17
CA LEU D 298 -44.32 36.69 8.59
C LEU D 298 -43.53 35.37 8.57
N ARG D 299 -44.15 34.23 8.90
CA ARG D 299 -43.47 32.93 8.79
C ARG D 299 -43.15 32.59 7.34
N VAL D 300 -41.93 32.10 7.13
CA VAL D 300 -41.42 31.63 5.84
C VAL D 300 -41.50 30.12 5.80
N LYS D 301 -42.08 29.53 4.77
CA LYS D 301 -42.15 28.06 4.62
C LYS D 301 -40.81 27.48 4.24
N GLY D 302 -40.11 28.10 3.31
CA GLY D 302 -38.82 27.66 2.81
C GLY D 302 -38.34 28.55 1.68
N SER D 303 -37.44 28.06 0.86
CA SER D 303 -37.00 28.73 -0.35
C SER D 303 -36.69 27.74 -1.46
N TYR D 304 -36.94 28.13 -2.69
CA TYR D 304 -36.54 27.42 -3.89
C TYR D 304 -35.91 28.44 -4.81
N ASP D 305 -34.82 28.12 -5.51
CA ASP D 305 -33.89 29.16 -5.96
C ASP D 305 -33.52 30.00 -4.71
N ASP D 306 -33.24 31.29 -4.80
CA ASP D 306 -33.06 32.14 -3.62
C ASP D 306 -34.35 32.78 -3.09
N VAL D 307 -35.51 32.62 -3.75
CA VAL D 307 -36.76 33.27 -3.34
C VAL D 307 -37.39 32.60 -2.12
N LEU D 308 -37.71 33.40 -1.08
CA LEU D 308 -38.45 32.93 0.10
C LEU D 308 -39.92 32.72 -0.20
N TRP D 309 -40.50 31.60 0.21
CA TRP D 309 -41.91 31.31 0.02
C TRP D 309 -42.69 31.52 1.30
N ILE D 310 -43.78 32.28 1.21
CA ILE D 310 -44.64 32.64 2.32
C ILE D 310 -46.06 32.16 2.00
N GLU D 311 -46.58 31.32 2.89
CA GLU D 311 -47.98 30.90 2.91
C GLU D 311 -48.82 32.10 3.33
N GLU D 312 -49.63 32.62 2.44
CA GLU D 312 -50.33 33.89 2.63
C GLU D 312 -51.85 33.65 2.59
N PRO D 313 -52.54 33.69 3.72
CA PRO D 313 -53.97 33.37 3.79
C PRO D 313 -54.87 34.33 3.02
N THR D 314 -54.43 35.57 2.74
CA THR D 314 -55.23 36.50 1.92
C THR D 314 -55.16 36.17 0.43
N MET D 315 -54.18 35.40 -0.02
CA MET D 315 -53.93 35.13 -1.44
C MET D 315 -55.04 34.28 -2.09
N PRO D 316 -55.59 34.65 -3.25
CA PRO D 316 -56.52 33.80 -3.99
C PRO D 316 -55.86 32.53 -4.49
N ALA D 317 -56.62 31.48 -4.75
CA ALA D 317 -56.07 30.13 -4.88
C ALA D 317 -55.08 29.94 -6.04
N GLY D 318 -55.42 30.38 -7.24
CA GLY D 318 -54.65 30.09 -8.46
C GLY D 318 -53.45 30.99 -8.72
N TYR D 319 -52.97 31.78 -7.76
CA TYR D 319 -52.06 32.90 -7.99
C TYR D 319 -50.86 32.91 -7.06
N VAL D 320 -49.74 33.42 -7.56
CA VAL D 320 -48.54 33.71 -6.77
C VAL D 320 -48.10 35.13 -7.09
N LEU D 321 -47.73 35.91 -6.07
CA LEU D 321 -47.08 37.19 -6.24
C LEU D 321 -45.61 37.03 -5.93
N PHE D 322 -44.73 37.36 -6.87
CA PHE D 322 -43.30 37.48 -6.63
C PHE D 322 -42.97 38.95 -6.46
N LEU D 323 -42.18 39.29 -5.45
CA LEU D 323 -41.86 40.66 -5.07
C LEU D 323 -40.37 40.80 -4.81
N ALA D 324 -39.71 41.80 -5.39
CA ALA D 324 -38.36 42.19 -5.00
C ALA D 324 -38.36 43.10 -3.76
N THR D 325 -37.43 42.88 -2.84
CA THR D 325 -37.26 43.67 -1.61
C THR D 325 -35.81 44.01 -1.37
N GLY D 326 -35.51 45.22 -0.88
CA GLY D 326 -34.17 45.59 -0.44
C GLY D 326 -33.17 45.79 -1.57
N GLY D 327 -31.89 45.68 -1.25
CA GLY D 327 -30.80 45.90 -2.22
C GLY D 327 -30.68 47.36 -2.64
N THR D 328 -29.91 47.64 -3.69
CA THR D 328 -29.74 49.02 -4.18
C THR D 328 -30.99 49.55 -4.86
N LEU D 329 -31.72 48.68 -5.59
CA LEU D 329 -32.74 49.09 -6.54
C LEU D 329 -34.16 49.13 -5.96
N ALA D 330 -34.42 48.51 -4.81
CA ALA D 330 -35.74 48.38 -4.19
C ALA D 330 -35.72 48.71 -2.70
N GLN D 331 -35.11 49.83 -2.33
CA GLN D 331 -35.20 50.43 -0.99
C GLN D 331 -36.60 50.96 -0.63
N GLN D 332 -37.55 50.95 -1.58
CA GLN D 332 -38.89 51.52 -1.44
C GLN D 332 -39.96 50.48 -1.84
N ASN D 333 -41.03 50.38 -1.06
CA ASN D 333 -42.10 49.39 -1.23
C ASN D 333 -42.87 49.57 -2.55
N LEU D 334 -43.64 48.57 -2.97
CA LEU D 334 -44.16 48.53 -4.33
C LEU D 334 -45.20 49.60 -4.66
N VAL D 335 -46.17 49.84 -3.77
CA VAL D 335 -47.35 50.68 -4.06
C VAL D 335 -47.26 52.00 -3.32
N GLY D 336 -47.40 53.11 -4.03
CA GLY D 336 -47.48 54.43 -3.42
C GLY D 336 -48.88 54.74 -2.94
N LEU D 337 -49.03 55.19 -1.69
CA LEU D 337 -50.29 55.71 -1.16
C LEU D 337 -50.29 57.24 -1.18
N ARG D 338 -51.26 57.80 -1.90
CA ARG D 338 -51.54 59.23 -1.97
C ARG D 338 -52.72 59.55 -1.05
N GLU D 339 -52.59 60.59 -0.25
CA GLU D 339 -53.62 61.12 0.64
C GLU D 339 -53.71 62.64 0.47
N HIS D 340 -54.83 63.24 0.87
CA HIS D 340 -55.11 64.66 0.61
C HIS D 340 -54.05 65.59 1.19
N GLU D 341 -53.79 66.70 0.51
CA GLU D 341 -52.78 67.68 0.90
C GLU D 341 -53.04 68.33 2.26
N ASP D 342 -54.30 68.46 2.66
CA ASP D 342 -54.70 69.12 3.90
C ASP D 342 -55.00 68.10 5.01
N ALA D 343 -54.36 68.26 6.17
CA ALA D 343 -54.51 67.34 7.29
C ALA D 343 -55.95 67.17 7.78
N ALA D 344 -56.80 68.18 7.58
CA ALA D 344 -58.23 68.10 7.90
C ALA D 344 -58.98 67.06 7.05
N TRP D 345 -58.43 66.62 5.93
CA TRP D 345 -59.03 65.66 5.01
C TRP D 345 -58.30 64.33 4.94
N ARG D 346 -57.25 64.13 5.75
CA ARG D 346 -56.55 62.84 5.88
C ARG D 346 -57.17 61.94 6.96
N GLY D 347 -56.93 60.64 6.86
CA GLY D 347 -57.41 59.65 7.81
C GLY D 347 -58.88 59.32 7.66
N LEU D 348 -59.38 58.45 8.54
CA LEU D 348 -60.80 58.15 8.70
C LEU D 348 -61.47 59.25 9.54
N ARG D 349 -62.59 59.78 9.05
CA ARG D 349 -63.28 60.95 9.60
C ARG D 349 -64.76 60.66 9.81
N GLN D 350 -65.36 61.25 10.84
CA GLN D 350 -66.80 61.22 11.07
C GLN D 350 -67.45 62.55 10.68
N ILE D 351 -68.47 62.50 9.84
CA ILE D 351 -69.24 63.67 9.40
C ILE D 351 -70.60 63.64 10.11
N PRO D 352 -71.10 64.74 10.70
CA PRO D 352 -72.22 64.69 11.64
C PRO D 352 -73.56 64.18 11.14
N GLY D 353 -73.79 64.04 9.83
CA GLY D 353 -75.06 63.57 9.29
C GLY D 353 -76.16 64.61 9.31
N ASN D 354 -77.23 64.40 8.54
CA ASN D 354 -78.20 65.44 8.20
C ASN D 354 -79.66 65.08 8.47
N GLN D 355 -79.92 63.90 9.03
CA GLN D 355 -81.12 63.61 9.82
C GLN D 355 -80.73 63.59 11.28
N THR D 356 -81.45 64.28 12.17
CA THR D 356 -81.03 64.47 13.56
C THR D 356 -82.18 64.41 14.56
N ARG D 357 -81.88 63.90 15.76
CA ARG D 357 -82.67 63.85 16.99
C ARG D 357 -84.03 63.13 16.95
N TYR D 358 -84.94 63.52 16.06
CA TYR D 358 -86.26 62.92 15.93
C TYR D 358 -86.83 63.16 14.52
N PRO D 359 -87.58 62.23 13.92
CA PRO D 359 -87.72 60.83 14.30
C PRO D 359 -86.56 59.97 13.83
N LEU D 360 -85.78 60.43 12.86
CA LEU D 360 -84.71 59.69 12.20
C LEU D 360 -83.39 60.39 12.47
N ILE D 361 -82.33 59.60 12.63
CA ILE D 361 -81.00 60.04 13.01
C ILE D 361 -79.99 59.40 12.06
N ASP D 362 -78.99 60.12 11.59
CA ASP D 362 -77.85 59.52 10.88
C ASP D 362 -76.51 60.21 11.09
N SER D 363 -75.44 59.51 10.74
CA SER D 363 -74.06 60.04 10.69
C SER D 363 -73.26 59.28 9.64
N PHE D 364 -72.16 59.86 9.18
CA PHE D 364 -71.33 59.28 8.13
C PHE D 364 -69.89 59.08 8.59
N TYR D 365 -69.24 58.07 8.02
CA TYR D 365 -67.79 57.90 8.06
C TYR D 365 -67.26 58.11 6.65
N GLN D 366 -66.12 58.77 6.51
CA GLN D 366 -65.46 58.95 5.23
C GLN D 366 -63.96 58.70 5.33
N ARG D 367 -63.40 58.07 4.29
CA ARG D 367 -61.95 58.06 4.05
C ARG D 367 -61.67 58.29 2.58
N SER D 368 -60.58 58.98 2.27
CA SER D 368 -60.13 59.16 0.89
C SER D 368 -58.62 59.10 0.73
N PHE D 369 -58.19 58.38 -0.30
CA PHE D 369 -56.81 58.00 -0.58
C PHE D 369 -56.75 57.42 -2.00
N GLY D 370 -55.56 57.16 -2.53
CA GLY D 370 -55.43 56.34 -3.73
C GLY D 370 -54.04 55.78 -3.95
N THR D 371 -53.91 54.92 -4.96
CA THR D 371 -52.80 53.99 -5.12
C THR D 371 -52.24 53.98 -6.54
N GLY D 372 -50.92 53.86 -6.68
CA GLY D 372 -50.27 53.60 -7.98
C GLY D 372 -48.86 53.02 -7.82
N ILE D 373 -48.32 52.38 -8.87
CA ILE D 373 -47.01 51.71 -8.84
C ILE D 373 -45.97 52.51 -9.62
N ARG D 374 -44.80 52.72 -9.00
CA ARG D 374 -43.62 53.34 -9.58
C ARG D 374 -42.64 52.33 -10.20
N GLN D 375 -42.22 51.33 -9.41
CA GLN D 375 -41.29 50.26 -9.82
C GLN D 375 -42.01 49.18 -10.63
N ARG D 376 -42.44 49.46 -11.86
CA ARG D 376 -43.28 48.56 -12.68
C ARG D 376 -42.66 47.17 -12.93
N GLY D 377 -41.35 47.04 -12.79
CA GLY D 377 -40.61 45.78 -12.96
C GLY D 377 -40.42 44.95 -11.69
N GLY D 378 -40.64 45.53 -10.51
CA GLY D 378 -40.23 45.00 -9.20
C GLY D 378 -41.11 43.93 -8.59
N ALA D 379 -42.09 43.42 -9.33
CA ALA D 379 -42.92 42.29 -8.94
C ALA D 379 -43.46 41.58 -10.17
N VAL D 380 -43.89 40.33 -10.03
CA VAL D 380 -44.51 39.52 -11.08
C VAL D 380 -45.73 38.84 -10.50
N VAL D 381 -46.83 38.76 -11.24
CA VAL D 381 -48.00 37.97 -10.84
C VAL D 381 -48.10 36.77 -11.75
N LEU D 382 -48.05 35.57 -11.18
CA LEU D 382 -48.16 34.31 -11.90
C LEU D 382 -49.53 33.71 -11.62
N GLN D 383 -50.30 33.43 -12.67
CA GLN D 383 -51.56 32.72 -12.58
C GLN D 383 -51.37 31.28 -13.07
N ILE D 384 -51.80 30.31 -12.29
CA ILE D 384 -51.74 28.90 -12.65
C ILE D 384 -53.06 28.55 -13.36
N LYS D 385 -53.01 28.48 -14.69
CA LYS D 385 -54.08 27.98 -15.57
C LYS D 385 -53.46 27.36 -16.82
N ALA D 386 -54.20 26.47 -17.46
CA ALA D 386 -53.71 25.64 -18.56
C ALA D 386 -53.42 26.43 -19.85
N SER D 387 -54.25 27.40 -20.20
CA SER D 387 -54.13 28.17 -21.45
C SER D 387 -54.91 29.49 -21.39
N GLY D 388 -54.62 30.41 -22.31
CA GLY D 388 -55.28 31.71 -22.42
C GLY D 388 -54.56 32.84 -21.67
N THR D 389 -55.16 34.02 -21.67
CA THR D 389 -54.64 35.24 -21.04
C THR D 389 -54.86 35.30 -19.53
N TYR D 390 -54.13 36.19 -18.87
CA TYR D 390 -54.29 36.47 -17.43
C TYR D 390 -55.69 36.97 -17.07
N ASP D 391 -56.25 36.44 -16.00
CA ASP D 391 -57.48 36.92 -15.36
C ASP D 391 -57.15 37.70 -14.09
N ILE D 392 -57.82 38.83 -13.87
CA ILE D 392 -57.71 39.52 -12.59
C ILE D 392 -58.48 38.71 -11.53
N PRO D 393 -57.96 38.49 -10.31
CA PRO D 393 -58.69 37.81 -9.26
C PRO D 393 -60.00 38.52 -8.93
N THR D 394 -61.11 37.81 -8.86
CA THR D 394 -62.45 38.40 -8.67
C THR D 394 -62.55 39.24 -7.39
N LYS D 395 -61.85 38.84 -6.33
CA LYS D 395 -61.77 39.61 -5.08
C LYS D 395 -60.99 40.93 -5.18
N TRP D 396 -60.25 41.17 -6.26
CA TRP D 396 -59.38 42.33 -6.46
C TRP D 396 -59.51 42.93 -7.86
N THR D 397 -60.66 42.82 -8.52
CA THR D 397 -60.95 43.65 -9.70
C THR D 397 -61.29 45.07 -9.27
N ASN D 398 -60.72 46.07 -9.92
CA ASN D 398 -61.16 47.44 -9.79
C ASN D 398 -62.59 47.59 -10.34
N GLY D 399 -63.42 48.36 -9.64
CA GLY D 399 -64.86 48.49 -9.93
C GLY D 399 -65.72 47.32 -9.42
N GLY D 400 -65.12 46.27 -8.86
CA GLY D 400 -65.83 45.29 -8.04
C GLY D 400 -66.21 45.88 -6.67
N GLY D 401 -66.91 45.11 -5.85
CA GLY D 401 -67.41 45.58 -4.55
C GLY D 401 -66.34 46.18 -3.64
N PHE D 402 -66.58 47.37 -3.12
CA PHE D 402 -65.72 48.05 -2.15
C PHE D 402 -65.73 47.31 -0.81
N GLU D 403 -64.67 47.46 -0.02
CA GLU D 403 -64.55 46.72 1.25
C GLU D 403 -64.07 47.60 2.40
N ASN E 28 -69.56 -10.17 36.20
CA ASN E 28 -69.39 -9.88 37.65
C ASN E 28 -70.07 -10.96 38.49
N GLN E 29 -69.61 -11.16 39.74
CA GLN E 29 -70.05 -12.31 40.56
C GLN E 29 -71.42 -12.15 41.23
N GLY E 30 -71.75 -10.97 41.76
CA GLY E 30 -73.07 -10.66 42.33
C GLY E 30 -73.47 -11.40 43.63
N GLY E 31 -74.71 -11.20 44.08
CA GLY E 31 -75.30 -11.90 45.24
C GLY E 31 -74.87 -11.38 46.61
N TYR E 32 -75.40 -11.98 47.69
CA TYR E 32 -74.89 -11.80 49.05
C TYR E 32 -73.59 -12.56 49.25
N ASN E 33 -72.73 -12.06 50.12
CA ASN E 33 -71.62 -12.82 50.66
C ASN E 33 -72.08 -13.72 51.81
N THR E 34 -71.78 -15.00 51.74
CA THR E 34 -72.29 -16.06 52.61
C THR E 34 -71.17 -16.83 53.27
N ALA E 35 -71.37 -17.39 54.45
CA ALA E 35 -70.54 -18.52 54.86
C ALA E 35 -70.69 -19.63 53.80
N GLY E 36 -69.58 -20.22 53.37
CA GLY E 36 -69.51 -21.03 52.15
C GLY E 36 -68.90 -20.29 50.95
N ASP E 37 -68.85 -18.96 50.97
CA ASP E 37 -67.92 -18.17 50.15
C ASP E 37 -66.56 -18.02 50.84
N ILE E 38 -66.49 -18.18 52.16
CA ILE E 38 -65.25 -18.09 52.93
C ILE E 38 -64.36 -19.30 52.68
N LYS E 39 -63.10 -19.03 52.39
CA LYS E 39 -61.99 -19.99 52.33
C LYS E 39 -61.05 -19.65 53.49
N TYR E 40 -60.56 -20.65 54.22
CA TYR E 40 -59.71 -20.43 55.40
C TYR E 40 -58.23 -20.59 55.09
N LYS E 41 -57.87 -21.71 54.47
CA LYS E 41 -56.50 -22.05 54.07
C LYS E 41 -56.47 -22.74 52.71
N THR E 42 -55.38 -22.54 52.00
CA THR E 42 -54.98 -23.40 50.86
C THR E 42 -54.55 -24.77 51.38
N ALA E 43 -54.58 -25.83 50.56
CA ALA E 43 -54.11 -27.16 50.96
C ALA E 43 -52.66 -27.20 51.51
N ASP E 44 -51.82 -26.26 51.10
CA ASP E 44 -50.45 -26.02 51.61
C ASP E 44 -50.39 -25.46 53.03
N GLY E 45 -51.53 -25.10 53.63
CA GLY E 45 -51.62 -24.46 54.95
C GLY E 45 -51.51 -22.94 54.95
N VAL E 46 -51.38 -22.28 53.80
CA VAL E 46 -51.33 -20.81 53.70
C VAL E 46 -52.71 -20.21 53.90
N SER E 47 -52.84 -19.23 54.81
CA SER E 47 -54.11 -18.61 55.16
C SER E 47 -54.58 -17.60 54.12
N TYR E 48 -55.84 -17.69 53.69
CA TYR E 48 -56.39 -16.77 52.69
C TYR E 48 -56.40 -15.32 53.18
N ASP E 49 -56.49 -15.06 54.48
CA ASP E 49 -56.45 -13.69 54.99
C ASP E 49 -55.16 -12.95 54.63
N SER E 50 -54.05 -13.68 54.50
CA SER E 50 -52.76 -13.14 54.07
C SER E 50 -52.72 -12.88 52.57
N LEU E 51 -53.43 -13.66 51.76
CA LEU E 51 -53.57 -13.42 50.32
C LEU E 51 -54.47 -12.22 50.05
N TRP E 52 -55.62 -12.11 50.73
CA TRP E 52 -56.46 -10.92 50.67
C TRP E 52 -55.73 -9.67 51.17
N ASN E 53 -54.76 -9.80 52.07
CA ASN E 53 -54.02 -8.63 52.57
C ASN E 53 -53.22 -7.93 51.47
N LEU E 54 -52.84 -8.62 50.39
CA LEU E 54 -52.19 -8.01 49.23
C LEU E 54 -53.08 -6.96 48.56
N PHE E 55 -54.29 -7.37 48.19
CA PHE E 55 -55.27 -6.54 47.47
C PHE E 55 -55.97 -5.50 48.36
N SER E 56 -55.75 -5.54 49.67
CA SER E 56 -56.42 -4.67 50.63
C SER E 56 -56.10 -3.18 50.47
N ASN E 57 -54.98 -2.81 49.85
CA ASN E 57 -54.48 -1.44 49.86
C ASN E 57 -53.80 -0.98 48.56
N VAL E 58 -53.23 -1.88 47.77
CA VAL E 58 -52.57 -1.55 46.50
C VAL E 58 -53.50 -0.89 45.49
N THR E 59 -52.97 0.02 44.68
CA THR E 59 -53.66 0.54 43.50
C THR E 59 -53.15 -0.12 42.23
N ASP E 60 -54.07 -0.58 41.39
CA ASP E 60 -53.76 -1.23 40.12
C ASP E 60 -53.19 -0.21 39.13
N GLU E 61 -52.01 -0.48 38.58
CA GLU E 61 -51.33 0.41 37.64
C GLU E 61 -52.17 0.69 36.39
N TRP E 62 -52.99 -0.25 35.95
CA TRP E 62 -53.86 -0.04 34.80
C TRP E 62 -54.97 0.98 35.12
N ASN E 63 -55.60 0.87 36.28
CA ASN E 63 -56.57 1.86 36.73
C ASN E 63 -55.91 3.21 37.06
N LYS E 64 -54.65 3.22 37.51
CA LYS E 64 -53.88 4.45 37.66
C LYS E 64 -53.61 5.14 36.32
N HIS E 65 -53.31 4.38 35.26
CA HIS E 65 -53.22 4.91 33.90
C HIS E 65 -54.55 5.47 33.40
N LYS E 66 -55.66 4.74 33.53
CA LYS E 66 -56.98 5.25 33.16
C LYS E 66 -57.33 6.55 33.89
N SER E 67 -56.98 6.66 35.16
CA SER E 67 -57.16 7.90 35.94
C SER E 67 -56.32 9.04 35.38
N LYS E 68 -55.08 8.79 34.98
CA LYS E 68 -54.24 9.80 34.31
C LYS E 68 -54.85 10.27 33.00
N MET E 69 -55.34 9.36 32.17
CA MET E 69 -56.00 9.72 30.91
C MET E 69 -57.20 10.63 31.12
N VAL E 70 -58.04 10.38 32.12
CA VAL E 70 -59.12 11.29 32.51
C VAL E 70 -58.55 12.65 32.93
N GLN E 71 -57.54 12.65 33.79
CA GLN E 71 -57.00 13.87 34.38
C GLN E 71 -56.38 14.80 33.35
N LEU E 72 -55.72 14.30 32.31
CA LEU E 72 -55.19 15.14 31.22
C LEU E 72 -56.19 15.44 30.11
N MET E 73 -57.42 14.95 30.19
CA MET E 73 -58.43 15.09 29.12
C MET E 73 -59.72 15.79 29.55
N THR E 74 -59.83 16.17 30.83
CA THR E 74 -61.03 16.79 31.41
C THR E 74 -60.74 18.06 32.19
N PHE E 75 -61.76 18.91 32.34
CA PHE E 75 -61.76 20.07 33.23
C PHE E 75 -63.02 20.10 34.10
N PRO E 76 -62.98 20.65 35.32
CA PRO E 76 -64.15 20.80 36.16
C PRO E 76 -65.05 21.95 35.69
N VAL E 77 -66.32 21.67 35.41
CA VAL E 77 -67.28 22.65 34.90
C VAL E 77 -67.71 23.61 36.01
N THR E 78 -67.44 24.91 35.84
CA THR E 78 -67.94 25.98 36.72
C THR E 78 -69.28 26.56 36.29
N ASN E 79 -69.57 26.58 34.99
CA ASN E 79 -70.76 27.19 34.40
C ASN E 79 -71.56 26.11 33.68
N GLN E 80 -72.79 25.80 34.09
CA GLN E 80 -73.52 24.66 33.53
C GLN E 80 -73.97 24.87 32.08
N THR E 81 -73.83 26.08 31.52
CA THR E 81 -74.11 26.39 30.13
C THR E 81 -73.12 27.42 29.59
N GLU E 82 -72.80 27.34 28.30
CA GLU E 82 -71.89 28.19 27.56
C GLU E 82 -72.64 28.84 26.39
N LYS E 83 -72.34 30.09 26.05
CA LYS E 83 -72.82 30.78 24.84
C LYS E 83 -71.66 31.18 23.96
N VAL E 84 -71.74 30.95 22.66
CA VAL E 84 -70.71 31.32 21.69
C VAL E 84 -71.32 32.29 20.66
N PRO E 85 -71.20 33.61 20.88
CA PRO E 85 -71.82 34.60 20.03
C PRO E 85 -70.99 34.93 18.79
N ARG E 86 -71.64 35.55 17.80
CA ARG E 86 -71.06 36.11 16.58
C ARG E 86 -71.82 37.36 16.15
N ILE E 87 -71.16 38.23 15.39
CA ILE E 87 -71.79 39.34 14.66
C ILE E 87 -71.33 39.32 13.20
N GLY E 88 -72.13 39.88 12.31
CA GLY E 88 -71.70 40.09 10.91
C GLY E 88 -70.77 41.29 10.75
N GLN E 89 -70.57 41.73 9.52
CA GLN E 89 -69.64 42.79 9.16
C GLN E 89 -70.03 43.45 7.84
N PHE E 90 -69.49 44.64 7.56
CA PHE E 90 -69.89 45.47 6.43
C PHE E 90 -68.73 46.26 5.81
N GLY E 91 -68.93 46.79 4.60
CA GLY E 91 -67.92 47.56 3.87
C GLY E 91 -68.31 49.00 3.52
N PHE E 92 -67.32 49.78 3.10
CA PHE E 92 -67.48 51.13 2.55
C PHE E 92 -68.18 51.15 1.18
N GLU E 93 -68.52 52.33 0.70
CA GLU E 93 -69.10 52.63 -0.60
C GLU E 93 -68.32 53.77 -1.26
N LYS E 94 -68.20 53.82 -2.59
CA LYS E 94 -67.58 54.98 -3.25
C LYS E 94 -68.44 56.23 -3.09
N ALA E 95 -67.85 57.35 -2.69
CA ALA E 95 -68.55 58.60 -2.43
C ALA E 95 -69.10 59.27 -3.71
N SER E 96 -69.92 60.30 -3.53
CA SER E 96 -70.58 61.07 -4.59
C SER E 96 -70.56 62.55 -4.23
N GLU E 97 -70.71 63.44 -5.20
CA GLU E 97 -70.72 64.88 -4.96
C GLU E 97 -72.03 65.38 -4.32
N PHE E 98 -73.17 64.89 -4.79
CA PHE E 98 -74.50 65.26 -4.29
C PHE E 98 -75.15 64.21 -3.39
N GLY E 99 -74.87 62.92 -3.59
CA GLY E 99 -75.59 61.84 -2.92
C GLY E 99 -75.22 61.66 -1.44
N VAL E 100 -75.92 60.74 -0.78
CA VAL E 100 -75.61 60.23 0.56
C VAL E 100 -75.56 58.69 0.53
N PRO E 101 -74.80 58.05 1.43
CA PRO E 101 -74.52 56.61 1.33
C PRO E 101 -75.72 55.71 1.60
N GLU E 102 -75.65 54.47 1.13
CA GLU E 102 -76.44 53.39 1.71
C GLU E 102 -75.93 53.09 3.12
N SER E 103 -76.82 52.80 4.05
CA SER E 103 -76.47 52.58 5.44
C SER E 103 -76.30 51.11 5.80
N LYS E 104 -75.47 50.86 6.80
CA LYS E 104 -75.01 49.53 7.20
C LYS E 104 -75.45 49.21 8.63
N ARG E 105 -75.76 47.93 8.90
CA ARG E 105 -76.15 47.43 10.22
C ARG E 105 -75.70 45.99 10.37
N THR E 106 -75.72 45.43 11.58
CA THR E 106 -75.48 44.00 11.76
C THR E 106 -76.23 43.42 12.95
N GLU E 107 -76.47 42.11 12.94
CA GLU E 107 -77.23 41.36 13.95
C GLU E 107 -76.33 40.40 14.72
N LEU E 108 -76.43 40.38 16.06
CA LEU E 108 -75.81 39.37 16.90
C LEU E 108 -76.59 38.06 16.88
N SER E 109 -75.91 36.94 17.08
CA SER E 109 -76.47 35.60 17.23
C SER E 109 -75.57 34.76 18.11
N PHE E 110 -76.06 33.66 18.66
CA PHE E 110 -75.23 32.72 19.40
C PHE E 110 -75.75 31.29 19.29
N TYR E 111 -74.84 30.33 19.38
CA TYR E 111 -75.15 28.95 19.78
C TYR E 111 -74.96 28.81 21.29
N GLN E 112 -75.57 27.80 21.91
CA GLN E 112 -75.32 27.48 23.31
C GLN E 112 -75.21 25.99 23.58
N LEU E 113 -74.37 25.65 24.55
CA LEU E 113 -73.85 24.32 24.85
C LEU E 113 -73.98 24.06 26.35
N ALA E 114 -74.37 22.86 26.75
CA ALA E 114 -74.44 22.50 28.17
C ALA E 114 -73.76 21.16 28.47
N TYR E 115 -73.78 20.73 29.73
CA TYR E 115 -73.12 19.51 30.20
C TYR E 115 -74.13 18.57 30.86
N ASP E 116 -74.04 17.29 30.54
CA ASP E 116 -74.93 16.24 31.07
C ASP E 116 -74.74 15.98 32.57
N PHE E 117 -75.64 15.24 33.21
CA PHE E 117 -75.51 14.79 34.60
C PHE E 117 -76.32 13.52 34.87
N GLU E 118 -75.77 12.56 35.61
CA GLU E 118 -76.41 11.28 35.92
C GLU E 118 -75.94 10.73 37.28
N ASP E 119 -76.76 9.89 37.90
CA ASP E 119 -76.48 9.23 39.18
C ASP E 119 -76.21 7.73 39.03
N TYR E 120 -75.20 7.23 39.73
CA TYR E 120 -74.78 5.83 39.71
C TYR E 120 -74.55 5.31 41.13
N ASP E 121 -74.91 4.06 41.40
CA ASP E 121 -74.67 3.43 42.69
C ASP E 121 -74.30 1.94 42.60
N LEU E 122 -73.86 1.41 43.73
CA LEU E 122 -73.31 0.07 43.89
C LEU E 122 -73.59 -0.41 45.33
N ALA E 123 -73.78 -1.70 45.57
CA ALA E 123 -73.99 -2.27 46.91
C ALA E 123 -72.98 -3.37 47.26
N PHE E 124 -72.55 -3.40 48.51
CA PHE E 124 -72.03 -4.60 49.15
C PHE E 124 -73.04 -5.13 50.15
N ARG E 125 -73.29 -6.44 50.13
CA ARG E 125 -74.24 -7.11 51.03
C ARG E 125 -73.63 -8.34 51.65
N TYR E 126 -73.85 -8.54 52.94
CA TYR E 126 -73.29 -9.63 53.70
C TYR E 126 -74.35 -10.32 54.52
N THR E 127 -74.20 -11.61 54.75
CA THR E 127 -74.86 -12.30 55.87
C THR E 127 -74.09 -12.08 57.16
N TRP E 128 -74.75 -12.21 58.31
CA TRP E 128 -74.14 -12.01 59.62
C TRP E 128 -72.96 -12.95 59.87
N LYS E 129 -73.11 -14.22 59.53
CA LYS E 129 -72.06 -15.22 59.70
C LYS E 129 -70.92 -15.08 58.70
N PHE E 130 -71.14 -14.49 57.54
CA PHE E 130 -70.03 -14.02 56.72
C PHE E 130 -69.20 -12.97 57.46
N LEU E 131 -69.79 -11.90 57.98
CA LEU E 131 -69.01 -10.89 58.72
C LEU E 131 -68.37 -11.43 60.01
N ARG E 132 -68.93 -12.46 60.63
CA ARG E 132 -68.33 -13.13 61.79
C ARG E 132 -67.05 -13.86 61.41
N ASP E 133 -67.08 -14.62 60.32
CA ASP E 133 -66.05 -15.60 59.97
C ASP E 133 -65.06 -15.12 58.89
N ALA E 134 -65.43 -14.22 57.99
CA ALA E 134 -64.55 -13.73 56.93
C ALA E 134 -63.40 -12.88 57.47
N PRO E 135 -62.23 -12.88 56.83
CA PRO E 135 -61.10 -12.03 57.22
C PRO E 135 -61.34 -10.56 56.91
N SER E 136 -60.89 -9.66 57.78
CA SER E 136 -60.98 -8.20 57.58
C SER E 136 -60.29 -7.75 56.29
N SER E 137 -59.25 -8.44 55.85
CA SER E 137 -58.59 -8.22 54.57
C SER E 137 -59.53 -8.34 53.38
N GLN E 138 -60.52 -9.24 53.38
CA GLN E 138 -61.46 -9.36 52.27
C GLN E 138 -62.40 -8.16 52.20
N ILE E 139 -62.82 -7.63 53.35
CA ILE E 139 -63.65 -6.43 53.43
C ILE E 139 -62.88 -5.21 52.93
N LYS E 140 -61.64 -5.00 53.38
CA LYS E 140 -60.79 -3.91 52.89
C LYS E 140 -60.49 -4.03 51.40
N ALA E 141 -60.32 -5.23 50.86
CA ALA E 141 -60.17 -5.42 49.43
C ALA E 141 -61.42 -5.03 48.65
N TYR E 142 -62.63 -5.32 49.18
CA TYR E 142 -63.90 -4.93 48.53
C TYR E 142 -63.99 -3.40 48.48
N HIS E 143 -63.68 -2.68 49.56
CA HIS E 143 -63.64 -1.22 49.58
C HIS E 143 -62.65 -0.67 48.55
N ASN E 144 -61.44 -1.22 48.47
CA ASN E 144 -60.47 -0.82 47.44
C ASN E 144 -61.03 -1.05 46.02
N GLN E 145 -61.67 -2.18 45.76
CA GLN E 145 -62.27 -2.43 44.46
C GLN E 145 -63.46 -1.51 44.13
N ALA E 146 -64.15 -0.92 45.11
CA ALA E 146 -65.13 0.13 44.85
C ALA E 146 -64.48 1.42 44.34
N LEU E 147 -63.33 1.81 44.88
CA LEU E 147 -62.56 2.94 44.35
C LEU E 147 -62.08 2.65 42.93
N GLN E 148 -61.61 1.45 42.64
CA GLN E 148 -61.26 1.08 41.26
C GLN E 148 -62.48 1.11 40.35
N ALA E 149 -63.66 0.66 40.82
CA ALA E 149 -64.89 0.72 40.05
C ALA E 149 -65.30 2.15 39.69
N ASP E 150 -65.02 3.11 40.57
CA ASP E 150 -65.26 4.53 40.30
C ASP E 150 -64.33 5.06 39.21
N ALA E 151 -63.03 4.75 39.29
CA ALA E 151 -62.07 5.12 38.27
C ALA E 151 -62.45 4.57 36.87
N LYS E 152 -62.90 3.32 36.78
CA LYS E 152 -63.45 2.73 35.55
C LYS E 152 -64.62 3.53 35.00
N LEU E 153 -65.57 3.91 35.86
CA LEU E 153 -66.81 4.58 35.45
C LEU E 153 -66.52 5.95 34.85
N ILE E 154 -65.72 6.77 35.52
CA ILE E 154 -65.40 8.10 35.01
C ILE E 154 -64.65 8.00 33.70
N HIS E 155 -63.66 7.11 33.59
CA HIS E 155 -62.95 6.88 32.34
C HIS E 155 -63.90 6.51 31.21
N ARG E 156 -64.84 5.58 31.42
CA ARG E 156 -65.79 5.22 30.37
C ARG E 156 -66.64 6.41 29.95
N LYS E 157 -67.15 7.20 30.90
CA LYS E 157 -68.03 8.34 30.60
C LYS E 157 -67.30 9.55 30.01
N VAL E 158 -66.01 9.69 30.23
CA VAL E 158 -65.17 10.66 29.54
C VAL E 158 -64.90 10.22 28.12
N MET E 159 -64.38 9.02 27.88
CA MET E 159 -64.11 8.55 26.51
C MET E 159 -65.38 8.46 25.67
N GLU E 160 -66.50 8.11 26.27
CA GLU E 160 -67.79 8.07 25.61
C GLU E 160 -68.27 9.45 25.18
N ALA E 161 -67.93 10.52 25.89
CA ALA E 161 -68.25 11.87 25.46
C ALA E 161 -67.53 12.25 24.16
N ILE E 162 -66.34 11.69 23.92
CA ILE E 162 -65.52 11.95 22.75
C ILE E 162 -65.93 11.04 21.60
N PHE E 163 -66.04 9.74 21.82
CA PHE E 163 -66.22 8.77 20.75
C PHE E 163 -67.67 8.54 20.34
N ASP E 164 -68.65 8.75 21.21
CA ASP E 164 -70.06 8.59 20.82
C ASP E 164 -70.53 9.85 20.09
N ASN E 165 -70.71 9.76 18.76
CA ASN E 165 -70.97 10.90 17.89
C ASN E 165 -72.43 11.38 17.89
N ARG E 166 -73.21 11.06 18.91
CA ARG E 166 -74.64 11.39 19.01
C ARG E 166 -74.88 12.51 20.01
N GLU E 167 -75.71 13.45 19.64
CA GLU E 167 -76.18 14.54 20.50
C GLU E 167 -77.06 14.00 21.64
N ARG E 168 -76.91 14.57 22.83
CA ARG E 168 -77.68 14.26 24.04
C ARG E 168 -78.44 15.50 24.51
N GLU E 169 -79.34 15.33 25.46
CA GLU E 169 -80.10 16.43 26.08
C GLU E 169 -79.86 16.47 27.58
N ALA E 170 -79.86 17.67 28.15
CA ALA E 170 -79.75 17.90 29.58
C ALA E 170 -80.71 18.99 30.04
N ASP E 171 -81.24 18.90 31.25
CA ASP E 171 -82.07 19.96 31.82
C ASP E 171 -81.28 20.74 32.86
N ILE E 172 -81.21 22.05 32.70
CA ILE E 172 -80.51 22.98 33.58
C ILE E 172 -81.48 24.10 33.92
N GLU E 173 -81.66 24.39 35.20
CA GLU E 173 -82.69 25.34 35.70
C GLU E 173 -84.07 25.08 35.08
N GLY E 174 -84.42 23.81 34.86
CA GLY E 174 -85.68 23.37 34.27
C GLY E 174 -85.81 23.57 32.74
N LEU E 175 -84.89 24.27 32.09
CA LEU E 175 -84.85 24.39 30.62
C LEU E 175 -84.08 23.23 29.98
N PRO E 176 -84.51 22.69 28.83
CA PRO E 176 -83.77 21.71 28.07
C PRO E 176 -82.67 22.37 27.22
N TYR E 177 -81.47 21.81 27.26
CA TYR E 177 -80.34 22.17 26.42
C TYR E 177 -79.83 20.94 25.68
N LYS E 178 -79.27 21.13 24.48
CA LYS E 178 -78.50 20.09 23.80
C LYS E 178 -77.09 20.06 24.37
N VAL E 179 -76.51 18.86 24.45
CA VAL E 179 -75.12 18.64 24.86
C VAL E 179 -74.42 17.81 23.79
N TYR E 180 -73.23 18.23 23.38
CA TYR E 180 -72.71 17.88 22.07
C TYR E 180 -71.43 17.06 22.12
N PRO E 181 -71.20 16.21 21.13
CA PRO E 181 -69.90 15.61 20.85
C PRO E 181 -69.04 16.60 20.04
N LEU E 182 -68.00 16.12 19.34
CA LEU E 182 -67.28 16.92 18.35
C LEU E 182 -68.20 17.32 17.18
N TYR E 183 -67.77 18.15 16.23
CA TYR E 183 -68.62 18.46 15.07
C TYR E 183 -69.05 17.16 14.37
N ASN E 184 -70.35 16.97 14.10
CA ASN E 184 -70.83 15.64 13.71
C ASN E 184 -71.78 15.62 12.51
N GLY E 185 -71.74 16.62 11.65
CA GLY E 185 -72.64 16.72 10.50
C GLY E 185 -73.96 17.42 10.80
N ASP E 186 -74.05 18.06 11.97
CA ASP E 186 -75.20 18.84 12.43
C ASP E 186 -75.19 20.28 11.87
N ASN E 187 -76.12 21.12 12.35
CA ASN E 187 -76.33 22.47 11.85
C ASN E 187 -75.53 23.57 12.58
N MET E 188 -74.66 23.28 13.54
CA MET E 188 -73.68 24.29 13.97
C MET E 188 -72.70 24.61 12.84
N ILE E 189 -72.33 25.87 12.72
CA ILE E 189 -71.31 26.35 11.79
C ILE E 189 -70.11 26.82 12.60
N PRO E 190 -68.89 26.30 12.39
CA PRO E 190 -67.72 26.79 13.09
C PRO E 190 -67.41 28.27 12.78
N PRO E 191 -66.85 29.05 13.72
CA PRO E 191 -66.36 30.40 13.43
C PRO E 191 -65.21 30.41 12.43
N GLU E 192 -64.97 31.55 11.75
CA GLU E 192 -64.19 31.57 10.50
C GLU E 192 -62.67 31.60 10.59
N TYR E 193 -62.09 31.78 11.79
CA TYR E 193 -60.64 31.93 11.97
C TYR E 193 -60.05 32.99 11.02
N ASN E 194 -58.94 32.71 10.31
CA ASN E 194 -58.31 33.65 9.39
C ASN E 194 -59.03 33.70 8.03
N GLY E 195 -60.31 34.08 8.06
CA GLY E 195 -61.10 34.36 6.86
C GLY E 195 -61.51 33.12 6.07
N THR E 196 -61.66 31.96 6.72
CA THR E 196 -62.16 30.74 6.08
C THR E 196 -63.60 30.49 6.48
N THR E 197 -64.53 30.50 5.53
CA THR E 197 -65.94 30.22 5.81
C THR E 197 -66.20 28.72 5.87
N PHE E 198 -67.09 28.28 6.76
CA PHE E 198 -67.54 26.90 6.91
C PHE E 198 -69.05 26.80 6.69
N SER E 199 -69.52 25.66 6.19
CA SER E 199 -70.96 25.37 6.05
C SER E 199 -71.54 24.63 7.25
N THR E 200 -72.85 24.41 7.27
CA THR E 200 -73.44 23.32 8.06
C THR E 200 -72.95 21.96 7.55
N GLY E 201 -73.15 20.88 8.30
CA GLY E 201 -72.72 19.55 7.90
C GLY E 201 -71.23 19.27 8.12
N HIS E 202 -70.53 20.15 8.83
CA HIS E 202 -69.12 19.98 9.18
C HIS E 202 -68.95 18.84 10.19
N ASN E 203 -67.89 18.04 10.06
CA ASN E 203 -67.78 16.74 10.71
C ASN E 203 -66.35 16.44 11.17
N HIS E 204 -66.18 15.75 12.29
CA HIS E 204 -64.91 15.34 12.87
C HIS E 204 -64.87 13.84 13.20
N TYR E 205 -65.89 13.07 12.82
CA TYR E 205 -65.93 11.63 12.89
C TYR E 205 -65.68 11.09 11.49
N LEU E 206 -64.42 10.78 11.18
CA LEU E 206 -63.95 10.53 9.83
C LEU E 206 -63.71 9.04 9.58
N VAL E 207 -64.15 8.54 8.44
CA VAL E 207 -63.81 7.20 7.96
C VAL E 207 -62.70 7.30 6.92
N SER E 208 -61.67 6.47 7.09
CA SER E 208 -60.45 6.52 6.29
C SER E 208 -60.65 6.16 4.82
N GLY E 209 -61.65 5.35 4.47
CA GLY E 209 -61.89 4.95 3.09
C GLY E 209 -60.86 3.96 2.54
N GLY E 210 -60.21 3.19 3.41
CA GLY E 210 -59.19 2.21 3.07
C GLY E 210 -58.91 1.29 4.25
N THR E 211 -58.50 0.05 3.99
CA THR E 211 -58.37 -1.02 4.99
C THR E 211 -57.23 -0.80 6.00
N LYS E 212 -56.23 0.01 5.63
CA LYS E 212 -55.04 0.36 6.42
C LYS E 212 -54.83 1.86 6.36
N ILE E 213 -54.22 2.48 7.38
CA ILE E 213 -54.05 3.93 7.46
C ILE E 213 -53.06 4.47 6.41
N ASP E 214 -53.38 5.63 5.83
CA ASP E 214 -52.52 6.39 4.92
C ASP E 214 -51.94 7.64 5.56
N SER E 215 -50.83 8.12 5.01
CA SER E 215 -50.42 9.50 5.16
C SER E 215 -51.53 10.46 4.73
N ALA E 216 -52.26 10.16 3.65
CA ALA E 216 -53.39 10.95 3.21
C ALA E 216 -54.43 11.16 4.31
N ASP E 217 -54.76 10.10 5.06
CA ASP E 217 -55.74 10.15 6.14
C ASP E 217 -55.22 10.97 7.31
N VAL E 218 -53.95 10.77 7.69
CA VAL E 218 -53.31 11.48 8.78
C VAL E 218 -53.18 12.97 8.49
N GLU E 219 -52.77 13.33 7.27
CA GLU E 219 -52.68 14.72 6.83
C GLU E 219 -54.06 15.39 6.83
N MET E 220 -55.06 14.73 6.26
CA MET E 220 -56.44 15.23 6.23
C MET E 220 -56.98 15.50 7.63
N ALA E 221 -56.88 14.52 8.52
CA ALA E 221 -57.39 14.61 9.87
C ALA E 221 -56.75 15.75 10.65
N ALA E 222 -55.42 15.89 10.63
CA ALA E 222 -54.75 16.98 11.34
C ALA E 222 -55.17 18.36 10.80
N ASP E 223 -55.30 18.50 9.48
CA ASP E 223 -55.75 19.76 8.90
C ASP E 223 -57.21 20.07 9.19
N HIS E 224 -58.07 19.06 9.33
CA HIS E 224 -59.44 19.22 9.79
C HIS E 224 -59.51 19.85 11.19
N ILE E 225 -58.50 19.67 12.05
CA ILE E 225 -58.40 20.43 13.30
C ILE E 225 -57.88 21.82 13.01
N ARG E 226 -56.70 21.93 12.38
CA ARG E 226 -55.95 23.18 12.27
C ARG E 226 -56.65 24.27 11.47
N GLU E 227 -57.66 23.94 10.68
CA GLU E 227 -58.46 24.95 10.00
C GLU E 227 -59.27 25.84 10.97
N HIS E 228 -59.47 25.44 12.21
CA HIS E 228 -60.24 26.18 13.23
C HIS E 228 -59.43 27.15 14.08
N GLY E 229 -58.16 27.36 13.77
CA GLY E 229 -57.18 27.75 14.78
C GLY E 229 -56.50 26.49 15.29
N TYR E 230 -56.08 26.43 16.54
CA TYR E 230 -55.35 25.25 17.05
C TYR E 230 -54.10 24.94 16.22
N THR E 231 -53.38 25.98 15.79
CA THR E 231 -52.18 25.82 14.99
C THR E 231 -50.91 25.93 15.82
N GLU E 232 -49.80 25.54 15.23
CA GLU E 232 -48.49 25.62 15.83
C GLU E 232 -48.04 27.07 15.99
N GLU E 233 -48.47 27.98 15.10
CA GLU E 233 -48.26 29.43 15.23
C GLU E 233 -49.07 30.02 16.37
N ASN E 234 -50.26 29.49 16.64
CA ASN E 234 -51.02 29.77 17.86
C ASN E 234 -50.44 29.05 19.10
N GLY E 235 -49.28 28.41 19.00
CA GLY E 235 -48.59 27.78 20.11
C GLY E 235 -49.12 26.42 20.54
N THR E 236 -50.05 25.81 19.79
CA THR E 236 -50.59 24.50 20.16
C THR E 236 -49.69 23.34 19.74
N GLN E 237 -49.84 22.22 20.43
CA GLN E 237 -49.29 20.92 20.07
C GLN E 237 -50.46 19.99 19.70
N LEU E 238 -50.44 19.36 18.53
CA LEU E 238 -51.36 18.25 18.26
C LEU E 238 -50.76 16.93 18.77
N ILE E 239 -51.61 16.04 19.23
CA ILE E 239 -51.26 14.70 19.71
C ILE E 239 -52.16 13.70 18.97
N ALA E 240 -51.64 12.55 18.58
CA ALA E 240 -52.43 11.43 18.09
C ALA E 240 -52.28 10.26 19.07
N PHE E 241 -53.37 9.77 19.62
CA PHE E 241 -53.39 8.56 20.42
C PHE E 241 -53.88 7.42 19.55
N ALA E 242 -53.10 6.36 19.45
CA ALA E 242 -53.37 5.27 18.54
C ALA E 242 -53.05 3.90 19.14
N HIS E 243 -53.64 2.86 18.58
CA HIS E 243 -53.28 1.47 18.84
C HIS E 243 -52.08 1.04 17.99
N LYS E 244 -51.25 0.09 18.45
CA LYS E 244 -50.00 -0.25 17.75
C LYS E 244 -50.17 -0.74 16.33
N ALA E 245 -51.30 -1.35 15.97
CA ALA E 245 -51.55 -1.73 14.59
C ALA E 245 -51.59 -0.52 13.63
N GLU E 246 -51.91 0.68 14.11
CA GLU E 246 -51.84 1.90 13.32
C GLU E 246 -50.42 2.45 13.33
N ILE E 247 -49.79 2.55 14.51
CA ILE E 247 -48.44 3.10 14.65
C ILE E 247 -47.40 2.33 13.85
N GLN E 248 -47.52 1.00 13.75
CA GLN E 248 -46.63 0.21 12.93
C GLN E 248 -46.74 0.53 11.43
N GLU E 249 -47.85 1.09 10.94
CA GLU E 249 -47.91 1.68 9.60
C GLU E 249 -47.30 3.07 9.59
N VAL E 250 -47.72 3.94 10.51
CA VAL E 250 -47.34 5.35 10.48
C VAL E 250 -45.83 5.53 10.59
N ARG E 251 -45.14 4.76 11.41
CA ARG E 251 -43.68 4.86 11.52
C ARG E 251 -42.92 4.51 10.23
N ARG E 252 -43.57 3.89 9.24
CA ARG E 252 -43.01 3.62 7.92
C ARG E 252 -43.20 4.73 6.89
N PHE E 253 -43.91 5.81 7.19
CA PHE E 253 -44.12 6.90 6.22
C PHE E 253 -42.81 7.66 5.97
N ARG E 254 -42.46 7.86 4.69
CA ARG E 254 -41.24 8.57 4.25
C ARG E 254 -41.56 9.50 3.08
N PHE E 255 -40.93 10.67 3.03
CA PHE E 255 -41.29 11.76 2.13
C PHE E 255 -41.27 11.32 0.66
N GLY E 256 -42.37 11.52 -0.06
CA GLY E 256 -42.47 11.20 -1.48
C GLY E 256 -42.49 9.71 -1.80
N GLN E 257 -42.52 8.83 -0.79
CA GLN E 257 -42.64 7.38 -0.98
C GLN E 257 -44.09 6.92 -0.78
N THR E 258 -44.49 5.88 -1.50
CA THR E 258 -45.84 5.32 -1.46
C THR E 258 -46.09 4.48 -0.21
N ASN E 259 -47.28 4.60 0.37
CA ASN E 259 -47.74 3.88 1.55
C ASN E 259 -48.86 2.90 1.17
N ASN E 260 -49.74 2.60 2.12
CA ASN E 260 -51.01 1.93 1.87
C ASN E 260 -51.90 2.70 0.89
N ASN E 261 -52.82 2.00 0.23
CA ASN E 261 -53.84 2.54 -0.67
C ASN E 261 -53.31 3.51 -1.75
N SER E 262 -52.05 3.34 -2.17
CA SER E 262 -51.31 4.20 -3.11
C SER E 262 -51.14 5.67 -2.68
N ALA E 263 -51.35 6.02 -1.40
CA ALA E 263 -51.06 7.36 -0.90
C ALA E 263 -49.54 7.64 -0.90
N VAL E 264 -49.13 8.84 -1.26
CA VAL E 264 -47.73 9.28 -1.22
C VAL E 264 -47.56 10.28 -0.08
N ALA E 265 -46.60 10.06 0.82
CA ALA E 265 -46.50 10.85 2.03
C ALA E 265 -45.89 12.23 1.78
N ASN E 266 -46.56 13.30 2.18
CA ASN E 266 -46.02 14.66 2.04
C ASN E 266 -45.05 15.04 3.16
N TYR E 267 -44.88 14.19 4.16
CA TYR E 267 -43.95 14.33 5.27
C TYR E 267 -43.36 12.95 5.57
N ASP E 268 -42.25 12.87 6.28
CA ASP E 268 -41.73 11.63 6.84
C ASP E 268 -41.99 11.55 8.35
N PHE E 269 -42.18 10.32 8.86
CA PHE E 269 -42.22 10.10 10.29
C PHE E 269 -40.82 10.20 10.87
N VAL E 270 -40.61 11.08 11.85
CA VAL E 270 -39.33 11.19 12.55
C VAL E 270 -39.50 10.64 13.95
N GLN E 271 -38.76 9.59 14.29
CA GLN E 271 -38.86 8.96 15.60
C GLN E 271 -38.32 9.86 16.71
N SER E 272 -38.85 9.73 17.91
CA SER E 272 -38.42 10.55 19.05
C SER E 272 -37.04 10.13 19.56
N GLN E 273 -36.46 10.95 20.44
CA GLN E 273 -35.13 10.76 21.01
C GLN E 273 -34.89 9.37 21.64
N GLY E 274 -35.94 8.66 22.06
CA GLY E 274 -35.84 7.40 22.79
C GLY E 274 -36.08 6.11 22.01
N GLU E 275 -36.50 6.17 20.73
CA GLU E 275 -36.73 4.97 19.93
C GLU E 275 -35.40 4.29 19.51
N SER E 276 -35.44 3.02 19.11
CA SER E 276 -34.27 2.24 18.67
C SER E 276 -33.53 2.91 17.50
N PRO E 277 -32.19 2.88 17.44
CA PRO E 277 -31.40 3.62 16.47
C PRO E 277 -31.69 3.31 15.00
N LEU E 278 -31.43 4.26 14.11
CA LEU E 278 -31.74 4.17 12.68
C LEU E 278 -30.62 4.76 11.81
N TYR E 279 -30.23 4.13 10.70
CA TYR E 279 -29.22 4.72 9.80
C TYR E 279 -29.83 5.74 8.85
N LEU E 280 -29.14 6.86 8.65
CA LEU E 280 -29.54 7.99 7.81
C LEU E 280 -28.57 8.17 6.63
N PRO E 281 -29.03 8.55 5.43
CA PRO E 281 -28.17 8.69 4.24
C PRO E 281 -27.10 9.78 4.34
N ASN E 282 -27.19 10.68 5.30
CA ASN E 282 -26.44 11.93 5.36
C ASN E 282 -25.81 12.16 6.74
N ALA E 283 -24.61 12.71 6.79
CA ALA E 283 -23.88 12.92 8.04
C ALA E 283 -24.53 13.93 8.98
N ASP E 284 -25.24 14.93 8.45
CA ASP E 284 -26.10 15.83 9.23
C ASP E 284 -27.49 15.23 9.44
N GLY E 285 -27.92 14.34 8.56
CA GLY E 285 -29.04 13.41 8.71
C GLY E 285 -30.43 14.03 8.65
N LEU E 286 -30.68 15.00 9.51
CA LEU E 286 -32.00 15.52 9.86
C LEU E 286 -32.01 17.04 9.76
N LEU E 287 -33.03 17.58 9.12
CA LEU E 287 -33.28 19.00 8.96
C LEU E 287 -34.41 19.38 9.93
N GLY E 288 -34.20 20.38 10.79
CA GLY E 288 -35.05 20.63 11.95
C GLY E 288 -34.58 19.89 13.21
N LYS E 289 -35.46 19.73 14.21
CA LYS E 289 -35.15 19.19 15.55
C LYS E 289 -35.94 17.91 15.86
N GLN E 290 -35.29 16.89 16.42
CA GLN E 290 -35.93 15.61 16.72
C GLN E 290 -37.04 15.72 17.80
N PRO E 291 -38.15 14.96 17.72
CA PRO E 291 -39.25 15.06 18.70
C PRO E 291 -38.88 14.61 20.11
N GLN E 292 -39.54 15.22 21.10
CA GLN E 292 -39.44 14.83 22.50
C GLN E 292 -39.85 13.37 22.71
N SER E 293 -39.15 12.65 23.59
CA SER E 293 -39.45 11.25 23.91
C SER E 293 -40.68 11.09 24.80
N MET E 294 -41.04 12.11 25.56
CA MET E 294 -42.13 12.07 26.53
C MET E 294 -42.95 13.36 26.49
N TRP E 295 -44.27 13.24 26.54
CA TRP E 295 -45.20 14.36 26.65
C TRP E 295 -46.20 14.09 27.77
N LYS E 296 -46.35 15.01 28.71
CA LYS E 296 -47.29 14.90 29.83
C LYS E 296 -47.12 13.62 30.68
N GLY E 297 -45.93 13.02 30.64
CA GLY E 297 -45.61 11.72 31.24
C GLY E 297 -45.96 10.49 30.42
N LEU E 298 -46.59 10.62 29.26
CA LEU E 298 -46.79 9.55 28.28
C LEU E 298 -45.61 9.48 27.30
N ARG E 299 -45.36 8.33 26.68
CA ARG E 299 -44.19 8.12 25.82
C ARG E 299 -44.54 8.21 24.35
N VAL E 300 -43.75 8.99 23.63
CA VAL E 300 -44.00 9.43 22.25
C VAL E 300 -43.14 8.60 21.30
N LYS E 301 -43.76 7.96 20.32
CA LYS E 301 -43.04 7.16 19.33
C LYS E 301 -42.28 8.05 18.36
N GLY E 302 -42.95 9.07 17.82
CA GLY E 302 -42.34 10.04 16.94
C GLY E 302 -43.30 11.16 16.59
N SER E 303 -42.95 11.91 15.56
CA SER E 303 -43.74 13.01 15.03
C SER E 303 -43.98 12.81 13.55
N TYR E 304 -45.17 13.16 13.09
CA TYR E 304 -45.48 13.28 11.68
C TYR E 304 -46.17 14.61 11.49
N ASP E 305 -45.76 15.48 10.57
CA ASP E 305 -46.47 16.74 10.32
C ASP E 305 -46.73 17.57 11.61
N ASP E 306 -45.73 17.61 12.50
CA ASP E 306 -45.80 18.17 13.86
C ASP E 306 -46.77 17.54 14.87
N VAL E 307 -47.65 16.60 14.50
CA VAL E 307 -48.45 15.85 15.48
C VAL E 307 -47.62 14.73 16.11
N LEU E 308 -47.51 14.71 17.44
CA LEU E 308 -46.83 13.63 18.17
C LEU E 308 -47.69 12.37 18.21
N TRP E 309 -47.13 11.21 17.90
CA TRP E 309 -47.85 9.94 17.96
C TRP E 309 -47.52 9.17 19.24
N ILE E 310 -48.56 8.79 19.98
CA ILE E 310 -48.48 8.11 21.26
C ILE E 310 -49.18 6.76 21.15
N GLU E 311 -48.46 5.69 21.49
CA GLU E 311 -49.00 4.34 21.61
C GLU E 311 -49.86 4.25 22.88
N GLU E 312 -51.17 4.18 22.71
CA GLU E 312 -52.12 4.29 23.80
C GLU E 312 -52.83 2.95 24.02
N PRO E 313 -52.55 2.24 25.12
CA PRO E 313 -53.10 0.92 25.33
C PRO E 313 -54.62 0.89 25.49
N THR E 314 -55.26 1.98 25.94
CA THR E 314 -56.73 2.03 26.07
C THR E 314 -57.46 2.15 24.73
N MET E 315 -56.79 2.59 23.68
CA MET E 315 -57.39 2.85 22.37
C MET E 315 -57.82 1.56 21.65
N PRO E 316 -59.05 1.43 21.14
CA PRO E 316 -59.45 0.28 20.35
C PRO E 316 -58.67 0.19 19.05
N ALA E 317 -58.52 -1.01 18.50
CA ALA E 317 -57.90 -1.20 17.20
C ALA E 317 -58.76 -0.61 16.08
N GLY E 318 -58.16 0.04 15.11
CA GLY E 318 -58.85 0.65 13.98
C GLY E 318 -59.32 2.08 14.23
N TYR E 319 -58.92 2.74 15.32
CA TYR E 319 -59.28 4.13 15.62
C TYR E 319 -58.05 4.94 16.01
N VAL E 320 -58.04 6.23 15.68
CA VAL E 320 -57.07 7.22 16.14
C VAL E 320 -57.83 8.44 16.66
N LEU E 321 -57.42 8.96 17.80
CA LEU E 321 -57.90 10.25 18.31
C LEU E 321 -56.81 11.29 18.11
N PHE E 322 -57.09 12.33 17.33
CA PHE E 322 -56.25 13.50 17.20
C PHE E 322 -56.76 14.57 18.16
N LEU E 323 -55.91 15.16 18.97
CA LEU E 323 -56.28 16.12 20.01
C LEU E 323 -55.36 17.34 19.97
N ALA E 324 -55.90 18.55 20.02
CA ALA E 324 -55.13 19.78 20.18
C ALA E 324 -54.81 20.08 21.64
N THR E 325 -53.74 20.80 21.93
CA THR E 325 -53.28 21.08 23.31
C THR E 325 -52.55 22.41 23.41
N GLY E 326 -52.68 23.13 24.51
CA GLY E 326 -51.90 24.33 24.81
C GLY E 326 -52.22 25.51 23.88
N GLY E 327 -51.23 26.38 23.65
CA GLY E 327 -51.39 27.55 22.79
C GLY E 327 -52.46 28.51 23.29
N THR E 328 -53.11 29.24 22.38
CA THR E 328 -54.14 30.23 22.75
C THR E 328 -55.50 29.57 23.02
N LEU E 329 -56.00 28.74 22.12
CA LEU E 329 -57.36 28.18 22.21
C LEU E 329 -57.47 26.99 23.19
N ALA E 330 -56.52 26.06 23.20
CA ALA E 330 -56.62 24.80 23.92
C ALA E 330 -56.02 24.86 25.34
N GLN E 331 -56.18 25.99 26.04
CA GLN E 331 -55.76 26.17 27.43
C GLN E 331 -56.54 25.35 28.46
N GLN E 332 -57.75 24.87 28.13
CA GLN E 332 -58.48 23.90 28.93
C GLN E 332 -58.81 22.65 28.12
N ASN E 333 -58.88 21.52 28.80
CA ASN E 333 -58.96 20.20 28.19
C ASN E 333 -60.30 19.96 27.47
N LEU E 334 -60.43 18.88 26.70
CA LEU E 334 -61.55 18.72 25.77
C LEU E 334 -62.92 18.54 26.43
N VAL E 335 -63.01 17.76 27.51
CA VAL E 335 -64.29 17.31 28.09
C VAL E 335 -64.57 17.97 29.44
N GLY E 336 -65.73 18.58 29.63
CA GLY E 336 -66.11 19.14 30.93
C GLY E 336 -66.77 18.08 31.80
N LEU E 337 -66.31 17.94 33.05
CA LEU E 337 -66.98 17.16 34.10
C LEU E 337 -67.89 18.07 34.92
N ARG E 338 -69.20 17.83 34.83
CA ARG E 338 -70.21 18.45 35.68
C ARG E 338 -70.46 17.60 36.91
N GLU E 339 -70.56 18.25 38.06
CA GLU E 339 -70.88 17.65 39.34
C GLU E 339 -71.94 18.50 40.07
N HIS E 340 -72.57 17.95 41.12
CA HIS E 340 -73.67 18.63 41.82
C HIS E 340 -73.23 19.95 42.44
N GLU E 341 -74.13 20.93 42.48
CA GLU E 341 -73.86 22.27 43.01
C GLU E 341 -73.54 22.29 44.50
N ASP E 342 -73.98 21.30 45.27
CA ASP E 342 -73.77 21.20 46.71
C ASP E 342 -72.63 20.23 47.05
N ALA E 343 -71.65 20.69 47.83
CA ALA E 343 -70.50 19.89 48.23
C ALA E 343 -70.88 18.61 48.97
N ALA E 344 -72.04 18.57 49.63
CA ALA E 344 -72.54 17.37 50.28
C ALA E 344 -72.85 16.22 49.31
N TRP E 345 -72.99 16.50 48.01
CA TRP E 345 -73.33 15.52 46.98
C TRP E 345 -72.23 15.32 45.93
N ARG E 346 -71.12 16.04 46.01
CA ARG E 346 -69.95 15.82 45.16
C ARG E 346 -69.08 14.67 45.65
N GLY E 347 -68.31 14.09 44.72
CA GLY E 347 -67.41 12.97 45.00
C GLY E 347 -68.11 11.63 45.12
N LEU E 348 -67.31 10.56 45.22
CA LEU E 348 -67.77 9.23 45.62
C LEU E 348 -68.10 9.23 47.11
N ARG E 349 -69.26 8.67 47.48
CA ARG E 349 -69.80 8.70 48.85
C ARG E 349 -70.34 7.35 49.25
N GLN E 350 -70.34 7.09 50.56
CA GLN E 350 -70.96 5.91 51.15
C GLN E 350 -72.28 6.29 51.81
N ILE E 351 -73.34 5.54 51.53
CA ILE E 351 -74.66 5.68 52.13
C ILE E 351 -74.88 4.48 53.09
N PRO E 352 -75.34 4.66 54.34
CA PRO E 352 -75.27 3.62 55.37
C PRO E 352 -76.06 2.32 55.19
N GLY E 353 -76.80 2.10 54.12
CA GLY E 353 -77.57 0.86 53.90
C GLY E 353 -78.81 0.73 54.79
N ASN E 354 -79.68 -0.24 54.52
CA ASN E 354 -81.01 -0.27 55.15
C ASN E 354 -81.50 -1.65 55.59
N GLN E 355 -80.57 -2.59 55.68
CA GLN E 355 -80.60 -3.75 56.57
C GLN E 355 -79.22 -3.76 57.23
N THR E 356 -79.13 -3.91 58.55
CA THR E 356 -77.97 -3.30 59.25
C THR E 356 -77.30 -4.07 60.40
N ARG E 357 -77.76 -5.26 60.79
CA ARG E 357 -77.14 -5.93 61.98
C ARG E 357 -77.28 -7.44 61.88
N TYR E 358 -78.52 -7.94 61.75
CA TYR E 358 -78.76 -9.38 61.72
C TYR E 358 -80.14 -9.62 61.09
N PRO E 359 -80.34 -10.64 60.25
CA PRO E 359 -79.35 -11.56 59.74
C PRO E 359 -78.54 -11.00 58.56
N LEU E 360 -78.96 -9.89 57.97
CA LEU E 360 -78.41 -9.34 56.73
C LEU E 360 -77.92 -7.92 56.93
N ILE E 361 -76.86 -7.56 56.24
CA ILE E 361 -76.17 -6.28 56.35
C ILE E 361 -75.93 -5.74 54.94
N ASP E 362 -76.15 -4.45 54.68
CA ASP E 362 -75.69 -3.83 53.45
C ASP E 362 -75.24 -2.38 53.61
N SER E 363 -74.55 -1.88 52.59
CA SER E 363 -74.14 -0.49 52.43
C SER E 363 -74.03 -0.14 50.96
N PHE E 364 -74.11 1.15 50.62
CA PHE E 364 -74.06 1.61 49.24
C PHE E 364 -72.91 2.56 48.99
N TYR E 365 -72.35 2.51 47.78
CA TYR E 365 -71.52 3.56 47.22
C TYR E 365 -72.34 4.29 46.17
N GLN E 366 -72.26 5.61 46.15
CA GLN E 366 -72.98 6.45 45.19
C GLN E 366 -72.03 7.48 44.61
N ARG E 367 -72.10 7.73 43.30
CA ARG E 367 -71.44 8.87 42.65
C ARG E 367 -72.36 9.46 41.58
N SER E 368 -72.37 10.77 41.43
CA SER E 368 -73.10 11.41 40.35
C SER E 368 -72.33 12.55 39.71
N PHE E 369 -72.33 12.55 38.38
CA PHE E 369 -71.55 13.44 37.51
C PHE E 369 -72.06 13.32 36.07
N GLY E 370 -71.62 14.17 35.17
CA GLY E 370 -71.81 13.96 33.74
C GLY E 370 -70.89 14.79 32.88
N THR E 371 -70.92 14.56 31.57
CA THR E 371 -69.89 15.01 30.63
C THR E 371 -70.46 15.67 29.37
N GLY E 372 -69.80 16.71 28.88
CA GLY E 372 -70.06 17.34 27.58
C GLY E 372 -68.85 18.09 27.04
N ILE E 373 -68.81 18.38 25.74
CA ILE E 373 -67.68 19.04 25.06
C ILE E 373 -68.05 20.49 24.69
N ARG E 374 -67.20 21.45 25.04
CA ARG E 374 -67.35 22.86 24.62
C ARG E 374 -66.67 23.14 23.29
N GLN E 375 -65.40 22.78 23.17
CA GLN E 375 -64.55 23.01 22.00
C GLN E 375 -64.79 21.94 20.93
N ARG E 376 -65.92 22.00 20.22
CA ARG E 376 -66.33 20.93 19.28
C ARG E 376 -65.35 20.64 18.14
N GLY E 377 -64.41 21.54 17.89
CA GLY E 377 -63.37 21.41 16.88
C GLY E 377 -61.98 21.05 17.41
N GLY E 378 -61.83 20.84 18.72
CA GLY E 378 -60.52 20.63 19.36
C GLY E 378 -59.92 19.24 19.15
N ALA E 379 -60.64 18.32 18.51
CA ALA E 379 -60.20 16.97 18.26
C ALA E 379 -60.89 16.36 17.04
N VAL E 380 -60.32 15.28 16.49
CA VAL E 380 -60.87 14.49 15.39
C VAL E 380 -60.77 13.02 15.75
N VAL E 381 -61.79 12.24 15.44
CA VAL E 381 -61.71 10.78 15.51
C VAL E 381 -61.65 10.22 14.10
N LEU E 382 -60.64 9.44 13.80
CA LEU E 382 -60.45 8.76 12.52
C LEU E 382 -60.61 7.26 12.72
N GLN E 383 -61.52 6.63 11.98
CA GLN E 383 -61.74 5.20 11.97
C GLN E 383 -61.21 4.59 10.68
N ILE E 384 -60.43 3.53 10.78
CA ILE E 384 -59.84 2.83 9.64
C ILE E 384 -60.78 1.71 9.22
N LYS E 385 -61.52 1.94 8.13
CA LYS E 385 -62.35 0.96 7.44
C LYS E 385 -62.44 1.34 5.97
N ALA E 386 -62.73 0.36 5.12
CA ALA E 386 -62.70 0.51 3.67
C ALA E 386 -63.80 1.42 3.11
N SER E 387 -65.02 1.34 3.64
CA SER E 387 -66.19 2.08 3.16
C SER E 387 -67.31 2.10 4.21
N GLY E 388 -68.28 2.99 4.03
CA GLY E 388 -69.43 3.17 4.93
C GLY E 388 -69.23 4.29 5.95
N THR E 389 -70.22 4.47 6.83
CA THR E 389 -70.22 5.53 7.85
C THR E 389 -69.43 5.15 9.11
N TYR E 390 -69.19 6.11 10.01
CA TYR E 390 -68.47 5.92 11.26
C TYR E 390 -69.25 5.02 12.23
N ASP E 391 -68.57 4.06 12.85
CA ASP E 391 -69.11 3.22 13.93
C ASP E 391 -68.56 3.66 15.28
N ILE E 392 -69.40 3.76 16.30
CA ILE E 392 -68.91 4.06 17.65
C ILE E 392 -68.21 2.79 18.19
N PRO E 393 -67.05 2.88 18.85
CA PRO E 393 -66.42 1.73 19.50
C PRO E 393 -67.35 1.10 20.52
N THR E 394 -67.58 -0.21 20.46
CA THR E 394 -68.58 -0.88 21.31
C THR E 394 -68.38 -0.58 22.79
N LYS E 395 -67.13 -0.62 23.24
CA LYS E 395 -66.70 -0.29 24.60
C LYS E 395 -67.03 1.12 25.11
N TRP E 396 -67.40 2.05 24.23
CA TRP E 396 -67.71 3.45 24.53
C TRP E 396 -69.03 3.92 23.89
N THR E 397 -69.99 3.02 23.70
CA THR E 397 -71.37 3.37 23.33
C THR E 397 -72.23 3.63 24.57
N ASN E 398 -73.06 4.67 24.55
CA ASN E 398 -73.89 5.07 25.71
C ASN E 398 -74.81 3.96 26.24
N GLY E 399 -75.37 3.10 25.39
CA GLY E 399 -76.28 2.03 25.82
C GLY E 399 -75.61 0.87 26.57
N GLY E 400 -74.28 0.81 26.59
CA GLY E 400 -73.50 -0.29 27.17
C GLY E 400 -73.38 -0.23 28.70
N GLY E 401 -72.34 -0.87 29.22
CA GLY E 401 -72.09 -1.00 30.66
C GLY E 401 -71.50 0.24 31.32
N PHE E 402 -70.82 0.02 32.44
CA PHE E 402 -70.30 1.05 33.35
C PHE E 402 -68.85 0.79 33.75
N GLU E 403 -68.31 -0.37 33.38
CA GLU E 403 -66.95 -0.80 33.69
C GLU E 403 -65.92 -0.03 32.86
N ASN F 28 -17.03 -43.70 26.56
CA ASN F 28 -16.18 -43.64 27.78
C ASN F 28 -15.62 -45.02 28.11
N GLN F 29 -14.51 -45.06 28.85
CA GLN F 29 -13.69 -46.27 28.96
C GLN F 29 -14.19 -47.29 30.00
N GLY F 30 -14.63 -46.84 31.17
CA GLY F 30 -15.33 -47.65 32.17
C GLY F 30 -14.50 -48.69 32.95
N GLY F 31 -15.12 -49.32 33.95
CA GLY F 31 -14.54 -50.44 34.72
C GLY F 31 -13.55 -50.08 35.83
N TYR F 32 -12.98 -51.10 36.46
CA TYR F 32 -11.90 -50.97 37.44
C TYR F 32 -10.60 -50.56 36.78
N ASN F 33 -9.80 -49.75 37.47
CA ASN F 33 -8.41 -49.53 37.12
C ASN F 33 -7.57 -50.72 37.60
N THR F 34 -6.79 -51.29 36.70
CA THR F 34 -6.02 -52.53 36.90
C THR F 34 -4.55 -52.30 36.62
N ALA F 35 -3.66 -53.06 37.25
CA ALA F 35 -2.32 -53.21 36.71
C ALA F 35 -2.42 -53.77 35.28
N GLY F 36 -1.71 -53.19 34.32
CA GLY F 36 -1.95 -53.40 32.89
C GLY F 36 -2.74 -52.27 32.22
N ASP F 37 -3.50 -51.47 32.96
CA ASP F 37 -3.85 -50.11 32.53
C ASP F 37 -2.70 -49.13 32.76
N ILE F 38 -1.82 -49.42 33.73
CA ILE F 38 -0.48 -48.83 33.83
C ILE F 38 0.40 -49.47 32.76
N LYS F 39 1.22 -48.71 32.04
CA LYS F 39 1.96 -49.23 30.86
C LYS F 39 3.46 -48.96 30.81
N TYR F 40 3.99 -48.04 31.62
CA TYR F 40 5.41 -47.95 31.93
C TYR F 40 5.65 -47.10 33.18
N LYS F 41 6.82 -47.24 33.81
CA LYS F 41 7.38 -46.23 34.73
C LYS F 41 7.96 -45.05 33.96
N THR F 42 8.75 -45.34 32.94
CA THR F 42 9.31 -44.35 32.01
C THR F 42 9.35 -44.89 30.57
N ALA F 43 9.30 -43.99 29.60
CA ALA F 43 9.49 -44.31 28.19
C ALA F 43 10.43 -43.29 27.56
N ASP F 44 11.49 -43.74 26.89
CA ASP F 44 12.55 -42.87 26.34
C ASP F 44 12.96 -41.74 27.31
N GLY F 45 13.08 -42.09 28.59
CA GLY F 45 13.49 -41.20 29.68
C GLY F 45 12.42 -40.30 30.31
N VAL F 46 11.23 -40.13 29.72
CA VAL F 46 10.15 -39.33 30.34
C VAL F 46 9.38 -40.18 31.35
N SER F 47 8.91 -39.62 32.46
CA SER F 47 8.23 -40.37 33.52
C SER F 47 6.71 -40.25 33.47
N TYR F 48 6.03 -41.37 33.68
CA TYR F 48 4.57 -41.46 33.61
C TYR F 48 3.90 -40.59 34.67
N ASP F 49 4.52 -40.42 35.83
CA ASP F 49 4.05 -39.48 36.86
C ASP F 49 4.09 -38.02 36.38
N SER F 50 5.12 -37.61 35.61
CA SER F 50 5.18 -36.25 35.06
C SER F 50 4.10 -36.01 34.01
N LEU F 51 3.82 -37.00 33.18
CA LEU F 51 2.74 -36.92 32.20
C LEU F 51 1.39 -36.71 32.88
N TRP F 52 1.04 -37.53 33.87
CA TRP F 52 -0.19 -37.31 34.64
C TRP F 52 -0.18 -36.03 35.45
N ASN F 53 0.98 -35.54 35.89
CA ASN F 53 1.04 -34.29 36.60
C ASN F 53 0.63 -33.09 35.74
N LEU F 54 0.79 -33.13 34.42
CA LEU F 54 0.30 -32.06 33.53
C LEU F 54 -1.18 -31.81 33.73
N PHE F 55 -1.98 -32.88 33.73
CA PHE F 55 -3.43 -32.84 33.86
C PHE F 55 -3.94 -32.74 35.30
N SER F 56 -3.06 -32.66 36.29
CA SER F 56 -3.46 -32.69 37.71
C SER F 56 -4.33 -31.51 38.14
N ASN F 57 -4.24 -30.37 37.44
CA ASN F 57 -4.89 -29.13 37.85
C ASN F 57 -5.36 -28.26 36.66
N VAL F 58 -5.54 -28.85 35.48
CA VAL F 58 -6.08 -28.14 34.32
C VAL F 58 -7.54 -27.74 34.54
N THR F 59 -8.01 -26.72 33.85
CA THR F 59 -9.45 -26.46 33.71
C THR F 59 -9.77 -26.04 32.28
N ASP F 60 -10.83 -26.59 31.72
CA ASP F 60 -11.22 -26.37 30.33
C ASP F 60 -11.91 -25.01 30.18
N GLU F 61 -11.51 -24.20 29.19
CA GLU F 61 -12.16 -22.92 28.93
C GLU F 61 -13.63 -23.07 28.56
N TRP F 62 -14.04 -24.19 27.96
CA TRP F 62 -15.47 -24.48 27.80
C TRP F 62 -16.19 -24.67 29.12
N ASN F 63 -15.58 -25.31 30.11
CA ASN F 63 -16.20 -25.48 31.41
C ASN F 63 -16.20 -24.17 32.21
N LYS F 64 -15.25 -23.27 31.97
CA LYS F 64 -15.30 -21.89 32.49
C LYS F 64 -16.41 -21.08 31.83
N HIS F 65 -16.61 -21.20 30.52
CA HIS F 65 -17.73 -20.57 29.84
C HIS F 65 -19.07 -21.10 30.32
N LYS F 66 -19.24 -22.42 30.41
CA LYS F 66 -20.46 -23.04 30.94
C LYS F 66 -20.77 -22.57 32.35
N SER F 67 -19.75 -22.44 33.20
CA SER F 67 -19.92 -21.91 34.55
C SER F 67 -20.32 -20.43 34.55
N LYS F 68 -19.83 -19.61 33.63
CA LYS F 68 -20.31 -18.24 33.40
C LYS F 68 -21.77 -18.22 32.97
N MET F 69 -22.18 -19.03 31.99
CA MET F 69 -23.56 -19.03 31.53
C MET F 69 -24.53 -19.42 32.64
N VAL F 70 -24.21 -20.43 33.45
CA VAL F 70 -24.99 -20.77 34.65
C VAL F 70 -25.08 -19.58 35.59
N GLN F 71 -23.98 -18.89 35.84
CA GLN F 71 -23.94 -17.79 36.80
C GLN F 71 -24.80 -16.59 36.36
N LEU F 72 -24.88 -16.29 35.07
CA LEU F 72 -25.73 -15.21 34.54
C LEU F 72 -27.15 -15.67 34.19
N MET F 73 -27.50 -16.95 34.36
CA MET F 73 -28.81 -17.50 33.97
C MET F 73 -29.58 -18.19 35.08
N THR F 74 -29.06 -18.21 36.30
CA THR F 74 -29.70 -18.85 37.45
C THR F 74 -29.70 -18.00 38.70
N PHE F 75 -30.50 -18.38 39.69
CA PHE F 75 -30.48 -17.82 41.04
C PHE F 75 -30.61 -18.93 42.09
N PRO F 76 -30.08 -18.76 43.31
CA PRO F 76 -30.26 -19.73 44.39
C PRO F 76 -31.68 -19.68 44.95
N VAL F 77 -32.41 -20.79 44.92
CA VAL F 77 -33.78 -20.87 45.43
C VAL F 77 -33.77 -20.84 46.96
N THR F 78 -34.35 -19.80 47.56
CA THR F 78 -34.64 -19.76 49.00
C THR F 78 -36.02 -20.28 49.35
N ASN F 79 -36.99 -20.19 48.43
CA ASN F 79 -38.40 -20.54 48.64
C ASN F 79 -38.79 -21.69 47.71
N GLN F 80 -39.06 -22.89 48.22
CA GLN F 80 -39.24 -24.07 47.36
C GLN F 80 -40.52 -24.02 46.51
N THR F 81 -41.48 -23.16 46.86
CA THR F 81 -42.69 -22.89 46.06
C THR F 81 -43.00 -21.40 46.00
N GLU F 82 -43.81 -20.99 45.04
CA GLU F 82 -44.24 -19.60 44.81
C GLU F 82 -45.75 -19.59 44.56
N LYS F 83 -46.47 -18.53 44.96
CA LYS F 83 -47.88 -18.30 44.57
C LYS F 83 -48.06 -16.99 43.83
N VAL F 84 -48.93 -16.99 42.84
CA VAL F 84 -49.37 -15.78 42.11
C VAL F 84 -50.89 -15.61 42.25
N PRO F 85 -51.37 -14.90 43.27
CA PRO F 85 -52.78 -14.66 43.47
C PRO F 85 -53.33 -13.54 42.57
N ARG F 86 -54.64 -13.55 42.37
CA ARG F 86 -55.43 -12.53 41.65
C ARG F 86 -56.84 -12.44 42.22
N ILE F 87 -57.52 -11.32 42.01
CA ILE F 87 -58.94 -11.14 42.32
C ILE F 87 -59.70 -10.59 41.12
N GLY F 88 -60.99 -10.90 41.02
CA GLY F 88 -61.90 -10.28 40.04
C GLY F 88 -62.24 -8.82 40.36
N GLN F 89 -63.12 -8.23 39.56
CA GLN F 89 -63.48 -6.81 39.59
C GLN F 89 -64.96 -6.58 39.22
N PHE F 90 -65.50 -5.40 39.53
CA PHE F 90 -66.90 -5.04 39.33
C PHE F 90 -67.09 -3.55 38.99
N GLY F 91 -68.27 -3.18 38.48
CA GLY F 91 -68.64 -1.79 38.15
C GLY F 91 -69.95 -1.30 38.77
N PHE F 92 -70.23 0.00 38.65
CA PHE F 92 -71.48 0.64 39.08
C PHE F 92 -72.69 0.26 38.21
N GLU F 93 -73.87 0.77 38.56
CA GLU F 93 -75.05 0.82 37.69
C GLU F 93 -75.82 2.13 37.91
N LYS F 94 -76.74 2.50 37.02
CA LYS F 94 -77.57 3.71 37.19
C LYS F 94 -78.44 3.65 38.44
N ALA F 95 -78.54 4.76 39.15
CA ALA F 95 -79.41 4.92 40.30
C ALA F 95 -80.90 5.02 39.94
N SER F 96 -81.76 5.14 40.95
CA SER F 96 -83.21 5.31 40.87
C SER F 96 -83.66 6.13 42.08
N GLU F 97 -84.80 6.83 42.00
CA GLU F 97 -85.35 7.52 43.17
C GLU F 97 -86.05 6.54 44.15
N PHE F 98 -86.41 5.33 43.71
CA PHE F 98 -87.10 4.33 44.54
C PHE F 98 -86.31 3.05 44.81
N GLY F 99 -85.64 2.47 43.82
CA GLY F 99 -84.98 1.17 43.94
C GLY F 99 -83.68 1.18 44.75
N VAL F 100 -83.06 0.01 44.88
CA VAL F 100 -81.72 -0.21 45.43
C VAL F 100 -80.87 -1.07 44.48
N PRO F 101 -79.55 -0.88 44.42
CA PRO F 101 -78.70 -1.53 43.44
C PRO F 101 -78.57 -3.03 43.64
N GLU F 102 -78.26 -3.74 42.56
CA GLU F 102 -77.77 -5.12 42.65
C GLU F 102 -76.38 -5.16 43.28
N SER F 103 -76.15 -6.12 44.16
CA SER F 103 -74.91 -6.25 44.92
C SER F 103 -73.75 -6.73 44.08
N LYS F 104 -72.53 -6.39 44.50
CA LYS F 104 -71.28 -6.74 43.82
C LYS F 104 -70.39 -7.56 44.77
N ARG F 105 -69.56 -8.44 44.20
CA ARG F 105 -68.77 -9.45 44.91
C ARG F 105 -67.53 -9.81 44.09
N THR F 106 -66.46 -10.31 44.72
CA THR F 106 -65.27 -10.79 44.01
C THR F 106 -64.64 -11.97 44.72
N GLU F 107 -63.84 -12.76 44.01
CA GLU F 107 -63.21 -13.99 44.50
C GLU F 107 -61.71 -14.02 44.23
N LEU F 108 -60.93 -14.57 45.16
CA LEU F 108 -59.50 -14.77 45.01
C LEU F 108 -59.19 -16.11 44.33
N SER F 109 -58.09 -16.16 43.57
CA SER F 109 -57.57 -17.37 42.92
C SER F 109 -56.06 -17.27 42.78
N PHE F 110 -55.36 -18.38 42.56
CA PHE F 110 -53.90 -18.40 42.42
C PHE F 110 -53.41 -19.59 41.62
N TYR F 111 -52.15 -19.54 41.18
CA TYR F 111 -51.35 -20.67 40.72
C TYR F 111 -50.18 -20.88 41.67
N GLN F 112 -49.74 -22.12 41.85
CA GLN F 112 -48.48 -22.46 42.50
C GLN F 112 -47.40 -22.82 41.46
N LEU F 113 -46.17 -22.38 41.70
CA LEU F 113 -44.96 -22.81 40.99
C LEU F 113 -44.03 -23.51 41.99
N ALA F 114 -43.21 -24.45 41.53
CA ALA F 114 -42.22 -25.13 42.36
C ALA F 114 -40.91 -25.40 41.61
N TYR F 115 -39.86 -25.77 42.34
CA TYR F 115 -38.55 -26.14 41.78
C TYR F 115 -38.24 -27.62 42.02
N ASP F 116 -37.80 -28.32 40.98
CA ASP F 116 -37.45 -29.76 41.02
C ASP F 116 -36.21 -30.04 41.88
N PHE F 117 -35.96 -31.29 42.25
CA PHE F 117 -34.72 -31.72 42.92
C PHE F 117 -34.35 -33.16 42.56
N GLU F 118 -33.06 -33.44 42.39
CA GLU F 118 -32.54 -34.74 41.97
C GLU F 118 -31.13 -35.01 42.52
N ASP F 119 -30.77 -36.28 42.64
CA ASP F 119 -29.47 -36.76 43.11
C ASP F 119 -28.65 -37.40 41.99
N TYR F 120 -27.36 -37.08 41.94
CA TYR F 120 -26.41 -37.56 40.94
C TYR F 120 -25.15 -38.12 41.60
N ASP F 121 -24.49 -39.04 40.93
CA ASP F 121 -23.53 -39.99 41.48
C ASP F 121 -22.41 -40.30 40.46
N LEU F 122 -21.21 -40.64 40.92
CA LEU F 122 -20.08 -41.06 40.09
C LEU F 122 -19.14 -41.95 40.91
N ALA F 123 -18.46 -42.94 40.32
CA ALA F 123 -17.46 -43.77 41.01
C ALA F 123 -16.08 -43.77 40.35
N PHE F 124 -15.04 -43.91 41.17
CA PHE F 124 -13.76 -44.47 40.74
C PHE F 124 -13.49 -45.78 41.48
N ARG F 125 -13.08 -46.83 40.76
CA ARG F 125 -12.72 -48.11 41.34
C ARG F 125 -11.33 -48.58 40.94
N TYR F 126 -10.62 -49.20 41.87
CA TYR F 126 -9.24 -49.64 41.70
C TYR F 126 -9.05 -51.07 42.20
N THR F 127 -8.09 -51.78 41.65
CA THR F 127 -7.52 -52.98 42.26
C THR F 127 -6.38 -52.63 43.20
N TRP F 128 -6.09 -53.46 44.19
CA TRP F 128 -5.03 -53.22 45.17
C TRP F 128 -3.66 -53.04 44.51
N LYS F 129 -3.36 -53.85 43.50
CA LYS F 129 -2.11 -53.74 42.74
C LYS F 129 -2.06 -52.58 41.74
N PHE F 130 -3.19 -52.08 41.24
CA PHE F 130 -3.18 -50.77 40.60
C PHE F 130 -2.74 -49.69 41.59
N LEU F 131 -3.32 -49.60 42.79
CA LEU F 131 -2.90 -48.57 43.75
C LEU F 131 -1.46 -48.73 44.24
N ARG F 132 -0.89 -49.94 44.23
CA ARG F 132 0.52 -50.16 44.51
C ARG F 132 1.43 -49.52 43.46
N ASP F 133 1.11 -49.71 42.19
CA ASP F 133 1.98 -49.34 41.06
C ASP F 133 1.66 -47.98 40.40
N ALA F 134 0.43 -47.49 40.47
CA ALA F 134 0.01 -46.29 39.76
C ALA F 134 0.70 -45.02 40.28
N PRO F 135 1.01 -44.04 39.42
CA PRO F 135 1.56 -42.77 39.84
C PRO F 135 0.51 -41.94 40.60
N SER F 136 0.92 -41.26 41.67
CA SER F 136 0.01 -40.46 42.51
C SER F 136 -0.77 -39.42 41.69
N SER F 137 -0.10 -38.78 40.72
CA SER F 137 -0.70 -37.78 39.86
C SER F 137 -1.89 -38.29 39.05
N GLN F 138 -2.02 -39.60 38.79
CA GLN F 138 -3.17 -40.12 38.06
C GLN F 138 -4.46 -39.99 38.88
N ILE F 139 -4.38 -40.16 40.20
CA ILE F 139 -5.51 -39.99 41.10
C ILE F 139 -5.92 -38.52 41.18
N LYS F 140 -4.95 -37.61 41.28
CA LYS F 140 -5.23 -36.16 41.26
C LYS F 140 -5.88 -35.73 39.95
N ALA F 141 -5.43 -36.25 38.81
CA ALA F 141 -6.06 -35.98 37.52
C ALA F 141 -7.49 -36.50 37.45
N TYR F 142 -7.77 -37.69 38.01
CA TYR F 142 -9.14 -38.24 38.05
C TYR F 142 -10.03 -37.37 38.92
N HIS F 143 -9.56 -36.96 40.11
CA HIS F 143 -10.28 -36.04 40.98
C HIS F 143 -10.62 -34.73 40.27
N ASN F 144 -9.65 -34.14 39.59
CA ASN F 144 -9.87 -32.91 38.85
C ASN F 144 -10.93 -33.07 37.76
N GLN F 145 -10.91 -34.17 37.00
CA GLN F 145 -11.95 -34.43 36.00
C GLN F 145 -13.34 -34.66 36.61
N ALA F 146 -13.47 -35.09 37.86
CA ALA F 146 -14.76 -35.13 38.54
C ALA F 146 -15.31 -33.71 38.79
N LEU F 147 -14.47 -32.72 39.11
CA LEU F 147 -14.92 -31.34 39.22
C LEU F 147 -15.38 -30.77 37.87
N GLN F 148 -14.72 -31.15 36.78
CA GLN F 148 -15.16 -30.76 35.43
C GLN F 148 -16.53 -31.38 35.11
N ALA F 149 -16.73 -32.66 35.41
CA ALA F 149 -18.00 -33.34 35.20
C ALA F 149 -19.16 -32.71 35.98
N ASP F 150 -18.90 -32.22 37.18
CA ASP F 150 -19.87 -31.51 38.01
C ASP F 150 -20.31 -30.19 37.37
N ALA F 151 -19.37 -29.39 36.86
CA ALA F 151 -19.68 -28.16 36.13
C ALA F 151 -20.50 -28.43 34.87
N LYS F 152 -20.17 -29.47 34.11
CA LYS F 152 -20.92 -29.87 32.91
C LYS F 152 -22.35 -30.29 33.23
N LEU F 153 -22.56 -31.04 34.30
CA LEU F 153 -23.87 -31.51 34.74
C LEU F 153 -24.80 -30.35 35.07
N ILE F 154 -24.34 -29.44 35.93
CA ILE F 154 -25.14 -28.28 36.34
C ILE F 154 -25.54 -27.47 35.11
N HIS F 155 -24.61 -27.17 34.21
CA HIS F 155 -24.93 -26.49 32.96
C HIS F 155 -25.99 -27.20 32.14
N ARG F 156 -25.86 -28.49 31.85
CA ARG F 156 -26.87 -29.20 31.06
C ARG F 156 -28.25 -29.10 31.68
N LYS F 157 -28.35 -29.30 32.99
CA LYS F 157 -29.60 -29.29 33.74
C LYS F 157 -30.23 -27.91 33.86
N VAL F 158 -29.45 -26.85 33.80
CA VAL F 158 -29.96 -25.48 33.65
C VAL F 158 -30.49 -25.26 32.24
N MET F 159 -29.76 -25.63 31.21
CA MET F 159 -30.22 -25.40 29.84
C MET F 159 -31.45 -26.21 29.47
N GLU F 160 -31.57 -27.46 29.88
CA GLU F 160 -32.79 -28.21 29.61
C GLU F 160 -33.97 -27.77 30.47
N ALA F 161 -33.79 -27.04 31.57
CA ALA F 161 -34.91 -26.37 32.22
C ALA F 161 -35.59 -25.34 31.30
N ILE F 162 -34.82 -24.66 30.46
CA ILE F 162 -35.30 -23.67 29.49
C ILE F 162 -35.79 -24.35 28.21
N PHE F 163 -35.05 -25.31 27.67
CA PHE F 163 -35.32 -25.90 26.36
C PHE F 163 -36.22 -27.14 26.35
N ASP F 164 -36.40 -27.89 27.44
CA ASP F 164 -37.08 -29.19 27.38
C ASP F 164 -38.60 -29.13 27.15
N ASN F 165 -39.23 -27.95 27.22
CA ASN F 165 -40.62 -27.73 26.77
C ASN F 165 -41.72 -28.50 27.53
N ARG F 166 -41.38 -29.35 28.50
CA ARG F 166 -42.31 -30.23 29.22
C ARG F 166 -42.34 -29.96 30.71
N GLU F 167 -43.51 -30.17 31.28
CA GLU F 167 -43.81 -30.00 32.69
C GLU F 167 -43.35 -31.21 33.53
N ARG F 168 -42.93 -30.99 34.77
CA ARG F 168 -42.43 -32.00 35.70
C ARG F 168 -43.16 -31.94 37.04
N GLU F 169 -43.29 -33.04 37.76
CA GLU F 169 -43.73 -33.02 39.16
C GLU F 169 -42.55 -32.85 40.11
N ALA F 170 -42.80 -32.31 41.30
CA ALA F 170 -41.83 -32.26 42.39
C ALA F 170 -42.52 -32.34 43.75
N ASP F 171 -42.28 -33.40 44.51
CA ASP F 171 -42.78 -33.51 45.87
C ASP F 171 -41.97 -32.62 46.82
N ILE F 172 -42.64 -31.69 47.49
CA ILE F 172 -42.06 -30.84 48.55
C ILE F 172 -42.89 -31.08 49.80
N GLU F 173 -42.25 -31.48 50.90
CA GLU F 173 -42.95 -31.95 52.11
C GLU F 173 -43.97 -33.07 51.82
N GLY F 174 -43.70 -33.88 50.79
CA GLY F 174 -44.57 -34.94 50.31
C GLY F 174 -45.82 -34.49 49.57
N LEU F 175 -46.10 -33.18 49.50
CA LEU F 175 -47.15 -32.63 48.64
C LEU F 175 -46.63 -32.57 47.19
N PRO F 176 -47.33 -33.12 46.19
CA PRO F 176 -46.89 -33.08 44.81
C PRO F 176 -47.17 -31.72 44.19
N TYR F 177 -46.15 -30.88 44.07
CA TYR F 177 -46.22 -29.66 43.28
C TYR F 177 -45.80 -29.90 41.84
N LYS F 178 -45.87 -28.85 41.03
CA LYS F 178 -45.71 -28.89 39.58
C LYS F 178 -44.71 -27.84 39.13
N VAL F 179 -43.82 -28.24 38.24
CA VAL F 179 -42.60 -27.54 37.81
C VAL F 179 -42.71 -27.28 36.33
N TYR F 180 -42.47 -26.05 35.92
CA TYR F 180 -42.86 -25.57 34.59
C TYR F 180 -41.68 -25.12 33.74
N PRO F 181 -41.75 -25.31 32.41
CA PRO F 181 -40.92 -24.62 31.45
C PRO F 181 -41.45 -23.19 31.22
N LEU F 182 -41.09 -22.53 30.13
CA LEU F 182 -41.78 -21.31 29.68
C LEU F 182 -43.26 -21.61 29.35
N TYR F 183 -44.08 -20.62 28.99
CA TYR F 183 -45.44 -20.90 28.53
C TYR F 183 -45.41 -21.89 27.37
N ASN F 184 -46.15 -22.99 27.43
CA ASN F 184 -45.94 -24.12 26.51
C ASN F 184 -47.24 -24.73 25.96
N GLY F 185 -48.28 -23.92 25.77
CA GLY F 185 -49.55 -24.38 25.21
C GLY F 185 -50.48 -25.03 26.25
N ASP F 186 -50.17 -24.87 27.53
CA ASP F 186 -50.89 -25.44 28.65
C ASP F 186 -52.09 -24.58 29.10
N ASN F 187 -52.83 -25.05 30.10
CA ASN F 187 -54.02 -24.39 30.61
C ASN F 187 -53.73 -23.21 31.56
N MET F 188 -52.49 -22.96 31.95
CA MET F 188 -52.14 -21.76 32.70
C MET F 188 -52.34 -20.52 31.83
N ILE F 189 -53.01 -19.49 32.35
CA ILE F 189 -53.30 -18.25 31.62
C ILE F 189 -52.33 -17.17 32.11
N PRO F 190 -51.58 -16.49 31.23
CA PRO F 190 -50.70 -15.41 31.65
C PRO F 190 -51.47 -14.28 32.34
N PRO F 191 -50.91 -13.58 33.33
CA PRO F 191 -51.53 -12.40 33.91
C PRO F 191 -51.85 -11.35 32.85
N GLU F 192 -53.00 -10.69 32.97
CA GLU F 192 -53.40 -9.60 32.07
C GLU F 192 -52.49 -8.39 32.24
N TYR F 193 -52.16 -7.70 31.14
CA TYR F 193 -51.24 -6.55 31.15
C TYR F 193 -51.65 -5.48 30.14
N ASN F 194 -51.68 -4.20 30.53
CA ASN F 194 -52.15 -3.10 29.68
C ASN F 194 -53.51 -3.42 29.01
N GLY F 195 -54.43 -4.01 29.77
CA GLY F 195 -55.75 -4.43 29.28
C GLY F 195 -55.74 -5.63 28.33
N THR F 196 -54.57 -6.10 27.90
CA THR F 196 -54.42 -7.31 27.08
C THR F 196 -54.82 -8.51 27.93
N THR F 197 -55.81 -9.27 27.47
CA THR F 197 -56.25 -10.49 28.12
C THR F 197 -55.83 -11.68 27.29
N PHE F 198 -55.03 -12.57 27.87
CA PHE F 198 -54.53 -13.76 27.21
C PHE F 198 -55.50 -14.94 27.39
N SER F 199 -55.51 -15.86 26.45
CA SER F 199 -56.26 -17.12 26.56
C SER F 199 -55.45 -18.20 27.29
N THR F 200 -56.03 -19.39 27.45
CA THR F 200 -55.26 -20.62 27.62
C THR F 200 -54.44 -20.91 26.35
N GLY F 201 -53.46 -21.79 26.43
CA GLY F 201 -52.69 -22.19 25.25
C GLY F 201 -51.59 -21.21 24.86
N HIS F 202 -51.17 -20.30 25.75
CA HIS F 202 -50.08 -19.38 25.46
C HIS F 202 -48.78 -20.15 25.27
N ASN F 203 -47.96 -19.79 24.29
CA ASN F 203 -46.79 -20.57 23.93
C ASN F 203 -45.57 -19.69 23.66
N HIS F 204 -44.40 -20.11 24.14
CA HIS F 204 -43.11 -19.47 23.98
C HIS F 204 -42.06 -20.40 23.37
N TYR F 205 -42.46 -21.58 22.91
CA TYR F 205 -41.67 -22.47 22.07
C TYR F 205 -42.16 -22.31 20.64
N LEU F 206 -41.59 -21.33 19.95
CA LEU F 206 -42.04 -20.87 18.63
C LEU F 206 -41.29 -21.58 17.51
N VAL F 207 -41.98 -21.84 16.40
CA VAL F 207 -41.39 -22.30 15.14
C VAL F 207 -41.48 -21.19 14.09
N SER F 208 -40.39 -20.94 13.39
CA SER F 208 -40.29 -19.85 12.42
C SER F 208 -41.20 -20.00 11.21
N GLY F 209 -41.45 -21.22 10.75
CA GLY F 209 -42.22 -21.45 9.52
C GLY F 209 -41.43 -21.15 8.24
N GLY F 210 -40.11 -21.23 8.31
CA GLY F 210 -39.19 -20.94 7.20
C GLY F 210 -37.78 -21.44 7.50
N THR F 211 -37.03 -21.79 6.46
CA THR F 211 -35.71 -22.45 6.56
C THR F 211 -34.60 -21.51 7.03
N LYS F 212 -34.79 -20.19 6.92
CA LYS F 212 -33.86 -19.13 7.35
C LYS F 212 -34.63 -18.11 8.19
N ILE F 213 -33.94 -17.41 9.10
CA ILE F 213 -34.59 -16.45 10.00
C ILE F 213 -35.03 -15.18 9.27
N ASP F 214 -36.28 -14.77 9.45
CA ASP F 214 -36.78 -13.47 9.03
C ASP F 214 -36.67 -12.41 10.12
N SER F 215 -36.64 -11.15 9.70
CA SER F 215 -36.99 -10.06 10.61
C SER F 215 -38.38 -10.25 11.21
N ALA F 216 -39.32 -10.81 10.45
CA ALA F 216 -40.66 -11.12 10.95
C ALA F 216 -40.63 -12.07 12.14
N ASP F 217 -39.74 -13.06 12.13
CA ASP F 217 -39.59 -14.02 13.22
C ASP F 217 -38.99 -13.36 14.47
N VAL F 218 -37.96 -12.56 14.29
CA VAL F 218 -37.33 -11.81 15.37
C VAL F 218 -38.32 -10.85 16.02
N GLU F 219 -39.07 -10.10 15.21
CA GLU F 219 -40.07 -9.15 15.70
C GLU F 219 -41.18 -9.85 16.48
N MET F 220 -41.72 -10.95 15.95
CA MET F 220 -42.70 -11.79 16.65
C MET F 220 -42.17 -12.28 18.00
N ALA F 221 -40.98 -12.85 18.04
CA ALA F 221 -40.42 -13.41 19.26
C ALA F 221 -40.19 -12.36 20.34
N ALA F 222 -39.63 -11.20 20.01
CA ALA F 222 -39.45 -10.14 21.00
C ALA F 222 -40.78 -9.58 21.52
N ASP F 223 -41.78 -9.44 20.66
CA ASP F 223 -43.10 -8.96 21.09
C ASP F 223 -43.85 -9.97 21.96
N HIS F 224 -43.65 -11.27 21.75
CA HIS F 224 -44.16 -12.32 22.63
C HIS F 224 -43.62 -12.19 24.06
N ILE F 225 -42.42 -11.66 24.26
CA ILE F 225 -41.93 -11.36 25.60
C ILE F 225 -42.59 -10.07 26.10
N ARG F 226 -42.47 -8.98 25.34
CA ARG F 226 -42.84 -7.62 25.76
C ARG F 226 -44.33 -7.42 26.01
N GLU F 227 -45.21 -8.29 25.55
CA GLU F 227 -46.62 -8.23 25.91
C GLU F 227 -46.90 -8.59 27.38
N HIS F 228 -45.98 -9.24 28.09
CA HIS F 228 -46.14 -9.70 29.48
C HIS F 228 -45.58 -8.73 30.53
N GLY F 229 -45.40 -7.46 30.20
CA GLY F 229 -44.41 -6.63 30.88
C GLY F 229 -43.07 -6.83 30.20
N TYR F 230 -41.94 -6.78 30.92
CA TYR F 230 -40.62 -6.98 30.28
C TYR F 230 -40.37 -6.01 29.12
N THR F 231 -40.90 -4.81 29.22
CA THR F 231 -40.72 -3.74 28.25
C THR F 231 -39.51 -2.90 28.59
N GLU F 232 -39.08 -2.10 27.63
CA GLU F 232 -38.09 -1.05 27.83
C GLU F 232 -38.67 0.10 28.66
N GLU F 233 -40.00 0.31 28.62
CA GLU F 233 -40.71 1.19 29.56
C GLU F 233 -40.46 0.76 31.02
N ASN F 234 -40.53 -0.54 31.31
CA ASN F 234 -40.22 -1.12 32.63
C ASN F 234 -38.71 -1.25 32.89
N GLY F 235 -37.86 -0.73 32.00
CA GLY F 235 -36.41 -0.71 32.17
C GLY F 235 -35.70 -2.03 31.88
N THR F 236 -36.38 -3.04 31.33
CA THR F 236 -35.75 -4.31 31.01
C THR F 236 -34.98 -4.26 29.69
N GLN F 237 -33.90 -5.01 29.58
CA GLN F 237 -33.12 -5.20 28.36
C GLN F 237 -33.37 -6.62 27.86
N LEU F 238 -33.82 -6.79 26.61
CA LEU F 238 -33.87 -8.09 25.98
C LEU F 238 -32.50 -8.46 25.39
N ILE F 239 -32.13 -9.72 25.48
CA ILE F 239 -30.95 -10.32 24.88
C ILE F 239 -31.40 -11.42 23.94
N ALA F 240 -30.71 -11.63 22.83
CA ALA F 240 -30.83 -12.84 22.03
C ALA F 240 -29.49 -13.57 22.03
N PHE F 241 -29.51 -14.85 22.41
CA PHE F 241 -28.36 -15.73 22.31
C PHE F 241 -28.58 -16.64 21.12
N ALA F 242 -27.63 -16.70 20.21
CA ALA F 242 -27.79 -17.44 18.97
C ALA F 242 -26.50 -18.10 18.51
N HIS F 243 -26.63 -19.16 17.71
CA HIS F 243 -25.53 -19.69 16.93
C HIS F 243 -25.13 -18.70 15.85
N LYS F 244 -23.84 -18.62 15.49
CA LYS F 244 -23.36 -17.57 14.57
C LYS F 244 -24.06 -17.60 13.21
N ALA F 245 -24.47 -18.76 12.71
CA ALA F 245 -25.16 -18.86 11.43
C ALA F 245 -26.48 -18.07 11.37
N GLU F 246 -27.16 -17.84 12.50
CA GLU F 246 -28.35 -16.98 12.52
C GLU F 246 -27.94 -15.50 12.60
N ILE F 247 -26.90 -15.17 13.36
CA ILE F 247 -26.38 -13.81 13.43
C ILE F 247 -25.86 -13.35 12.06
N GLN F 248 -25.30 -14.24 11.25
CA GLN F 248 -24.91 -13.92 9.87
C GLN F 248 -26.09 -13.55 8.97
N GLU F 249 -27.33 -13.94 9.30
CA GLU F 249 -28.52 -13.40 8.64
C GLU F 249 -29.02 -12.11 9.29
N VAL F 250 -29.14 -12.09 10.62
CA VAL F 250 -29.71 -10.95 11.33
C VAL F 250 -28.91 -9.67 11.11
N ARG F 251 -27.58 -9.77 10.99
CA ARG F 251 -26.74 -8.60 10.71
C ARG F 251 -26.98 -7.97 9.34
N ARG F 252 -27.68 -8.65 8.43
CA ARG F 252 -28.03 -8.15 7.10
C ARG F 252 -29.32 -7.34 7.07
N PHE F 253 -30.12 -7.33 8.14
CA PHE F 253 -31.43 -6.66 8.14
C PHE F 253 -31.32 -5.13 8.11
N ARG F 254 -32.00 -4.50 7.14
CA ARG F 254 -32.06 -3.04 6.96
C ARG F 254 -33.50 -2.56 6.75
N PHE F 255 -33.86 -1.44 7.36
CA PHE F 255 -35.20 -0.89 7.40
C PHE F 255 -35.84 -0.80 6.01
N GLY F 256 -37.04 -1.36 5.86
CA GLY F 256 -37.81 -1.29 4.62
C GLY F 256 -37.27 -2.18 3.49
N GLN F 257 -36.18 -2.91 3.70
CA GLN F 257 -35.64 -3.85 2.71
C GLN F 257 -36.14 -5.27 2.96
N THR F 258 -36.42 -6.01 1.89
CA THR F 258 -36.76 -7.42 1.98
C THR F 258 -35.55 -8.27 2.39
N ASN F 259 -35.77 -9.28 3.22
CA ASN F 259 -34.76 -10.25 3.65
C ASN F 259 -35.14 -11.68 3.23
N ASN F 260 -35.34 -12.62 4.15
CA ASN F 260 -35.35 -14.04 3.83
C ASN F 260 -36.67 -14.54 3.20
N ASN F 261 -37.65 -15.01 3.96
CA ASN F 261 -38.89 -15.57 3.42
C ASN F 261 -39.91 -14.48 3.05
N SER F 262 -39.49 -13.54 2.21
CA SER F 262 -40.22 -12.33 1.75
C SER F 262 -40.59 -11.33 2.85
N ALA F 263 -40.04 -11.47 4.05
CA ALA F 263 -40.22 -10.49 5.12
C ALA F 263 -39.51 -9.19 4.80
N VAL F 264 -40.08 -8.06 5.22
CA VAL F 264 -39.47 -6.73 5.14
C VAL F 264 -39.11 -6.28 6.55
N ALA F 265 -37.88 -5.81 6.77
CA ALA F 265 -37.43 -5.45 8.10
C ALA F 265 -38.08 -4.15 8.57
N ASN F 266 -38.61 -4.10 9.79
CA ASN F 266 -39.16 -2.88 10.37
C ASN F 266 -38.11 -2.04 11.10
N TYR F 267 -36.86 -2.50 11.20
CA TYR F 267 -35.77 -1.84 11.90
C TYR F 267 -34.46 -2.06 11.15
N ASP F 268 -33.41 -1.34 11.53
CA ASP F 268 -32.04 -1.62 11.11
C ASP F 268 -31.35 -2.52 12.14
N PHE F 269 -30.58 -3.51 11.71
CA PHE F 269 -29.56 -4.06 12.57
C PHE F 269 -28.42 -3.05 12.71
N VAL F 270 -28.16 -2.61 13.93
CA VAL F 270 -27.14 -1.60 14.21
C VAL F 270 -25.95 -2.26 14.87
N GLN F 271 -24.76 -2.13 14.27
CA GLN F 271 -23.52 -2.71 14.80
C GLN F 271 -23.23 -2.22 16.20
N SER F 272 -22.63 -3.09 17.00
CA SER F 272 -22.07 -2.67 18.27
C SER F 272 -20.92 -1.69 18.09
N GLN F 273 -20.72 -0.84 19.09
CA GLN F 273 -19.72 0.23 19.13
C GLN F 273 -18.28 -0.23 18.83
N GLY F 274 -17.94 -1.49 19.13
CA GLY F 274 -16.59 -2.03 18.96
C GLY F 274 -16.30 -2.71 17.61
N GLU F 275 -17.29 -2.98 16.77
CA GLU F 275 -17.07 -3.70 15.51
C GLU F 275 -16.32 -2.86 14.46
N SER F 276 -15.77 -3.50 13.42
CA SER F 276 -15.06 -2.79 12.36
C SER F 276 -15.96 -1.84 11.56
N PRO F 277 -15.54 -0.61 11.26
CA PRO F 277 -16.26 0.29 10.37
C PRO F 277 -16.53 -0.26 8.98
N LEU F 278 -15.71 -1.19 8.49
CA LEU F 278 -15.85 -1.77 7.15
C LEU F 278 -17.19 -2.51 6.96
N TYR F 279 -17.82 -2.96 8.04
CA TYR F 279 -19.09 -3.67 8.00
C TYR F 279 -20.32 -2.75 7.99
N LEU F 280 -20.19 -1.46 8.27
CA LEU F 280 -21.30 -0.51 8.23
C LEU F 280 -21.94 -0.45 6.83
N PRO F 281 -23.26 -0.23 6.71
CA PRO F 281 -23.94 -0.14 5.42
C PRO F 281 -23.61 1.18 4.70
N ASN F 282 -24.12 1.33 3.47
CA ASN F 282 -24.01 2.57 2.70
C ASN F 282 -24.93 3.67 3.25
N ALA F 283 -24.54 4.27 4.37
CA ALA F 283 -25.19 5.37 5.08
C ALA F 283 -24.12 6.24 5.77
N ASP F 284 -24.44 7.48 6.13
CA ASP F 284 -23.45 8.44 6.64
C ASP F 284 -23.70 8.91 8.08
N GLY F 285 -24.88 8.66 8.63
CA GLY F 285 -25.23 9.05 9.99
C GLY F 285 -26.06 7.98 10.69
N LEU F 286 -26.02 7.98 12.01
CA LEU F 286 -26.88 7.18 12.86
C LEU F 286 -27.73 8.10 13.71
N LEU F 287 -29.05 7.96 13.64
CA LEU F 287 -29.97 8.58 14.59
C LEU F 287 -29.95 7.78 15.89
N GLY F 288 -29.49 8.36 17.00
CA GLY F 288 -29.28 7.67 18.27
C GLY F 288 -27.83 7.24 18.49
N LYS F 289 -27.61 6.14 19.21
CA LYS F 289 -26.28 5.61 19.59
C LYS F 289 -26.12 4.13 19.27
N GLN F 290 -24.90 3.67 18.98
CA GLN F 290 -24.61 2.24 18.79
C GLN F 290 -24.67 1.49 20.13
N PRO F 291 -25.17 0.23 20.17
CA PRO F 291 -25.18 -0.56 21.38
C PRO F 291 -23.77 -0.88 21.88
N GLN F 292 -23.66 -1.14 23.17
CA GLN F 292 -22.39 -1.47 23.84
C GLN F 292 -21.67 -2.67 23.21
N SER F 293 -20.35 -2.73 23.36
CA SER F 293 -19.48 -3.82 22.90
C SER F 293 -19.57 -5.07 23.75
N MET F 294 -19.73 -4.92 25.06
CA MET F 294 -19.64 -6.01 26.02
C MET F 294 -20.84 -6.01 26.95
N TRP F 295 -21.40 -7.18 27.23
CA TRP F 295 -22.49 -7.39 28.18
C TRP F 295 -22.15 -8.55 29.10
N LYS F 296 -21.96 -8.30 30.40
CA LYS F 296 -21.57 -9.31 31.40
C LYS F 296 -20.33 -10.14 31.01
N GLY F 297 -19.41 -9.54 30.27
CA GLY F 297 -18.20 -10.18 29.74
C GLY F 297 -18.41 -11.01 28.45
N LEU F 298 -19.65 -11.18 27.98
CA LEU F 298 -19.94 -11.65 26.63
C LEU F 298 -19.86 -10.50 25.63
N ARG F 299 -19.64 -10.80 24.35
CA ARG F 299 -19.39 -9.82 23.31
C ARG F 299 -20.63 -9.67 22.44
N VAL F 300 -21.09 -8.43 22.29
CA VAL F 300 -22.33 -8.10 21.59
C VAL F 300 -22.02 -7.80 20.12
N LYS F 301 -22.70 -8.44 19.17
CA LYS F 301 -22.51 -8.16 17.75
C LYS F 301 -23.18 -6.84 17.34
N GLY F 302 -24.38 -6.60 17.85
CA GLY F 302 -25.16 -5.38 17.62
C GLY F 302 -26.56 -5.53 18.17
N SER F 303 -27.51 -4.73 17.71
CA SER F 303 -28.92 -4.88 18.06
C SER F 303 -29.83 -4.73 16.85
N TYR F 304 -30.83 -5.60 16.74
CA TYR F 304 -32.00 -5.40 15.91
C TYR F 304 -33.17 -5.16 16.83
N ASP F 305 -34.05 -4.21 16.52
CA ASP F 305 -34.99 -3.68 17.52
C ASP F 305 -34.14 -3.18 18.72
N ASP F 306 -34.63 -3.20 19.95
CA ASP F 306 -33.80 -2.95 21.14
C ASP F 306 -33.08 -4.21 21.67
N VAL F 307 -33.15 -5.34 20.98
CA VAL F 307 -32.59 -6.62 21.44
C VAL F 307 -31.09 -6.69 21.18
N LEU F 308 -30.25 -6.89 22.20
CA LEU F 308 -28.82 -7.15 21.99
C LEU F 308 -28.60 -8.54 21.46
N TRP F 309 -27.89 -8.71 20.35
CA TRP F 309 -27.56 -10.02 19.81
C TRP F 309 -26.16 -10.45 20.22
N ILE F 310 -26.08 -11.60 20.86
CA ILE F 310 -24.87 -12.19 21.41
C ILE F 310 -24.67 -13.55 20.76
N GLU F 311 -23.49 -13.78 20.19
CA GLU F 311 -23.11 -15.12 19.73
C GLU F 311 -22.85 -16.00 20.94
N GLU F 312 -23.56 -17.12 21.04
CA GLU F 312 -23.44 -18.01 22.19
C GLU F 312 -22.73 -19.30 21.77
N PRO F 313 -21.54 -19.59 22.29
CA PRO F 313 -20.76 -20.77 21.92
C PRO F 313 -21.50 -22.10 22.11
N THR F 314 -22.39 -22.20 23.10
CA THR F 314 -23.09 -23.45 23.43
C THR F 314 -24.38 -23.67 22.64
N MET F 315 -24.96 -22.66 21.99
CA MET F 315 -26.26 -22.82 21.33
C MET F 315 -26.21 -23.85 20.18
N PRO F 316 -27.16 -24.79 20.10
CA PRO F 316 -27.33 -25.61 18.92
C PRO F 316 -27.73 -24.75 17.72
N ALA F 317 -27.53 -25.26 16.50
CA ALA F 317 -27.53 -24.43 15.31
C ALA F 317 -28.86 -23.72 15.01
N GLY F 318 -29.96 -24.46 14.93
CA GLY F 318 -31.24 -23.95 14.44
C GLY F 318 -32.08 -23.16 15.45
N TYR F 319 -31.51 -22.64 16.52
CA TYR F 319 -32.23 -22.14 17.68
C TYR F 319 -31.76 -20.77 18.12
N VAL F 320 -32.67 -19.96 18.64
CA VAL F 320 -32.39 -18.67 19.29
C VAL F 320 -33.11 -18.64 20.62
N LEU F 321 -32.45 -18.16 21.66
CA LEU F 321 -33.07 -17.89 22.96
C LEU F 321 -33.18 -16.37 23.13
N PHE F 322 -34.39 -15.86 23.31
CA PHE F 322 -34.63 -14.47 23.66
C PHE F 322 -34.92 -14.39 25.15
N LEU F 323 -34.25 -13.51 25.87
CA LEU F 323 -34.31 -13.43 27.33
C LEU F 323 -34.46 -11.98 27.79
N ALA F 324 -35.41 -11.68 28.66
CA ALA F 324 -35.51 -10.39 29.33
C ALA F 324 -34.61 -10.32 30.56
N THR F 325 -33.98 -9.18 30.82
CA THR F 325 -33.06 -9.00 31.95
C THR F 325 -33.19 -7.60 32.55
N GLY F 326 -32.89 -7.42 33.84
CA GLY F 326 -32.96 -6.13 34.52
C GLY F 326 -34.37 -5.54 34.63
N GLY F 327 -34.44 -4.24 34.92
CA GLY F 327 -35.70 -3.50 35.08
C GLY F 327 -36.54 -3.96 36.26
N THR F 328 -37.82 -3.62 36.29
CA THR F 328 -38.68 -3.93 37.44
C THR F 328 -39.00 -5.42 37.53
N LEU F 329 -39.29 -6.06 36.40
CA LEU F 329 -39.96 -7.36 36.37
C LEU F 329 -38.98 -8.56 36.22
N ALA F 330 -37.81 -8.34 35.63
CA ALA F 330 -36.76 -9.36 35.41
C ALA F 330 -35.50 -9.09 36.25
N GLN F 331 -35.68 -8.60 37.47
CA GLN F 331 -34.58 -8.25 38.39
C GLN F 331 -33.83 -9.48 38.95
N GLN F 332 -34.36 -10.70 38.80
CA GLN F 332 -33.69 -11.96 39.10
C GLN F 332 -33.73 -12.92 37.90
N ASN F 333 -32.69 -13.74 37.76
CA ASN F 333 -32.44 -14.57 36.59
C ASN F 333 -33.51 -15.65 36.38
N LEU F 334 -33.55 -16.25 35.19
CA LEU F 334 -34.68 -17.08 34.76
C LEU F 334 -34.87 -18.38 35.55
N VAL F 335 -33.80 -19.13 35.84
CA VAL F 335 -33.88 -20.49 36.36
C VAL F 335 -33.47 -20.55 37.84
N GLY F 336 -34.30 -21.14 38.68
CA GLY F 336 -33.93 -21.38 40.07
C GLY F 336 -33.10 -22.64 40.20
N LEU F 337 -31.99 -22.61 40.94
CA LEU F 337 -31.28 -23.80 41.41
C LEU F 337 -31.69 -24.12 42.85
N ARG F 338 -32.39 -25.23 43.04
CA ARG F 338 -32.75 -25.78 44.35
C ARG F 338 -31.67 -26.74 44.81
N GLU F 339 -30.76 -26.30 45.66
CA GLU F 339 -29.89 -27.18 46.45
C GLU F 339 -30.58 -27.57 47.76
N HIS F 340 -30.09 -28.60 48.44
CA HIS F 340 -30.71 -29.18 49.65
C HIS F 340 -30.74 -28.22 50.84
N GLU F 341 -31.72 -28.40 51.72
CA GLU F 341 -31.94 -27.56 52.90
C GLU F 341 -30.79 -27.57 53.93
N ASP F 342 -30.03 -28.67 54.02
CA ASP F 342 -28.97 -28.88 55.00
C ASP F 342 -27.58 -28.72 54.37
N ALA F 343 -26.73 -27.88 54.96
CA ALA F 343 -25.36 -27.63 54.48
C ALA F 343 -24.52 -28.89 54.35
N ALA F 344 -24.76 -29.92 55.17
CA ALA F 344 -24.08 -31.21 55.07
C ALA F 344 -24.38 -31.96 53.75
N TRP F 345 -25.42 -31.57 53.02
CA TRP F 345 -25.85 -32.18 51.77
C TRP F 345 -25.77 -31.24 50.56
N ARG F 346 -25.41 -29.97 50.76
CA ARG F 346 -25.11 -29.02 49.68
C ARG F 346 -23.70 -29.18 49.13
N GLY F 347 -23.49 -28.74 47.89
CA GLY F 347 -22.21 -28.82 47.19
C GLY F 347 -21.86 -30.24 46.74
N LEU F 348 -20.81 -30.35 45.92
CA LEU F 348 -20.23 -31.62 45.50
C LEU F 348 -19.50 -32.29 46.67
N ARG F 349 -19.81 -33.55 46.95
CA ARG F 349 -19.32 -34.29 48.13
C ARG F 349 -18.66 -35.59 47.73
N GLN F 350 -17.65 -36.00 48.49
CA GLN F 350 -17.03 -37.32 48.37
C GLN F 350 -17.54 -38.25 49.46
N ILE F 351 -17.96 -39.44 49.05
CA ILE F 351 -18.45 -40.50 49.93
C ILE F 351 -17.39 -41.60 49.99
N PRO F 352 -17.01 -42.12 51.17
CA PRO F 352 -15.87 -43.03 51.33
C PRO F 352 -15.89 -44.37 50.57
N GLY F 353 -16.98 -44.74 49.90
CA GLY F 353 -17.09 -46.02 49.19
C GLY F 353 -17.19 -47.23 50.12
N ASN F 354 -17.39 -48.42 49.58
CA ASN F 354 -17.69 -49.62 50.38
C ASN F 354 -16.94 -50.88 49.96
N GLN F 355 -16.00 -50.78 49.02
CA GLN F 355 -14.88 -51.70 48.86
C GLN F 355 -13.62 -51.00 49.36
N THR F 356 -12.78 -51.65 50.15
CA THR F 356 -11.68 -50.98 50.87
C THR F 356 -10.47 -51.87 51.05
N ARG F 357 -9.26 -51.28 50.98
CA ARG F 357 -7.91 -51.87 51.04
C ARG F 357 -7.59 -53.00 50.08
N TYR F 358 -8.32 -54.11 50.12
CA TYR F 358 -7.93 -55.34 49.42
C TYR F 358 -9.12 -56.28 49.23
N PRO F 359 -9.26 -56.94 48.06
CA PRO F 359 -8.50 -56.75 46.84
C PRO F 359 -8.96 -55.55 46.01
N LEU F 360 -10.12 -54.98 46.29
CA LEU F 360 -10.77 -53.93 45.51
C LEU F 360 -11.02 -52.71 46.36
N ILE F 361 -11.00 -51.54 45.74
CA ILE F 361 -11.16 -50.24 46.39
C ILE F 361 -12.14 -49.40 45.58
N ASP F 362 -13.04 -48.66 46.20
CA ASP F 362 -13.84 -47.65 45.52
C ASP F 362 -14.16 -46.43 46.37
N SER F 363 -14.60 -45.37 45.69
CA SER F 363 -15.06 -44.11 46.27
C SER F 363 -16.09 -43.45 45.35
N PHE F 364 -16.93 -42.57 45.88
CA PHE F 364 -17.99 -41.92 45.14
C PHE F 364 -17.95 -40.40 45.22
N TYR F 365 -18.42 -39.74 44.17
CA TYR F 365 -18.73 -38.33 44.15
C TYR F 365 -20.23 -38.17 44.00
N GLN F 366 -20.84 -37.30 44.80
CA GLN F 366 -22.28 -37.13 44.86
C GLN F 366 -22.63 -35.64 44.80
N ARG F 367 -23.58 -35.28 43.96
CA ARG F 367 -24.10 -33.91 43.78
C ARG F 367 -25.61 -33.98 43.72
N SER F 368 -26.32 -33.07 44.38
CA SER F 368 -27.79 -33.06 44.34
C SER F 368 -28.34 -31.66 44.22
N PHE F 369 -29.23 -31.44 43.26
CA PHE F 369 -29.89 -30.16 42.98
C PHE F 369 -31.03 -30.37 41.99
N GLY F 370 -31.85 -29.35 41.76
CA GLY F 370 -32.76 -29.35 40.62
C GLY F 370 -33.22 -27.97 40.21
N THR F 371 -33.97 -27.90 39.11
CA THR F 371 -34.21 -26.66 38.37
C THR F 371 -35.68 -26.47 38.00
N GLY F 372 -36.14 -25.22 38.05
CA GLY F 372 -37.47 -24.81 37.58
C GLY F 372 -37.50 -23.31 37.23
N ILE F 373 -38.53 -22.87 36.51
CA ILE F 373 -38.72 -21.47 36.09
C ILE F 373 -39.92 -20.86 36.80
N ARG F 374 -39.76 -19.64 37.35
CA ARG F 374 -40.86 -18.83 37.89
C ARG F 374 -41.45 -17.87 36.85
N GLN F 375 -40.61 -17.10 36.18
CA GLN F 375 -40.99 -16.11 35.16
C GLN F 375 -41.30 -16.78 33.83
N ARG F 376 -42.40 -17.52 33.70
CA ARG F 376 -42.70 -18.32 32.49
C ARG F 376 -42.81 -17.53 31.18
N GLY F 377 -42.98 -16.22 31.26
CA GLY F 377 -43.00 -15.29 30.13
C GLY F 377 -41.71 -14.52 29.89
N GLY F 378 -40.67 -14.69 30.73
CA GLY F 378 -39.44 -13.91 30.69
C GLY F 378 -38.47 -14.29 29.59
N ALA F 379 -38.76 -15.33 28.82
CA ALA F 379 -37.96 -15.76 27.69
C ALA F 379 -38.83 -16.41 26.61
N VAL F 380 -38.29 -16.52 25.41
CA VAL F 380 -38.87 -17.22 24.26
C VAL F 380 -37.79 -18.06 23.62
N VAL F 381 -38.11 -19.27 23.18
CA VAL F 381 -37.25 -20.08 22.34
C VAL F 381 -37.83 -20.13 20.94
N LEU F 382 -37.04 -19.73 19.95
CA LEU F 382 -37.42 -19.77 18.53
C LEU F 382 -36.60 -20.83 17.81
N GLN F 383 -37.25 -21.76 17.13
CA GLN F 383 -36.59 -22.74 16.27
C GLN F 383 -36.78 -22.38 14.80
N ILE F 384 -35.70 -22.35 14.03
CA ILE F 384 -35.70 -22.09 12.60
C ILE F 384 -35.86 -23.43 11.89
N LYS F 385 -37.10 -23.74 11.48
CA LYS F 385 -37.47 -24.89 10.65
C LYS F 385 -38.67 -24.52 9.78
N ALA F 386 -38.84 -25.24 8.69
CA ALA F 386 -39.83 -24.90 7.66
C ALA F 386 -41.28 -25.08 8.10
N SER F 387 -41.61 -26.16 8.81
CA SER F 387 -42.97 -26.46 9.27
C SER F 387 -42.99 -27.51 10.39
N GLY F 388 -44.13 -27.64 11.08
CA GLY F 388 -44.34 -28.62 12.15
C GLY F 388 -44.10 -28.05 13.55
N THR F 389 -44.21 -28.91 14.56
CA THR F 389 -44.07 -28.53 15.99
C THR F 389 -42.62 -28.30 16.39
N TYR F 390 -42.41 -27.65 17.52
CA TYR F 390 -41.10 -27.47 18.13
C TYR F 390 -40.42 -28.80 18.46
N ASP F 391 -39.11 -28.90 18.24
CA ASP F 391 -38.27 -30.03 18.66
C ASP F 391 -37.33 -29.61 19.77
N ILE F 392 -37.26 -30.37 20.86
CA ILE F 392 -36.26 -30.15 21.90
C ILE F 392 -34.87 -30.47 21.33
N PRO F 393 -33.83 -29.65 21.54
CA PRO F 393 -32.47 -29.99 21.13
C PRO F 393 -32.00 -31.30 21.76
N THR F 394 -31.37 -32.19 21.00
CA THR F 394 -30.93 -33.50 21.51
C THR F 394 -29.99 -33.36 22.71
N LYS F 395 -29.03 -32.45 22.63
CA LYS F 395 -28.08 -32.14 23.71
C LYS F 395 -28.68 -31.64 25.02
N TRP F 396 -29.94 -31.21 25.00
CA TRP F 396 -30.68 -30.67 26.14
C TRP F 396 -32.07 -31.31 26.26
N THR F 397 -32.22 -32.56 25.80
CA THR F 397 -33.41 -33.37 26.09
C THR F 397 -33.24 -34.00 27.45
N ASN F 398 -34.20 -33.82 28.36
CA ASN F 398 -34.12 -34.30 29.75
C ASN F 398 -34.06 -35.84 29.89
N GLY F 399 -34.60 -36.57 28.91
CA GLY F 399 -34.74 -38.02 28.96
C GLY F 399 -33.44 -38.85 28.95
N GLY F 400 -32.29 -38.26 28.64
CA GLY F 400 -31.03 -39.01 28.58
C GLY F 400 -29.78 -38.15 28.37
N GLY F 401 -28.67 -38.61 28.94
CA GLY F 401 -27.38 -37.94 28.99
C GLY F 401 -27.23 -36.99 30.18
N PHE F 402 -25.99 -36.80 30.63
CA PHE F 402 -25.66 -36.00 31.81
C PHE F 402 -24.48 -35.04 31.56
N GLU F 403 -24.27 -34.69 30.29
CA GLU F 403 -23.23 -33.77 29.81
C GLU F 403 -23.61 -33.16 28.46
N ASN G 28 -4.39 -79.88 54.47
CA ASN G 28 -4.76 -78.69 55.26
C ASN G 28 -6.25 -78.63 55.55
N GLN G 29 -6.64 -77.92 56.61
CA GLN G 29 -8.01 -77.91 57.11
C GLN G 29 -8.94 -76.96 56.35
N GLY G 30 -8.60 -75.68 56.27
CA GLY G 30 -9.40 -74.66 55.59
C GLY G 30 -10.76 -74.36 56.25
N GLY G 31 -11.54 -73.50 55.60
CA GLY G 31 -12.87 -73.06 56.07
C GLY G 31 -12.86 -72.05 57.22
N TYR G 32 -14.03 -71.54 57.57
CA TYR G 32 -14.22 -70.71 58.76
C TYR G 32 -13.96 -71.50 60.04
N ASN G 33 -13.39 -70.85 61.04
CA ASN G 33 -13.43 -71.34 62.41
C ASN G 33 -14.81 -71.05 63.04
N THR G 34 -15.41 -72.07 63.64
CA THR G 34 -16.81 -72.08 64.08
C THR G 34 -16.91 -72.56 65.52
N ALA G 35 -17.97 -72.21 66.24
CA ALA G 35 -18.35 -72.98 67.42
C ALA G 35 -18.56 -74.45 66.99
N GLY G 36 -18.04 -75.39 67.78
CA GLY G 36 -17.86 -76.79 67.36
C GLY G 36 -16.44 -77.13 66.90
N ASP G 37 -15.66 -76.15 66.45
CA ASP G 37 -14.20 -76.27 66.40
C ASP G 37 -13.53 -75.91 67.74
N ILE G 38 -14.27 -75.30 68.67
CA ILE G 38 -13.77 -74.90 69.98
C ILE G 38 -13.64 -76.11 70.90
N LYS G 39 -12.57 -76.16 71.70
CA LYS G 39 -12.34 -77.11 72.77
C LYS G 39 -12.03 -76.31 74.03
N TYR G 40 -12.62 -76.68 75.17
CA TYR G 40 -12.53 -75.89 76.41
C TYR G 40 -11.59 -76.53 77.42
N LYS G 41 -11.94 -77.70 77.96
CA LYS G 41 -11.17 -78.46 78.94
C LYS G 41 -11.14 -79.95 78.60
N THR G 42 -10.00 -80.54 78.89
CA THR G 42 -9.77 -82.00 78.84
C THR G 42 -10.60 -82.67 79.94
N ALA G 43 -10.89 -83.97 79.84
CA ALA G 43 -11.59 -84.69 80.92
C ALA G 43 -10.88 -84.59 82.29
N ASP G 44 -9.55 -84.50 82.30
CA ASP G 44 -8.71 -84.25 83.48
C ASP G 44 -8.79 -82.82 84.05
N GLY G 45 -9.58 -81.93 83.45
CA GLY G 45 -9.74 -80.52 83.86
C GLY G 45 -8.71 -79.55 83.30
N VAL G 46 -7.72 -80.02 82.53
CA VAL G 46 -6.69 -79.19 81.90
C VAL G 46 -7.27 -78.39 80.74
N SER G 47 -7.13 -77.06 80.76
CA SER G 47 -7.68 -76.15 79.74
C SER G 47 -6.90 -76.18 78.44
N TYR G 48 -7.59 -76.21 77.30
CA TYR G 48 -6.94 -76.20 76.00
C TYR G 48 -6.16 -74.91 75.76
N ASP G 49 -6.52 -73.78 76.36
CA ASP G 49 -5.73 -72.56 76.18
C ASP G 49 -4.28 -72.71 76.66
N SER G 50 -4.01 -73.59 77.61
CA SER G 50 -2.66 -73.90 78.07
C SER G 50 -1.90 -74.80 77.09
N LEU G 51 -2.59 -75.70 76.38
CA LEU G 51 -1.97 -76.49 75.31
C LEU G 51 -1.64 -75.61 74.11
N TRP G 52 -2.57 -74.77 73.68
CA TRP G 52 -2.33 -73.78 72.63
C TRP G 52 -1.23 -72.79 73.00
N ASN G 53 -1.01 -72.52 74.28
CA ASN G 53 0.06 -71.61 74.68
C ASN G 53 1.46 -72.16 74.38
N LEU G 54 1.64 -73.49 74.26
CA LEU G 54 2.91 -74.09 73.86
C LEU G 54 3.30 -73.66 72.44
N PHE G 55 2.37 -73.75 71.50
CA PHE G 55 2.58 -73.43 70.09
C PHE G 55 2.63 -71.93 69.78
N SER G 56 2.46 -71.06 70.78
CA SER G 56 2.33 -69.62 70.58
C SER G 56 3.60 -68.91 70.13
N ASN G 57 4.80 -69.40 70.49
CA ASN G 57 6.09 -68.75 70.18
C ASN G 57 7.15 -69.68 69.57
N VAL G 58 7.02 -71.01 69.71
CA VAL G 58 8.03 -71.95 69.23
C VAL G 58 8.15 -71.98 67.71
N THR G 59 9.32 -72.37 67.20
CA THR G 59 9.51 -72.82 65.82
C THR G 59 10.27 -74.13 65.83
N ASP G 60 9.81 -75.10 65.05
CA ASP G 60 10.31 -76.47 65.04
C ASP G 60 11.63 -76.60 64.26
N GLU G 61 12.42 -77.63 64.58
CA GLU G 61 13.70 -77.84 63.92
C GLU G 61 13.57 -78.09 62.41
N TRP G 62 12.42 -78.59 61.92
CA TRP G 62 12.23 -78.82 60.49
C TRP G 62 12.07 -77.52 59.69
N ASN G 63 11.24 -76.60 60.15
CA ASN G 63 11.19 -75.26 59.57
C ASN G 63 12.48 -74.48 59.77
N LYS G 64 13.18 -74.66 60.89
CA LYS G 64 14.51 -74.06 61.12
C LYS G 64 15.55 -74.60 60.14
N HIS G 65 15.56 -75.90 59.87
CA HIS G 65 16.39 -76.54 58.87
C HIS G 65 16.11 -76.02 57.46
N LYS G 66 14.84 -75.94 57.04
CA LYS G 66 14.45 -75.32 55.76
C LYS G 66 14.91 -73.88 55.65
N SER G 67 14.73 -73.10 56.72
CA SER G 67 15.21 -71.71 56.78
C SER G 67 16.72 -71.63 56.63
N LYS G 68 17.47 -72.60 57.16
CA LYS G 68 18.93 -72.64 57.06
C LYS G 68 19.44 -72.96 55.66
N MET G 69 18.80 -73.89 54.94
CA MET G 69 19.05 -74.08 53.50
C MET G 69 18.84 -72.80 52.70
N VAL G 70 17.75 -72.06 52.94
CA VAL G 70 17.53 -70.77 52.28
C VAL G 70 18.66 -69.78 52.61
N GLN G 71 19.04 -69.68 53.88
CA GLN G 71 20.01 -68.70 54.34
C GLN G 71 21.40 -68.91 53.73
N LEU G 72 21.84 -70.15 53.54
CA LEU G 72 23.13 -70.41 52.85
C LEU G 72 23.01 -70.27 51.33
N MET G 73 21.88 -70.60 50.72
CA MET G 73 21.78 -70.76 49.27
C MET G 73 21.40 -69.49 48.49
N THR G 74 21.06 -68.39 49.17
CA THR G 74 20.45 -67.21 48.56
C THR G 74 21.17 -65.90 48.87
N PHE G 75 20.92 -64.86 48.08
CA PHE G 75 21.34 -63.48 48.36
C PHE G 75 20.21 -62.49 48.07
N PRO G 76 20.15 -61.34 48.75
CA PRO G 76 19.17 -60.30 48.48
C PRO G 76 19.52 -59.55 47.19
N VAL G 77 18.63 -59.57 46.20
CA VAL G 77 18.83 -58.89 44.92
C VAL G 77 18.77 -57.38 45.08
N THR G 78 19.71 -56.65 44.46
CA THR G 78 19.74 -55.18 44.41
C THR G 78 19.29 -54.63 43.05
N ASN G 79 19.68 -55.25 41.94
CA ASN G 79 19.25 -54.89 40.60
C ASN G 79 18.20 -55.88 40.10
N GLN G 80 17.02 -55.41 39.68
CA GLN G 80 15.98 -56.30 39.14
C GLN G 80 16.42 -57.05 37.89
N THR G 81 17.51 -56.62 37.24
CA THR G 81 18.18 -57.33 36.15
C THR G 81 19.69 -57.07 36.19
N GLU G 82 20.48 -58.08 35.86
CA GLU G 82 21.94 -58.06 35.85
C GLU G 82 22.45 -58.22 34.43
N LYS G 83 23.61 -57.62 34.13
CA LYS G 83 24.42 -57.96 32.96
C LYS G 83 25.71 -58.60 33.41
N VAL G 84 26.10 -59.72 32.80
CA VAL G 84 27.41 -60.36 33.01
C VAL G 84 28.32 -60.06 31.81
N PRO G 85 29.18 -59.03 31.86
CA PRO G 85 30.03 -58.63 30.75
C PRO G 85 31.32 -59.44 30.63
N ARG G 86 31.87 -59.50 29.42
CA ARG G 86 33.18 -60.08 29.09
C ARG G 86 33.87 -59.27 28.00
N ILE G 87 35.19 -59.32 27.96
CA ILE G 87 36.04 -58.68 26.94
C ILE G 87 37.06 -59.67 26.39
N GLY G 88 37.48 -59.50 25.12
CA GLY G 88 38.47 -60.38 24.47
C GLY G 88 39.90 -60.15 24.96
N GLN G 89 40.92 -60.46 24.15
CA GLN G 89 42.35 -60.37 24.54
C GLN G 89 43.16 -59.64 23.47
N PHE G 90 44.33 -59.08 23.84
CA PHE G 90 45.23 -58.33 22.92
C PHE G 90 46.37 -59.25 22.43
N GLY G 91 47.45 -59.45 23.21
CA GLY G 91 48.64 -60.21 22.81
C GLY G 91 49.76 -59.23 22.60
N PHE G 92 50.80 -59.50 21.85
CA PHE G 92 51.92 -58.59 21.47
C PHE G 92 52.73 -59.10 20.28
N GLU G 93 53.69 -58.32 19.75
CA GLU G 93 54.57 -58.68 18.61
C GLU G 93 56.04 -58.35 18.95
N LYS G 94 57.04 -58.94 18.26
CA LYS G 94 58.46 -58.61 18.45
C LYS G 94 58.88 -57.41 17.67
N ALA G 95 59.76 -56.59 18.22
CA ALA G 95 59.98 -55.31 17.55
C ALA G 95 60.99 -55.37 16.41
N SER G 96 61.25 -54.22 15.79
CA SER G 96 62.22 -54.04 14.70
C SER G 96 62.82 -52.63 14.71
N GLU G 97 63.97 -52.43 14.05
CA GLU G 97 64.61 -51.12 13.93
C GLU G 97 63.74 -50.13 13.15
N PHE G 98 63.22 -50.59 12.02
CA PHE G 98 62.22 -49.92 11.21
C PHE G 98 60.83 -50.49 11.56
N GLY G 99 59.77 -49.92 11.01
CA GLY G 99 58.45 -50.56 11.09
C GLY G 99 57.76 -50.45 12.45
N VAL G 100 56.43 -50.60 12.43
CA VAL G 100 55.54 -50.38 13.57
C VAL G 100 54.64 -51.59 13.81
N PRO G 101 54.15 -51.83 15.04
CA PRO G 101 53.36 -53.02 15.37
C PRO G 101 52.02 -53.12 14.64
N GLU G 102 51.49 -54.33 14.56
CA GLU G 102 50.09 -54.58 14.22
C GLU G 102 49.18 -54.02 15.34
N SER G 103 48.05 -53.40 15.00
CA SER G 103 47.14 -52.75 15.95
C SER G 103 46.27 -53.74 16.70
N LYS G 104 45.97 -53.44 17.97
CA LYS G 104 45.18 -54.28 18.88
C LYS G 104 43.91 -53.56 19.35
N ARG G 105 42.80 -54.27 19.47
CA ARG G 105 41.53 -53.82 20.06
C ARG G 105 40.83 -54.98 20.78
N THR G 106 39.80 -54.66 21.55
CA THR G 106 38.92 -55.64 22.18
C THR G 106 37.47 -55.18 22.12
N GLU G 107 36.54 -56.11 22.07
CA GLU G 107 35.10 -55.86 21.94
C GLU G 107 34.36 -56.44 23.15
N LEU G 108 33.57 -55.62 23.85
CA LEU G 108 32.77 -56.05 24.99
C LEU G 108 31.50 -56.78 24.54
N SER G 109 31.09 -57.78 25.29
CA SER G 109 29.81 -58.49 25.13
C SER G 109 29.23 -58.86 26.49
N PHE G 110 27.93 -59.15 26.58
CA PHE G 110 27.29 -59.53 27.84
C PHE G 110 26.09 -60.45 27.64
N TYR G 111 25.73 -61.19 28.70
CA TYR G 111 24.45 -61.87 28.84
C TYR G 111 23.62 -61.19 29.91
N GLN G 112 22.30 -61.19 29.77
CA GLN G 112 21.37 -60.48 30.65
C GLN G 112 20.49 -61.44 31.44
N LEU G 113 20.45 -61.28 32.77
CA LEU G 113 19.78 -62.17 33.72
C LEU G 113 18.81 -61.38 34.59
N ALA G 114 17.51 -61.58 34.46
CA ALA G 114 16.51 -60.97 35.33
C ALA G 114 16.13 -61.88 36.52
N TYR G 115 15.43 -61.32 37.51
CA TYR G 115 14.83 -62.08 38.61
C TYR G 115 13.31 -61.90 38.65
N ASP G 116 12.59 -62.98 38.90
CA ASP G 116 11.12 -63.01 38.91
C ASP G 116 10.51 -62.31 40.13
N PHE G 117 9.20 -62.07 40.13
CA PHE G 117 8.45 -61.54 41.27
C PHE G 117 6.98 -61.93 41.20
N GLU G 118 6.41 -62.41 42.32
CA GLU G 118 5.01 -62.81 42.42
C GLU G 118 4.46 -62.55 43.84
N ASP G 119 3.14 -62.41 43.97
CA ASP G 119 2.44 -62.15 45.22
C ASP G 119 1.67 -63.37 45.71
N TYR G 120 1.74 -63.65 47.01
CA TYR G 120 1.12 -64.79 47.66
C TYR G 120 0.30 -64.32 48.86
N ASP G 121 -0.91 -64.88 49.00
CA ASP G 121 -1.93 -64.42 49.94
C ASP G 121 -2.43 -65.59 50.80
N LEU G 122 -2.79 -65.31 52.04
CA LEU G 122 -3.31 -66.26 53.05
C LEU G 122 -4.41 -65.58 53.87
N ALA G 123 -5.43 -66.32 54.32
CA ALA G 123 -6.54 -65.76 55.10
C ALA G 123 -6.90 -66.60 56.33
N PHE G 124 -7.17 -65.94 57.45
CA PHE G 124 -7.85 -66.54 58.60
C PHE G 124 -9.26 -66.00 58.71
N ARG G 125 -10.26 -66.88 58.85
CA ARG G 125 -11.68 -66.51 58.92
C ARG G 125 -12.34 -67.07 60.16
N TYR G 126 -13.17 -66.27 60.82
CA TYR G 126 -13.83 -66.64 62.07
C TYR G 126 -15.30 -66.29 62.04
N THR G 127 -16.13 -67.12 62.67
CA THR G 127 -17.47 -66.70 63.09
C THR G 127 -17.39 -65.87 64.36
N TRP G 128 -18.35 -64.99 64.60
CA TRP G 128 -18.38 -64.14 65.79
C TRP G 128 -18.36 -64.95 67.08
N LYS G 129 -19.09 -66.06 67.13
CA LYS G 129 -19.12 -66.95 68.28
C LYS G 129 -17.83 -67.74 68.49
N PHE G 130 -17.10 -68.08 67.43
CA PHE G 130 -15.74 -68.55 67.60
C PHE G 130 -14.87 -67.51 68.29
N LEU G 131 -14.80 -66.25 67.83
CA LEU G 131 -13.99 -65.25 68.53
C LEU G 131 -14.46 -64.93 69.96
N ARG G 132 -15.74 -65.09 70.27
CA ARG G 132 -16.26 -64.93 71.64
C ARG G 132 -15.72 -66.01 72.57
N ASP G 133 -15.79 -67.27 72.15
CA ASP G 133 -15.61 -68.44 73.01
C ASP G 133 -14.29 -69.19 72.83
N ALA G 134 -13.57 -69.05 71.72
CA ALA G 134 -12.28 -69.72 71.49
C ALA G 134 -11.18 -69.20 72.42
N PRO G 135 -10.21 -70.04 72.81
CA PRO G 135 -9.12 -69.63 73.69
C PRO G 135 -8.14 -68.69 72.98
N SER G 136 -7.75 -67.58 73.61
CA SER G 136 -6.92 -66.55 72.96
C SER G 136 -5.58 -67.08 72.45
N SER G 137 -5.02 -68.06 73.14
CA SER G 137 -3.81 -68.78 72.73
C SER G 137 -3.92 -69.42 71.34
N GLN G 138 -5.10 -69.82 70.88
CA GLN G 138 -5.28 -70.37 69.54
C GLN G 138 -5.07 -69.31 68.45
N ILE G 139 -5.48 -68.07 68.70
CA ILE G 139 -5.26 -66.96 67.77
C ILE G 139 -3.78 -66.67 67.66
N LYS G 140 -3.06 -66.62 68.78
CA LYS G 140 -1.59 -66.44 68.76
C LYS G 140 -0.87 -67.59 68.07
N ALA G 141 -1.31 -68.83 68.27
CA ALA G 141 -0.77 -69.96 67.53
C ALA G 141 -0.98 -69.80 66.02
N TYR G 142 -2.15 -69.33 65.58
CA TYR G 142 -2.46 -69.11 64.13
C TYR G 142 -1.51 -68.04 63.57
N HIS G 143 -1.21 -66.95 64.29
CA HIS G 143 -0.23 -65.95 63.88
C HIS G 143 1.18 -66.56 63.76
N ASN G 144 1.64 -67.33 64.74
CA ASN G 144 2.93 -68.01 64.68
C ASN G 144 3.01 -69.04 63.54
N GLN G 145 1.90 -69.68 63.18
CA GLN G 145 1.84 -70.58 62.03
C GLN G 145 1.91 -69.83 60.69
N ALA G 146 1.44 -68.59 60.60
CA ALA G 146 1.64 -67.80 59.39
C ALA G 146 3.13 -67.54 59.12
N LEU G 147 3.92 -67.28 60.16
CA LEU G 147 5.38 -67.17 60.03
C LEU G 147 5.99 -68.49 59.55
N GLN G 148 5.53 -69.64 60.04
CA GLN G 148 6.03 -70.93 59.55
C GLN G 148 5.66 -71.15 58.07
N ALA G 149 4.44 -70.79 57.66
CA ALA G 149 4.01 -70.91 56.27
C ALA G 149 4.82 -70.01 55.33
N ASP G 150 5.21 -68.82 55.78
CA ASP G 150 6.09 -67.94 55.03
C ASP G 150 7.48 -68.57 54.79
N ALA G 151 8.09 -69.14 55.84
CA ALA G 151 9.36 -69.84 55.72
C ALA G 151 9.27 -71.02 54.75
N LYS G 152 8.20 -71.83 54.83
CA LYS G 152 7.95 -72.95 53.92
C LYS G 152 7.76 -72.51 52.48
N LEU G 153 7.10 -71.38 52.24
CA LEU G 153 6.91 -70.82 50.90
C LEU G 153 8.24 -70.38 50.29
N ILE G 154 9.03 -69.58 51.01
CA ILE G 154 10.34 -69.12 50.53
C ILE G 154 11.24 -70.32 50.23
N HIS G 155 11.28 -71.33 51.09
CA HIS G 155 12.06 -72.55 50.82
C HIS G 155 11.62 -73.22 49.52
N ARG G 156 10.33 -73.47 49.29
CA ARG G 156 9.88 -74.10 48.04
C ARG G 156 10.28 -73.28 46.83
N LYS G 157 10.11 -71.96 46.89
CA LYS G 157 10.40 -71.05 45.78
C LYS G 157 11.89 -70.91 45.48
N VAL G 158 12.76 -71.08 46.46
CA VAL G 158 14.20 -71.22 46.24
C VAL G 158 14.53 -72.58 45.66
N MET G 159 13.97 -73.68 46.15
CA MET G 159 14.25 -75.00 45.59
C MET G 159 13.80 -75.14 44.14
N GLU G 160 12.58 -74.73 43.79
CA GLU G 160 12.11 -74.86 42.41
C GLU G 160 12.87 -73.96 41.44
N ALA G 161 13.50 -72.88 41.90
CA ALA G 161 14.41 -72.10 41.06
C ALA G 161 15.59 -72.92 40.54
N ILE G 162 16.00 -73.94 41.30
CA ILE G 162 17.13 -74.81 41.00
C ILE G 162 16.66 -76.07 40.28
N PHE G 163 15.68 -76.77 40.84
CA PHE G 163 15.28 -78.09 40.37
C PHE G 163 14.29 -78.07 39.21
N ASP G 164 13.51 -76.99 39.01
CA ASP G 164 12.67 -76.83 37.83
C ASP G 164 13.50 -76.22 36.70
N ASN G 165 13.97 -77.04 35.73
CA ASN G 165 14.89 -76.65 34.61
C ASN G 165 14.07 -76.18 33.43
N ARG G 166 12.94 -75.56 33.64
CA ARG G 166 12.25 -74.76 32.61
C ARG G 166 12.61 -73.28 32.71
N GLU G 167 12.57 -72.61 31.59
CA GLU G 167 12.75 -71.15 31.49
C GLU G 167 11.46 -70.41 31.90
N ARG G 168 11.61 -69.19 32.42
CA ARG G 168 10.50 -68.32 32.86
C ARG G 168 10.71 -66.92 32.33
N GLU G 169 9.67 -66.10 32.35
CA GLU G 169 9.70 -64.70 31.94
C GLU G 169 9.17 -63.78 33.03
N ALA G 170 9.81 -62.63 33.20
CA ALA G 170 9.45 -61.60 34.17
C ALA G 170 9.35 -60.24 33.46
N ASP G 171 8.45 -59.36 33.91
CA ASP G 171 8.31 -58.02 33.32
C ASP G 171 8.92 -56.99 34.26
N ILE G 172 9.89 -56.21 33.77
CA ILE G 172 10.58 -55.15 34.52
C ILE G 172 10.49 -53.87 33.70
N GLU G 173 10.06 -52.77 34.32
CA GLU G 173 9.62 -51.53 33.63
C GLU G 173 8.61 -51.78 32.50
N GLY G 174 7.82 -52.85 32.60
CA GLY G 174 6.85 -53.27 31.58
C GLY G 174 7.45 -53.96 30.35
N LEU G 175 8.77 -54.25 30.38
CA LEU G 175 9.51 -54.89 29.25
C LEU G 175 9.87 -56.34 29.63
N PRO G 176 9.53 -57.39 28.86
CA PRO G 176 9.78 -58.79 29.20
C PRO G 176 11.27 -59.13 29.19
N TYR G 177 11.69 -59.89 30.19
CA TYR G 177 13.01 -60.50 30.33
C TYR G 177 12.88 -61.99 30.64
N LYS G 178 13.80 -62.81 30.14
CA LYS G 178 13.94 -64.20 30.57
C LYS G 178 14.61 -64.28 31.94
N VAL G 179 14.18 -65.23 32.77
CA VAL G 179 14.83 -65.59 34.03
C VAL G 179 15.18 -67.07 33.95
N TYR G 180 16.33 -67.45 34.51
CA TYR G 180 16.97 -68.71 34.17
C TYR G 180 17.19 -69.64 35.35
N PRO G 181 17.14 -70.97 35.13
CA PRO G 181 17.75 -71.95 36.02
C PRO G 181 19.27 -72.01 35.80
N LEU G 182 19.92 -73.10 36.19
CA LEU G 182 21.27 -73.46 35.74
C LEU G 182 21.35 -73.58 34.20
N TYR G 183 22.53 -73.79 33.61
CA TYR G 183 22.59 -74.15 32.18
C TYR G 183 21.73 -75.38 31.90
N ASN G 184 20.94 -75.37 30.83
CA ASN G 184 19.82 -76.31 30.71
C ASN G 184 19.60 -76.85 29.28
N GLY G 185 20.65 -76.90 28.45
CA GLY G 185 20.53 -77.30 27.05
C GLY G 185 20.04 -76.17 26.14
N ASP G 186 20.24 -74.92 26.57
CA ASP G 186 19.76 -73.69 25.95
C ASP G 186 20.79 -73.04 25.01
N ASN G 187 20.37 -71.98 24.30
CA ASN G 187 21.23 -71.25 23.36
C ASN G 187 22.30 -70.37 24.03
N MET G 188 22.15 -70.00 25.31
CA MET G 188 23.18 -69.24 26.02
C MET G 188 24.46 -70.08 26.13
N ILE G 189 25.60 -69.50 25.79
CA ILE G 189 26.90 -70.21 25.77
C ILE G 189 27.70 -69.78 26.99
N PRO G 190 28.21 -70.70 27.82
CA PRO G 190 29.02 -70.31 28.97
C PRO G 190 30.26 -69.51 28.55
N PRO G 191 30.70 -68.52 29.34
CA PRO G 191 31.95 -67.81 29.07
C PRO G 191 33.14 -68.75 29.23
N GLU G 192 34.07 -68.74 28.27
CA GLU G 192 35.29 -69.56 28.34
C GLU G 192 36.17 -69.16 29.53
N TYR G 193 36.72 -70.14 30.26
CA TYR G 193 37.38 -69.90 31.54
C TYR G 193 38.89 -69.62 31.42
N ASN G 194 39.60 -70.46 30.65
CA ASN G 194 41.07 -70.46 30.58
C ASN G 194 41.59 -70.98 29.23
N GLY G 195 40.79 -70.85 28.16
CA GLY G 195 40.97 -71.59 26.91
C GLY G 195 40.16 -72.89 26.84
N THR G 196 39.64 -73.38 27.97
CA THR G 196 38.46 -74.27 27.96
C THR G 196 37.25 -73.47 27.48
N THR G 197 36.62 -73.92 26.39
CA THR G 197 35.64 -73.14 25.62
C THR G 197 34.42 -73.99 25.25
N PHE G 198 33.23 -73.38 25.25
CA PHE G 198 31.94 -74.07 25.30
C PHE G 198 31.05 -73.81 24.06
N SER G 199 29.86 -74.39 24.01
CA SER G 199 28.92 -74.30 22.89
C SER G 199 27.48 -74.01 23.35
N THR G 200 26.56 -73.79 22.40
CA THR G 200 25.13 -73.94 22.67
C THR G 200 24.84 -75.36 23.18
N GLY G 201 23.79 -75.54 23.99
CA GLY G 201 23.40 -76.85 24.50
C GLY G 201 24.22 -77.37 25.69
N HIS G 202 25.02 -76.54 26.34
CA HIS G 202 25.68 -76.89 27.61
C HIS G 202 24.62 -77.10 28.72
N ASN G 203 24.95 -77.84 29.77
CA ASN G 203 24.00 -78.29 30.78
C ASN G 203 24.63 -78.41 32.18
N HIS G 204 23.83 -78.28 33.22
CA HIS G 204 24.18 -78.45 34.63
C HIS G 204 23.14 -79.25 35.43
N TYR G 205 22.08 -79.75 34.79
CA TYR G 205 21.33 -80.89 35.31
C TYR G 205 21.91 -82.17 34.68
N LEU G 206 22.27 -83.14 35.51
CA LEU G 206 23.00 -84.35 35.11
C LEU G 206 22.24 -85.61 35.51
N VAL G 207 22.28 -86.62 34.66
CA VAL G 207 21.74 -87.96 34.95
C VAL G 207 22.89 -88.94 35.12
N SER G 208 22.93 -89.64 36.24
CA SER G 208 24.09 -90.45 36.66
C SER G 208 24.41 -91.63 35.74
N GLY G 209 23.44 -92.14 34.97
CA GLY G 209 23.64 -93.32 34.12
C GLY G 209 23.83 -94.61 34.93
N GLY G 210 23.27 -94.67 36.13
CA GLY G 210 23.44 -95.78 37.09
C GLY G 210 22.51 -95.64 38.30
N THR G 211 22.01 -96.76 38.79
CA THR G 211 20.94 -96.85 39.80
C THR G 211 21.37 -96.42 41.22
N LYS G 212 22.68 -96.23 41.44
CA LYS G 212 23.33 -95.79 42.70
C LYS G 212 24.48 -94.83 42.35
N ILE G 213 24.89 -93.94 43.25
CA ILE G 213 25.98 -93.00 42.96
C ILE G 213 27.35 -93.70 42.89
N ASP G 214 28.15 -93.41 41.85
CA ASP G 214 29.56 -93.77 41.74
C ASP G 214 30.45 -92.63 42.27
N SER G 215 31.66 -92.94 42.75
CA SER G 215 32.69 -91.90 42.90
C SER G 215 32.93 -91.17 41.57
N ALA G 216 32.84 -91.87 40.44
CA ALA G 216 32.97 -91.29 39.11
C ALA G 216 31.92 -90.19 38.81
N ASP G 217 30.70 -90.30 39.36
CA ASP G 217 29.69 -89.24 39.24
C ASP G 217 30.06 -88.02 40.08
N VAL G 218 30.51 -88.23 41.32
CA VAL G 218 30.95 -87.14 42.19
C VAL G 218 32.15 -86.40 41.60
N GLU G 219 33.15 -87.13 41.11
CA GLU G 219 34.29 -86.56 40.39
C GLU G 219 33.83 -85.76 39.15
N MET G 220 32.94 -86.32 38.30
CA MET G 220 32.41 -85.62 37.13
C MET G 220 31.67 -84.33 37.50
N ALA G 221 30.75 -84.39 38.45
CA ALA G 221 29.92 -83.26 38.81
C ALA G 221 30.76 -82.11 39.38
N ALA G 222 31.69 -82.40 40.28
CA ALA G 222 32.59 -81.38 40.83
C ALA G 222 33.50 -80.78 39.76
N ASP G 223 33.95 -81.56 38.79
CA ASP G 223 34.66 -81.01 37.62
C ASP G 223 33.74 -80.17 36.73
N HIS G 224 32.47 -80.52 36.57
CA HIS G 224 31.51 -79.73 35.78
C HIS G 224 31.29 -78.34 36.39
N ILE G 225 31.38 -78.21 37.72
CA ILE G 225 31.51 -76.91 38.37
C ILE G 225 32.89 -76.31 38.04
N ARG G 226 33.97 -77.03 38.34
CA ARG G 226 35.34 -76.49 38.25
C ARG G 226 35.78 -76.08 36.85
N GLU G 227 35.17 -76.59 35.78
CA GLU G 227 35.48 -76.15 34.41
C GLU G 227 35.05 -74.70 34.14
N HIS G 228 34.15 -74.14 34.94
CA HIS G 228 33.68 -72.75 34.83
C HIS G 228 34.43 -71.77 35.74
N GLY G 229 35.53 -72.20 36.37
CA GLY G 229 36.11 -71.49 37.51
C GLY G 229 35.65 -72.16 38.79
N TYR G 230 35.31 -71.41 39.84
CA TYR G 230 34.86 -72.00 41.11
C TYR G 230 35.83 -73.06 41.66
N THR G 231 37.15 -72.81 41.52
CA THR G 231 38.17 -73.75 41.95
C THR G 231 38.76 -73.40 43.31
N GLU G 232 39.47 -74.37 43.87
CA GLU G 232 40.19 -74.25 45.12
C GLU G 232 41.39 -73.31 44.96
N GLU G 233 41.97 -73.20 43.77
CA GLU G 233 42.98 -72.17 43.44
C GLU G 233 42.32 -70.77 43.38
N ASN G 234 41.08 -70.70 42.90
CA ASN G 234 40.22 -69.51 43.02
C ASN G 234 39.68 -69.29 44.45
N GLY G 235 40.27 -69.94 45.46
CA GLY G 235 39.94 -69.80 46.88
C GLY G 235 38.61 -70.42 47.31
N THR G 236 37.85 -71.04 46.40
CA THR G 236 36.49 -71.53 46.69
C THR G 236 36.48 -72.91 47.35
N GLN G 237 35.40 -73.19 48.07
CA GLN G 237 35.07 -74.47 48.67
C GLN G 237 33.84 -75.06 47.98
N LEU G 238 33.84 -76.34 47.59
CA LEU G 238 32.64 -77.02 47.14
C LEU G 238 31.93 -77.71 48.30
N ILE G 239 30.60 -77.73 48.27
CA ILE G 239 29.72 -78.41 49.22
C ILE G 239 28.76 -79.33 48.45
N ALA G 240 28.37 -80.47 49.01
CA ALA G 240 27.35 -81.34 48.42
C ALA G 240 26.25 -81.67 49.43
N PHE G 241 24.99 -81.55 49.00
CA PHE G 241 23.81 -81.86 49.79
C PHE G 241 23.14 -83.10 49.21
N ALA G 242 23.00 -84.13 50.05
CA ALA G 242 22.52 -85.43 49.64
C ALA G 242 21.62 -86.08 50.69
N HIS G 243 20.62 -86.83 50.23
CA HIS G 243 19.88 -87.72 51.11
C HIS G 243 20.81 -88.80 51.66
N LYS G 244 20.60 -89.26 52.91
CA LYS G 244 21.48 -90.24 53.56
C LYS G 244 21.63 -91.57 52.79
N ALA G 245 20.66 -91.96 51.96
CA ALA G 245 20.74 -93.20 51.17
C ALA G 245 21.97 -93.24 50.24
N GLU G 246 22.36 -92.13 49.64
CA GLU G 246 23.57 -92.08 48.79
C GLU G 246 24.84 -91.78 49.58
N ILE G 247 24.76 -91.18 50.78
CA ILE G 247 25.93 -91.05 51.68
C ILE G 247 26.43 -92.43 52.15
N GLN G 248 25.55 -93.43 52.25
CA GLN G 248 25.97 -94.82 52.49
C GLN G 248 26.79 -95.43 51.33
N GLU G 249 26.85 -94.79 50.16
CA GLU G 249 27.81 -95.13 49.10
C GLU G 249 29.13 -94.39 49.30
N VAL G 250 29.09 -93.08 49.55
CA VAL G 250 30.29 -92.24 49.67
C VAL G 250 31.25 -92.74 50.75
N ARG G 251 30.73 -93.23 51.88
CA ARG G 251 31.56 -93.88 52.94
C ARG G 251 32.41 -95.05 52.44
N ARG G 252 32.04 -95.71 51.33
CA ARG G 252 32.79 -96.81 50.71
C ARG G 252 34.00 -96.33 49.88
N PHE G 253 34.09 -95.05 49.53
CA PHE G 253 35.01 -94.59 48.48
C PHE G 253 36.46 -94.46 48.96
N ARG G 254 37.15 -95.59 49.17
CA ARG G 254 38.58 -95.64 49.52
C ARG G 254 39.43 -95.65 48.26
N PHE G 255 40.56 -94.94 48.24
CA PHE G 255 41.32 -94.70 47.01
C PHE G 255 41.75 -95.99 46.32
N GLY G 256 41.56 -96.07 45.00
CA GLY G 256 41.93 -97.22 44.18
C GLY G 256 41.01 -98.43 44.33
N GLN G 257 39.93 -98.35 45.13
CA GLN G 257 38.96 -99.43 45.28
C GLN G 257 37.70 -99.21 44.43
N THR G 258 37.16 -100.31 43.93
CA THR G 258 35.91 -100.35 43.17
C THR G 258 34.72 -99.96 44.04
N ASN G 259 33.67 -99.33 43.47
CA ASN G 259 32.45 -98.96 44.22
C ASN G 259 31.27 -99.42 43.33
N ASN G 260 30.18 -98.64 43.24
CA ASN G 260 29.02 -98.99 42.41
C ASN G 260 29.38 -99.05 40.91
N ASN G 261 28.62 -99.85 40.15
CA ASN G 261 28.71 -99.99 38.69
C ASN G 261 30.12 -100.34 38.15
N SER G 262 30.99 -100.90 39.00
CA SER G 262 32.40 -101.19 38.72
C SER G 262 33.28 -99.96 38.37
N ALA G 263 32.89 -98.75 38.78
CA ALA G 263 33.78 -97.58 38.81
C ALA G 263 34.78 -97.65 39.96
N VAL G 264 35.87 -96.88 39.93
CA VAL G 264 36.92 -96.87 40.98
C VAL G 264 37.14 -95.47 41.53
N ALA G 265 37.21 -95.34 42.86
CA ALA G 265 37.46 -94.10 43.58
C ALA G 265 38.86 -93.54 43.31
N ASN G 266 38.99 -92.45 42.54
CA ASN G 266 40.31 -91.88 42.19
C ASN G 266 40.87 -90.95 43.28
N TYR G 267 40.11 -90.73 44.35
CA TYR G 267 40.49 -90.06 45.59
C TYR G 267 39.98 -90.87 46.77
N ASP G 268 40.35 -90.49 48.00
CA ASP G 268 39.90 -91.14 49.23
C ASP G 268 38.82 -90.33 49.97
N PHE G 269 37.77 -91.02 50.43
CA PHE G 269 36.84 -90.49 51.42
C PHE G 269 37.57 -90.27 52.74
N VAL G 270 37.42 -89.10 53.35
CA VAL G 270 37.93 -88.80 54.69
C VAL G 270 36.76 -88.39 55.59
N GLN G 271 36.51 -89.11 56.68
CA GLN G 271 35.50 -88.70 57.64
C GLN G 271 35.90 -87.41 58.36
N SER G 272 34.93 -86.59 58.72
CA SER G 272 35.19 -85.37 59.50
C SER G 272 35.64 -85.67 60.93
N GLN G 273 36.34 -84.72 61.54
CA GLN G 273 36.77 -84.84 62.93
C GLN G 273 35.58 -85.16 63.85
N GLY G 274 35.76 -86.14 64.74
CA GLY G 274 34.74 -86.58 65.69
C GLY G 274 33.73 -87.61 65.19
N PRO G 291 39.13 -83.23 57.24
CA PRO G 291 38.08 -82.23 57.18
C PRO G 291 37.47 -81.85 58.54
N GLN G 292 36.98 -80.61 58.62
CA GLN G 292 36.27 -80.05 59.78
C GLN G 292 34.98 -80.81 60.15
N SER G 293 34.67 -80.85 61.44
CA SER G 293 33.48 -81.51 62.01
C SER G 293 32.16 -80.84 61.61
N MET G 294 32.18 -79.54 61.36
CA MET G 294 31.00 -78.71 61.12
C MET G 294 31.35 -77.50 60.24
N TRP G 295 30.43 -77.08 59.37
CA TRP G 295 30.55 -75.88 58.53
C TRP G 295 29.24 -75.12 58.55
N LYS G 296 29.28 -73.79 58.72
CA LYS G 296 28.10 -72.90 58.78
C LYS G 296 27.05 -73.27 59.85
N GLY G 297 27.41 -74.14 60.80
CA GLY G 297 26.48 -74.75 61.76
C GLY G 297 25.74 -76.00 61.25
N LEU G 298 26.14 -76.58 60.12
CA LEU G 298 25.62 -77.84 59.57
C LEU G 298 26.57 -79.02 59.81
N ARG G 299 25.99 -80.20 60.07
CA ARG G 299 26.68 -81.47 60.39
C ARG G 299 27.44 -82.03 59.17
N VAL G 300 28.74 -81.71 59.06
CA VAL G 300 29.63 -82.18 57.99
C VAL G 300 30.03 -83.64 58.20
N LYS G 301 29.76 -84.52 57.23
CA LYS G 301 30.13 -85.94 57.29
C LYS G 301 31.62 -86.19 57.04
N GLY G 302 32.23 -85.43 56.14
CA GLY G 302 33.57 -85.66 55.64
C GLY G 302 33.81 -85.00 54.29
N SER G 303 34.83 -85.45 53.57
CA SER G 303 35.14 -85.00 52.22
C SER G 303 35.31 -86.17 51.27
N TYR G 304 34.89 -85.98 50.02
CA TYR G 304 35.39 -86.72 48.86
C TYR G 304 35.92 -85.69 47.87
N ASP G 305 36.98 -85.97 47.12
CA ASP G 305 37.87 -84.90 46.66
C ASP G 305 38.16 -83.93 47.86
N ASP G 306 38.14 -82.62 47.62
CA ASP G 306 38.00 -81.57 48.62
C ASP G 306 36.53 -81.11 48.88
N VAL G 307 35.51 -81.68 48.22
CA VAL G 307 34.12 -81.26 48.44
C VAL G 307 33.59 -81.79 49.77
N LEU G 308 33.14 -80.90 50.66
CA LEU G 308 32.51 -81.30 51.92
C LEU G 308 31.12 -81.89 51.67
N TRP G 309 30.80 -82.99 52.32
CA TRP G 309 29.50 -83.66 52.20
C TRP G 309 28.60 -83.44 53.42
N ILE G 310 27.36 -83.05 53.16
CA ILE G 310 26.35 -82.72 54.18
C ILE G 310 25.07 -83.53 53.94
N GLU G 311 24.52 -84.09 55.02
CA GLU G 311 23.25 -84.83 54.98
C GLU G 311 22.06 -83.88 54.89
N GLU G 312 21.17 -84.11 53.91
CA GLU G 312 20.07 -83.20 53.59
C GLU G 312 18.73 -83.95 53.48
N PRO G 313 17.96 -84.04 54.59
CA PRO G 313 16.73 -84.81 54.65
C PRO G 313 15.58 -84.24 53.79
N THR G 314 15.62 -82.97 53.41
CA THR G 314 14.60 -82.39 52.51
C THR G 314 14.74 -82.91 51.08
N MET G 315 15.93 -83.39 50.70
CA MET G 315 16.22 -83.85 49.35
C MET G 315 15.42 -85.12 49.01
N PRO G 316 14.69 -85.19 47.88
CA PRO G 316 14.13 -86.44 47.40
C PRO G 316 15.27 -87.44 47.11
N ALA G 317 15.06 -88.72 47.37
CA ALA G 317 16.16 -89.68 47.55
C ALA G 317 17.10 -89.80 46.35
N GLY G 318 16.55 -89.72 45.13
CA GLY G 318 17.28 -89.89 43.86
C GLY G 318 18.08 -88.68 43.37
N TYR G 319 18.47 -87.74 44.23
CA TYR G 319 19.08 -86.47 43.81
C TYR G 319 20.20 -86.00 44.75
N VAL G 320 21.15 -85.23 44.20
CA VAL G 320 22.22 -84.51 44.91
C VAL G 320 22.36 -83.10 44.33
N LEU G 321 22.65 -82.13 45.18
CA LEU G 321 23.06 -80.78 44.77
C LEU G 321 24.52 -80.55 45.11
N PHE G 322 25.33 -80.17 44.12
CA PHE G 322 26.70 -79.69 44.33
C PHE G 322 26.73 -78.17 44.19
N LEU G 323 27.36 -77.45 45.11
CA LEU G 323 27.33 -76.00 45.21
C LEU G 323 28.72 -75.40 45.54
N ALA G 324 29.18 -74.42 44.77
CA ALA G 324 30.37 -73.64 45.10
C ALA G 324 30.15 -72.67 46.26
N THR G 325 31.21 -72.22 46.92
CA THR G 325 31.16 -71.28 48.05
C THR G 325 32.48 -70.51 48.21
N GLY G 326 32.44 -69.29 48.73
CA GLY G 326 33.64 -68.51 49.08
C GLY G 326 34.55 -68.14 47.90
N GLY G 327 35.83 -67.90 48.17
CA GLY G 327 36.83 -67.56 47.17
C GLY G 327 36.50 -66.30 46.37
N THR G 328 36.99 -66.20 45.14
CA THR G 328 36.81 -64.99 44.31
C THR G 328 35.49 -64.97 43.53
N LEU G 329 34.94 -66.12 43.12
CA LEU G 329 33.68 -66.18 42.35
C LEU G 329 32.43 -66.18 43.25
N ALA G 330 32.40 -67.04 44.26
CA ALA G 330 31.22 -67.28 45.09
C ALA G 330 31.15 -66.39 46.35
N GLN G 331 31.48 -65.10 46.17
CA GLN G 331 31.24 -64.04 47.18
C GLN G 331 29.75 -63.76 47.43
N GLN G 332 28.86 -64.24 46.56
CA GLN G 332 27.42 -64.30 46.79
C GLN G 332 26.87 -65.63 46.28
N ASN G 333 25.74 -66.07 46.84
CA ASN G 333 25.23 -67.43 46.66
C ASN G 333 24.50 -67.64 45.32
N LEU G 334 23.99 -68.85 45.07
CA LEU G 334 23.45 -69.25 43.77
C LEU G 334 22.19 -68.49 43.34
N VAL G 335 21.21 -68.34 44.25
CA VAL G 335 19.85 -67.87 43.92
C VAL G 335 19.63 -66.46 44.45
N GLY G 336 19.18 -65.54 43.60
CA GLY G 336 18.78 -64.20 44.03
C GLY G 336 17.33 -64.17 44.49
N LEU G 337 17.05 -63.51 45.61
CA LEU G 337 15.70 -63.22 46.08
C LEU G 337 15.36 -61.75 45.82
N ARG G 338 14.32 -61.51 45.03
CA ARG G 338 13.84 -60.17 44.66
C ARG G 338 12.62 -59.81 45.48
N GLU G 339 12.59 -58.60 46.01
CA GLU G 339 11.48 -58.03 46.78
C GLU G 339 11.13 -56.63 46.27
N HIS G 340 9.94 -56.11 46.62
CA HIS G 340 9.43 -54.86 46.05
C HIS G 340 10.32 -53.65 46.36
N GLU G 341 10.36 -52.69 45.44
CA GLU G 341 11.14 -51.45 45.55
C GLU G 341 10.77 -50.60 46.77
N ASP G 342 9.53 -50.66 47.23
CA ASP G 342 8.99 -49.83 48.31
C ASP G 342 8.97 -50.61 49.63
N ALA G 343 9.53 -50.02 50.69
CA ALA G 343 9.53 -50.57 52.03
C ALA G 343 8.12 -50.86 52.57
N ALA G 344 7.09 -50.16 52.09
CA ALA G 344 5.70 -50.41 52.45
C ALA G 344 5.16 -51.75 51.93
N TRP G 345 5.84 -52.37 50.96
CA TRP G 345 5.43 -53.60 50.29
C TRP G 345 6.38 -54.78 50.45
N ARG G 346 7.54 -54.58 51.08
CA ARG G 346 8.45 -55.66 51.49
C ARG G 346 7.99 -56.35 52.78
N GLY G 347 8.51 -57.54 53.03
CA GLY G 347 8.22 -58.32 54.24
C GLY G 347 6.89 -59.06 54.19
N LEU G 348 6.64 -59.90 55.21
CA LEU G 348 5.32 -60.48 55.47
C LEU G 348 4.43 -59.44 56.14
N ARG G 349 3.27 -59.16 55.56
CA ARG G 349 2.38 -58.05 55.93
C ARG G 349 0.99 -58.56 56.28
N GLN G 350 0.31 -57.91 57.20
CA GLN G 350 -1.09 -58.17 57.52
C GLN G 350 -2.00 -57.10 56.90
N ILE G 351 -3.03 -57.53 56.19
CA ILE G 351 -4.06 -56.67 55.60
C ILE G 351 -5.38 -56.86 56.37
N PRO G 352 -6.11 -55.81 56.79
CA PRO G 352 -7.20 -55.92 57.76
C PRO G 352 -8.48 -56.70 57.41
N GLY G 353 -8.56 -57.42 56.29
CA GLY G 353 -9.77 -58.16 55.93
C GLY G 353 -10.92 -57.29 55.44
N ASN G 354 -12.00 -57.90 54.95
CA ASN G 354 -13.12 -57.15 54.37
C ASN G 354 -14.52 -57.65 54.75
N GLN G 355 -14.63 -58.63 55.64
CA GLN G 355 -15.78 -58.81 56.53
C GLN G 355 -15.28 -58.62 57.97
N THR G 356 -15.91 -57.74 58.73
CA THR G 356 -15.20 -57.02 59.80
C THR G 356 -15.50 -57.40 61.25
N ARG G 357 -16.74 -57.73 61.63
CA ARG G 357 -17.10 -57.76 63.06
C ARG G 357 -18.20 -58.71 63.45
N TYR G 358 -19.25 -58.81 62.64
CA TYR G 358 -20.41 -59.64 62.90
C TYR G 358 -21.19 -59.87 61.59
N PRO G 359 -21.67 -61.08 61.30
CA PRO G 359 -21.42 -62.32 62.03
C PRO G 359 -20.08 -62.97 61.68
N LEU G 360 -19.36 -62.48 60.67
CA LEU G 360 -18.13 -63.06 60.14
C LEU G 360 -16.99 -62.05 60.23
N ILE G 361 -15.78 -62.56 60.43
CA ILE G 361 -14.55 -61.81 60.52
C ILE G 361 -13.53 -62.47 59.61
N ASP G 362 -12.73 -61.70 58.88
CA ASP G 362 -11.52 -62.21 58.25
C ASP G 362 -10.35 -61.23 58.32
N SER G 363 -9.16 -61.73 58.03
CA SER G 363 -7.94 -60.94 57.87
C SER G 363 -6.98 -61.69 56.95
N PHE G 364 -6.03 -60.97 56.34
CA PHE G 364 -5.12 -61.54 55.36
C PHE G 364 -3.67 -61.36 55.76
N TYR G 365 -2.83 -62.32 55.40
CA TYR G 365 -1.39 -62.19 55.35
C TYR G 365 -0.97 -62.18 53.89
N GLN G 366 -0.01 -61.34 53.53
CA GLN G 366 0.58 -61.33 52.21
C GLN G 366 2.10 -61.28 52.28
N ARG G 367 2.77 -62.01 51.39
CA ARG G 367 4.16 -61.75 51.02
C ARG G 367 4.32 -61.79 49.52
N SER G 368 5.13 -60.91 48.96
CA SER G 368 5.42 -60.86 47.54
C SER G 368 6.92 -60.78 47.31
N PHE G 369 7.45 -61.70 46.52
CA PHE G 369 8.88 -61.89 46.24
C PHE G 369 9.06 -62.79 45.02
N GLY G 370 10.27 -62.94 44.51
CA GLY G 370 10.56 -63.98 43.50
C GLY G 370 12.03 -64.32 43.35
N THR G 371 12.32 -65.29 42.51
CA THR G 371 13.62 -65.97 42.45
C THR G 371 14.14 -66.16 41.03
N GLY G 372 15.46 -66.05 40.86
CA GLY G 372 16.21 -66.45 39.66
C GLY G 372 17.68 -66.73 39.99
N ILE G 373 18.40 -67.47 39.16
CA ILE G 373 19.81 -67.82 39.40
C ILE G 373 20.71 -66.86 38.64
N ARG G 374 21.73 -66.28 39.31
CA ARG G 374 22.76 -65.50 38.61
C ARG G 374 23.92 -66.37 38.13
N GLN G 375 24.50 -67.15 39.03
CA GLN G 375 25.68 -67.98 38.73
C GLN G 375 25.27 -69.32 38.14
N ARG G 376 24.84 -69.35 36.87
CA ARG G 376 24.29 -70.55 36.21
C ARG G 376 25.23 -71.75 36.13
N GLY G 377 26.53 -71.52 36.34
CA GLY G 377 27.60 -72.51 36.40
C GLY G 377 28.16 -72.80 37.81
N GLY G 378 27.61 -72.18 38.85
CA GLY G 378 28.13 -72.26 40.22
C GLY G 378 27.57 -73.43 41.04
N ALA G 379 26.65 -74.20 40.47
CA ALA G 379 26.08 -75.38 41.10
C ALA G 379 25.61 -76.40 40.05
N VAL G 380 25.56 -77.68 40.43
CA VAL G 380 25.20 -78.79 39.55
C VAL G 380 24.18 -79.67 40.28
N VAL G 381 23.11 -80.05 39.58
CA VAL G 381 22.12 -80.99 40.10
C VAL G 381 22.35 -82.33 39.45
N LEU G 382 22.58 -83.36 40.26
CA LEU G 382 22.77 -84.73 39.82
C LEU G 382 21.57 -85.58 40.23
N GLN G 383 20.96 -86.25 39.27
CA GLN G 383 19.91 -87.23 39.47
C GLN G 383 20.49 -88.65 39.34
N ILE G 384 20.20 -89.51 40.31
CA ILE G 384 20.65 -90.90 40.34
C ILE G 384 19.55 -91.78 39.74
N LYS G 385 19.66 -92.06 38.44
CA LYS G 385 18.80 -93.00 37.70
C LYS G 385 19.59 -93.66 36.57
N ALA G 386 19.09 -94.80 36.09
CA ALA G 386 19.83 -95.70 35.20
C ALA G 386 20.05 -95.16 33.76
N SER G 387 19.09 -94.41 33.21
CA SER G 387 19.15 -93.88 31.85
C SER G 387 18.11 -92.76 31.62
N GLY G 388 18.28 -92.02 30.52
CA GLY G 388 17.24 -91.14 29.96
C GLY G 388 17.18 -89.73 30.52
N THR G 389 16.07 -89.05 30.23
CA THR G 389 15.81 -87.63 30.52
C THR G 389 15.84 -87.32 32.02
N TYR G 390 16.23 -86.10 32.38
CA TYR G 390 16.09 -85.56 33.75
C TYR G 390 14.63 -85.33 34.14
N ASP G 391 14.27 -85.66 35.38
CA ASP G 391 12.93 -85.45 35.95
C ASP G 391 12.92 -84.28 36.95
N ILE G 392 11.97 -83.36 36.79
CA ILE G 392 11.71 -82.34 37.82
C ILE G 392 11.02 -83.04 39.02
N PRO G 393 11.53 -82.91 40.25
CA PRO G 393 10.86 -83.45 41.44
C PRO G 393 9.45 -82.89 41.59
N THR G 394 8.43 -83.72 41.75
CA THR G 394 7.02 -83.25 41.81
C THR G 394 6.83 -82.20 42.91
N LYS G 395 7.44 -82.44 44.08
CA LYS G 395 7.45 -81.53 45.23
C LYS G 395 8.04 -80.14 44.97
N TRP G 396 8.78 -79.96 43.88
CA TRP G 396 9.40 -78.70 43.47
C TRP G 396 9.07 -78.32 42.02
N THR G 397 8.04 -78.89 41.40
CA THR G 397 7.51 -78.35 40.13
C THR G 397 6.90 -76.98 40.37
N ASN G 398 7.27 -75.97 39.56
CA ASN G 398 6.64 -74.65 39.65
C ASN G 398 5.15 -74.76 39.31
N GLY G 399 4.28 -74.14 40.12
CA GLY G 399 2.82 -74.19 39.97
C GLY G 399 2.15 -75.47 40.49
N GLY G 400 2.93 -76.52 40.81
CA GLY G 400 2.38 -77.79 41.32
C GLY G 400 1.87 -77.74 42.76
N GLY G 401 2.15 -76.65 43.47
CA GLY G 401 1.74 -76.42 44.86
C GLY G 401 2.48 -75.23 45.46
N PHE G 402 2.27 -74.99 46.74
CA PHE G 402 2.87 -73.91 47.53
C PHE G 402 3.28 -74.46 48.90
N GLU G 403 4.11 -73.73 49.64
CA GLU G 403 4.56 -74.08 50.98
C GLU G 403 4.94 -75.58 51.14
N ALA H 2 46.95 -28.04 -13.37
CA ALA H 2 47.21 -29.11 -12.38
C ALA H 2 48.02 -28.58 -11.19
N ARG H 3 47.86 -29.17 -9.99
CA ARG H 3 48.55 -28.79 -8.74
C ARG H 3 48.78 -30.03 -7.89
N TYR H 4 49.82 -30.08 -7.05
CA TYR H 4 49.97 -31.17 -6.07
C TYR H 4 49.01 -30.84 -4.92
N ASP H 5 48.35 -31.80 -4.26
CA ASP H 5 47.57 -31.61 -3.03
C ASP H 5 47.84 -32.60 -1.90
N LYS H 6 48.14 -33.86 -2.20
CA LYS H 6 48.72 -34.81 -1.23
C LYS H 6 50.08 -35.23 -1.76
N TYR H 7 51.14 -35.02 -1.01
CA TYR H 7 52.48 -35.48 -1.37
C TYR H 7 53.16 -36.07 -0.14
N ASN H 8 53.87 -37.19 -0.30
CA ASN H 8 54.60 -37.85 0.78
C ASN H 8 56.09 -37.90 0.44
N PRO H 9 56.97 -37.11 1.10
CA PRO H 9 58.40 -37.10 0.81
C PRO H 9 59.11 -38.44 0.97
N TYR H 10 58.58 -39.36 1.76
CA TYR H 10 59.18 -40.66 2.06
C TYR H 10 58.54 -41.76 1.20
N GLY H 11 59.02 -41.93 -0.02
CA GLY H 11 58.55 -42.97 -0.95
C GLY H 11 57.33 -42.62 -1.81
N GLY H 12 56.62 -41.53 -1.50
CA GLY H 12 55.59 -40.98 -2.40
C GLY H 12 56.16 -40.22 -3.59
N GLY H 13 57.36 -39.67 -3.45
CA GLY H 13 58.09 -38.99 -4.52
C GLY H 13 59.55 -38.83 -4.15
N PHE H 14 60.34 -38.20 -5.03
CA PHE H 14 61.79 -38.08 -4.84
C PHE H 14 62.35 -36.80 -5.44
N ARG H 15 63.44 -36.27 -4.84
CA ARG H 15 64.23 -35.18 -5.41
C ARG H 15 65.05 -35.68 -6.60
N ALA H 16 65.09 -34.92 -7.67
CA ALA H 16 65.99 -35.13 -8.80
C ALA H 16 66.37 -33.80 -9.48
N PRO H 17 67.50 -33.69 -10.17
CA PRO H 17 67.88 -32.49 -10.92
C PRO H 17 67.19 -32.46 -12.28
N LEU H 18 66.77 -31.27 -12.73
CA LEU H 18 66.08 -31.08 -14.01
C LEU H 18 67.06 -31.07 -15.19
N ALA H 19 66.83 -31.83 -16.27
CA ALA H 19 67.81 -31.97 -17.35
C ALA H 19 67.95 -30.75 -18.27
N ALA H 20 66.88 -29.96 -18.43
CA ALA H 20 66.76 -28.82 -19.33
C ALA H 20 65.85 -27.76 -18.71
N ASP H 21 65.86 -26.51 -19.19
CA ASP H 21 64.91 -25.53 -18.69
C ASP H 21 63.47 -25.95 -19.03
N TRP H 22 62.56 -25.76 -18.07
CA TRP H 22 61.12 -25.80 -18.31
C TRP H 22 60.59 -24.37 -18.29
N THR H 23 59.96 -23.94 -19.38
CA THR H 23 59.50 -22.57 -19.56
C THR H 23 58.14 -22.34 -18.92
N ASP H 24 57.75 -21.09 -18.72
CA ASP H 24 56.42 -20.75 -18.21
C ASP H 24 55.25 -21.22 -19.10
N ALA H 25 55.49 -21.56 -20.37
CA ALA H 25 54.49 -22.22 -21.19
C ALA H 25 54.06 -23.59 -20.63
N ASP H 26 54.95 -24.28 -19.90
CA ASP H 26 54.65 -25.51 -19.17
C ASP H 26 54.15 -25.29 -17.75
N ALA H 27 54.12 -24.05 -17.22
CA ALA H 27 53.68 -23.81 -15.87
C ALA H 27 52.25 -24.31 -15.66
N GLY H 28 52.03 -25.14 -14.65
CA GLY H 28 50.74 -25.74 -14.32
C GLY H 28 50.33 -26.93 -15.19
N LYS H 29 51.05 -27.31 -16.24
CA LYS H 29 50.81 -28.58 -16.95
C LYS H 29 51.40 -29.77 -16.18
N LEU H 30 50.78 -30.94 -16.29
CA LEU H 30 51.28 -32.19 -15.72
C LEU H 30 51.93 -33.02 -16.82
N TYR H 31 53.17 -33.46 -16.64
CA TYR H 31 53.86 -34.36 -17.57
C TYR H 31 54.31 -35.62 -16.86
N ALA H 32 54.29 -36.75 -17.56
CA ALA H 32 55.05 -37.91 -17.17
C ALA H 32 56.54 -37.69 -17.48
N VAL H 33 57.42 -38.13 -16.59
CA VAL H 33 58.85 -37.85 -16.65
C VAL H 33 59.68 -39.08 -16.34
N GLY H 34 60.93 -39.08 -16.75
CA GLY H 34 61.90 -40.15 -16.57
C GLY H 34 63.28 -39.59 -16.30
N ILE H 35 64.26 -40.45 -16.14
CA ILE H 35 65.64 -40.08 -15.82
C ILE H 35 66.54 -40.45 -17.00
N ASN H 36 67.31 -39.50 -17.52
CA ASN H 36 68.29 -39.77 -18.58
C ASN H 36 69.57 -40.44 -18.03
N ASN H 37 70.45 -40.90 -18.92
CA ASN H 37 71.70 -41.58 -18.55
C ASN H 37 72.66 -40.75 -17.68
N VAL H 38 72.52 -39.42 -17.66
CA VAL H 38 73.28 -38.52 -16.77
C VAL H 38 72.72 -38.52 -15.34
N GLY H 39 71.45 -38.85 -15.15
CA GLY H 39 70.78 -38.81 -13.85
C GLY H 39 69.88 -37.60 -13.63
N ALA H 40 69.31 -37.02 -14.69
CA ALA H 40 68.46 -35.83 -14.63
C ALA H 40 67.09 -36.05 -15.29
N VAL H 41 66.08 -35.30 -14.83
CA VAL H 41 64.67 -35.44 -15.20
C VAL H 41 64.38 -34.93 -16.61
N VAL H 42 63.80 -35.78 -17.45
CA VAL H 42 63.35 -35.50 -18.81
C VAL H 42 61.88 -35.82 -18.98
N LYS H 43 61.17 -35.15 -19.89
CA LYS H 43 59.78 -35.52 -20.24
C LYS H 43 59.73 -36.88 -20.93
N GLY H 44 58.67 -37.64 -20.69
CA GLY H 44 58.52 -39.00 -21.21
C GLY H 44 59.38 -40.01 -20.46
N ALA H 45 59.61 -41.18 -21.03
CA ALA H 45 60.57 -42.12 -20.49
C ALA H 45 62.01 -41.62 -20.75
N GLY H 46 62.91 -41.87 -19.80
CA GLY H 46 64.36 -41.68 -20.01
C GLY H 46 65.03 -43.01 -20.36
N GLN H 47 66.16 -43.31 -19.72
CA GLN H 47 66.63 -44.70 -19.60
C GLN H 47 65.80 -45.49 -18.56
N SER H 48 65.29 -44.82 -17.54
CA SER H 48 64.57 -45.42 -16.41
C SER H 48 63.20 -46.02 -16.74
N GLY H 49 62.71 -45.88 -17.98
CA GLY H 49 61.26 -45.86 -18.24
C GLY H 49 60.62 -44.58 -17.70
N VAL H 50 59.31 -44.54 -17.55
CA VAL H 50 58.63 -43.44 -16.83
C VAL H 50 58.88 -43.59 -15.34
N ALA H 51 59.52 -42.60 -14.73
CA ALA H 51 59.85 -42.59 -13.31
C ALA H 51 58.71 -42.08 -12.43
N GLY H 52 57.88 -41.16 -12.93
CA GLY H 52 56.83 -40.49 -12.18
C GLY H 52 56.13 -39.41 -12.99
N VAL H 53 55.47 -38.47 -12.32
CA VAL H 53 54.84 -37.29 -12.94
C VAL H 53 55.31 -36.01 -12.25
N LEU H 54 55.27 -34.89 -12.96
CA LEU H 54 55.75 -33.61 -12.47
C LEU H 54 54.84 -32.45 -12.88
N VAL H 55 54.64 -31.51 -11.97
CA VAL H 55 54.07 -30.18 -12.24
C VAL H 55 55.02 -29.13 -11.68
N LEU H 56 55.28 -28.08 -12.44
CA LEU H 56 55.96 -26.88 -11.94
C LEU H 56 54.98 -25.73 -11.91
N THR H 57 54.90 -24.97 -10.82
CA THR H 57 53.97 -23.82 -10.72
C THR H 57 54.50 -22.56 -11.40
N LYS H 58 55.79 -22.52 -11.71
CA LYS H 58 56.52 -21.48 -12.46
C LYS H 58 57.67 -22.17 -13.20
N GLY H 59 58.14 -21.64 -14.33
CA GLY H 59 59.28 -22.19 -15.06
C GLY H 59 60.55 -22.30 -14.21
N ALA H 60 61.45 -23.21 -14.56
CA ALA H 60 62.65 -23.55 -13.78
C ALA H 60 63.84 -23.91 -14.66
N LYS H 61 65.05 -23.56 -14.21
CA LYS H 61 66.31 -23.79 -14.93
C LYS H 61 66.80 -25.23 -14.86
N ALA H 62 67.52 -25.68 -15.88
CA ALA H 62 68.26 -26.93 -15.83
C ALA H 62 69.17 -26.99 -14.59
N GLY H 63 69.34 -28.16 -13.99
CA GLY H 63 70.10 -28.35 -12.76
C GLY H 63 69.42 -27.87 -11.47
N SER H 64 68.25 -27.23 -11.54
CA SER H 64 67.40 -27.03 -10.36
C SER H 64 66.77 -28.34 -9.91
N ILE H 65 66.35 -28.43 -8.65
CA ILE H 65 65.83 -29.67 -8.06
C ILE H 65 64.30 -29.67 -8.09
N VAL H 66 63.72 -30.77 -8.57
CA VAL H 66 62.27 -30.95 -8.70
C VAL H 66 61.78 -32.15 -7.89
N ASP H 67 60.59 -32.03 -7.31
CA ASP H 67 59.92 -33.09 -6.58
C ASP H 67 59.06 -33.93 -7.54
N VAL H 68 59.58 -35.06 -8.01
CA VAL H 68 58.84 -35.97 -8.89
C VAL H 68 57.87 -36.81 -8.07
N MET H 69 56.59 -36.84 -8.42
CA MET H 69 55.57 -37.62 -7.71
C MET H 69 55.41 -39.01 -8.31
N LYS H 70 55.32 -40.03 -7.46
CA LYS H 70 54.97 -41.41 -7.83
C LYS H 70 53.63 -41.84 -7.25
N PHE H 71 53.31 -41.43 -6.03
CA PHE H 71 52.04 -41.69 -5.34
C PHE H 71 51.55 -40.42 -4.64
N GLY H 72 50.29 -40.04 -4.81
CA GLY H 72 49.75 -38.79 -4.26
C GLY H 72 48.46 -38.35 -4.95
N GLU H 73 48.04 -37.12 -4.72
CA GLU H 73 46.88 -36.54 -5.39
C GLU H 73 47.24 -35.22 -6.08
N VAL H 74 46.76 -35.08 -7.31
CA VAL H 74 46.87 -33.87 -8.13
C VAL H 74 45.48 -33.27 -8.30
N VAL H 75 45.29 -32.00 -7.94
CA VAL H 75 44.03 -31.26 -8.06
C VAL H 75 44.10 -30.22 -9.17
N GLU H 76 42.98 -29.57 -9.51
CA GLU H 76 42.85 -28.72 -10.70
C GLU H 76 43.28 -29.45 -11.98
N PHE H 77 43.11 -30.76 -12.04
CA PHE H 77 43.66 -31.62 -13.07
C PHE H 77 42.94 -31.52 -14.42
N GLY H 78 43.70 -31.63 -15.51
CA GLY H 78 43.21 -31.90 -16.86
C GLY H 78 44.31 -32.48 -17.75
N PRO H 79 43.99 -33.02 -18.94
CA PRO H 79 44.97 -33.60 -19.85
C PRO H 79 46.07 -32.59 -20.22
N THR H 80 47.29 -33.05 -20.48
CA THR H 80 48.45 -32.15 -20.65
C THR H 80 48.27 -31.15 -21.80
N SER H 81 47.58 -31.57 -22.87
CA SER H 81 47.29 -30.74 -24.04
C SER H 81 46.27 -29.62 -23.78
N GLY H 82 45.49 -29.70 -22.71
CA GLY H 82 44.50 -28.70 -22.34
C GLY H 82 45.11 -27.46 -21.68
N THR H 83 44.36 -26.38 -21.66
CA THR H 83 44.69 -25.14 -20.96
C THR H 83 44.61 -25.36 -19.45
N PRO H 84 45.69 -25.09 -18.68
CA PRO H 84 45.67 -25.22 -17.23
C PRO H 84 44.63 -24.32 -16.58
N GLY H 85 43.84 -24.88 -15.66
CA GLY H 85 42.85 -24.13 -14.88
C GLY H 85 41.52 -23.87 -15.60
N THR H 86 41.31 -24.42 -16.80
CA THR H 86 40.01 -24.38 -17.49
C THR H 86 39.64 -25.70 -18.16
N ASP H 87 40.60 -26.48 -18.65
CA ASP H 87 40.32 -27.63 -19.51
C ASP H 87 40.48 -28.95 -18.74
N PHE H 88 39.62 -29.15 -17.74
CA PHE H 88 39.73 -30.21 -16.73
C PHE H 88 39.47 -31.64 -17.24
N GLY H 89 39.87 -32.63 -16.44
CA GLY H 89 39.72 -34.06 -16.76
C GLY H 89 38.30 -34.60 -16.59
N ALA H 90 38.01 -35.77 -17.17
CA ALA H 90 36.74 -36.46 -16.98
C ALA H 90 36.71 -37.19 -15.63
N ALA H 91 35.58 -37.25 -14.94
CA ALA H 91 35.48 -37.98 -13.69
C ALA H 91 35.55 -39.49 -13.89
N GLY H 92 36.19 -40.20 -12.96
CA GLY H 92 36.10 -41.65 -12.88
C GLY H 92 36.91 -42.43 -13.90
N THR H 93 37.88 -41.84 -14.60
CA THR H 93 38.55 -42.49 -15.72
C THR H 93 40.05 -42.64 -15.52
N ALA H 94 40.66 -43.67 -16.12
CA ALA H 94 42.09 -43.89 -16.10
C ALA H 94 42.83 -42.93 -17.04
N TYR H 95 44.07 -42.57 -16.68
CA TYR H 95 44.91 -41.66 -17.46
C TYR H 95 46.26 -42.28 -17.79
N TYR H 96 46.74 -42.03 -19.01
CA TYR H 96 47.90 -42.70 -19.60
C TYR H 96 48.88 -41.72 -20.19
N ALA H 97 50.16 -41.97 -19.99
CA ALA H 97 51.28 -41.20 -20.50
C ALA H 97 51.79 -41.74 -21.83
N ASP H 98 51.96 -40.85 -22.80
CA ASP H 98 52.83 -41.08 -23.96
C ASP H 98 54.29 -41.07 -23.52
N THR H 99 54.99 -42.20 -23.63
CA THR H 99 56.39 -42.32 -23.21
C THR H 99 57.35 -41.49 -24.05
N SER H 100 56.98 -41.04 -25.24
CA SER H 100 57.84 -40.22 -26.09
C SER H 100 57.82 -38.74 -25.70
N THR H 101 56.63 -38.15 -25.54
CA THR H 101 56.45 -36.72 -25.23
C THR H 101 56.21 -36.41 -23.76
N GLY H 102 55.80 -37.39 -22.96
CA GLY H 102 55.34 -37.20 -21.59
C GLY H 102 53.92 -36.65 -21.45
N ALA H 103 53.16 -36.52 -22.54
CA ALA H 103 51.78 -36.05 -22.48
C ALA H 103 50.85 -37.10 -21.86
N ILE H 104 49.94 -36.66 -20.99
CA ILE H 104 48.96 -37.50 -20.29
C ILE H 104 47.56 -37.21 -20.84
N ASN H 105 46.83 -38.25 -21.23
CA ASN H 105 45.43 -38.16 -21.64
C ASN H 105 44.66 -39.46 -21.34
N SER H 106 43.35 -39.47 -21.47
CA SER H 106 42.50 -40.61 -21.10
C SER H 106 42.55 -41.78 -22.08
N THR H 107 43.21 -41.64 -23.23
CA THR H 107 43.28 -42.69 -24.25
C THR H 107 44.32 -43.74 -23.88
N SER H 108 43.89 -44.98 -23.63
CA SER H 108 44.77 -46.13 -23.43
C SER H 108 45.50 -46.52 -24.71
N GLY H 109 46.65 -47.20 -24.58
CA GLY H 109 47.42 -47.72 -25.69
C GLY H 109 48.54 -48.62 -25.19
N GLU H 110 48.90 -49.66 -25.93
CA GLU H 110 49.75 -50.76 -25.46
C GLU H 110 51.14 -50.30 -24.99
N ALA H 111 51.71 -49.32 -25.68
CA ALA H 111 53.02 -48.73 -25.38
C ALA H 111 52.97 -47.59 -24.35
N LYS H 112 51.79 -47.19 -23.86
CA LYS H 112 51.62 -46.10 -22.88
C LYS H 112 51.77 -46.60 -21.45
N VAL H 113 52.00 -45.71 -20.49
CA VAL H 113 52.11 -46.04 -19.07
C VAL H 113 50.95 -45.43 -18.29
N LYS H 114 50.19 -46.19 -17.52
CA LYS H 114 49.10 -45.65 -16.69
C LYS H 114 49.68 -44.82 -15.55
N VAL H 115 49.26 -43.57 -15.40
CA VAL H 115 49.73 -42.67 -14.32
C VAL H 115 48.77 -42.60 -13.13
N GLY H 116 47.50 -42.90 -13.33
CA GLY H 116 46.48 -42.78 -12.28
C GLY H 116 45.07 -42.90 -12.80
N HIS H 117 44.12 -42.42 -12.01
CA HIS H 117 42.70 -42.35 -12.34
C HIS H 117 42.06 -41.15 -11.63
N THR H 118 40.94 -40.65 -12.11
CA THR H 118 40.27 -39.47 -11.54
C THR H 118 39.13 -39.81 -10.59
N VAL H 119 38.98 -39.01 -9.53
CA VAL H 119 37.89 -39.08 -8.55
C VAL H 119 37.12 -37.76 -8.57
N GLY H 120 36.08 -37.68 -9.40
CA GLY H 120 35.56 -36.39 -9.85
C GLY H 120 36.46 -35.78 -10.92
N ALA H 121 36.03 -34.72 -11.59
CA ALA H 121 36.71 -34.20 -12.77
C ALA H 121 38.13 -33.68 -12.47
N GLN H 122 38.27 -32.92 -11.38
CA GLN H 122 39.46 -32.10 -11.12
C GLN H 122 40.50 -32.76 -10.21
N ARG H 123 40.29 -33.98 -9.69
CA ARG H 123 41.27 -34.69 -8.87
C ARG H 123 41.73 -35.99 -9.54
N LEU H 124 43.03 -36.10 -9.78
CA LEU H 124 43.71 -37.29 -10.23
C LEU H 124 44.43 -37.93 -9.04
N ILE H 125 44.20 -39.22 -8.81
CA ILE H 125 44.94 -40.04 -7.87
C ILE H 125 46.14 -40.61 -8.62
N VAL H 126 47.32 -40.04 -8.38
CA VAL H 126 48.56 -40.48 -9.01
C VAL H 126 49.03 -41.76 -8.34
N ALA H 127 49.30 -42.79 -9.14
CA ALA H 127 49.89 -44.04 -8.69
C ALA H 127 50.53 -44.73 -9.89
N VAL H 128 51.74 -44.30 -10.23
CA VAL H 128 52.33 -44.59 -11.55
C VAL H 128 52.68 -46.06 -11.70
N ALA H 129 52.33 -46.68 -12.82
CA ALA H 129 52.62 -48.08 -13.10
C ALA H 129 54.13 -48.36 -13.23
N ASP H 130 54.53 -49.63 -13.12
CA ASP H 130 55.93 -50.04 -13.26
C ASP H 130 56.42 -50.01 -14.73
N GLY H 131 55.53 -50.22 -15.70
CA GLY H 131 55.85 -50.31 -17.12
C GLY H 131 54.62 -50.16 -18.02
N VAL H 132 54.79 -50.41 -19.32
CA VAL H 132 53.76 -50.16 -20.33
C VAL H 132 52.51 -51.04 -20.15
N VAL H 133 51.36 -50.56 -20.63
CA VAL H 133 50.06 -51.23 -20.49
C VAL H 133 50.06 -52.64 -21.05
N ASP H 134 50.77 -52.88 -22.15
CA ASP H 134 50.87 -54.21 -22.75
C ASP H 134 52.24 -54.42 -23.46
N PRO H 135 53.20 -55.09 -22.81
CA PRO H 135 54.50 -55.43 -23.41
C PRO H 135 54.45 -56.47 -24.53
N SER H 136 53.32 -57.12 -24.78
CA SER H 136 53.20 -58.27 -25.71
C SER H 136 51.86 -58.32 -26.46
N PRO H 137 51.54 -57.32 -27.31
CA PRO H 137 50.31 -57.30 -28.09
C PRO H 137 50.17 -58.54 -28.98
N ALA H 138 48.96 -59.07 -29.10
CA ALA H 138 48.67 -60.30 -29.84
C ALA H 138 48.92 -60.16 -31.35
N ALA I 2 74.64 -51.29 -0.11
CA ALA I 2 73.32 -50.63 -0.07
C ALA I 2 72.93 -50.29 1.37
N ARG I 3 72.12 -49.25 1.59
CA ARG I 3 71.50 -48.90 2.88
C ARG I 3 70.11 -48.30 2.63
N TYR I 4 69.15 -48.49 3.53
CA TYR I 4 67.89 -47.74 3.46
C TYR I 4 68.13 -46.27 3.79
N ASP I 5 67.54 -45.35 3.04
CA ASP I 5 67.67 -43.90 3.25
C ASP I 5 66.34 -43.20 3.52
N LYS I 6 65.27 -43.59 2.81
CA LYS I 6 63.89 -43.20 3.13
C LYS I 6 63.08 -44.46 3.32
N TYR I 7 62.49 -44.64 4.48
CA TYR I 7 61.58 -45.75 4.76
C TYR I 7 60.32 -45.21 5.44
N ASN I 8 59.15 -45.66 4.97
CA ASN I 8 57.86 -45.27 5.53
C ASN I 8 57.18 -46.51 6.14
N PRO I 9 57.02 -46.59 7.47
CA PRO I 9 56.44 -47.75 8.13
C PRO I 9 55.00 -48.07 7.72
N TYR I 10 54.21 -47.06 7.38
CA TYR I 10 52.79 -47.18 7.06
C TYR I 10 52.60 -47.41 5.56
N GLY I 11 52.71 -48.65 5.11
CA GLY I 11 52.46 -49.05 3.72
C GLY I 11 53.62 -48.84 2.75
N GLY I 12 54.73 -48.21 3.17
CA GLY I 12 55.98 -48.20 2.40
C GLY I 12 56.81 -49.49 2.55
N GLY I 13 56.68 -50.17 3.67
CA GLY I 13 57.28 -51.49 3.92
C GLY I 13 56.53 -52.23 5.01
N PHE I 14 56.98 -53.42 5.41
CA PHE I 14 56.29 -54.23 6.41
C PHE I 14 57.25 -55.10 7.23
N ARG I 15 56.89 -55.39 8.48
CA ARG I 15 57.56 -56.39 9.33
C ARG I 15 57.21 -57.80 8.91
N ALA I 16 58.19 -58.70 8.87
CA ALA I 16 57.98 -60.13 8.72
C ALA I 16 59.09 -60.95 9.40
N PRO I 17 58.84 -62.19 9.82
CA PRO I 17 59.88 -63.08 10.34
C PRO I 17 60.75 -63.62 9.21
N LEU I 18 62.06 -63.63 9.43
CA LEU I 18 63.05 -64.14 8.49
C LEU I 18 63.04 -65.68 8.45
N ALA I 19 62.95 -66.32 7.27
CA ALA I 19 62.74 -67.77 7.21
C ALA I 19 63.97 -68.61 7.58
N ALA I 20 65.16 -68.11 7.30
CA ALA I 20 66.44 -68.79 7.48
C ALA I 20 67.53 -67.78 7.89
N ASP I 21 68.64 -68.24 8.45
CA ASP I 21 69.73 -67.35 8.83
C ASP I 21 70.29 -66.59 7.61
N TRP I 22 70.48 -65.27 7.75
CA TRP I 22 71.24 -64.45 6.79
C TRP I 22 72.61 -64.15 7.38
N THR I 23 73.64 -64.35 6.57
CA THR I 23 75.04 -64.33 7.02
C THR I 23 75.62 -62.93 7.01
N ASP I 24 76.76 -62.72 7.66
CA ASP I 24 77.54 -61.50 7.46
C ASP I 24 78.10 -61.35 6.04
N ALA I 25 78.18 -62.42 5.24
CA ALA I 25 78.49 -62.31 3.82
C ALA I 25 77.33 -61.70 3.00
N ASP I 26 76.09 -61.82 3.47
CA ASP I 26 74.94 -61.10 2.91
C ASP I 26 74.87 -59.63 3.33
N ALA I 27 75.59 -59.23 4.38
CA ALA I 27 75.44 -57.90 4.96
C ALA I 27 75.76 -56.79 3.94
N GLY I 28 74.90 -55.79 3.88
CA GLY I 28 75.01 -54.67 2.94
C GLY I 28 74.60 -54.98 1.50
N LYS I 29 74.33 -56.23 1.11
CA LYS I 29 73.74 -56.53 -0.20
C LYS I 29 72.23 -56.29 -0.20
N LEU I 30 71.67 -55.92 -1.35
CA LEU I 30 70.23 -55.80 -1.57
C LEU I 30 69.73 -57.03 -2.32
N TYR I 31 68.72 -57.71 -1.78
CA TYR I 31 68.04 -58.82 -2.45
C TYR I 31 66.56 -58.50 -2.59
N ALA I 32 65.94 -58.97 -3.66
CA ALA I 32 64.50 -59.09 -3.73
C ALA I 32 64.02 -60.31 -2.95
N VAL I 33 62.89 -60.18 -2.27
CA VAL I 33 62.42 -61.19 -1.30
C VAL I 33 60.93 -61.42 -1.43
N GLY I 34 60.47 -62.57 -0.95
CA GLY I 34 59.08 -63.01 -0.99
C GLY I 34 58.75 -63.81 0.25
N ILE I 35 57.50 -64.26 0.36
CA ILE I 35 56.99 -64.92 1.55
C ILE I 35 56.71 -66.40 1.24
N ASN I 36 57.25 -67.31 2.03
CA ASN I 36 57.02 -68.75 1.85
C ASN I 36 55.66 -69.20 2.42
N ASN I 37 55.29 -70.46 2.23
CA ASN I 37 54.00 -71.01 2.68
C ASN I 37 53.75 -70.94 4.19
N VAL I 38 54.80 -70.77 5.00
CA VAL I 38 54.72 -70.58 6.45
C VAL I 38 54.46 -69.12 6.84
N GLY I 39 54.69 -68.17 5.94
CA GLY I 39 54.54 -66.74 6.23
C GLY I 39 55.84 -66.03 6.58
N ALA I 40 56.99 -66.56 6.19
CA ALA I 40 58.32 -66.02 6.49
C ALA I 40 59.10 -65.62 5.23
N VAL I 41 60.00 -64.65 5.39
CA VAL I 41 60.77 -64.01 4.30
C VAL I 41 61.86 -64.91 3.74
N VAL I 42 61.86 -65.12 2.43
CA VAL I 42 62.86 -65.87 1.66
C VAL I 42 63.39 -65.02 0.51
N LYS I 43 64.61 -65.28 0.05
CA LYS I 43 65.17 -64.64 -1.16
C LYS I 43 64.40 -65.08 -2.41
N GLY I 44 64.25 -64.17 -3.37
CA GLY I 44 63.47 -64.41 -4.60
C GLY I 44 61.96 -64.34 -4.35
N ALA I 45 61.17 -64.87 -5.26
CA ALA I 45 59.75 -65.06 -5.04
C ALA I 45 59.52 -66.23 -4.06
N GLY I 46 58.60 -66.07 -3.12
CA GLY I 46 58.08 -67.18 -2.32
C GLY I 46 56.84 -67.79 -3.00
N GLN I 47 55.78 -68.05 -2.24
CA GLN I 47 54.44 -68.22 -2.79
C GLN I 47 53.81 -66.89 -3.19
N SER I 48 54.23 -65.78 -2.58
CA SER I 48 53.67 -64.44 -2.78
C SER I 48 54.02 -63.77 -4.12
N GLY I 49 54.86 -64.37 -4.95
CA GLY I 49 55.69 -63.62 -5.90
C GLY I 49 56.78 -62.84 -5.16
N VAL I 50 57.43 -61.88 -5.80
CA VAL I 50 58.32 -60.94 -5.11
C VAL I 50 57.49 -59.95 -4.30
N ALA I 51 57.71 -59.90 -2.99
CA ALA I 51 57.00 -59.03 -2.07
C ALA I 51 57.65 -57.65 -1.92
N GLY I 52 58.97 -57.55 -2.05
CA GLY I 52 59.72 -56.32 -1.79
C GLY I 52 61.22 -56.53 -1.92
N VAL I 53 62.02 -55.63 -1.35
CA VAL I 53 63.48 -55.75 -1.24
C VAL I 53 63.93 -55.68 0.22
N LEU I 54 65.08 -56.27 0.53
CA LEU I 54 65.65 -56.31 1.87
C LEU I 54 67.15 -56.05 1.87
N VAL I 55 67.63 -55.26 2.84
CA VAL I 55 69.05 -55.07 3.18
C VAL I 55 69.21 -55.30 4.67
N LEU I 56 70.22 -56.05 5.10
CA LEU I 56 70.60 -56.17 6.50
C LEU I 56 72.01 -55.63 6.71
N THR I 57 72.24 -54.81 7.73
CA THR I 57 73.56 -54.23 8.03
C THR I 57 74.52 -55.21 8.73
N LYS I 58 73.98 -56.34 9.20
CA LYS I 58 74.65 -57.42 9.93
C LYS I 58 73.87 -58.72 9.67
N GLY I 59 74.48 -59.89 9.81
CA GLY I 59 73.75 -61.16 9.77
C GLY I 59 72.65 -61.26 10.83
N ALA I 60 71.66 -62.11 10.60
CA ALA I 60 70.49 -62.25 11.46
C ALA I 60 69.97 -63.70 11.48
N LYS I 61 69.40 -64.13 12.61
CA LYS I 61 68.90 -65.48 12.83
C LYS I 61 67.52 -65.71 12.20
N ALA I 62 67.22 -66.94 11.82
CA ALA I 62 65.86 -67.35 11.48
C ALA I 62 64.87 -66.97 12.59
N GLY I 63 63.67 -66.54 12.23
CA GLY I 63 62.63 -66.10 13.15
C GLY I 63 62.82 -64.69 13.72
N SER I 64 63.96 -64.02 13.48
CA SER I 64 64.10 -62.60 13.78
C SER I 64 63.26 -61.77 12.82
N ILE I 65 62.75 -60.63 13.26
CA ILE I 65 61.86 -59.79 12.44
C ILE I 65 62.69 -58.78 11.66
N VAL I 66 62.39 -58.67 10.38
CA VAL I 66 63.05 -57.79 9.41
C VAL I 66 62.03 -56.90 8.74
N ASP I 67 62.46 -55.74 8.26
CA ASP I 67 61.60 -54.81 7.53
C ASP I 67 61.86 -54.84 6.04
N VAL I 68 60.91 -55.40 5.30
CA VAL I 68 60.93 -55.45 3.85
C VAL I 68 60.43 -54.13 3.30
N MET I 69 61.12 -53.55 2.31
CA MET I 69 60.74 -52.28 1.68
C MET I 69 60.00 -52.54 0.37
N LYS I 70 58.86 -51.89 0.16
CA LYS I 70 58.12 -51.87 -1.11
C LYS I 70 58.28 -50.56 -1.86
N PHE I 71 58.29 -49.45 -1.13
CA PHE I 71 58.44 -48.09 -1.63
C PHE I 71 59.39 -47.29 -0.74
N GLY I 72 60.39 -46.63 -1.31
CA GLY I 72 61.38 -45.90 -0.53
C GLY I 72 62.64 -45.59 -1.32
N GLU I 73 63.70 -45.12 -0.65
CA GLU I 73 64.99 -44.87 -1.28
C GLU I 73 66.08 -45.71 -0.61
N VAL I 74 66.93 -46.29 -1.44
CA VAL I 74 68.15 -47.02 -1.04
C VAL I 74 69.35 -46.23 -1.55
N VAL I 75 70.34 -45.98 -0.70
CA VAL I 75 71.61 -45.35 -1.07
C VAL I 75 72.75 -46.34 -1.03
N GLU I 76 73.92 -45.93 -1.52
CA GLU I 76 75.10 -46.80 -1.67
C GLU I 76 74.78 -48.05 -2.48
N PHE I 77 73.89 -47.90 -3.46
CA PHE I 77 73.32 -48.99 -4.22
C PHE I 77 74.26 -49.50 -5.32
N GLY I 78 74.24 -50.81 -5.55
CA GLY I 78 74.75 -51.45 -6.76
C GLY I 78 74.20 -52.87 -6.89
N PRO I 79 74.41 -53.55 -8.03
CA PRO I 79 73.87 -54.89 -8.28
C PRO I 79 74.26 -55.88 -7.18
N THR I 80 73.41 -56.87 -6.91
CA THR I 80 73.60 -57.81 -5.77
C THR I 80 74.93 -58.55 -5.82
N SER I 81 75.40 -58.88 -7.03
CA SER I 81 76.66 -59.57 -7.29
C SER I 81 77.91 -58.70 -7.11
N GLY I 82 77.78 -57.37 -7.08
CA GLY I 82 78.88 -56.45 -6.80
C GLY I 82 79.23 -56.39 -5.31
N THR I 83 80.41 -55.86 -5.00
CA THR I 83 80.90 -55.63 -3.63
C THR I 83 80.18 -54.44 -2.99
N PRO I 84 79.54 -54.59 -1.82
CA PRO I 84 78.91 -53.48 -1.10
C PRO I 84 79.88 -52.34 -0.79
N GLY I 85 79.46 -51.11 -1.02
CA GLY I 85 80.26 -49.92 -0.71
C GLY I 85 81.38 -49.61 -1.69
N THR I 86 81.51 -50.34 -2.80
CA THR I 86 82.43 -50.00 -3.90
C THR I 86 81.82 -50.16 -5.28
N ASP I 87 81.01 -51.18 -5.53
CA ASP I 87 80.64 -51.58 -6.89
C ASP I 87 79.25 -51.06 -7.27
N PHE I 88 79.10 -49.73 -7.31
CA PHE I 88 77.82 -49.03 -7.42
C PHE I 88 77.10 -49.21 -8.76
N GLY I 89 75.81 -48.87 -8.78
CA GLY I 89 74.93 -48.97 -9.95
C GLY I 89 75.22 -47.95 -11.06
N ALA I 90 74.54 -48.10 -12.19
CA ALA I 90 74.56 -47.13 -13.28
C ALA I 90 73.54 -46.02 -13.02
N ALA I 91 73.81 -44.79 -13.45
CA ALA I 91 72.87 -43.68 -13.26
C ALA I 91 71.66 -43.79 -14.20
N GLY I 92 70.48 -43.45 -13.69
CA GLY I 92 69.30 -43.23 -14.51
C GLY I 92 68.62 -44.46 -15.09
N THR I 93 68.84 -45.67 -14.59
CA THR I 93 68.38 -46.90 -15.26
C THR I 93 67.49 -47.78 -14.38
N ALA I 94 66.60 -48.56 -14.99
CA ALA I 94 65.72 -49.49 -14.31
C ALA I 94 66.44 -50.78 -13.85
N TYR I 95 66.01 -51.34 -12.73
CA TYR I 95 66.62 -52.49 -12.08
C TYR I 95 65.61 -53.60 -11.82
N TYR I 96 66.03 -54.85 -12.03
CA TYR I 96 65.16 -56.00 -12.08
C TYR I 96 65.67 -57.15 -11.22
N ALA I 97 64.78 -57.75 -10.45
CA ALA I 97 65.03 -58.96 -9.67
C ALA I 97 64.89 -60.23 -10.50
N ASP I 98 65.86 -61.13 -10.41
CA ASP I 98 65.68 -62.53 -10.73
C ASP I 98 64.83 -63.19 -9.64
N THR I 99 63.63 -63.66 -9.99
CA THR I 99 62.70 -64.27 -9.05
C THR I 99 63.22 -65.57 -8.43
N SER I 100 64.19 -66.25 -9.03
CA SER I 100 64.72 -67.52 -8.49
C SER I 100 65.73 -67.28 -7.36
N THR I 101 66.71 -66.40 -7.59
CA THR I 101 67.80 -66.12 -6.63
C THR I 101 67.53 -64.92 -5.73
N GLY I 102 66.69 -63.98 -6.15
CA GLY I 102 66.54 -62.67 -5.52
C GLY I 102 67.60 -61.64 -5.93
N ALA I 103 68.51 -61.96 -6.86
CA ALA I 103 69.55 -61.03 -7.29
C ALA I 103 68.99 -59.91 -8.17
N ILE I 104 69.44 -58.67 -7.93
CA ILE I 104 69.01 -57.46 -8.61
C ILE I 104 70.13 -56.97 -9.54
N ASN I 105 69.85 -56.74 -10.82
CA ASN I 105 70.74 -56.10 -11.78
C ASN I 105 69.96 -55.33 -12.85
N SER I 106 70.63 -54.58 -13.72
CA SER I 106 69.96 -53.74 -14.73
C SER I 106 69.43 -54.49 -15.95
N THR I 107 69.67 -55.79 -16.07
CA THR I 107 69.20 -56.57 -17.24
C THR I 107 67.73 -56.94 -17.10
N SER I 108 66.88 -56.46 -18.00
CA SER I 108 65.48 -56.86 -18.09
C SER I 108 65.32 -58.26 -18.67
N GLY I 109 64.24 -58.94 -18.32
CA GLY I 109 63.86 -60.25 -18.86
C GLY I 109 62.42 -60.55 -18.51
N GLU I 110 61.70 -61.29 -19.35
CA GLU I 110 60.24 -61.41 -19.26
C GLU I 110 59.75 -61.95 -17.90
N ALA I 111 60.49 -62.90 -17.32
CA ALA I 111 60.18 -63.51 -16.03
C ALA I 111 60.72 -62.73 -14.82
N LYS I 112 61.42 -61.61 -15.02
CA LYS I 112 62.00 -60.79 -13.93
C LYS I 112 60.98 -59.78 -13.41
N VAL I 113 61.20 -59.25 -12.21
CA VAL I 113 60.32 -58.24 -11.57
C VAL I 113 61.07 -56.92 -11.44
N LYS I 114 60.53 -55.80 -11.92
CA LYS I 114 61.15 -54.48 -11.70
C LYS I 114 61.08 -54.08 -10.23
N VAL I 115 62.20 -53.69 -9.64
CA VAL I 115 62.26 -53.24 -8.23
C VAL I 115 62.37 -51.73 -8.08
N GLY I 116 62.76 -51.02 -9.13
CA GLY I 116 62.98 -49.58 -9.07
C GLY I 116 63.83 -49.06 -10.22
N HIS I 117 64.35 -47.85 -10.06
CA HIS I 117 65.29 -47.22 -10.99
C HIS I 117 66.25 -46.32 -10.22
N THR I 118 67.39 -45.97 -10.80
CA THR I 118 68.39 -45.11 -10.14
C THR I 118 68.27 -43.64 -10.51
N VAL I 119 68.66 -42.75 -9.59
CA VAL I 119 68.70 -41.29 -9.80
C VAL I 119 70.09 -40.78 -9.44
N GLY I 120 70.98 -40.71 -10.43
CA GLY I 120 72.43 -40.77 -10.16
C GLY I 120 72.87 -42.21 -9.90
N ALA I 121 74.16 -42.49 -9.94
CA ALA I 121 74.69 -43.86 -9.93
C ALA I 121 74.36 -44.67 -8.67
N GLN I 122 74.16 -43.98 -7.55
CA GLN I 122 74.35 -44.53 -6.21
C GLN I 122 73.08 -44.53 -5.35
N ARG I 123 71.97 -43.96 -5.84
CA ARG I 123 70.65 -43.95 -5.18
C ARG I 123 69.62 -44.67 -6.05
N LEU I 124 68.94 -45.66 -5.49
CA LEU I 124 67.84 -46.40 -6.11
C LEU I 124 66.52 -45.96 -5.49
N ILE I 125 65.56 -45.60 -6.33
CA ILE I 125 64.17 -45.37 -5.93
C ILE I 125 63.46 -46.72 -5.99
N VAL I 126 63.20 -47.32 -4.84
CA VAL I 126 62.49 -48.59 -4.75
C VAL I 126 61.01 -48.33 -4.95
N ALA I 127 60.40 -49.07 -5.87
CA ALA I 127 58.97 -49.09 -6.09
C ALA I 127 58.63 -50.41 -6.79
N VAL I 128 58.44 -51.46 -5.99
CA VAL I 128 58.44 -52.84 -6.50
C VAL I 128 57.18 -53.13 -7.29
N ALA I 129 57.32 -53.71 -8.47
CA ALA I 129 56.20 -54.07 -9.33
C ALA I 129 55.31 -55.17 -8.75
N ASP I 130 54.06 -55.22 -9.19
CA ASP I 130 53.07 -56.22 -8.75
C ASP I 130 53.33 -57.63 -9.30
N GLY I 131 54.01 -57.76 -10.44
CA GLY I 131 54.26 -59.03 -11.11
C GLY I 131 55.40 -58.94 -12.12
N VAL I 132 55.66 -60.03 -12.84
CA VAL I 132 56.77 -60.12 -13.81
C VAL I 132 56.63 -59.12 -14.96
N VAL I 133 57.74 -58.80 -15.62
CA VAL I 133 57.80 -57.86 -16.75
C VAL I 133 56.84 -58.26 -17.88
N ASP I 134 56.77 -59.54 -18.25
CA ASP I 134 55.93 -59.99 -19.36
C ASP I 134 55.46 -61.43 -19.17
N PRO I 135 54.23 -61.65 -18.67
CA PRO I 135 53.68 -62.99 -18.49
C PRO I 135 53.17 -63.67 -19.78
N SER I 136 53.31 -63.05 -20.96
CA SER I 136 52.81 -63.59 -22.24
C SER I 136 53.73 -63.25 -23.43
N PRO I 137 54.97 -63.78 -23.48
CA PRO I 137 55.86 -63.59 -24.61
C PRO I 137 55.23 -64.07 -25.94
N ALA I 138 55.61 -63.45 -27.06
CA ALA I 138 55.10 -63.80 -28.39
C ALA I 138 55.45 -65.24 -28.81
N ALA J 2 37.78 -58.58 7.98
CA ALA J 2 38.89 -57.67 7.59
C ALA J 2 38.77 -56.33 8.30
N ARG J 3 39.89 -55.64 8.55
CA ARG J 3 39.96 -54.32 9.18
C ARG J 3 41.16 -53.55 8.63
N TYR J 4 41.12 -52.23 8.54
CA TYR J 4 42.33 -51.45 8.25
C TYR J 4 43.25 -51.44 9.48
N ASP J 5 44.48 -51.91 9.32
CA ASP J 5 45.51 -51.89 10.37
C ASP J 5 46.42 -50.67 10.26
N LYS J 6 46.92 -50.39 9.06
CA LYS J 6 47.86 -49.29 8.77
C LYS J 6 47.43 -48.62 7.48
N TYR J 7 46.91 -47.41 7.60
CA TYR J 7 46.45 -46.59 6.48
C TYR J 7 47.20 -45.26 6.51
N ASN J 8 47.71 -44.83 5.35
CA ASN J 8 48.41 -43.56 5.20
C ASN J 8 47.57 -42.61 4.34
N PRO J 9 47.05 -41.50 4.88
CA PRO J 9 46.20 -40.58 4.12
C PRO J 9 46.89 -39.92 2.93
N TYR J 10 48.21 -39.77 2.95
CA TYR J 10 48.99 -39.11 1.89
C TYR J 10 49.49 -40.11 0.84
N GLY J 11 48.66 -40.43 -0.14
CA GLY J 11 49.01 -41.34 -1.24
C GLY J 11 48.83 -42.84 -0.94
N GLY J 12 48.61 -43.23 0.32
CA GLY J 12 48.24 -44.60 0.66
C GLY J 12 46.77 -44.93 0.42
N GLY J 13 45.89 -43.93 0.47
CA GLY J 13 44.47 -44.05 0.16
C GLY J 13 43.83 -42.70 -0.13
N PHE J 14 42.55 -42.69 -0.46
CA PHE J 14 41.83 -41.48 -0.84
C PHE J 14 40.38 -41.47 -0.38
N ARG J 15 39.85 -40.28 -0.06
CA ARG J 15 38.42 -40.03 0.14
C ARG J 15 37.68 -40.10 -1.19
N ALA J 16 36.52 -40.74 -1.21
CA ALA J 16 35.56 -40.68 -2.30
C ALA J 16 34.11 -40.86 -1.80
N PRO J 17 33.08 -40.38 -2.52
CA PRO J 17 31.70 -40.63 -2.17
C PRO J 17 31.24 -42.02 -2.62
N LEU J 18 30.49 -42.72 -1.78
CA LEU J 18 29.97 -44.06 -2.06
C LEU J 18 28.80 -44.02 -3.05
N ALA J 19 28.77 -44.82 -4.11
CA ALA J 19 27.77 -44.70 -5.17
C ALA J 19 26.36 -45.25 -4.83
N ALA J 20 26.28 -46.15 -3.86
CA ALA J 20 25.09 -46.90 -3.48
C ALA J 20 25.16 -47.26 -1.99
N ASP J 21 24.06 -47.67 -1.37
CA ASP J 21 24.10 -48.15 0.00
C ASP J 21 24.86 -49.49 0.10
N TRP J 22 25.73 -49.62 1.10
CA TRP J 22 26.33 -50.90 1.49
C TRP J 22 25.69 -51.35 2.80
N THR J 23 25.12 -52.55 2.81
CA THR J 23 24.36 -53.07 3.96
C THR J 23 25.26 -53.69 5.01
N ASP J 24 24.76 -53.87 6.24
CA ASP J 24 25.52 -54.52 7.32
C ASP J 24 25.86 -55.99 7.04
N ALA J 25 25.24 -56.63 6.04
CA ALA J 25 25.70 -57.93 5.54
C ALA J 25 27.13 -57.86 4.96
N ASP J 26 27.56 -56.71 4.46
CA ASP J 26 28.93 -56.44 4.01
C ASP J 26 29.85 -55.92 5.11
N ALA J 27 29.36 -55.65 6.32
CA ALA J 27 30.21 -55.13 7.39
C ALA J 27 31.38 -56.09 7.67
N GLY J 28 32.60 -55.56 7.61
CA GLY J 28 33.82 -56.32 7.81
C GLY J 28 34.26 -57.19 6.63
N LYS J 29 33.55 -57.24 5.50
CA LYS J 29 34.09 -57.83 4.25
C LYS J 29 35.02 -56.84 3.54
N LEU J 30 35.99 -57.37 2.80
CA LEU J 30 36.90 -56.60 1.95
C LEU J 30 36.48 -56.78 0.49
N TYR J 31 36.29 -55.68 -0.24
CA TYR J 31 36.00 -55.69 -1.67
C TYR J 31 37.02 -54.83 -2.40
N ALA J 32 37.37 -55.19 -3.62
CA ALA J 32 38.00 -54.29 -4.56
C ALA J 32 36.97 -53.36 -5.17
N VAL J 33 37.34 -52.11 -5.38
CA VAL J 33 36.42 -51.05 -5.78
C VAL J 33 37.03 -50.17 -6.86
N GLY J 34 36.18 -49.49 -7.61
CA GLY J 34 36.54 -48.55 -8.66
C GLY J 34 35.59 -47.37 -8.70
N ILE J 35 35.78 -46.46 -9.62
CA ILE J 35 35.02 -45.21 -9.72
C ILE J 35 34.12 -45.25 -10.94
N ASN J 36 32.83 -45.01 -10.77
CA ASN J 36 31.88 -44.92 -11.88
C ASN J 36 32.02 -43.60 -12.66
N ASN J 37 31.32 -43.46 -13.78
CA ASN J 37 31.37 -42.26 -14.63
C ASN J 37 30.93 -40.95 -13.94
N VAL J 38 30.28 -41.01 -12.78
CA VAL J 38 29.87 -39.84 -11.97
C VAL J 38 30.98 -39.41 -11.01
N GLY J 39 31.92 -40.28 -10.68
CA GLY J 39 32.96 -40.00 -9.67
C GLY J 39 32.67 -40.59 -8.29
N ALA J 40 31.89 -41.66 -8.19
CA ALA J 40 31.54 -42.33 -6.94
C ALA J 40 31.99 -43.80 -6.92
N VAL J 41 32.26 -44.33 -5.73
CA VAL J 41 32.83 -45.67 -5.51
C VAL J 41 31.82 -46.78 -5.75
N VAL J 42 32.16 -47.75 -6.60
CA VAL J 42 31.40 -48.97 -6.89
C VAL J 42 32.27 -50.20 -6.67
N LYS J 43 31.69 -51.33 -6.29
CA LYS J 43 32.39 -52.62 -6.23
C LYS J 43 32.87 -53.07 -7.61
N GLY J 44 33.96 -53.82 -7.66
CA GLY J 44 34.60 -54.22 -8.91
C GLY J 44 35.32 -53.04 -9.57
N ALA J 45 35.63 -53.17 -10.85
CA ALA J 45 36.09 -52.06 -11.67
C ALA J 45 34.91 -51.14 -12.03
N GLY J 46 35.10 -49.83 -11.90
CA GLY J 46 34.21 -48.83 -12.50
C GLY J 46 34.62 -48.52 -13.94
N GLN J 47 34.63 -47.25 -14.31
CA GLN J 47 35.38 -46.80 -15.50
C GLN J 47 36.89 -46.73 -15.25
N SER J 48 37.32 -46.53 -14.00
CA SER J 48 38.72 -46.36 -13.61
C SER J 48 39.58 -47.64 -13.68
N GLY J 49 39.00 -48.80 -13.98
CA GLY J 49 39.55 -50.08 -13.54
C GLY J 49 39.38 -50.25 -12.02
N VAL J 50 40.07 -51.22 -11.41
CA VAL J 50 40.15 -51.30 -9.95
C VAL J 50 41.00 -50.15 -9.41
N ALA J 51 40.42 -49.32 -8.56
CA ALA J 51 41.08 -48.16 -7.97
C ALA J 51 41.80 -48.49 -6.66
N GLY J 52 41.29 -49.44 -5.89
CA GLY J 52 41.79 -49.81 -4.57
C GLY J 52 40.92 -50.87 -3.90
N VAL J 53 41.02 -51.03 -2.59
CA VAL J 53 40.18 -51.92 -1.78
C VAL J 53 39.49 -51.18 -0.65
N LEU J 54 38.33 -51.67 -0.22
CA LEU J 54 37.48 -51.02 0.78
C LEU J 54 36.95 -52.02 1.81
N VAL J 55 36.94 -51.61 3.08
CA VAL J 55 36.26 -52.27 4.20
C VAL J 55 35.40 -51.23 4.90
N LEU J 56 34.15 -51.57 5.20
CA LEU J 56 33.28 -50.77 6.08
C LEU J 56 33.00 -51.56 7.37
N THR J 57 33.19 -50.97 8.54
CA THR J 57 32.92 -51.64 9.82
C THR J 57 31.42 -51.79 10.15
N LYS J 58 30.57 -51.06 9.43
CA LYS J 58 29.11 -50.95 9.57
C LYS J 58 28.51 -50.66 8.19
N GLY J 59 27.23 -50.88 7.95
CA GLY J 59 26.59 -50.41 6.73
C GLY J 59 26.71 -48.89 6.53
N ALA J 60 26.69 -48.41 5.29
CA ALA J 60 26.84 -47.00 4.95
C ALA J 60 25.93 -46.58 3.78
N LYS J 61 25.44 -45.33 3.80
CA LYS J 61 24.51 -44.80 2.80
C LYS J 61 25.23 -44.30 1.55
N ALA J 62 24.54 -44.31 0.41
CA ALA J 62 25.00 -43.64 -0.80
C ALA J 62 25.30 -42.16 -0.53
N GLY J 63 26.34 -41.61 -1.16
CA GLY J 63 26.80 -40.24 -0.95
C GLY J 63 27.50 -39.97 0.38
N SER J 64 27.64 -40.96 1.26
CA SER J 64 28.58 -40.87 2.40
C SER J 64 30.01 -41.02 1.91
N ILE J 65 30.99 -40.51 2.67
CA ILE J 65 32.38 -40.49 2.25
C ILE J 65 33.12 -41.69 2.84
N VAL J 66 33.85 -42.41 1.99
CA VAL J 66 34.61 -43.61 2.33
C VAL J 66 36.07 -43.40 2.00
N ASP J 67 36.95 -44.08 2.74
CA ASP J 67 38.38 -44.10 2.47
C ASP J 67 38.78 -45.38 1.77
N VAL J 68 39.17 -45.28 0.50
CA VAL J 68 39.64 -46.41 -0.30
C VAL J 68 41.14 -46.57 -0.10
N MET J 69 41.62 -47.78 0.17
CA MET J 69 43.03 -48.04 0.41
C MET J 69 43.70 -48.51 -0.88
N LYS J 70 44.85 -47.92 -1.23
CA LYS J 70 45.73 -48.37 -2.32
C LYS J 70 46.97 -49.08 -1.80
N PHE J 71 47.57 -48.60 -0.72
CA PHE J 71 48.76 -49.14 -0.08
C PHE J 71 48.62 -49.11 1.45
N GLY J 72 48.81 -50.23 2.13
CA GLY J 72 48.61 -50.33 3.58
C GLY J 72 48.49 -51.77 4.05
N GLU J 73 48.11 -51.98 5.30
CA GLU J 73 47.91 -53.32 5.86
C GLU J 73 46.49 -53.54 6.33
N VAL J 74 45.95 -54.71 6.04
CA VAL J 74 44.62 -55.18 6.42
C VAL J 74 44.73 -56.42 7.29
N VAL J 75 44.13 -56.41 8.47
CA VAL J 75 44.18 -57.52 9.43
C VAL J 75 42.83 -58.19 9.60
N GLU J 76 42.78 -59.32 10.29
CA GLU J 76 41.60 -60.19 10.37
C GLU J 76 41.09 -60.59 8.98
N PHE J 77 42.02 -60.72 8.03
CA PHE J 77 41.74 -60.92 6.61
C PHE J 77 41.30 -62.35 6.27
N GLY J 78 40.35 -62.47 5.37
CA GLY J 78 40.04 -63.66 4.60
C GLY J 78 39.36 -63.30 3.28
N PRO J 79 39.16 -64.25 2.37
CA PRO J 79 38.51 -64.00 1.08
C PRO J 79 37.13 -63.37 1.23
N THR J 80 36.67 -62.62 0.23
CA THR J 80 35.38 -61.90 0.32
C THR J 80 34.19 -62.85 0.54
N SER J 81 34.26 -64.08 0.03
CA SER J 81 33.22 -65.10 0.21
C SER J 81 33.19 -65.73 1.61
N GLY J 82 34.21 -65.58 2.43
CA GLY J 82 34.28 -66.11 3.78
C GLY J 82 33.52 -65.27 4.81
N THR J 83 33.20 -65.85 5.95
CA THR J 83 32.62 -65.15 7.10
C THR J 83 33.66 -64.24 7.75
N PRO J 84 33.40 -62.93 7.90
CA PRO J 84 34.31 -62.03 8.59
C PRO J 84 34.59 -62.45 10.03
N GLY J 85 35.86 -62.44 10.43
CA GLY J 85 36.27 -62.76 11.81
C GLY J 85 36.35 -64.27 12.13
N THR J 86 36.17 -65.16 11.16
CA THR J 86 36.44 -66.60 11.33
C THR J 86 37.12 -67.24 10.13
N ASP J 87 36.74 -66.87 8.90
CA ASP J 87 37.16 -67.63 7.71
C ASP J 87 38.41 -67.01 7.06
N PHE J 88 39.51 -67.00 7.80
CA PHE J 88 40.75 -66.28 7.45
C PHE J 88 41.51 -66.84 6.24
N GLY J 89 42.41 -66.03 5.68
CA GLY J 89 43.19 -66.34 4.48
C GLY J 89 44.34 -67.33 4.70
N ALA J 90 44.99 -67.77 3.62
CA ALA J 90 46.19 -68.60 3.69
C ALA J 90 47.45 -67.74 3.84
N ALA J 91 48.48 -68.20 4.52
CA ALA J 91 49.71 -67.44 4.70
C ALA J 91 50.57 -67.41 3.43
N GLY J 92 51.30 -66.32 3.21
CA GLY J 92 52.34 -66.22 2.20
C GLY J 92 51.87 -66.13 0.75
N THR J 93 50.58 -65.93 0.46
CA THR J 93 50.05 -66.08 -0.89
C THR J 93 49.45 -64.80 -1.44
N ALA J 94 49.51 -64.63 -2.77
CA ALA J 94 48.99 -63.47 -3.48
C ALA J 94 47.47 -63.54 -3.61
N TYR J 95 46.81 -62.37 -3.61
CA TYR J 95 45.36 -62.26 -3.67
C TYR J 95 44.92 -61.37 -4.83
N TYR J 96 43.83 -61.75 -5.48
CA TYR J 96 43.37 -61.18 -6.74
C TYR J 96 41.89 -60.84 -6.69
N ALA J 97 41.52 -59.68 -7.20
CA ALA J 97 40.15 -59.22 -7.34
C ALA J 97 39.55 -59.64 -8.68
N ASP J 98 38.37 -60.26 -8.65
CA ASP J 98 37.47 -60.29 -9.79
C ASP J 98 37.00 -58.87 -10.11
N THR J 99 37.35 -58.37 -11.29
CA THR J 99 36.99 -57.02 -11.73
C THR J 99 35.49 -56.82 -11.92
N SER J 100 34.67 -57.87 -12.02
CA SER J 100 33.22 -57.74 -12.14
C SER J 100 32.52 -57.53 -10.79
N THR J 101 32.67 -58.45 -9.83
CA THR J 101 32.01 -58.34 -8.52
C THR J 101 32.83 -57.59 -7.46
N GLY J 102 34.13 -57.43 -7.66
CA GLY J 102 35.04 -56.92 -6.64
C GLY J 102 35.43 -57.94 -5.57
N ALA J 103 35.02 -59.20 -5.70
CA ALA J 103 35.39 -60.25 -4.76
C ALA J 103 36.87 -60.64 -4.88
N ILE J 104 37.55 -60.77 -3.75
CA ILE J 104 38.97 -61.07 -3.61
C ILE J 104 39.13 -62.52 -3.14
N ASN J 105 39.97 -63.30 -3.80
CA ASN J 105 40.40 -64.63 -3.38
C ASN J 105 41.82 -64.93 -3.92
N SER J 106 42.41 -66.06 -3.54
CA SER J 106 43.79 -66.41 -3.91
C SER J 106 43.96 -66.94 -5.33
N THR J 107 42.87 -67.17 -6.07
CA THR J 107 42.96 -67.73 -7.43
C THR J 107 43.34 -66.66 -8.43
N SER J 108 44.51 -66.79 -9.06
CA SER J 108 44.93 -65.92 -10.16
C SER J 108 44.13 -66.16 -11.44
N GLY J 109 44.05 -65.16 -12.31
CA GLY J 109 43.39 -65.25 -13.60
C GLY J 109 43.72 -64.02 -14.44
N GLU J 110 43.86 -64.17 -15.75
CA GLU J 110 44.42 -63.14 -16.63
C GLU J 110 43.69 -61.80 -16.55
N ALA J 111 42.37 -61.83 -16.48
CA ALA J 111 41.50 -60.66 -16.39
C ALA J 111 41.38 -60.06 -14.97
N LYS J 112 41.94 -60.70 -13.94
CA LYS J 112 41.84 -60.25 -12.54
C LYS J 112 42.91 -59.22 -12.22
N VAL J 113 42.74 -58.45 -11.14
CA VAL J 113 43.73 -57.47 -10.67
C VAL J 113 44.34 -57.95 -9.36
N LYS J 114 45.67 -58.00 -9.24
CA LYS J 114 46.33 -58.32 -7.96
C LYS J 114 46.14 -57.18 -6.96
N VAL J 115 45.71 -57.49 -5.74
CA VAL J 115 45.49 -56.49 -4.68
C VAL J 115 46.55 -56.51 -3.59
N GLY J 116 47.25 -57.62 -3.40
CA GLY J 116 48.24 -57.77 -2.33
C GLY J 116 48.69 -59.20 -2.13
N HIS J 117 49.29 -59.47 -0.99
CA HIS J 117 49.70 -60.81 -0.55
C HIS J 117 49.67 -60.90 0.97
N THR J 118 49.66 -62.11 1.53
CA THR J 118 49.53 -62.31 2.98
C THR J 118 50.85 -62.62 3.69
N VAL J 119 51.06 -62.03 4.87
CA VAL J 119 52.21 -62.30 5.75
C VAL J 119 51.71 -62.99 7.03
N GLY J 120 51.60 -64.32 7.00
CA GLY J 120 50.76 -65.03 7.96
C GLY J 120 49.28 -64.99 7.55
N ALA J 121 48.46 -65.86 8.12
CA ALA J 121 47.11 -66.13 7.60
C ALA J 121 46.19 -64.90 7.60
N GLN J 122 46.28 -64.06 8.63
CA GLN J 122 45.31 -63.00 8.91
C GLN J 122 45.72 -61.60 8.45
N ARG J 123 46.91 -61.41 7.88
CA ARG J 123 47.45 -60.07 7.54
C ARG J 123 47.75 -59.95 6.06
N LEU J 124 47.08 -59.04 5.37
CA LEU J 124 47.24 -58.77 3.94
C LEU J 124 47.99 -57.45 3.77
N ILE J 125 49.10 -57.49 3.04
CA ILE J 125 49.81 -56.28 2.61
C ILE J 125 49.14 -55.81 1.34
N VAL J 126 48.35 -54.76 1.43
CA VAL J 126 47.65 -54.18 0.28
C VAL J 126 48.64 -53.36 -0.51
N ALA J 127 48.70 -53.61 -1.82
CA ALA J 127 49.44 -52.83 -2.79
C ALA J 127 48.86 -53.13 -4.16
N VAL J 128 47.82 -52.40 -4.54
CA VAL J 128 46.98 -52.73 -5.69
C VAL J 128 47.71 -52.47 -7.01
N ALA J 129 47.64 -53.42 -7.94
CA ALA J 129 48.30 -53.31 -9.24
C ALA J 129 47.71 -52.19 -10.12
N ASP J 130 48.43 -51.75 -11.14
CA ASP J 130 47.95 -50.75 -12.09
C ASP J 130 46.83 -51.28 -13.01
N GLY J 131 46.86 -52.57 -13.33
CA GLY J 131 45.95 -53.21 -14.27
C GLY J 131 45.91 -54.73 -14.12
N VAL J 132 45.26 -55.41 -15.05
CA VAL J 132 45.01 -56.86 -14.96
C VAL J 132 46.31 -57.67 -14.99
N VAL J 133 46.25 -58.91 -14.47
CA VAL J 133 47.38 -59.85 -14.39
C VAL J 133 48.00 -60.11 -15.76
N ASP J 134 47.21 -60.24 -16.81
CA ASP J 134 47.70 -60.45 -18.17
C ASP J 134 46.74 -59.87 -19.23
N PRO J 135 47.02 -58.68 -19.77
CA PRO J 135 46.21 -58.05 -20.80
C PRO J 135 46.40 -58.63 -22.21
N SER J 136 47.22 -59.68 -22.40
CA SER J 136 47.49 -60.32 -23.70
C SER J 136 47.65 -61.84 -23.60
N PRO J 137 46.60 -62.59 -23.18
CA PRO J 137 46.64 -64.04 -23.09
C PRO J 137 47.09 -64.72 -24.39
N ALA J 138 47.82 -65.82 -24.28
CA ALA J 138 48.36 -66.54 -25.43
C ALA J 138 47.26 -67.18 -26.30
N ALA K 2 5.56 18.57 6.71
CA ALA K 2 4.12 18.27 6.67
C ALA K 2 3.70 17.74 5.30
N LYS K 3 2.56 17.03 5.23
CA LYS K 3 2.02 16.42 4.00
C LYS K 3 1.59 17.47 2.98
N GLY K 4 1.83 17.21 1.70
CA GLY K 4 1.55 18.14 0.59
C GLY K 4 0.11 18.17 0.08
N VAL K 5 -0.82 17.46 0.72
CA VAL K 5 -2.22 17.31 0.27
C VAL K 5 -3.15 18.16 1.13
N LYS K 6 -4.01 18.95 0.48
CA LYS K 6 -5.18 19.62 1.09
C LYS K 6 -6.40 18.73 0.92
N LYS K 7 -7.17 18.52 1.98
CA LYS K 7 -8.50 17.85 1.91
C LYS K 7 -9.54 18.83 1.37
N LEU K 8 -10.23 18.46 0.30
CA LEU K 8 -11.23 19.34 -0.30
C LEU K 8 -12.47 19.47 0.60
N PRO K 9 -13.19 20.62 0.61
CA PRO K 9 -14.44 20.77 1.38
C PRO K 9 -15.56 19.89 0.79
N LYS K 10 -16.61 19.60 1.57
CA LYS K 10 -17.71 18.68 1.14
C LYS K 10 -19.08 19.24 1.53
N ARG K 11 -20.14 18.73 0.91
CA ARG K 11 -21.54 19.19 1.16
C ARG K 11 -21.91 18.92 2.62
N LYS K 12 -22.57 19.86 3.32
CA LYS K 12 -22.91 19.76 4.77
C LYS K 12 -24.43 19.75 5.02
N GLY K 13 -25.25 19.09 4.18
CA GLY K 13 -26.70 18.92 4.43
C GLY K 13 -27.55 19.97 3.73
N THR K 14 -27.21 21.25 3.80
CA THR K 14 -27.81 22.32 2.97
C THR K 14 -26.71 23.23 2.42
N ASN K 15 -26.66 23.41 1.10
CA ASN K 15 -25.54 24.05 0.40
C ASN K 15 -25.95 25.39 -0.21
N PRO K 16 -25.28 26.51 0.07
CA PRO K 16 -25.52 27.78 -0.62
C PRO K 16 -25.41 27.64 -2.13
N ILE K 17 -26.31 28.24 -2.91
CA ILE K 17 -26.35 28.04 -4.36
C ILE K 17 -25.06 28.62 -4.99
N PRO K 18 -24.34 27.86 -5.82
CA PRO K 18 -23.15 28.36 -6.49
C PRO K 18 -23.55 29.38 -7.56
N ARG K 19 -23.07 30.61 -7.45
CA ARG K 19 -23.29 31.67 -8.45
C ARG K 19 -21.95 32.27 -8.86
N ASP K 20 -21.69 32.36 -10.17
CA ASP K 20 -20.41 32.83 -10.67
C ASP K 20 -20.21 34.33 -10.47
N LYS K 21 -19.22 34.68 -9.65
CA LYS K 21 -18.63 36.02 -9.66
C LYS K 21 -17.80 36.21 -10.92
N TRP K 22 -17.82 37.41 -11.48
CA TRP K 22 -17.13 37.81 -12.70
C TRP K 22 -16.63 39.26 -12.56
N ASN K 23 -15.61 39.65 -13.31
CA ASN K 23 -15.15 41.04 -13.30
C ASN K 23 -16.17 41.95 -13.99
N SER K 24 -16.79 41.46 -15.06
CA SER K 24 -17.83 42.20 -15.78
C SER K 24 -19.02 42.56 -14.88
N ASP K 25 -19.50 41.61 -14.08
CA ASP K 25 -20.63 41.84 -13.17
C ASP K 25 -20.29 42.80 -12.04
N ASP K 26 -19.05 42.84 -11.56
CA ASP K 26 -18.65 43.84 -10.58
C ASP K 26 -18.69 45.25 -11.17
N ILE K 27 -18.33 45.45 -12.44
CA ILE K 27 -18.49 46.73 -13.13
C ILE K 27 -19.97 47.09 -13.22
N ALA K 28 -20.83 46.17 -13.66
CA ALA K 28 -22.26 46.44 -13.77
C ALA K 28 -22.90 46.82 -12.43
N ARG K 29 -22.57 46.12 -11.33
CA ARG K 29 -23.06 46.47 -10.00
C ARG K 29 -22.59 47.86 -9.57
N ARG K 30 -21.31 48.17 -9.73
CA ARG K 30 -20.76 49.48 -9.38
C ARG K 30 -21.36 50.59 -10.24
N GLN K 31 -21.65 50.35 -11.52
CA GLN K 31 -22.37 51.31 -12.33
C GLN K 31 -23.81 51.52 -11.86
N LEU K 32 -24.54 50.46 -11.49
CA LEU K 32 -25.92 50.58 -11.05
C LEU K 32 -26.04 51.41 -9.76
N GLU K 33 -25.18 51.21 -8.76
CA GLU K 33 -25.24 52.03 -7.54
C GLU K 33 -24.79 53.48 -7.77
N GLN K 34 -24.08 53.76 -8.87
CA GLN K 34 -23.79 55.13 -9.30
C GLN K 34 -25.00 55.75 -10.02
N ASP K 35 -25.59 55.05 -10.97
CA ASP K 35 -26.80 55.49 -11.69
C ASP K 35 -27.98 55.78 -10.76
N GLN K 36 -28.02 55.15 -9.59
CA GLN K 36 -29.06 55.40 -8.59
C GLN K 36 -29.13 56.86 -8.12
N LYS K 37 -28.07 57.65 -8.31
CA LYS K 37 -28.03 59.09 -8.02
C LYS K 37 -28.65 59.99 -9.10
N LEU K 38 -28.98 59.46 -10.28
CA LEU K 38 -29.53 60.21 -11.41
C LEU K 38 -31.04 60.48 -11.27
N HIS K 39 -31.45 61.06 -10.15
CA HIS K 39 -32.83 61.43 -9.81
C HIS K 39 -32.90 62.87 -9.33
N LEU K 40 -33.95 63.59 -9.70
CA LEU K 40 -34.25 64.91 -9.16
C LEU K 40 -35.54 64.85 -8.34
N THR K 41 -35.54 65.45 -7.16
CA THR K 41 -36.79 65.77 -6.45
C THR K 41 -37.50 66.92 -7.15
N THR K 42 -38.83 66.95 -7.13
CA THR K 42 -39.61 67.87 -7.95
C THR K 42 -40.82 68.42 -7.17
N LYS K 43 -41.45 69.48 -7.68
CA LYS K 43 -42.89 69.68 -7.42
C LYS K 43 -43.68 68.62 -8.19
N GLY K 44 -44.86 68.26 -7.74
CA GLY K 44 -45.60 67.13 -8.29
C GLY K 44 -46.38 67.47 -9.57
N PRO K 45 -47.51 66.78 -9.80
CA PRO K 45 -48.61 67.24 -10.65
C PRO K 45 -49.08 68.68 -10.36
N HIS K 46 -48.74 69.22 -9.19
CA HIS K 46 -49.15 70.52 -8.66
C HIS K 46 -48.40 71.71 -9.28
N THR K 47 -48.22 71.73 -10.61
CA THR K 47 -47.44 72.75 -11.33
C THR K 47 -48.14 73.34 -12.57
N GLY K 48 -49.39 72.98 -12.83
CA GLY K 48 -50.18 73.58 -13.91
C GLY K 48 -49.89 73.06 -15.32
N THR K 49 -48.91 72.17 -15.46
CA THR K 49 -48.58 71.45 -16.70
C THR K 49 -48.17 70.01 -16.38
N ASN K 50 -48.27 69.12 -17.36
CA ASN K 50 -48.06 67.68 -17.19
C ASN K 50 -47.19 67.07 -18.30
N ASP K 51 -46.44 67.86 -19.06
CA ASP K 51 -45.68 67.38 -20.23
C ASP K 51 -44.57 66.39 -19.88
N SER K 52 -44.04 66.45 -18.66
CA SER K 52 -43.06 65.50 -18.12
C SER K 52 -43.65 64.12 -17.85
N PHE K 53 -44.95 64.03 -17.59
CA PHE K 53 -45.59 62.79 -17.18
C PHE K 53 -45.91 61.91 -18.39
N LYS K 54 -45.72 60.59 -18.25
CA LYS K 54 -46.16 59.61 -19.25
C LYS K 54 -47.69 59.53 -19.34
N ALA L 2 -28.56 18.97 22.44
CA ALA L 2 -27.64 18.61 21.34
C ALA L 2 -28.38 17.91 20.19
N LYS L 3 -27.77 17.80 19.02
CA LYS L 3 -28.30 17.07 17.85
C LYS L 3 -28.29 15.56 18.09
N GLY L 4 -29.33 14.86 17.62
CA GLY L 4 -29.48 13.42 17.84
C GLY L 4 -28.71 12.50 16.90
N VAL L 5 -27.96 13.05 15.94
CA VAL L 5 -27.31 12.29 14.87
C VAL L 5 -25.82 12.18 15.13
N LYS L 6 -25.29 10.96 15.06
CA LYS L 6 -23.86 10.65 15.11
C LYS L 6 -23.37 10.43 13.69
N LYS L 7 -22.32 11.14 13.28
CA LYS L 7 -21.65 10.93 11.99
C LYS L 7 -20.88 9.62 12.03
N LEU L 8 -21.16 8.71 11.08
CA LEU L 8 -20.46 7.42 11.03
C LEU L 8 -19.00 7.62 10.57
N PRO L 9 -18.05 6.81 11.07
CA PRO L 9 -16.70 6.76 10.52
C PRO L 9 -16.71 6.26 9.07
N LYS L 10 -15.71 6.66 8.30
CA LYS L 10 -15.54 6.33 6.88
C LYS L 10 -14.13 5.80 6.60
N ARG L 11 -13.98 5.08 5.49
CA ARG L 11 -12.71 4.48 5.08
C ARG L 11 -11.62 5.53 4.88
N LYS L 12 -10.57 5.45 5.68
CA LYS L 12 -9.32 6.21 5.50
C LYS L 12 -8.50 5.65 4.33
N GLY L 13 -7.42 6.31 3.94
CA GLY L 13 -6.62 5.96 2.76
C GLY L 13 -6.10 4.53 2.74
N THR L 14 -5.65 4.03 3.90
CA THR L 14 -5.46 2.59 4.17
C THR L 14 -6.29 2.23 5.40
N ASN L 15 -7.03 1.14 5.35
CA ASN L 15 -7.94 0.73 6.40
C ASN L 15 -7.79 -0.79 6.69
N PRO L 16 -7.66 -1.23 7.97
CA PRO L 16 -7.33 -2.62 8.31
C PRO L 16 -8.31 -3.66 7.77
N ILE L 17 -7.84 -4.87 7.52
CA ILE L 17 -8.72 -5.97 7.09
C ILE L 17 -9.73 -6.27 8.20
N PRO L 18 -11.03 -6.27 7.93
CA PRO L 18 -12.04 -6.58 8.91
C PRO L 18 -12.05 -8.07 9.21
N ARG L 19 -11.93 -8.42 10.50
CA ARG L 19 -12.07 -9.79 10.99
C ARG L 19 -13.08 -9.82 12.12
N ASP L 20 -14.07 -10.70 12.02
CA ASP L 20 -15.15 -10.82 13.00
C ASP L 20 -14.61 -11.35 14.32
N LYS L 21 -14.81 -10.60 15.39
CA LYS L 21 -14.70 -11.12 16.76
C LYS L 21 -15.95 -11.90 17.11
N TRP L 22 -15.77 -12.97 17.87
CA TRP L 22 -16.81 -13.90 18.34
C TRP L 22 -16.45 -14.37 19.75
N ASN L 23 -17.41 -14.87 20.54
CA ASN L 23 -17.11 -15.46 21.83
C ASN L 23 -16.55 -16.88 21.67
N SER L 24 -17.04 -17.67 20.73
CA SER L 24 -16.52 -19.02 20.51
C SER L 24 -15.07 -19.02 20.06
N ASP L 25 -14.67 -18.07 19.22
CA ASP L 25 -13.26 -17.91 18.84
C ASP L 25 -12.39 -17.46 20.00
N ASP L 26 -12.89 -16.66 20.94
CA ASP L 26 -12.10 -16.30 22.10
C ASP L 26 -11.92 -17.48 23.07
N ILE L 27 -12.92 -18.34 23.24
CA ILE L 27 -12.74 -19.58 24.02
C ILE L 27 -11.63 -20.43 23.39
N ALA L 28 -11.68 -20.64 22.07
CA ALA L 28 -10.67 -21.44 21.40
C ALA L 28 -9.26 -20.81 21.53
N ARG L 29 -9.15 -19.50 21.39
CA ARG L 29 -7.90 -18.76 21.60
C ARG L 29 -7.35 -18.94 23.01
N ARG L 30 -8.19 -18.79 24.04
CA ARG L 30 -7.77 -18.98 25.44
C ARG L 30 -7.42 -20.44 25.74
N GLN L 31 -8.13 -21.40 25.16
CA GLN L 31 -7.82 -22.81 25.36
C GLN L 31 -6.46 -23.16 24.76
N LEU L 32 -6.17 -22.67 23.56
CA LEU L 32 -4.89 -22.96 22.90
C LEU L 32 -3.69 -22.44 23.70
N GLU L 33 -3.76 -21.26 24.33
CA GLU L 33 -2.66 -20.82 25.19
C GLU L 33 -2.56 -21.58 26.52
N GLN L 34 -3.56 -22.39 26.90
CA GLN L 34 -3.41 -23.39 27.97
C GLN L 34 -2.81 -24.69 27.42
N ASP L 35 -3.29 -25.20 26.28
CA ASP L 35 -2.75 -26.40 25.64
C ASP L 35 -1.26 -26.27 25.34
N GLN L 36 -0.77 -25.07 25.07
CA GLN L 36 0.65 -24.79 24.86
C GLN L 36 1.55 -25.04 26.09
N LYS L 37 0.99 -25.39 27.25
CA LYS L 37 1.76 -25.86 28.43
C LYS L 37 1.90 -27.40 28.51
N LEU L 38 1.24 -28.16 27.64
CA LEU L 38 1.25 -29.63 27.65
C LEU L 38 2.49 -30.20 26.94
N HIS L 39 3.69 -29.86 27.42
CA HIS L 39 4.96 -30.41 26.95
C HIS L 39 5.86 -30.76 28.14
N LEU L 40 6.71 -31.77 27.99
CA LEU L 40 7.74 -32.11 28.95
C LEU L 40 9.12 -32.06 28.31
N THR L 41 10.12 -31.59 29.05
CA THR L 41 11.53 -31.76 28.69
C THR L 41 11.94 -33.22 28.83
N THR L 42 12.80 -33.72 27.95
CA THR L 42 13.21 -35.14 27.91
C THR L 42 14.72 -35.27 27.81
N LYS L 43 15.24 -36.49 27.94
CA LYS L 43 16.66 -36.80 27.68
C LYS L 43 16.96 -36.97 26.19
N GLY L 44 16.06 -36.57 25.29
CA GLY L 44 16.29 -36.63 23.85
C GLY L 44 16.43 -38.05 23.31
N PRO L 45 17.07 -38.25 22.15
CA PRO L 45 17.35 -39.56 21.57
C PRO L 45 18.47 -40.35 22.30
N HIS L 46 19.01 -39.81 23.39
CA HIS L 46 20.18 -40.33 24.11
C HIS L 46 19.81 -41.33 25.21
N THR L 47 18.94 -42.29 24.90
CA THR L 47 18.33 -43.20 25.89
C THR L 47 18.45 -44.68 25.57
N GLY L 48 19.12 -45.07 24.48
CA GLY L 48 19.23 -46.49 24.09
C GLY L 48 17.91 -47.13 23.64
N THR L 49 16.87 -46.32 23.49
CA THR L 49 15.54 -46.66 22.99
C THR L 49 14.98 -45.43 22.28
N ASN L 50 14.15 -45.66 21.27
CA ASN L 50 13.61 -44.64 20.37
C ASN L 50 12.11 -44.81 20.11
N ASP L 51 11.39 -45.67 20.85
CA ASP L 51 10.03 -46.05 20.45
C ASP L 51 8.98 -44.95 20.66
N SER L 52 9.29 -43.86 21.38
CA SER L 52 8.45 -42.66 21.42
C SER L 52 8.68 -41.70 20.25
N PHE L 53 9.65 -41.96 19.37
CA PHE L 53 9.93 -41.09 18.23
C PHE L 53 9.11 -41.50 17.01
N LYS L 54 8.56 -40.52 16.28
CA LYS L 54 7.91 -40.75 14.97
C LYS L 54 8.95 -40.96 13.85
N ALA M 2 38.57 35.00 -46.88
CA ALA M 2 39.99 34.68 -46.56
C ALA M 2 40.59 35.72 -45.61
N ARG M 3 41.53 35.33 -44.75
CA ARG M 3 42.23 36.17 -43.77
C ARG M 3 43.66 35.67 -43.60
N TYR M 4 44.65 36.51 -43.38
CA TYR M 4 45.99 36.06 -42.97
C TYR M 4 45.95 35.56 -41.52
N ASP M 5 46.61 34.44 -41.22
CA ASP M 5 46.65 33.86 -39.88
C ASP M 5 48.05 33.59 -39.35
N LYS M 6 48.95 33.07 -40.18
CA LYS M 6 50.38 33.06 -39.92
C LYS M 6 51.06 33.81 -41.04
N TYR M 7 51.78 34.88 -40.74
CA TYR M 7 52.59 35.61 -41.70
C TYR M 7 53.96 35.87 -41.09
N ASN M 8 55.03 35.68 -41.85
CA ASN M 8 56.41 35.92 -41.39
C ASN M 8 57.02 37.08 -42.19
N PRO M 9 57.32 38.24 -41.58
CA PRO M 9 57.80 39.41 -42.31
C PRO M 9 59.16 39.23 -42.99
N TYR M 10 60.03 38.38 -42.45
CA TYR M 10 61.38 38.14 -42.95
C TYR M 10 61.43 36.94 -43.88
N GLY M 11 61.13 37.15 -45.17
CA GLY M 11 61.23 36.13 -46.21
C GLY M 11 60.01 35.22 -46.37
N GLY M 12 59.00 35.32 -45.50
CA GLY M 12 57.68 34.70 -45.70
C GLY M 12 56.76 35.52 -46.61
N GLY M 13 56.92 36.84 -46.61
CA GLY M 13 56.24 37.76 -47.51
C GLY M 13 57.05 39.04 -47.69
N PHE M 14 56.53 40.01 -48.44
CA PHE M 14 57.23 41.27 -48.72
C PHE M 14 56.26 42.43 -48.91
N ARG M 15 56.71 43.65 -48.57
CA ARG M 15 56.03 44.91 -48.90
C ARG M 15 56.18 45.23 -50.38
N ALA M 16 55.11 45.70 -51.01
CA ALA M 16 55.16 46.27 -52.35
C ALA M 16 54.04 47.32 -52.54
N PRO M 17 54.18 48.30 -53.45
CA PRO M 17 53.13 49.26 -53.75
C PRO M 17 52.06 48.68 -54.67
N LEU M 18 50.80 48.99 -54.44
CA LEU M 18 49.67 48.51 -55.22
C LEU M 18 49.51 49.28 -56.54
N ALA M 19 49.41 48.61 -57.70
CA ALA M 19 49.44 49.30 -59.01
C ALA M 19 48.14 50.05 -59.37
N ALA M 20 47.00 49.60 -58.86
CA ALA M 20 45.65 50.08 -59.16
C ALA M 20 44.80 50.02 -57.91
N ASP M 21 43.70 50.76 -57.83
CA ASP M 21 42.80 50.66 -56.68
C ASP M 21 42.19 49.25 -56.58
N TRP M 22 42.12 48.71 -55.37
CA TRP M 22 41.32 47.52 -55.05
C TRP M 22 40.06 47.97 -54.36
N THR M 23 38.91 47.66 -54.95
CA THR M 23 37.59 48.06 -54.45
C THR M 23 37.14 47.18 -53.28
N ASP M 24 36.20 47.65 -52.47
CA ASP M 24 35.63 46.86 -51.37
C ASP M 24 34.86 45.62 -51.82
N ALA M 25 34.51 45.50 -53.10
CA ALA M 25 34.01 44.26 -53.66
C ALA M 25 35.03 43.10 -53.62
N ASP M 26 36.33 43.41 -53.57
CA ASP M 26 37.42 42.46 -53.34
C ASP M 26 37.79 42.27 -51.87
N ALA M 27 37.19 43.02 -50.93
CA ALA M 27 37.53 42.86 -49.53
C ALA M 27 37.25 41.43 -49.07
N GLY M 28 38.23 40.82 -48.40
CA GLY M 28 38.19 39.44 -47.95
C GLY M 28 38.39 38.38 -49.03
N LYS M 29 38.57 38.72 -50.32
CA LYS M 29 38.95 37.74 -51.35
C LYS M 29 40.46 37.51 -51.38
N LEU M 30 40.88 36.33 -51.82
CA LEU M 30 42.28 35.98 -52.05
C LEU M 30 42.55 35.96 -53.57
N TYR M 31 43.58 36.67 -54.01
CA TYR M 31 44.08 36.63 -55.37
C TYR M 31 45.55 36.27 -55.39
N ALA M 32 46.00 35.58 -56.42
CA ALA M 32 47.40 35.51 -56.78
C ALA M 32 47.84 36.80 -57.48
N VAL M 33 49.05 37.25 -57.20
CA VAL M 33 49.54 38.56 -57.64
C VAL M 33 50.96 38.48 -58.15
N GLY M 34 51.34 39.45 -58.96
CA GLY M 34 52.66 39.59 -59.57
C GLY M 34 53.06 41.05 -59.63
N ILE M 35 54.24 41.33 -60.18
CA ILE M 35 54.80 42.68 -60.24
C ILE M 35 54.88 43.16 -61.68
N ASN M 36 54.33 44.33 -61.99
CA ASN M 36 54.45 44.94 -63.31
C ASN M 36 55.85 45.57 -63.53
N ASN M 37 56.15 45.98 -64.75
CA ASN M 37 57.43 46.58 -65.14
C ASN M 37 57.80 47.88 -64.38
N VAL M 38 56.87 48.49 -63.66
CA VAL M 38 57.11 49.66 -62.81
C VAL M 38 57.57 49.26 -61.40
N GLY M 39 57.31 48.03 -60.98
CA GLY M 39 57.60 47.56 -59.62
C GLY M 39 56.40 47.61 -58.67
N ALA M 40 55.17 47.51 -59.18
CA ALA M 40 53.94 47.55 -58.41
C ALA M 40 53.06 46.30 -58.60
N VAL M 41 52.27 45.97 -57.58
CA VAL M 41 51.47 44.74 -57.50
C VAL M 41 50.25 44.76 -58.40
N VAL M 42 50.08 43.73 -59.22
CA VAL M 42 48.94 43.50 -60.11
C VAL M 42 48.37 42.10 -59.87
N LYS M 43 47.08 41.88 -60.16
CA LYS M 43 46.49 40.52 -60.12
C LYS M 43 47.05 39.65 -61.24
N GLY M 44 47.23 38.36 -60.97
CA GLY M 44 47.83 37.42 -61.91
C GLY M 44 49.34 37.54 -61.99
N ALA M 45 49.96 36.98 -63.03
CA ALA M 45 51.37 37.17 -63.30
C ALA M 45 51.63 38.58 -63.87
N GLY M 46 52.62 39.30 -63.32
CA GLY M 46 53.14 40.51 -63.93
C GLY M 46 54.23 40.20 -64.95
N GLN M 47 55.30 41.00 -65.00
CA GLN M 47 56.56 40.54 -65.62
C GLN M 47 57.24 39.46 -64.77
N SER M 48 57.05 39.50 -63.45
CA SER M 48 57.72 38.62 -62.49
C SER M 48 57.27 37.16 -62.53
N GLY M 49 56.23 36.81 -63.29
CA GLY M 49 55.40 35.63 -63.00
C GLY M 49 54.52 35.88 -61.77
N VAL M 50 53.84 34.85 -61.26
CA VAL M 50 53.12 34.95 -59.97
C VAL M 50 54.14 35.07 -58.84
N ALA M 51 54.11 36.17 -58.12
CA ALA M 51 55.03 36.47 -57.05
C ALA M 51 54.57 35.93 -55.69
N GLY M 52 53.27 35.91 -55.43
CA GLY M 52 52.68 35.55 -54.15
C GLY M 52 51.15 35.60 -54.19
N VAL M 53 50.50 35.69 -53.02
CA VAL M 53 49.06 35.92 -52.89
C VAL M 53 48.77 37.11 -52.00
N LEU M 54 47.62 37.74 -52.18
CA LEU M 54 47.18 38.92 -51.43
C LEU M 54 45.73 38.83 -50.99
N VAL M 55 45.44 39.32 -49.80
CA VAL M 55 44.10 39.57 -49.24
C VAL M 55 44.09 40.96 -48.66
N LEU M 56 43.05 41.75 -48.90
CA LEU M 56 42.82 43.02 -48.20
C LEU M 56 41.53 42.93 -47.39
N THR M 57 41.51 43.37 -46.14
CA THR M 57 40.30 43.35 -45.29
C THR M 57 39.34 44.50 -45.57
N LYS M 58 39.81 45.53 -46.28
CA LYS M 58 39.10 46.72 -46.74
C LYS M 58 39.72 47.18 -48.06
N GLY M 59 38.99 47.86 -48.94
CA GLY M 59 39.56 48.37 -50.20
C GLY M 59 40.71 49.35 -50.00
N ALA M 60 41.61 49.46 -50.96
CA ALA M 60 42.84 50.25 -50.84
C ALA M 60 43.20 50.95 -52.16
N LYS M 61 43.81 52.13 -52.07
CA LYS M 61 44.17 52.96 -53.23
C LYS M 61 45.47 52.52 -53.89
N ALA M 62 45.63 52.78 -55.18
CA ALA M 62 46.91 52.65 -55.86
C ALA M 62 48.02 53.43 -55.13
N GLY M 63 49.23 52.91 -55.13
CA GLY M 63 50.38 53.48 -54.44
C GLY M 63 50.40 53.27 -52.92
N SER M 64 49.35 52.72 -52.32
CA SER M 64 49.42 52.22 -50.94
C SER M 64 50.22 50.92 -50.88
N ILE M 65 50.78 50.61 -49.71
CA ILE M 65 51.69 49.47 -49.54
C ILE M 65 50.93 48.26 -49.00
N VAL M 66 51.17 47.09 -49.60
CA VAL M 66 50.51 45.83 -49.26
C VAL M 66 51.54 44.74 -48.93
N ASP M 67 51.20 43.87 -47.97
CA ASP M 67 52.00 42.72 -47.57
C ASP M 67 51.63 41.49 -48.43
N VAL M 68 52.40 41.20 -49.47
CA VAL M 68 52.22 39.99 -50.29
C VAL M 68 52.74 38.78 -49.54
N MET M 69 52.00 37.67 -49.50
CA MET M 69 52.40 36.44 -48.83
C MET M 69 52.98 35.43 -49.83
N LYS M 70 54.12 34.83 -49.52
CA LYS M 70 54.71 33.69 -50.27
C LYS M 70 54.62 32.38 -49.49
N PHE M 71 54.85 32.44 -48.19
CA PHE M 71 54.80 31.32 -47.27
C PHE M 71 54.03 31.72 -46.01
N GLY M 72 53.09 30.91 -45.55
CA GLY M 72 52.25 31.25 -44.40
C GLY M 72 50.94 30.49 -44.37
N GLU M 73 49.98 30.94 -43.57
CA GLU M 73 48.64 30.35 -43.52
C GLU M 73 47.54 31.39 -43.67
N VAL M 74 46.52 31.03 -44.44
CA VAL M 74 45.31 31.80 -44.69
C VAL M 74 44.12 31.03 -44.15
N VAL M 75 43.33 31.63 -43.26
CA VAL M 75 42.11 31.03 -42.70
C VAL M 75 40.85 31.65 -43.31
N GLU M 76 39.68 31.11 -43.00
CA GLU M 76 38.40 31.47 -43.65
C GLU M 76 38.46 31.36 -45.17
N PHE M 77 39.24 30.42 -45.69
CA PHE M 77 39.59 30.31 -47.09
C PHE M 77 38.51 29.63 -47.95
N GLY M 78 38.26 30.16 -49.13
CA GLY M 78 37.61 29.48 -50.25
C GLY M 78 38.04 30.07 -51.59
N PRO M 79 37.65 29.47 -52.73
CA PRO M 79 38.04 29.94 -54.06
C PRO M 79 37.68 31.41 -54.30
N THR M 80 38.41 32.09 -55.19
CA THR M 80 38.23 33.54 -55.43
C THR M 80 36.82 33.89 -55.92
N SER M 81 36.17 33.00 -56.66
CA SER M 81 34.82 33.19 -57.19
C SER M 81 33.69 33.03 -56.16
N GLY M 82 33.95 32.41 -55.00
CA GLY M 82 32.96 32.24 -53.94
C GLY M 82 32.72 33.53 -53.14
N THR M 83 31.64 33.56 -52.36
CA THR M 83 31.38 34.63 -51.39
C THR M 83 32.25 34.46 -50.14
N PRO M 84 33.07 35.45 -49.76
CA PRO M 84 33.89 35.39 -48.56
C PRO M 84 33.08 35.15 -47.28
N GLY M 85 33.55 34.26 -46.40
CA GLY M 85 32.92 34.00 -45.11
C GLY M 85 31.68 33.09 -45.18
N THR M 86 31.27 32.63 -46.36
CA THR M 86 30.23 31.61 -46.52
C THR M 86 30.68 30.42 -47.36
N ASP M 87 31.57 30.64 -48.32
CA ASP M 87 32.00 29.64 -49.28
C ASP M 87 33.47 29.30 -49.02
N PHE M 88 33.80 28.01 -48.93
CA PHE M 88 35.09 27.54 -48.41
C PHE M 88 35.70 26.43 -49.26
N GLY M 89 36.99 26.18 -49.11
CA GLY M 89 37.72 25.16 -49.86
C GLY M 89 37.35 23.73 -49.48
N ALA M 90 37.68 22.77 -50.34
CA ALA M 90 37.62 21.36 -49.98
C ALA M 90 38.80 21.01 -49.08
N ALA M 91 38.64 20.10 -48.12
CA ALA M 91 39.75 19.67 -47.28
C ALA M 91 40.77 18.86 -48.07
N GLY M 92 42.06 19.06 -47.81
CA GLY M 92 43.14 18.21 -48.30
C GLY M 92 43.54 18.41 -49.74
N THR M 93 43.20 19.51 -50.41
CA THR M 93 43.37 19.64 -51.86
C THR M 93 44.29 20.78 -52.25
N ALA M 94 44.98 20.62 -53.38
CA ALA M 94 45.87 21.63 -53.94
C ALA M 94 45.07 22.79 -54.55
N TYR M 95 45.63 24.00 -54.53
CA TYR M 95 45.00 25.20 -55.08
C TYR M 95 45.92 25.91 -56.06
N TYR M 96 45.35 26.38 -57.17
CA TYR M 96 46.09 26.87 -58.32
C TYR M 96 45.57 28.23 -58.78
N ALA M 97 46.49 29.14 -59.07
CA ALA M 97 46.22 30.45 -59.63
C ALA M 97 46.13 30.38 -61.16
N ASP M 98 45.07 30.95 -61.72
CA ASP M 98 45.05 31.39 -63.11
C ASP M 98 45.96 32.61 -63.26
N THR M 99 47.04 32.48 -64.03
CA THR M 99 48.02 33.55 -64.22
C THR M 99 47.47 34.78 -64.93
N SER M 100 46.37 34.68 -65.68
CA SER M 100 45.77 35.81 -66.39
C SER M 100 44.92 36.69 -65.48
N THR M 101 44.09 36.10 -64.62
CA THR M 101 43.16 36.82 -63.74
C THR M 101 43.61 36.93 -62.30
N GLY M 102 44.51 36.06 -61.85
CA GLY M 102 44.87 35.90 -60.44
C GLY M 102 43.86 35.10 -59.62
N ALA M 103 42.82 34.52 -60.23
CA ALA M 103 41.81 33.74 -59.53
C ALA M 103 42.34 32.37 -59.10
N ILE M 104 42.04 31.97 -57.87
CA ILE M 104 42.50 30.73 -57.23
C ILE M 104 41.33 29.75 -57.11
N ASN M 105 41.51 28.53 -57.61
CA ASN M 105 40.57 27.42 -57.43
C ASN M 105 41.31 26.07 -57.47
N SER M 106 40.63 24.96 -57.16
CA SER M 106 41.26 23.64 -57.06
C SER M 106 41.55 22.95 -58.40
N THR M 107 41.09 23.49 -59.52
CA THR M 107 41.31 22.88 -60.84
C THR M 107 42.74 23.09 -61.31
N SER M 108 43.53 22.02 -61.39
CA SER M 108 44.88 22.05 -61.94
C SER M 108 44.88 22.35 -63.44
N GLY M 109 45.95 22.90 -63.98
CA GLY M 109 46.12 23.16 -65.40
C GLY M 109 47.57 23.52 -65.72
N GLU M 110 48.06 23.17 -66.91
CA GLU M 110 49.48 23.22 -67.23
C GLU M 110 50.08 24.62 -67.11
N ALA M 111 49.33 25.64 -67.50
CA ALA M 111 49.73 27.04 -67.41
C ALA M 111 49.41 27.72 -66.07
N LYS M 112 48.81 27.02 -65.10
CA LYS M 112 48.46 27.57 -63.78
C LYS M 112 49.62 27.45 -62.80
N VAL M 113 49.63 28.24 -61.74
CA VAL M 113 50.69 28.21 -60.71
C VAL M 113 50.12 27.71 -59.39
N LYS M 114 50.69 26.68 -58.78
CA LYS M 114 50.25 26.22 -57.46
C LYS M 114 50.56 27.26 -56.38
N VAL M 115 49.56 27.62 -55.57
CA VAL M 115 49.71 28.58 -54.47
C VAL M 115 49.76 27.92 -53.09
N GLY M 116 49.30 26.68 -52.95
CA GLY M 116 49.21 26.01 -51.66
C GLY M 116 48.32 24.79 -51.68
N HIS M 117 47.91 24.34 -50.50
CA HIS M 117 46.94 23.25 -50.32
C HIS M 117 46.20 23.43 -48.98
N THR M 118 45.06 22.79 -48.80
CA THR M 118 44.20 22.98 -47.62
C THR M 118 44.35 21.90 -46.58
N VAL M 119 44.48 22.29 -45.31
CA VAL M 119 44.45 21.38 -44.14
C VAL M 119 43.10 21.53 -43.43
N GLY M 120 42.09 20.79 -43.89
CA GLY M 120 40.70 21.10 -43.54
C GLY M 120 40.13 22.23 -44.41
N ALA M 121 38.81 22.39 -44.44
CA ALA M 121 38.14 23.19 -45.47
C ALA M 121 38.53 24.68 -45.48
N GLN M 122 38.80 25.26 -44.32
CA GLN M 122 38.95 26.69 -44.14
C GLN M 122 40.38 27.19 -44.01
N ARG M 123 41.39 26.32 -43.87
CA ARG M 123 42.80 26.72 -43.73
C ARG M 123 43.61 26.31 -44.94
N LEU M 124 44.19 27.28 -45.61
CA LEU M 124 45.12 27.12 -46.73
C LEU M 124 46.55 27.33 -46.24
N ILE M 125 47.42 26.39 -46.52
CA ILE M 125 48.86 26.52 -46.32
C ILE M 125 49.41 27.14 -47.59
N VAL M 126 49.76 28.42 -47.55
CA VAL M 126 50.31 29.13 -48.70
C VAL M 126 51.78 28.79 -48.80
N ALA M 127 52.20 28.37 -49.99
CA ALA M 127 53.59 28.09 -50.33
C ALA M 127 53.73 28.13 -51.84
N VAL M 128 53.91 29.33 -52.39
CA VAL M 128 53.75 29.58 -53.83
C VAL M 128 54.89 28.96 -54.64
N ALA M 129 54.55 28.25 -55.71
CA ALA M 129 55.51 27.61 -56.60
C ALA M 129 56.41 28.62 -57.33
N ASP M 130 57.55 28.17 -57.86
CA ASP M 130 58.45 29.03 -58.63
C ASP M 130 57.90 29.40 -60.02
N GLY M 131 57.08 28.54 -60.61
CA GLY M 131 56.59 28.65 -61.99
C GLY M 131 55.38 27.76 -62.25
N VAL M 132 54.91 27.72 -63.49
CA VAL M 132 53.69 27.00 -63.86
C VAL M 132 53.80 25.48 -63.64
N VAL M 133 52.67 24.81 -63.50
CA VAL M 133 52.58 23.37 -63.25
C VAL M 133 53.29 22.55 -64.32
N ASP M 134 53.23 22.94 -65.58
CA ASP M 134 53.88 22.19 -66.66
C ASP M 134 54.26 23.11 -67.85
N PRO M 135 55.52 23.57 -67.94
CA PRO M 135 56.00 24.40 -69.04
C PRO M 135 56.29 23.63 -70.34
N SER M 136 56.05 22.31 -70.43
CA SER M 136 56.31 21.48 -71.61
C SER M 136 55.26 20.37 -71.80
N PRO M 137 53.98 20.71 -72.04
CA PRO M 137 52.92 19.71 -72.22
C PRO M 137 53.23 18.71 -73.33
N ALA M 138 52.83 17.45 -73.14
CA ALA M 138 53.08 16.37 -74.10
C ALA M 138 52.34 16.56 -75.42
N ALA N 2 75.31 43.94 -54.26
CA ALA N 2 74.25 43.23 -53.51
C ALA N 2 74.59 43.14 -52.03
N ARG N 3 73.59 43.12 -51.15
CA ARG N 3 73.70 42.92 -49.69
C ARG N 3 72.48 42.13 -49.22
N TYR N 4 72.58 41.36 -48.14
CA TYR N 4 71.39 40.82 -47.47
C TYR N 4 70.68 41.93 -46.69
N ASP N 5 69.36 41.99 -46.73
CA ASP N 5 68.54 42.94 -45.96
C ASP N 5 67.54 42.27 -45.02
N LYS N 6 66.86 41.22 -45.49
CA LYS N 6 66.06 40.32 -44.64
C LYS N 6 66.66 38.93 -44.72
N TYR N 7 67.07 38.36 -43.60
CA TYR N 7 67.59 37.00 -43.51
C TYR N 7 67.01 36.32 -42.28
N ASN N 8 66.63 35.05 -42.41
CA ASN N 8 66.00 34.27 -41.36
C ASN N 8 66.79 32.97 -41.13
N PRO N 9 67.55 32.85 -40.02
CA PRO N 9 68.38 31.68 -39.76
C PRO N 9 67.61 30.37 -39.65
N TYR N 10 66.38 30.41 -39.14
CA TYR N 10 65.52 29.25 -38.97
C TYR N 10 64.78 28.90 -40.27
N GLY N 11 65.46 28.25 -41.20
CA GLY N 11 64.86 27.71 -42.42
C GLY N 11 64.84 28.65 -43.64
N GLY N 12 65.16 29.93 -43.46
CA GLY N 12 65.36 30.87 -44.58
C GLY N 12 66.75 30.78 -45.22
N GLY N 13 67.72 30.27 -44.49
CA GLY N 13 69.09 30.03 -44.95
C GLY N 13 69.81 29.04 -44.04
N PHE N 14 71.06 28.71 -44.35
CA PHE N 14 71.82 27.71 -43.60
C PHE N 14 73.31 28.03 -43.56
N ARG N 15 73.99 27.64 -42.47
CA ARG N 15 75.46 27.61 -42.39
C ARG N 15 76.02 26.50 -43.24
N ALA N 16 77.08 26.75 -43.99
CA ALA N 16 77.88 25.73 -44.65
C ALA N 16 79.34 26.16 -44.77
N PRO N 17 80.31 25.24 -44.82
CA PRO N 17 81.71 25.56 -45.04
C PRO N 17 81.97 25.91 -46.50
N LEU N 18 82.80 26.91 -46.74
CA LEU N 18 83.19 27.36 -48.08
C LEU N 18 84.21 26.41 -48.71
N ALA N 19 84.03 25.97 -49.95
CA ALA N 19 84.87 24.91 -50.54
C ALA N 19 86.24 25.38 -51.08
N ALA N 20 86.38 26.67 -51.35
CA ALA N 20 87.56 27.30 -51.92
C ALA N 20 87.60 28.77 -51.48
N ASP N 21 88.75 29.44 -51.58
CA ASP N 21 88.80 30.87 -51.27
C ASP N 21 87.92 31.68 -52.24
N TRP N 22 87.19 32.66 -51.74
CA TRP N 22 86.54 33.71 -52.53
C TRP N 22 87.31 35.01 -52.36
N THR N 23 87.72 35.62 -53.45
CA THR N 23 88.56 36.82 -53.45
C THR N 23 87.74 38.10 -53.30
N ASP N 24 88.40 39.22 -52.96
CA ASP N 24 87.74 40.53 -52.91
C ASP N 24 87.18 40.99 -54.27
N ALA N 25 87.61 40.41 -55.38
CA ALA N 25 86.98 40.65 -56.68
C ALA N 25 85.51 40.17 -56.74
N ASP N 26 85.14 39.17 -55.93
CA ASP N 26 83.75 38.73 -55.77
C ASP N 26 82.98 39.48 -54.69
N ALA N 27 83.63 40.33 -53.89
CA ALA N 27 82.95 41.00 -52.79
C ALA N 27 81.81 41.88 -53.30
N GLY N 28 80.62 41.71 -52.72
CA GLY N 28 79.40 42.39 -53.12
C GLY N 28 78.72 41.84 -54.38
N LYS N 29 79.26 40.83 -55.08
CA LYS N 29 78.51 40.12 -56.13
C LYS N 29 77.60 39.06 -55.51
N LEU N 30 76.51 38.74 -56.19
CA LEU N 30 75.59 37.65 -55.82
C LEU N 30 75.82 36.47 -56.76
N TYR N 31 76.03 35.28 -56.21
CA TYR N 31 76.14 34.04 -56.98
C TYR N 31 75.12 33.03 -56.48
N ALA N 32 74.60 32.20 -57.37
CA ALA N 32 73.95 30.96 -56.98
C ALA N 32 74.99 29.92 -56.61
N VAL N 33 74.71 29.10 -55.60
CA VAL N 33 75.67 28.16 -55.03
C VAL N 33 75.03 26.81 -54.77
N GLY N 34 75.84 25.77 -54.70
CA GLY N 34 75.46 24.42 -54.39
C GLY N 34 76.47 23.75 -53.48
N ILE N 35 76.24 22.50 -53.12
CA ILE N 35 77.11 21.74 -52.22
C ILE N 35 77.84 20.68 -53.03
N ASN N 36 79.17 20.60 -52.90
CA ASN N 36 79.96 19.54 -53.52
C ASN N 36 79.86 18.22 -52.74
N ASN N 37 80.37 17.13 -53.29
CA ASN N 37 80.32 15.81 -52.65
C ASN N 37 81.07 15.68 -51.32
N VAL N 38 81.87 16.68 -50.93
CA VAL N 38 82.54 16.77 -49.63
C VAL N 38 81.69 17.51 -48.58
N GLY N 39 80.64 18.21 -48.99
CA GLY N 39 79.74 18.93 -48.09
C GLY N 39 80.06 20.41 -47.92
N ALA N 40 80.66 21.05 -48.92
CA ALA N 40 81.08 22.46 -48.89
C ALA N 40 80.54 23.26 -50.09
N VAL N 41 80.38 24.57 -49.92
CA VAL N 41 79.75 25.49 -50.87
C VAL N 41 80.63 25.75 -52.10
N VAL N 42 80.09 25.49 -53.28
CA VAL N 42 80.69 25.79 -54.59
C VAL N 42 79.76 26.69 -55.42
N LYS N 43 80.29 27.49 -56.34
CA LYS N 43 79.46 28.29 -57.26
C LYS N 43 78.71 27.40 -58.25
N GLY N 44 77.51 27.83 -58.67
CA GLY N 44 76.66 27.05 -59.56
C GLY N 44 75.99 25.87 -58.85
N ALA N 45 75.48 24.92 -59.62
CA ALA N 45 75.03 23.66 -59.07
C ALA N 45 76.23 22.84 -58.61
N GLY N 46 76.18 22.32 -57.39
CA GLY N 46 77.17 21.36 -56.90
C GLY N 46 76.83 19.93 -57.35
N GLN N 47 77.04 18.97 -56.48
CA GLN N 47 76.35 17.68 -56.57
C GLN N 47 74.85 17.81 -56.18
N SER N 48 74.52 18.75 -55.29
CA SER N 48 73.19 18.94 -54.73
C SER N 48 72.14 19.57 -55.66
N GLY N 49 72.51 19.97 -56.88
CA GLY N 49 71.81 21.04 -57.59
C GLY N 49 72.10 22.41 -56.98
N VAL N 50 71.41 23.47 -57.43
CA VAL N 50 71.53 24.79 -56.79
C VAL N 50 70.85 24.76 -55.43
N ALA N 51 71.59 25.08 -54.37
CA ALA N 51 71.12 25.05 -52.99
C ALA N 51 70.56 26.38 -52.51
N GLY N 52 71.02 27.51 -53.03
CA GLY N 52 70.67 28.85 -52.55
C GLY N 52 71.48 29.92 -53.27
N VAL N 53 71.56 31.13 -52.72
CA VAL N 53 72.42 32.22 -53.22
C VAL N 53 73.33 32.74 -52.11
N LEU N 54 74.49 33.29 -52.47
CA LEU N 54 75.48 33.78 -51.54
C LEU N 54 76.04 35.15 -51.95
N VAL N 55 76.19 36.03 -50.97
CA VAL N 55 76.92 37.29 -51.06
C VAL N 55 77.95 37.34 -49.94
N LEU N 56 79.20 37.66 -50.26
CA LEU N 56 80.21 38.00 -49.26
C LEU N 56 80.56 39.49 -49.38
N THR N 57 80.60 40.22 -48.27
CA THR N 57 80.96 41.65 -48.25
C THR N 57 82.47 41.91 -48.32
N LYS N 58 83.27 40.87 -48.09
CA LYS N 58 84.74 40.84 -48.12
C LYS N 58 85.17 39.40 -48.47
N GLY N 59 86.32 39.18 -49.08
CA GLY N 59 86.79 37.83 -49.42
C GLY N 59 86.96 36.92 -48.21
N ALA N 60 86.88 35.60 -48.41
CA ALA N 60 86.88 34.60 -47.34
C ALA N 60 87.59 33.31 -47.74
N LYS N 61 88.22 32.66 -46.76
CA LYS N 61 89.05 31.45 -46.95
C LYS N 61 88.23 30.17 -47.04
N ALA N 62 88.74 29.17 -47.75
CA ALA N 62 88.19 27.83 -47.72
C ALA N 62 88.07 27.30 -46.28
N GLY N 63 87.03 26.53 -45.98
CA GLY N 63 86.74 26.02 -44.66
C GLY N 63 86.17 27.04 -43.66
N SER N 64 86.10 28.33 -43.99
CA SER N 64 85.31 29.29 -43.21
C SER N 64 83.82 29.12 -43.49
N ILE N 65 82.96 29.58 -42.59
CA ILE N 65 81.53 29.30 -42.65
C ILE N 65 80.78 30.48 -43.28
N VAL N 66 79.89 30.18 -44.22
CA VAL N 66 79.08 31.16 -44.93
C VAL N 66 77.59 30.90 -44.71
N ASP N 67 76.82 31.97 -44.66
CA ASP N 67 75.36 31.95 -44.56
C ASP N 67 74.73 31.95 -45.96
N VAL N 68 74.32 30.79 -46.47
CA VAL N 68 73.64 30.67 -47.75
C VAL N 68 72.17 31.02 -47.59
N MET N 69 71.62 31.88 -48.44
CA MET N 69 70.22 32.28 -48.37
C MET N 69 69.36 31.46 -49.34
N LYS N 70 68.24 30.93 -48.87
CA LYS N 70 67.19 30.31 -49.70
C LYS N 70 65.96 31.19 -49.86
N PHE N 71 65.57 31.91 -48.82
CA PHE N 71 64.39 32.79 -48.79
C PHE N 71 64.73 34.09 -48.05
N GLY N 72 64.49 35.25 -48.66
CA GLY N 72 64.84 36.53 -48.04
C GLY N 72 64.86 37.70 -49.02
N GLU N 73 65.33 38.86 -48.58
CA GLU N 73 65.48 40.04 -49.43
C GLU N 73 66.94 40.44 -49.58
N VAL N 74 67.37 40.60 -50.82
CA VAL N 74 68.70 41.08 -51.20
C VAL N 74 68.54 42.47 -51.81
N VAL N 75 69.23 43.47 -51.28
CA VAL N 75 69.18 44.86 -51.75
C VAL N 75 70.44 45.25 -52.48
N GLU N 76 70.45 46.42 -53.12
CA GLU N 76 71.53 46.89 -53.98
C GLU N 76 71.82 45.86 -55.08
N PHE N 77 70.79 45.19 -55.57
CA PHE N 77 70.89 44.06 -56.49
C PHE N 77 71.10 44.49 -57.94
N GLY N 78 71.97 43.77 -58.64
CA GLY N 78 71.99 43.67 -60.09
C GLY N 78 72.61 42.34 -60.53
N PRO N 79 72.58 42.01 -61.83
CA PRO N 79 73.15 40.77 -62.36
C PRO N 79 74.60 40.54 -61.94
N THR N 80 75.02 39.28 -61.85
CA THR N 80 76.37 38.92 -61.35
C THR N 80 77.48 39.52 -62.20
N SER N 81 77.27 39.69 -63.50
CA SER N 81 78.23 40.27 -64.44
C SER N 81 78.40 41.78 -64.30
N GLY N 82 77.45 42.50 -63.70
CA GLY N 82 77.54 43.94 -63.49
C GLY N 82 78.52 44.33 -62.39
N THR N 83 78.92 45.60 -62.36
CA THR N 83 79.69 46.17 -61.25
C THR N 83 78.78 46.40 -60.03
N PRO N 84 79.09 45.83 -58.86
CA PRO N 84 78.32 46.07 -57.64
C PRO N 84 78.21 47.56 -57.30
N GLY N 85 77.01 48.01 -56.93
CA GLY N 85 76.77 49.39 -56.52
C GLY N 85 76.67 50.42 -57.66
N THR N 86 76.87 50.03 -58.92
CA THR N 86 76.53 50.87 -60.08
C THR N 86 75.49 50.23 -60.98
N ASP N 87 75.50 48.91 -61.12
CA ASP N 87 74.67 48.21 -62.08
C ASP N 87 73.55 47.46 -61.35
N PHE N 88 72.30 47.67 -61.75
CA PHE N 88 71.13 47.24 -60.99
C PHE N 88 70.12 46.46 -61.84
N GLY N 89 69.29 45.65 -61.19
CA GLY N 89 68.27 44.85 -61.86
C GLY N 89 67.13 45.68 -62.45
N ALA N 90 66.40 45.12 -63.40
CA ALA N 90 65.15 45.72 -63.88
C ALA N 90 64.06 45.52 -62.82
N ALA N 91 63.15 46.48 -62.66
CA ALA N 91 62.04 46.32 -61.72
C ALA N 91 61.04 45.26 -62.21
N GLY N 92 60.49 44.48 -61.29
CA GLY N 92 59.35 43.62 -61.56
C GLY N 92 59.64 42.36 -62.35
N THR N 93 60.87 41.85 -62.43
CA THR N 93 61.21 40.73 -63.31
C THR N 93 61.84 39.55 -62.60
N ALA N 94 61.68 38.34 -63.13
CA ALA N 94 62.27 37.12 -62.60
C ALA N 94 63.76 37.02 -62.93
N TYR N 95 64.53 36.38 -62.06
CA TYR N 95 65.98 36.19 -62.20
C TYR N 95 66.36 34.71 -62.11
N TYR N 96 67.33 34.30 -62.92
CA TYR N 96 67.69 32.90 -63.12
C TYR N 96 69.19 32.70 -62.98
N ALA N 97 69.59 31.64 -62.30
CA ALA N 97 70.95 31.19 -62.15
C ALA N 97 71.34 30.24 -63.27
N ASP N 98 72.46 30.52 -63.94
CA ASP N 98 73.20 29.55 -64.72
C ASP N 98 73.81 28.51 -63.78
N THR N 99 73.38 27.26 -63.87
CA THR N 99 73.89 26.17 -63.03
C THR N 99 75.38 25.90 -63.23
N SER N 100 75.97 26.25 -64.37
CA SER N 100 77.38 25.97 -64.63
C SER N 100 78.29 26.98 -63.94
N THR N 101 78.07 28.29 -64.12
CA THR N 101 78.92 29.34 -63.53
C THR N 101 78.43 29.86 -62.18
N GLY N 102 77.14 29.74 -61.87
CA GLY N 102 76.51 30.39 -60.73
C GLY N 102 76.17 31.87 -60.94
N ALA N 103 76.32 32.40 -62.15
CA ALA N 103 75.91 33.75 -62.49
C ALA N 103 74.38 33.87 -62.60
N ILE N 104 73.84 35.00 -62.14
CA ILE N 104 72.41 35.31 -62.10
C ILE N 104 72.11 36.47 -63.06
N ASN N 105 71.13 36.31 -63.94
CA ASN N 105 70.63 37.37 -64.83
C ASN N 105 69.16 37.14 -65.19
N SER N 106 68.52 38.11 -65.83
CA SER N 106 67.07 38.07 -66.13
C SER N 106 66.70 37.15 -67.28
N THR N 107 67.66 36.61 -68.02
CA THR N 107 67.39 35.73 -69.16
C THR N 107 66.99 34.34 -68.68
N SER N 108 65.74 33.94 -68.89
CA SER N 108 65.26 32.59 -68.63
C SER N 108 65.89 31.58 -69.59
N GLY N 109 65.95 30.31 -69.19
CA GLY N 109 66.42 29.21 -70.02
C GLY N 109 66.12 27.87 -69.37
N GLU N 110 65.89 26.83 -70.16
CA GLU N 110 65.35 25.55 -69.70
C GLU N 110 66.16 24.89 -68.58
N ALA N 111 67.49 24.90 -68.71
CA ALA N 111 68.41 24.30 -67.74
C ALA N 111 68.83 25.24 -66.59
N LYS N 112 68.28 26.46 -66.51
CA LYS N 112 68.59 27.43 -65.46
C LYS N 112 67.65 27.24 -64.27
N VAL N 113 68.02 27.75 -63.10
CA VAL N 113 67.20 27.69 -61.88
C VAL N 113 66.70 29.08 -61.53
N LYS N 114 65.41 29.30 -61.33
CA LYS N 114 64.90 30.61 -60.86
C LYS N 114 65.32 30.88 -59.43
N VAL N 115 65.94 32.02 -59.16
CA VAL N 115 66.37 32.41 -57.80
C VAL N 115 65.39 33.35 -57.11
N GLY N 116 64.57 34.08 -57.85
CA GLY N 116 63.69 35.08 -57.28
C GLY N 116 63.16 36.06 -58.32
N HIS N 117 62.64 37.18 -57.86
CA HIS N 117 62.16 38.27 -58.70
C HIS N 117 62.37 39.62 -58.02
N THR N 118 62.40 40.70 -58.77
CA THR N 118 62.64 42.04 -58.24
C THR N 118 61.36 42.82 -57.94
N VAL N 119 61.40 43.67 -56.92
CA VAL N 119 60.32 44.57 -56.51
C VAL N 119 60.86 46.00 -56.43
N GLY N 120 60.77 46.74 -57.53
CA GLY N 120 61.67 47.87 -57.76
C GLY N 120 63.05 47.41 -58.24
N ALA N 121 63.86 48.30 -58.78
CA ALA N 121 65.08 47.90 -59.48
C ALA N 121 66.12 47.21 -58.57
N GLN N 122 66.31 47.74 -57.36
CA GLN N 122 67.43 47.38 -56.50
C GLN N 122 67.12 46.27 -55.48
N ARG N 123 65.88 45.81 -55.35
CA ARG N 123 65.48 44.78 -54.36
C ARG N 123 65.06 43.50 -55.03
N LEU N 124 65.74 42.41 -54.71
CA LEU N 124 65.43 41.05 -55.15
C LEU N 124 64.82 40.28 -54.00
N ILE N 125 63.65 39.72 -54.20
CA ILE N 125 63.01 38.76 -53.30
C ILE N 125 63.54 37.39 -53.67
N VAL N 126 64.51 36.90 -52.91
CA VAL N 126 65.07 35.57 -53.11
C VAL N 126 64.08 34.52 -52.63
N ALA N 127 63.78 33.54 -53.48
CA ALA N 127 63.05 32.35 -53.11
C ALA N 127 63.42 31.23 -54.10
N VAL N 128 64.52 30.55 -53.83
CA VAL N 128 65.18 29.69 -54.82
C VAL N 128 64.33 28.48 -55.16
N ALA N 129 64.13 28.21 -56.45
CA ALA N 129 63.34 27.09 -56.93
C ALA N 129 63.95 25.72 -56.54
N ASP N 130 63.12 24.68 -56.51
CA ASP N 130 63.54 23.30 -56.23
C ASP N 130 64.40 22.68 -57.34
N GLY N 131 64.25 23.13 -58.58
CA GLY N 131 64.88 22.54 -59.75
C GLY N 131 64.82 23.46 -60.96
N VAL N 132 65.33 22.98 -62.10
CA VAL N 132 65.46 23.78 -63.33
C VAL N 132 64.10 24.21 -63.90
N VAL N 133 64.10 25.29 -64.69
CA VAL N 133 62.90 25.86 -65.32
C VAL N 133 62.15 24.84 -66.17
N ASP N 134 62.83 23.98 -66.93
CA ASP N 134 62.21 22.98 -67.78
C ASP N 134 63.09 21.73 -67.93
N PRO N 135 62.86 20.66 -67.13
CA PRO N 135 63.60 19.41 -67.23
C PRO N 135 63.14 18.50 -68.40
N SER N 136 62.19 18.92 -69.22
CA SER N 136 61.62 18.13 -70.33
C SER N 136 61.27 18.96 -71.57
N PRO N 137 62.24 19.67 -72.19
CA PRO N 137 61.96 20.49 -73.38
C PRO N 137 61.39 19.67 -74.54
N ALA N 138 60.53 20.29 -75.35
CA ALA N 138 59.86 19.64 -76.47
C ALA N 138 60.84 19.19 -77.57
N ALA O 2 66.60 10.48 -37.54
CA ALA O 2 66.40 11.91 -37.90
C ALA O 2 65.72 12.68 -36.77
N ARG O 3 66.01 13.97 -36.61
CA ARG O 3 65.37 14.89 -35.64
C ARG O 3 65.18 16.26 -36.27
N TYR O 4 64.13 16.99 -35.91
CA TYR O 4 64.04 18.41 -36.26
C TYR O 4 65.10 19.19 -35.51
N ASP O 5 65.81 20.12 -36.16
CA ASP O 5 66.82 20.96 -35.51
C ASP O 5 66.49 22.44 -35.60
N LYS O 6 66.11 22.93 -36.78
CA LYS O 6 65.52 24.26 -36.98
C LYS O 6 64.11 24.07 -37.50
N TYR O 7 63.12 24.56 -36.78
CA TYR O 7 61.72 24.56 -37.19
C TYR O 7 61.16 25.96 -36.98
N ASN O 8 60.45 26.49 -37.98
CA ASN O 8 59.85 27.81 -37.92
C ASN O 8 58.32 27.67 -37.91
N PRO O 9 57.62 27.96 -36.80
CA PRO O 9 56.18 27.76 -36.69
C PRO O 9 55.34 28.60 -37.65
N TYR O 10 55.85 29.71 -38.18
CA TYR O 10 55.12 30.64 -39.03
C TYR O 10 55.45 30.42 -40.49
N GLY O 11 54.76 29.48 -41.13
CA GLY O 11 54.92 29.19 -42.55
C GLY O 11 56.09 28.29 -42.91
N GLY O 12 57.00 28.00 -42.00
CA GLY O 12 58.01 26.94 -42.15
C GLY O 12 57.44 25.53 -41.95
N GLY O 13 56.40 25.39 -41.15
CA GLY O 13 55.65 24.15 -40.95
C GLY O 13 54.26 24.43 -40.40
N PHE O 14 53.44 23.39 -40.24
CA PHE O 14 52.05 23.54 -39.84
C PHE O 14 51.54 22.40 -38.97
N ARG O 15 50.58 22.69 -38.10
CA ARG O 15 49.79 21.69 -37.36
C ARG O 15 48.79 20.99 -38.27
N ALA O 16 48.66 19.68 -38.16
CA ALA O 16 47.57 18.91 -38.73
C ALA O 16 47.28 17.66 -37.87
N PRO O 17 46.06 17.11 -37.88
CA PRO O 17 45.79 15.84 -37.23
C PRO O 17 46.33 14.65 -38.03
N LEU O 18 46.84 13.64 -37.35
CA LEU O 18 47.37 12.41 -37.94
C LEU O 18 46.24 11.46 -38.39
N ALA O 19 46.26 10.91 -39.61
CA ALA O 19 45.12 10.14 -40.14
C ALA O 19 44.95 8.73 -39.57
N ALA O 20 46.03 8.13 -39.07
CA ALA O 20 46.13 6.74 -38.61
C ALA O 20 47.20 6.64 -37.52
N ASP O 21 47.24 5.57 -36.73
CA ASP O 21 48.31 5.39 -35.75
C ASP O 21 49.68 5.25 -36.44
N TRP O 22 50.71 5.92 -35.91
CA TRP O 22 52.11 5.64 -36.25
C TRP O 22 52.75 4.92 -35.08
N THR O 23 53.34 3.76 -35.35
CA THR O 23 53.91 2.88 -34.32
C THR O 23 55.32 3.28 -33.93
N ASP O 24 55.81 2.80 -32.79
CA ASP O 24 57.22 3.00 -32.39
C ASP O 24 58.23 2.41 -33.37
N ALA O 25 57.84 1.49 -34.26
CA ALA O 25 58.70 1.02 -35.35
C ALA O 25 59.11 2.15 -36.32
N ASP O 26 58.27 3.18 -36.48
CA ASP O 26 58.57 4.39 -37.25
C ASP O 26 59.26 5.49 -36.43
N ALA O 27 59.45 5.34 -35.13
CA ALA O 27 60.04 6.39 -34.32
C ALA O 27 61.44 6.76 -34.84
N GLY O 28 61.68 8.05 -35.04
CA GLY O 28 62.93 8.60 -35.55
C GLY O 28 63.17 8.41 -37.05
N LYS O 29 62.27 7.77 -37.80
CA LYS O 29 62.31 7.80 -39.27
C LYS O 29 61.70 9.09 -39.81
N LEU O 30 62.16 9.52 -40.98
CA LEU O 30 61.60 10.65 -41.73
C LEU O 30 60.82 10.11 -42.92
N TYR O 31 59.56 10.53 -43.06
CA TYR O 31 58.72 10.25 -44.22
C TYR O 31 58.24 11.56 -44.84
N ALA O 32 58.07 11.57 -46.14
CA ALA O 32 57.24 12.57 -46.82
C ALA O 32 55.76 12.27 -46.60
N VAL O 33 54.95 13.30 -46.43
CA VAL O 33 53.54 13.19 -46.05
C VAL O 33 52.65 14.14 -46.84
N GLY O 34 51.37 13.84 -46.89
CA GLY O 34 50.33 14.62 -47.55
C GLY O 34 49.05 14.63 -46.74
N ILE O 35 48.01 15.26 -47.26
CA ILE O 35 46.72 15.41 -46.57
C ILE O 35 45.66 14.60 -47.33
N ASN O 36 44.93 13.73 -46.64
CA ASN O 36 43.81 13.01 -47.24
C ASN O 36 42.56 13.90 -47.41
N ASN O 37 41.54 13.42 -48.11
CA ASN O 37 40.30 14.16 -48.37
C ASN O 37 39.50 14.55 -47.11
N VAL O 38 39.88 14.06 -45.93
CA VAL O 38 39.27 14.39 -44.64
C VAL O 38 40.03 15.52 -43.92
N GLY O 39 41.23 15.86 -44.35
CA GLY O 39 42.05 16.90 -43.74
C GLY O 39 43.07 16.40 -42.72
N ALA O 40 43.55 15.16 -42.85
CA ALA O 40 44.49 14.54 -41.93
C ALA O 40 45.71 13.96 -42.64
N VAL O 41 46.83 13.85 -41.91
CA VAL O 41 48.17 13.52 -42.43
C VAL O 41 48.32 12.04 -42.76
N VAL O 42 48.75 11.74 -43.98
CA VAL O 42 49.05 10.39 -44.50
C VAL O 42 50.46 10.33 -45.07
N LYS O 43 51.12 9.17 -45.04
CA LYS O 43 52.40 8.96 -45.71
C LYS O 43 52.26 9.05 -47.24
N GLY O 44 53.26 9.60 -47.91
CA GLY O 44 53.22 9.85 -49.35
C GLY O 44 52.35 11.06 -49.71
N ALA O 45 52.00 11.20 -50.98
CA ALA O 45 51.02 12.16 -51.41
C ALA O 45 49.61 11.76 -50.93
N GLY O 46 48.83 12.73 -50.46
CA GLY O 46 47.40 12.54 -50.23
C GLY O 46 46.58 12.94 -51.45
N GLN O 47 45.51 13.71 -51.24
CA GLN O 47 44.93 14.54 -52.30
C GLN O 47 45.79 15.78 -52.60
N SER O 48 46.52 16.29 -51.60
CA SER O 48 47.28 17.54 -51.65
C SER O 48 48.55 17.49 -52.51
N GLY O 49 48.89 16.35 -53.08
CA GLY O 49 50.30 16.02 -53.39
C GLY O 49 51.09 15.84 -52.10
N VAL O 50 52.42 15.86 -52.17
CA VAL O 50 53.29 15.86 -50.98
C VAL O 50 53.23 17.23 -50.32
N ALA O 51 52.80 17.28 -49.07
CA ALA O 51 52.62 18.53 -48.32
C ALA O 51 53.89 18.96 -47.59
N GLY O 52 54.70 18.03 -47.12
CA GLY O 52 55.89 18.29 -46.31
C GLY O 52 56.58 17.00 -45.90
N VAL O 53 57.38 17.04 -44.84
CA VAL O 53 57.99 15.86 -44.21
C VAL O 53 57.65 15.80 -42.73
N LEU O 54 57.63 14.59 -42.16
CA LEU O 54 57.34 14.37 -40.75
C LEU O 54 58.32 13.38 -40.12
N VAL O 55 58.79 13.72 -38.92
CA VAL O 55 59.47 12.84 -37.97
C VAL O 55 58.65 12.77 -36.70
N LEU O 56 58.39 11.58 -36.16
CA LEU O 56 57.89 11.41 -34.80
C LEU O 56 58.96 10.75 -33.94
N THR O 57 59.27 11.27 -32.76
CA THR O 57 60.28 10.69 -31.87
C THR O 57 59.79 9.47 -31.09
N LYS O 58 58.48 9.23 -31.09
CA LYS O 58 57.74 8.19 -30.39
C LYS O 58 56.46 7.89 -31.20
N GLY O 59 55.85 6.73 -31.06
CA GLY O 59 54.57 6.44 -31.70
C GLY O 59 53.44 7.40 -31.29
N ALA O 60 52.45 7.59 -32.15
CA ALA O 60 51.35 8.53 -31.96
C ALA O 60 50.03 7.97 -32.48
N LYS O 61 48.94 8.23 -31.76
CA LYS O 61 47.59 7.77 -32.11
C LYS O 61 46.95 8.63 -33.19
N ALA O 62 46.05 8.06 -33.98
CA ALA O 62 45.24 8.79 -34.95
C ALA O 62 44.49 9.95 -34.28
N GLY O 63 44.32 11.06 -34.99
CA GLY O 63 43.66 12.26 -34.50
C GLY O 63 44.46 13.10 -33.51
N SER O 64 45.64 12.67 -33.06
CA SER O 64 46.60 13.54 -32.37
C SER O 64 47.26 14.50 -33.36
N ILE O 65 47.70 15.66 -32.90
CA ILE O 65 48.27 16.70 -33.78
C ILE O 65 49.76 16.48 -33.98
N VAL O 66 50.21 16.63 -35.22
CA VAL O 66 51.61 16.55 -35.62
C VAL O 66 52.03 17.82 -36.34
N ASP O 67 53.31 18.15 -36.23
CA ASP O 67 53.93 19.31 -36.88
C ASP O 67 54.66 18.90 -38.15
N VAL O 68 54.02 19.07 -39.30
CA VAL O 68 54.62 18.81 -40.60
C VAL O 68 55.58 19.93 -40.99
N MET O 69 56.76 19.62 -41.51
CA MET O 69 57.76 20.60 -41.89
C MET O 69 57.81 20.79 -43.41
N LYS O 70 57.78 22.05 -43.88
CA LYS O 70 58.03 22.41 -45.29
C LYS O 70 59.41 23.01 -45.51
N PHE O 71 59.91 23.81 -44.56
CA PHE O 71 61.21 24.46 -44.59
C PHE O 71 61.89 24.34 -43.23
N GLY O 72 63.17 23.97 -43.18
CA GLY O 72 63.89 23.81 -41.91
C GLY O 72 65.15 22.98 -42.04
N GLU O 73 65.73 22.58 -40.92
CA GLU O 73 66.86 21.66 -40.88
C GLU O 73 66.51 20.42 -40.07
N VAL O 74 66.85 19.25 -40.61
CA VAL O 74 66.72 17.95 -39.97
C VAL O 74 68.11 17.37 -39.75
N VAL O 75 68.46 17.02 -38.52
CA VAL O 75 69.77 16.41 -38.17
C VAL O 75 69.64 14.92 -37.95
N GLU O 76 70.77 14.23 -37.82
CA GLU O 76 70.85 12.77 -37.67
C GLU O 76 70.14 12.05 -38.83
N PHE O 77 70.17 12.65 -40.02
CA PHE O 77 69.41 12.25 -41.19
C PHE O 77 69.97 11.01 -41.89
N GLY O 78 69.10 10.20 -42.46
CA GLY O 78 69.42 9.19 -43.46
C GLY O 78 68.16 8.69 -44.17
N PRO O 79 68.30 7.92 -45.27
CA PRO O 79 67.18 7.38 -46.03
C PRO O 79 66.15 6.64 -45.16
N THR O 80 64.88 6.69 -45.53
CA THR O 80 63.79 6.12 -44.71
C THR O 80 63.93 4.62 -44.48
N SER O 81 64.55 3.90 -45.41
CA SER O 81 64.80 2.46 -45.31
C SER O 81 65.96 2.08 -44.39
N GLY O 82 66.80 3.04 -43.97
CA GLY O 82 67.85 2.83 -42.98
C GLY O 82 67.34 2.70 -41.56
N THR O 83 68.26 2.49 -40.61
CA THR O 83 67.94 2.42 -39.17
C THR O 83 68.32 3.74 -38.50
N PRO O 84 67.42 4.42 -37.77
CA PRO O 84 67.74 5.69 -37.10
C PRO O 84 68.99 5.63 -36.20
N GLY O 85 69.79 6.69 -36.20
CA GLY O 85 71.07 6.75 -35.47
C GLY O 85 72.18 5.87 -36.07
N THR O 86 72.05 5.50 -37.33
CA THR O 86 72.90 4.61 -38.13
C THR O 86 72.60 4.89 -39.61
N ASP O 87 73.44 4.45 -40.56
CA ASP O 87 73.13 4.51 -41.99
C ASP O 87 72.66 5.89 -42.48
N PHE O 88 73.46 6.92 -42.21
CA PHE O 88 73.16 8.31 -42.50
C PHE O 88 73.17 8.64 -44.01
N GLY O 89 72.75 9.85 -44.38
CA GLY O 89 72.75 10.32 -45.76
C GLY O 89 74.16 10.51 -46.35
N ALA O 90 74.27 10.65 -47.67
CA ALA O 90 75.49 11.07 -48.33
C ALA O 90 75.63 12.60 -48.26
N ALA O 91 76.83 13.14 -48.15
CA ALA O 91 77.04 14.58 -48.12
C ALA O 91 76.75 15.24 -49.49
N GLY O 92 76.14 16.42 -49.48
CA GLY O 92 76.05 17.27 -50.66
C GLY O 92 75.08 16.81 -51.74
N THR O 93 74.02 16.05 -51.44
CA THR O 93 73.16 15.47 -52.47
C THR O 93 71.68 15.75 -52.25
N ALA O 94 70.89 15.77 -53.32
CA ALA O 94 69.45 15.99 -53.30
C ALA O 94 68.69 14.72 -52.90
N TYR O 95 67.57 14.89 -52.19
CA TYR O 95 66.74 13.79 -51.70
C TYR O 95 65.31 13.92 -52.19
N TYR O 96 64.69 12.79 -52.50
CA TYR O 96 63.40 12.71 -53.15
C TYR O 96 62.46 11.75 -52.43
N ALA O 97 61.21 12.14 -52.29
CA ALA O 97 60.12 11.31 -51.82
C ALA O 97 59.56 10.42 -52.94
N ASP O 98 59.40 9.13 -52.67
CA ASP O 98 58.43 8.29 -53.35
C ASP O 98 57.02 8.75 -52.94
N THR O 99 56.24 9.27 -53.87
CA THR O 99 54.89 9.77 -53.58
C THR O 99 53.91 8.70 -53.14
N SER O 100 54.17 7.42 -53.41
CA SER O 100 53.27 6.33 -53.01
C SER O 100 53.49 5.91 -51.55
N THR O 101 54.71 5.62 -51.13
CA THR O 101 55.03 5.15 -49.76
C THR O 101 55.45 6.25 -48.81
N GLY O 102 55.87 7.42 -49.31
CA GLY O 102 56.48 8.48 -48.51
C GLY O 102 57.95 8.25 -48.15
N ALA O 103 58.57 7.19 -48.66
CA ALA O 103 59.99 6.93 -48.42
C ALA O 103 60.89 7.95 -49.13
N ILE O 104 61.95 8.40 -48.45
CA ILE O 104 62.91 9.37 -48.94
C ILE O 104 64.26 8.67 -49.22
N ASN O 105 64.80 8.86 -50.41
CA ASN O 105 66.16 8.45 -50.77
C ASN O 105 66.75 9.37 -51.84
N SER O 106 68.04 9.20 -52.18
CA SER O 106 68.77 10.07 -53.09
C SER O 106 68.50 9.80 -54.58
N THR O 107 67.74 8.77 -54.93
CA THR O 107 67.46 8.43 -56.32
C THR O 107 66.36 9.33 -56.88
N SER O 108 66.68 10.14 -57.88
CA SER O 108 65.70 10.96 -58.60
C SER O 108 64.81 10.12 -59.53
N GLY O 109 63.62 10.62 -59.84
CA GLY O 109 62.68 10.01 -60.78
C GLY O 109 61.54 10.97 -61.10
N GLU O 110 60.99 10.91 -62.31
CA GLU O 110 60.08 11.92 -62.84
C GLU O 110 58.83 12.14 -61.99
N ALA O 111 58.28 11.06 -61.42
CA ALA O 111 57.11 11.09 -60.56
C ALA O 111 57.40 11.39 -59.08
N LYS O 112 58.67 11.55 -58.69
CA LYS O 112 59.09 11.78 -57.29
C LYS O 112 59.07 13.28 -56.96
N VAL O 113 59.04 13.62 -55.68
CA VAL O 113 59.06 15.02 -55.21
C VAL O 113 60.35 15.31 -54.47
N LYS O 114 61.13 16.32 -54.87
CA LYS O 114 62.34 16.71 -54.13
C LYS O 114 61.98 17.33 -52.78
N VAL O 115 62.52 16.80 -51.69
CA VAL O 115 62.24 17.28 -50.32
C VAL O 115 63.34 18.19 -49.77
N GLY O 116 64.54 18.15 -50.32
CA GLY O 116 65.68 18.89 -49.78
C GLY O 116 67.01 18.38 -50.30
N HIS O 117 68.09 18.76 -49.64
CA HIS O 117 69.46 18.33 -49.94
C HIS O 117 70.30 18.33 -48.67
N THR O 118 71.42 17.62 -48.67
CA THR O 118 72.26 17.45 -47.48
C THR O 118 73.48 18.35 -47.45
N VAL O 119 73.78 18.93 -46.29
CA VAL O 119 75.00 19.73 -46.05
C VAL O 119 75.89 18.96 -45.08
N GLY O 120 76.78 18.12 -45.61
CA GLY O 120 77.38 17.05 -44.80
C GLY O 120 76.40 15.90 -44.59
N ALA O 121 76.89 14.73 -44.20
CA ALA O 121 76.14 13.48 -44.29
C ALA O 121 74.84 13.47 -43.47
N GLN O 122 74.87 14.08 -42.28
CA GLN O 122 73.81 13.92 -41.28
C GLN O 122 72.81 15.07 -41.22
N ARG O 123 72.98 16.15 -41.98
CA ARG O 123 72.06 17.31 -41.95
C ARG O 123 71.38 17.47 -43.29
N LEU O 124 70.05 17.40 -43.30
CA LEU O 124 69.20 17.64 -44.45
C LEU O 124 68.59 19.04 -44.30
N ILE O 125 68.79 19.88 -45.30
CA ILE O 125 68.07 21.14 -45.43
C ILE O 125 66.76 20.85 -46.13
N VAL O 126 65.66 20.91 -45.40
CA VAL O 126 64.32 20.62 -45.91
C VAL O 126 63.80 21.86 -46.60
N ALA O 127 63.31 21.69 -47.83
CA ALA O 127 62.65 22.73 -48.60
C ALA O 127 61.82 22.05 -49.69
N VAL O 128 60.60 21.66 -49.37
CA VAL O 128 59.84 20.74 -50.21
C VAL O 128 59.35 21.42 -51.49
N ALA O 129 59.55 20.79 -52.64
CA ALA O 129 59.10 21.27 -53.95
C ALA O 129 57.58 21.43 -54.07
N ASP O 130 57.11 22.20 -55.04
CA ASP O 130 55.67 22.37 -55.29
C ASP O 130 54.98 21.11 -55.84
N GLY O 131 55.70 20.31 -56.61
CA GLY O 131 55.19 19.12 -57.30
C GLY O 131 56.31 18.22 -57.81
N VAL O 132 55.96 17.24 -58.63
CA VAL O 132 56.90 16.21 -59.08
C VAL O 132 58.05 16.76 -59.94
N VAL O 133 59.16 16.02 -59.99
CA VAL O 133 60.37 16.40 -60.72
C VAL O 133 60.10 16.69 -62.20
N ASP O 134 59.25 15.89 -62.85
CA ASP O 134 58.98 16.05 -64.27
C ASP O 134 57.57 15.51 -64.63
N PRO O 135 56.55 16.38 -64.69
CA PRO O 135 55.20 15.98 -65.06
C PRO O 135 54.98 15.74 -66.57
N SER O 136 56.01 15.85 -67.42
CA SER O 136 55.92 15.72 -68.87
C SER O 136 57.17 15.06 -69.50
N PRO O 137 57.48 13.80 -69.18
CA PRO O 137 58.65 13.11 -69.72
C PRO O 137 58.67 13.04 -71.25
N ALA O 138 59.85 13.03 -71.84
CA ALA O 138 60.02 12.86 -73.29
C ALA O 138 59.54 11.48 -73.77
N ALA P 2 -86.47 43.11 2.69
CA ALA P 2 -86.54 44.56 2.41
C ALA P 2 -86.35 45.39 3.69
N ARG P 3 -85.75 46.57 3.60
CA ARG P 3 -85.55 47.55 4.69
C ARG P 3 -85.63 48.95 4.13
N TYR P 4 -86.08 49.96 4.87
CA TYR P 4 -85.92 51.35 4.46
C TYR P 4 -84.47 51.81 4.64
N ASP P 5 -83.92 52.62 3.74
CA ASP P 5 -82.55 53.14 3.85
C ASP P 5 -82.43 54.65 3.68
N LYS P 6 -83.22 55.23 2.78
CA LYS P 6 -83.50 56.67 2.74
C LYS P 6 -84.99 56.85 2.92
N TYR P 7 -85.41 57.65 3.89
CA TYR P 7 -86.81 58.01 4.06
C TYR P 7 -86.91 59.51 4.37
N ASN P 8 -87.87 60.22 3.80
CA ASN P 8 -88.08 61.64 4.08
C ASN P 8 -89.48 61.86 4.68
N PRO P 9 -89.61 62.30 5.94
CA PRO P 9 -90.90 62.47 6.59
C PRO P 9 -91.80 63.55 5.96
N TYR P 10 -91.20 64.56 5.32
CA TYR P 10 -91.90 65.68 4.71
C TYR P 10 -92.15 65.44 3.22
N GLY P 11 -93.18 64.66 2.89
CA GLY P 11 -93.62 64.41 1.51
C GLY P 11 -93.02 63.18 0.83
N GLY P 12 -92.00 62.53 1.41
CA GLY P 12 -91.52 61.23 0.95
C GLY P 12 -92.35 60.05 1.45
N GLY P 13 -93.12 60.23 2.51
CA GLY P 13 -94.02 59.23 3.08
C GLY P 13 -94.99 59.87 4.06
N PHE P 14 -95.86 59.07 4.68
CA PHE P 14 -96.88 59.56 5.60
C PHE P 14 -97.22 58.54 6.69
N ARG P 15 -97.65 59.04 7.86
CA ARG P 15 -98.29 58.23 8.91
C ARG P 15 -99.69 57.84 8.51
N ALA P 16 -100.08 56.59 8.74
CA ALA P 16 -101.48 56.18 8.76
C ALA P 16 -101.69 55.01 9.73
N PRO P 17 -102.90 54.81 10.26
CA PRO P 17 -103.20 53.67 11.12
C PRO P 17 -103.36 52.39 10.28
N LEU P 18 -102.84 51.28 10.77
CA LEU P 18 -102.90 49.98 10.11
C LEU P 18 -104.31 49.37 10.24
N ALA P 19 -104.95 48.89 9.17
CA ALA P 19 -106.34 48.46 9.22
C ALA P 19 -106.59 47.08 9.86
N ALA P 20 -105.57 46.24 9.95
CA ALA P 20 -105.61 44.86 10.43
C ALA P 20 -104.25 44.45 10.99
N ASP P 21 -104.16 43.39 11.79
CA ASP P 21 -102.85 42.92 12.25
C ASP P 21 -102.00 42.44 11.07
N TRP P 22 -100.71 42.78 11.09
CA TRP P 22 -99.68 42.19 10.23
C TRP P 22 -98.80 41.28 11.06
N THR P 23 -98.68 40.01 10.66
CA THR P 23 -97.95 38.99 11.42
C THR P 23 -96.46 38.98 11.10
N ASP P 24 -95.65 38.30 11.91
CA ASP P 24 -94.22 38.12 11.64
C ASP P 24 -93.92 37.30 10.37
N ALA P 25 -94.89 36.58 9.80
CA ALA P 25 -94.76 35.99 8.47
C ALA P 25 -94.62 37.05 7.36
N ASP P 26 -95.06 38.28 7.61
CA ASP P 26 -94.86 39.45 6.74
C ASP P 26 -93.65 40.31 7.15
N ALA P 27 -92.99 40.05 8.28
CA ALA P 27 -91.86 40.87 8.71
C ALA P 27 -90.75 40.84 7.65
N GLY P 28 -90.25 42.02 7.27
CA GLY P 28 -89.23 42.17 6.25
C GLY P 28 -89.68 42.00 4.81
N LYS P 29 -90.95 41.68 4.51
CA LYS P 29 -91.50 41.74 3.14
C LYS P 29 -91.90 43.17 2.76
N LEU P 30 -91.87 43.49 1.48
CA LEU P 30 -92.39 44.75 0.93
C LEU P 30 -93.74 44.49 0.29
N TYR P 31 -94.76 45.26 0.65
CA TYR P 31 -96.07 45.25 -0.01
C TYR P 31 -96.41 46.65 -0.51
N ALA P 32 -97.11 46.73 -1.62
CA ALA P 32 -97.84 47.93 -1.99
C ALA P 32 -99.13 48.03 -1.17
N VAL P 33 -99.49 49.23 -0.74
CA VAL P 33 -100.60 49.46 0.18
C VAL P 33 -101.45 50.64 -0.25
N GLY P 34 -102.67 50.70 0.26
CA GLY P 34 -103.64 51.75 -0.01
C GLY P 34 -104.50 52.02 1.21
N ILE P 35 -105.38 53.00 1.12
CA ILE P 35 -106.22 53.43 2.23
C ILE P 35 -107.64 52.92 2.01
N ASN P 36 -108.24 52.28 3.00
CA ASN P 36 -109.65 51.87 2.97
C ASN P 36 -110.60 53.05 3.25
N ASN P 37 -111.91 52.84 3.08
CA ASN P 37 -112.93 53.88 3.31
C ASN P 37 -113.00 54.43 4.75
N VAL P 38 -112.39 53.75 5.72
CA VAL P 38 -112.27 54.16 7.13
C VAL P 38 -111.04 55.06 7.37
N GLY P 39 -110.11 55.14 6.41
CA GLY P 39 -108.89 55.94 6.53
C GLY P 39 -107.68 55.19 7.08
N ALA P 40 -107.60 53.87 6.88
CA ALA P 40 -106.55 53.01 7.41
C ALA P 40 -105.88 52.15 6.32
N VAL P 41 -104.64 51.73 6.56
CA VAL P 41 -103.77 51.06 5.59
C VAL P 41 -104.16 49.59 5.38
N VAL P 42 -104.38 49.20 4.13
CA VAL P 42 -104.63 47.82 3.66
C VAL P 42 -103.66 47.44 2.55
N LYS P 43 -103.34 46.15 2.39
CA LYS P 43 -102.52 45.69 1.26
C LYS P 43 -103.25 45.87 -0.06
N GLY P 44 -102.51 46.18 -1.12
CA GLY P 44 -103.05 46.45 -2.45
C GLY P 44 -103.64 47.85 -2.57
N ALA P 45 -104.42 48.09 -3.61
CA ALA P 45 -105.24 49.29 -3.70
C ALA P 45 -106.40 49.17 -2.71
N GLY P 46 -106.55 50.18 -1.84
CA GLY P 46 -107.77 50.32 -1.04
C GLY P 46 -108.87 50.99 -1.86
N GLN P 47 -109.60 51.91 -1.24
CA GLN P 47 -110.46 52.84 -1.97
C GLN P 47 -109.64 53.90 -2.70
N SER P 48 -108.47 54.27 -2.18
CA SER P 48 -107.61 55.35 -2.69
C SER P 48 -106.84 55.04 -3.98
N GLY P 49 -106.88 53.82 -4.49
CA GLY P 49 -105.79 53.30 -5.35
C GLY P 49 -104.54 52.97 -4.52
N VAL P 50 -103.45 52.56 -5.16
CA VAL P 50 -102.18 52.30 -4.44
C VAL P 50 -101.61 53.63 -3.96
N ALA P 51 -101.44 53.76 -2.65
CA ALA P 51 -100.97 54.97 -2.01
C ALA P 51 -99.45 55.01 -1.83
N GLY P 52 -98.80 53.87 -1.67
CA GLY P 52 -97.38 53.76 -1.36
C GLY P 52 -96.92 52.31 -1.20
N VAL P 53 -95.76 52.11 -0.58
CA VAL P 53 -95.23 50.80 -0.18
C VAL P 53 -94.93 50.75 1.31
N LEU P 54 -95.00 49.58 1.92
CA LEU P 54 -94.77 49.39 3.35
C LEU P 54 -93.91 48.17 3.65
N VAL P 55 -93.00 48.31 4.62
CA VAL P 55 -92.21 47.24 5.23
C VAL P 55 -92.33 47.37 6.74
N LEU P 56 -92.58 46.27 7.45
CA LEU P 56 -92.52 46.23 8.91
C LEU P 56 -91.38 45.32 9.35
N THR P 57 -90.51 45.75 10.27
CA THR P 57 -89.37 44.93 10.74
C THR P 57 -89.77 43.87 11.78
N LYS P 58 -90.98 44.02 12.36
CA LYS P 58 -91.65 43.11 13.29
C LYS P 58 -93.16 43.26 13.08
N GLY P 59 -93.96 42.23 13.34
CA GLY P 59 -95.42 42.31 13.21
C GLY P 59 -96.06 43.38 14.09
N ALA P 60 -97.23 43.89 13.67
CA ALA P 60 -97.88 45.04 14.28
C ALA P 60 -99.41 44.88 14.31
N LYS P 61 -100.06 45.44 15.34
CA LYS P 61 -101.51 45.33 15.57
C LYS P 61 -102.32 46.33 14.75
N ALA P 62 -103.57 46.02 14.45
CA ALA P 62 -104.52 46.99 13.91
C ALA P 62 -104.61 48.25 14.76
N GLY P 63 -104.75 49.41 14.13
CA GLY P 63 -104.79 50.72 14.79
C GLY P 63 -103.44 51.28 15.24
N SER P 64 -102.34 50.51 15.16
CA SER P 64 -101.00 51.07 15.32
C SER P 64 -100.61 51.90 14.09
N ILE P 65 -99.64 52.80 14.24
CA ILE P 65 -99.28 53.76 13.18
C ILE P 65 -98.08 53.26 12.40
N VAL P 66 -98.15 53.33 11.07
CA VAL P 66 -97.11 52.87 10.15
C VAL P 66 -96.67 54.00 9.22
N ASP P 67 -95.38 54.02 8.88
CA ASP P 67 -94.78 54.97 7.95
C ASP P 67 -94.84 54.41 6.51
N VAL P 68 -95.86 54.77 5.74
CA VAL P 68 -95.96 54.39 4.33
C VAL P 68 -95.02 55.23 3.48
N MET P 69 -94.23 54.61 2.59
CA MET P 69 -93.26 55.31 1.74
C MET P 69 -93.83 55.53 0.34
N LYS P 70 -93.71 56.75 -0.19
CA LYS P 70 -94.05 57.11 -1.58
C LYS P 70 -92.80 57.33 -2.44
N PHE P 71 -91.78 57.96 -1.87
CA PHE P 71 -90.50 58.25 -2.49
C PHE P 71 -89.37 57.99 -1.50
N GLY P 72 -88.31 57.28 -1.91
CA GLY P 72 -87.24 56.89 -1.01
C GLY P 72 -86.45 55.71 -1.53
N GLU P 73 -85.66 55.06 -0.69
CA GLU P 73 -84.91 53.87 -1.09
C GLU P 73 -85.07 52.73 -0.12
N VAL P 74 -85.25 51.54 -0.66
CA VAL P 74 -85.40 50.28 0.04
C VAL P 74 -84.20 49.39 -0.27
N VAL P 75 -83.49 48.90 0.73
CA VAL P 75 -82.34 47.98 0.59
C VAL P 75 -82.70 46.57 1.04
N GLU P 76 -81.82 45.60 0.83
CA GLU P 76 -82.10 44.17 1.00
C GLU P 76 -83.35 43.74 0.21
N PHE P 77 -83.63 44.39 -0.91
CA PHE P 77 -84.87 44.24 -1.66
C PHE P 77 -84.94 42.95 -2.48
N GLY P 78 -86.10 42.31 -2.50
CA GLY P 78 -86.50 41.29 -3.45
C GLY P 78 -88.03 41.19 -3.57
N PRO P 79 -88.56 40.44 -4.54
CA PRO P 79 -89.99 40.30 -4.76
C PRO P 79 -90.75 39.79 -3.54
N THR P 80 -92.02 40.16 -3.38
CA THR P 80 -92.81 39.84 -2.18
C THR P 80 -92.98 38.34 -1.96
N SER P 81 -93.03 37.55 -3.03
CA SER P 81 -93.13 36.09 -2.99
C SER P 81 -91.83 35.39 -2.58
N GLY P 82 -90.69 36.07 -2.58
CA GLY P 82 -89.41 35.54 -2.14
C GLY P 82 -89.22 35.53 -0.62
N THR P 83 -88.14 34.92 -0.15
CA THR P 83 -87.77 34.89 1.27
C THR P 83 -86.83 36.06 1.61
N PRO P 84 -87.20 36.95 2.55
CA PRO P 84 -86.39 38.11 2.90
C PRO P 84 -84.95 37.77 3.27
N GLY P 85 -84.01 38.60 2.85
CA GLY P 85 -82.59 38.42 3.15
C GLY P 85 -81.92 37.24 2.43
N THR P 86 -82.58 36.60 1.47
CA THR P 86 -82.00 35.51 0.67
C THR P 86 -82.37 35.62 -0.80
N ASP P 87 -83.61 36.00 -1.12
CA ASP P 87 -84.04 36.29 -2.48
C ASP P 87 -84.01 37.80 -2.73
N PHE P 88 -83.49 38.21 -3.87
CA PHE P 88 -83.25 39.61 -4.20
C PHE P 88 -83.71 39.98 -5.61
N GLY P 89 -83.87 41.27 -5.88
CA GLY P 89 -84.30 41.77 -7.18
C GLY P 89 -83.25 41.58 -8.27
N ALA P 90 -83.67 41.66 -9.53
CA ALA P 90 -82.74 41.81 -10.65
C ALA P 90 -82.19 43.24 -10.68
N ALA P 91 -80.91 43.44 -11.00
CA ALA P 91 -80.35 44.78 -11.14
C ALA P 91 -80.94 45.51 -12.35
N GLY P 92 -81.18 46.82 -12.23
CA GLY P 92 -81.56 47.67 -13.35
C GLY P 92 -82.91 47.36 -13.98
N THR P 93 -83.98 47.15 -13.21
CA THR P 93 -85.30 46.89 -13.78
C THR P 93 -86.45 47.48 -12.96
N ALA P 94 -87.59 47.74 -13.59
CA ALA P 94 -88.79 48.28 -12.97
C ALA P 94 -89.59 47.20 -12.22
N TYR P 95 -90.29 47.61 -11.17
CA TYR P 95 -91.09 46.74 -10.32
C TYR P 95 -92.52 47.24 -10.21
N TYR P 96 -93.48 46.32 -10.26
CA TYR P 96 -94.90 46.62 -10.38
C TYR P 96 -95.70 45.89 -9.31
N ALA P 97 -96.64 46.58 -8.68
CA ALA P 97 -97.55 46.03 -7.69
C ALA P 97 -98.80 45.41 -8.32
N ASP P 98 -99.18 44.23 -7.88
CA ASP P 98 -100.53 43.69 -8.06
C ASP P 98 -101.50 44.45 -7.14
N THR P 99 -102.43 45.19 -7.71
CA THR P 99 -103.36 46.03 -6.96
C THR P 99 -104.33 45.22 -6.10
N SER P 100 -104.52 43.94 -6.36
CA SER P 100 -105.39 43.09 -5.54
C SER P 100 -104.69 42.60 -4.27
N THR P 101 -103.51 41.98 -4.39
CA THR P 101 -102.78 41.40 -3.25
C THR P 101 -101.79 42.33 -2.59
N GLY P 102 -101.34 43.38 -3.28
CA GLY P 102 -100.21 44.20 -2.86
C GLY P 102 -98.84 43.58 -3.11
N ALA P 103 -98.73 42.42 -3.75
CA ALA P 103 -97.46 41.79 -4.06
C ALA P 103 -96.70 42.54 -5.18
N ILE P 104 -95.38 42.65 -5.07
CA ILE P 104 -94.51 43.37 -5.98
C ILE P 104 -93.56 42.40 -6.69
N ASN P 105 -93.48 42.47 -8.02
CA ASN P 105 -92.52 41.73 -8.83
C ASN P 105 -92.18 42.50 -10.12
N SER P 106 -91.21 42.03 -10.89
CA SER P 106 -90.74 42.72 -12.11
C SER P 106 -91.62 42.51 -13.35
N THR P 107 -92.79 41.90 -13.22
CA THR P 107 -93.67 41.62 -14.35
C THR P 107 -94.68 42.75 -14.53
N SER P 108 -94.59 43.48 -15.64
CA SER P 108 -95.55 44.52 -16.04
C SER P 108 -96.90 43.93 -16.44
N GLY P 109 -97.96 44.73 -16.31
CA GLY P 109 -99.31 44.41 -16.76
C GLY P 109 -100.19 45.65 -16.67
N GLU P 110 -101.18 45.79 -17.53
CA GLU P 110 -101.91 47.05 -17.71
C GLU P 110 -102.60 47.55 -16.43
N ALA P 111 -103.12 46.62 -15.61
CA ALA P 111 -103.80 46.89 -14.36
C ALA P 111 -102.87 47.09 -13.15
N LYS P 112 -101.56 46.89 -13.30
CA LYS P 112 -100.57 46.98 -12.21
C LYS P 112 -100.06 48.41 -12.04
N VAL P 113 -99.49 48.74 -10.89
CA VAL P 113 -98.95 50.08 -10.59
C VAL P 113 -97.43 50.02 -10.45
N LYS P 114 -96.66 50.81 -11.19
CA LYS P 114 -95.20 50.88 -11.01
C LYS P 114 -94.84 51.48 -9.65
N VAL P 115 -94.02 50.78 -8.86
CA VAL P 115 -93.60 51.25 -7.52
C VAL P 115 -92.18 51.81 -7.49
N GLY P 116 -91.36 51.52 -8.48
CA GLY P 116 -89.95 51.91 -8.47
C GLY P 116 -89.14 51.10 -9.45
N HIS P 117 -87.82 51.18 -9.34
CA HIS P 117 -86.87 50.40 -10.12
C HIS P 117 -85.61 50.13 -9.31
N THR P 118 -84.85 49.11 -9.67
CA THR P 118 -83.64 48.72 -8.95
C THR P 118 -82.35 49.33 -9.51
N VAL P 119 -81.36 49.55 -8.64
CA VAL P 119 -80.02 50.02 -8.99
C VAL P 119 -79.01 49.11 -8.31
N GLY P 120 -78.60 48.05 -9.00
CA GLY P 120 -78.05 46.85 -8.35
C GLY P 120 -79.15 46.00 -7.74
N ALA P 121 -78.89 44.70 -7.57
CA ALA P 121 -79.92 43.70 -7.26
C ALA P 121 -80.72 44.01 -5.98
N GLN P 122 -80.03 44.42 -4.92
CA GLN P 122 -80.59 44.53 -3.59
C GLN P 122 -81.18 45.91 -3.26
N ARG P 123 -81.13 46.90 -4.15
CA ARG P 123 -81.65 48.25 -3.86
C ARG P 123 -82.74 48.67 -4.83
N LEU P 124 -83.90 49.02 -4.30
CA LEU P 124 -85.04 49.56 -5.01
C LEU P 124 -85.15 51.06 -4.72
N ILE P 125 -85.16 51.88 -5.75
CA ILE P 125 -85.53 53.29 -5.68
C ILE P 125 -87.05 53.37 -5.79
N VAL P 126 -87.72 53.65 -4.69
CA VAL P 126 -89.18 53.75 -4.64
C VAL P 126 -89.61 55.10 -5.16
N ALA P 127 -90.56 55.11 -6.10
CA ALA P 127 -91.20 56.30 -6.63
C ALA P 127 -92.56 55.92 -7.20
N VAL P 128 -93.58 55.84 -6.35
CA VAL P 128 -94.85 55.19 -6.70
C VAL P 128 -95.65 56.00 -7.73
N ALA P 129 -96.09 55.35 -8.80
CA ALA P 129 -96.78 56.02 -9.90
C ALA P 129 -98.15 56.61 -9.52
N ASP P 130 -98.65 57.52 -10.35
CA ASP P 130 -99.94 58.18 -10.19
C ASP P 130 -101.15 57.25 -10.42
N GLY P 131 -100.96 56.12 -11.09
CA GLY P 131 -102.02 55.17 -11.44
C GLY P 131 -101.50 53.97 -12.21
N VAL P 132 -102.41 53.13 -12.70
CA VAL P 132 -102.05 51.87 -13.38
C VAL P 132 -101.27 52.10 -14.67
N VAL P 133 -100.50 51.09 -15.10
CA VAL P 133 -99.62 51.18 -16.28
C VAL P 133 -100.37 51.57 -17.55
N ASP P 134 -101.58 51.05 -17.78
CA ASP P 134 -102.42 51.47 -18.90
C ASP P 134 -103.91 51.38 -18.56
N PRO P 135 -104.59 52.51 -18.27
CA PRO P 135 -106.01 52.51 -17.90
C PRO P 135 -106.94 52.23 -19.09
N SER P 136 -106.47 52.24 -20.34
CA SER P 136 -107.29 52.03 -21.53
C SER P 136 -106.54 51.21 -22.59
N PRO P 137 -106.37 49.89 -22.37
CA PRO P 137 -105.60 49.01 -23.26
C PRO P 137 -106.13 48.96 -24.70
N ALA P 138 -105.25 48.74 -25.66
CA ALA P 138 -105.58 48.68 -27.08
C ALA P 138 -106.56 47.53 -27.41
#